data_7TPR
#
_entry.id   7TPR
#
_cell.length_a   1.00
_cell.length_b   1.00
_cell.length_c   1.00
_cell.angle_alpha   90.00
_cell.angle_beta   90.00
_cell.angle_gamma   90.00
#
_symmetry.space_group_name_H-M   'P 1'
#
loop_
_entity.id
_entity.type
_entity.pdbx_description
1 polymer 'Spike glycoprotein'
2 polymer 'Nanobody 8A2'
3 polymer 'Nanobody 7A3'
#
loop_
_entity_poly.entity_id
_entity_poly.type
_entity_poly.pdbx_seq_one_letter_code
_entity_poly.pdbx_strand_id
1 'polypeptide(L)'
;CVNLTTRTQLPPAYTNSFTRGVYYPDKVFRSSVLHSTQDLFLPFFSNVTWFHAIHVSGTNGTKRFDNPVLPFNDGVYFAS
TEKSNIIRGWIFGTTLDSKTQSLLIVNNATNVVIKVCEFQFCNDPFLGVYYHKNNKSWMESEFRVYSSANNCTFEYVSQP
FLMDLEGKQGNFKNLREFVFKNIDGYFKIYSKHTPINLVRDLPQGFSALEPLVDLPIGINITRFQTLLALHRSYLTPGDS
SSGWTAGAAAYYVGYLQPRTFLLKYNENGTITDAVDCALDPLSETKCTLKSFTVEKGIYQTSNFRVQPTESIVRFPNITN
LCPFGEVFNATRFASVYAWNRKRISNCVADYSVLYNSASFSTFKCYGVSPTKLNDLCFTNVYADSFVIRGDEVRQIAPGQ
TGKIADYNYKLPDDFTGCVIAWNSNNLDSKVGGNYNYLYRLFRKSNLKPFERDISTEIYQAGSTPCNGVEGFNCYFPLQS
YGFQPTNGVGYQPYRVVVLSFELLHAPATVCGPKKSTNLVKNKCVNFNFNGLTGTGVLTESNKKFLPFQQFGRDIADTTD
AVRDPQTLEILDITPCSFGGVSVITPGTNTSNQVAVLYQDVNCTEVPVAIHADQLTPTWRVYSTGSNVFQTRAGCLIGAE
HVNNSYECDIPIGAGICASYQTQTNSPGSASSVASQSIIAYTMSLGAENSVAYSNNSIAIPTNFTISVTTEILPVSMTKT
SVDCTMYICGDSTECSNLLLQYGSFCTQLNRALTGIAVEQDKNTQEVFAQVKQIYKTPPIKDFGGFNFSQILPDPSKPSK
RSPIEDLLFNKVTLADAGFIKQYGDCLGDIAARDLICAQKFNGLTVLPPLLTDEMIAQYTSALLAGTITSGWTFGAGPAL
QIPFPMQMAYRFNGIGVTQNVLYENQKLIANQFNSAIGKIQDSLSSTPSALGKLQDVVNQNAQALNTLVKQLSSNFGAIS
SVLNDILSRLDPPEAEVQIDRLITGRLQSLQTYVTQQLIRAAEIRASANLAATKMSECVLGQSKRVDFCGKGYHLMSFPQ
SAPHGVVFLHVTYVPAQEKNFTTAPAICHDGKAHFPREGVFVSNGTHWFVTQRNFYEPQIITTDNTFVSGNCDVVIGIVN
NTVYDPLQPELDSFKEELDKYFKNH
;
A,B,C
2 'polypeptide(L)'
;AVQLVDSGGGSVQAGGSLRLSCAASGYTYSICTMGWYRQAPGEGLEWVSGINADGSNTHYTDSVKGRFTISRDNAKKTLY
LQMNSLKPEDTAIYYCAAHGTYDKYAPCGGFAGTYTYWGQGTQVTVSSSGQA
;
D,E
3 'polypeptide(L)'
;QVQLVESGGGSVQPGGSLRLSCVVSGYTSSSRYMGWFRQVPGKGLEWVSGIKRDGTNTYYADSVKGRFTISQDNAKNTVY
LQMNSLKPEDTAMYYCAAGSWYNQWGYSMDYWGKGTQVTVSSSGQ
;
F,G,H
#
# COMPACT_ATOMS: atom_id res chain seq x y z
N CYS A 1 -37.10 -56.16 13.64
CA CYS A 1 -37.41 -55.26 12.54
C CYS A 1 -38.67 -55.70 11.79
N VAL A 2 -39.20 -54.79 10.98
CA VAL A 2 -40.37 -55.05 10.17
C VAL A 2 -40.49 -53.97 9.11
N ASN A 3 -41.03 -54.31 7.95
CA ASN A 3 -41.32 -53.34 6.90
C ASN A 3 -42.77 -53.45 6.48
N LEU A 4 -43.66 -53.42 7.47
CA LEU A 4 -45.10 -53.50 7.24
C LEU A 4 -45.47 -52.71 6.00
N THR A 5 -46.10 -53.39 5.02
CA THR A 5 -46.22 -52.79 3.69
C THR A 5 -47.18 -51.61 3.72
N THR A 6 -48.47 -51.88 3.94
CA THR A 6 -49.45 -50.87 4.31
C THR A 6 -49.17 -49.51 3.67
N ARG A 7 -49.11 -49.43 2.35
CA ARG A 7 -48.81 -48.19 1.65
C ARG A 7 -49.93 -47.84 0.68
N THR A 8 -50.30 -46.56 0.66
CA THR A 8 -51.23 -45.99 -0.30
C THR A 8 -50.51 -44.85 -1.03
N GLN A 9 -51.26 -44.13 -1.86
CA GLN A 9 -50.71 -43.01 -2.62
C GLN A 9 -51.69 -41.85 -2.61
N LEU A 10 -51.14 -40.63 -2.63
CA LEU A 10 -51.92 -39.41 -2.68
C LEU A 10 -51.02 -38.31 -3.24
N PRO A 11 -51.54 -37.45 -4.12
CA PRO A 11 -50.71 -36.35 -4.62
C PRO A 11 -50.34 -35.41 -3.49
N PRO A 12 -49.18 -34.75 -3.58
CA PRO A 12 -48.75 -33.89 -2.48
C PRO A 12 -49.60 -32.64 -2.36
N ALA A 13 -49.66 -32.11 -1.14
CA ALA A 13 -50.31 -30.83 -0.84
C ALA A 13 -49.24 -29.79 -0.53
N TYR A 14 -49.63 -28.52 -0.62
CA TYR A 14 -48.72 -27.42 -0.36
C TYR A 14 -49.43 -26.36 0.47
N THR A 15 -48.64 -25.52 1.14
CA THR A 15 -49.17 -24.44 1.95
C THR A 15 -48.16 -23.30 1.96
N ASN A 16 -48.65 -22.12 2.31
CA ASN A 16 -47.83 -20.92 2.23
C ASN A 16 -46.99 -20.75 3.50
N SER A 17 -45.69 -20.47 3.30
CA SER A 17 -44.78 -20.33 4.43
C SER A 17 -45.05 -19.09 5.26
N PHE A 18 -45.61 -18.05 4.66
CA PHE A 18 -45.84 -16.77 5.35
C PHE A 18 -44.46 -16.25 5.77
N THR A 19 -44.31 -15.72 6.98
CA THR A 19 -43.08 -15.07 7.43
C THR A 19 -42.35 -15.93 8.45
N ARG A 20 -42.31 -17.23 8.23
CA ARG A 20 -41.79 -18.18 9.21
C ARG A 20 -40.55 -18.90 8.67
N GLY A 21 -39.73 -19.35 9.61
CA GLY A 21 -38.49 -20.02 9.29
C GLY A 21 -37.25 -19.18 9.47
N VAL A 22 -37.29 -18.15 10.31
CA VAL A 22 -36.15 -17.27 10.56
C VAL A 22 -35.58 -17.62 11.92
N TYR A 23 -34.26 -17.69 11.99
CA TYR A 23 -33.56 -18.07 13.20
C TYR A 23 -32.43 -17.07 13.46
N TYR A 24 -31.92 -17.09 14.68
CA TYR A 24 -30.80 -16.25 15.03
C TYR A 24 -29.53 -16.75 14.34
N PRO A 25 -29.04 -16.07 13.31
CA PRO A 25 -27.90 -16.63 12.57
C PRO A 25 -26.62 -16.74 13.38
N ASP A 26 -26.50 -16.02 14.49
CA ASP A 26 -25.30 -16.07 15.30
C ASP A 26 -25.69 -15.85 16.76
N LYS A 27 -24.71 -16.01 17.64
CA LYS A 27 -24.91 -15.91 19.09
C LYS A 27 -24.47 -14.55 19.62
N VAL A 28 -24.69 -13.49 18.84
CA VAL A 28 -24.28 -12.14 19.21
C VAL A 28 -25.50 -11.33 19.60
N PHE A 29 -25.37 -10.58 20.68
CA PHE A 29 -26.46 -9.72 21.15
C PHE A 29 -26.47 -8.41 20.37
N ARG A 30 -27.66 -7.87 20.18
CA ARG A 30 -27.84 -6.61 19.48
C ARG A 30 -29.11 -5.94 19.97
N SER A 31 -29.02 -4.66 20.29
CA SER A 31 -30.11 -3.91 20.90
C SER A 31 -30.59 -2.83 19.94
N SER A 32 -31.88 -2.84 19.65
CA SER A 32 -32.53 -1.79 18.86
C SER A 32 -31.71 -1.45 17.63
N VAL A 33 -31.57 -2.43 16.73
CA VAL A 33 -30.75 -2.26 15.54
C VAL A 33 -31.25 -3.15 14.43
N LEU A 34 -31.08 -2.69 13.20
CA LEU A 34 -31.40 -3.46 12.01
C LEU A 34 -30.10 -3.98 11.41
N HIS A 35 -29.99 -5.31 11.32
CA HIS A 35 -28.76 -5.97 10.89
C HIS A 35 -29.03 -6.80 9.64
N SER A 36 -28.13 -6.72 8.67
CA SER A 36 -28.28 -7.43 7.40
C SER A 36 -27.37 -8.65 7.41
N THR A 37 -27.94 -9.82 7.17
CA THR A 37 -27.21 -11.08 7.24
C THR A 37 -27.51 -11.94 6.02
N GLN A 38 -26.46 -12.48 5.40
CA GLN A 38 -26.59 -13.46 4.35
C GLN A 38 -26.41 -14.84 4.95
N ASP A 39 -27.37 -15.73 4.71
CA ASP A 39 -27.31 -17.06 5.30
C ASP A 39 -28.35 -17.94 4.62
N LEU A 40 -28.45 -19.18 5.09
CA LEU A 40 -29.38 -20.16 4.56
C LEU A 40 -30.71 -19.99 5.27
N PHE A 41 -31.64 -19.28 4.64
CA PHE A 41 -32.93 -18.99 5.22
C PHE A 41 -34.04 -19.62 4.38
N LEU A 42 -35.23 -19.66 4.96
CA LEU A 42 -36.41 -20.08 4.23
C LEU A 42 -37.01 -18.88 3.52
N PRO A 43 -37.06 -18.86 2.19
CA PRO A 43 -37.64 -17.71 1.51
C PRO A 43 -39.05 -17.42 1.97
N PHE A 44 -39.36 -16.14 2.15
CA PHE A 44 -40.69 -15.74 2.56
C PHE A 44 -41.72 -16.11 1.51
N PHE A 45 -42.90 -16.50 1.97
CA PHE A 45 -44.00 -16.89 1.10
C PHE A 45 -43.53 -17.94 0.09
N SER A 46 -42.94 -19.00 0.63
CA SER A 46 -42.43 -20.12 -0.15
C SER A 46 -43.47 -21.24 -0.18
N ASN A 47 -43.11 -22.34 -0.85
CA ASN A 47 -44.06 -23.37 -1.22
C ASN A 47 -44.35 -24.35 -0.09
N VAL A 48 -43.32 -24.89 0.56
CA VAL A 48 -43.49 -25.69 1.77
C VAL A 48 -44.38 -26.90 1.51
N THR A 49 -43.76 -28.08 1.37
CA THR A 49 -44.53 -29.30 1.21
C THR A 49 -45.31 -29.61 2.49
N TRP A 50 -46.39 -30.38 2.35
CA TRP A 50 -47.22 -30.78 3.47
C TRP A 50 -47.49 -32.27 3.40
N PHE A 51 -47.54 -32.90 4.57
CA PHE A 51 -47.84 -34.32 4.69
C PHE A 51 -48.81 -34.51 5.84
N HIS A 52 -49.39 -35.71 5.93
CA HIS A 52 -50.41 -36.00 6.91
C HIS A 52 -50.14 -37.30 7.66
N ALA A 53 -50.68 -37.37 8.87
CA ALA A 53 -50.60 -38.55 9.73
C ALA A 53 -51.96 -38.81 10.37
N ILE A 54 -53.01 -38.78 9.56
CA ILE A 54 -54.39 -38.88 10.04
C ILE A 54 -54.97 -40.20 9.52
N HIS A 55 -55.06 -41.19 10.42
CA HIS A 55 -55.65 -42.47 10.04
C HIS A 55 -57.17 -42.40 10.01
N VAL A 56 -57.77 -41.63 10.92
CA VAL A 56 -59.22 -41.61 11.03
C VAL A 56 -59.84 -41.08 9.75
N SER A 57 -60.90 -41.75 9.28
CA SER A 57 -61.60 -41.35 8.08
C SER A 57 -63.07 -41.75 8.22
N GLY A 58 -63.79 -41.75 7.11
CA GLY A 58 -65.22 -42.03 7.13
C GLY A 58 -65.57 -43.44 6.67
N THR A 59 -64.64 -44.38 6.85
CA THR A 59 -64.85 -45.79 6.53
C THR A 59 -64.80 -46.04 5.03
N ASN A 60 -64.73 -44.97 4.23
CA ASN A 60 -64.51 -45.15 2.80
C ASN A 60 -63.06 -45.49 2.52
N GLY A 61 -62.15 -44.61 2.88
CA GLY A 61 -60.74 -44.94 2.91
C GLY A 61 -60.08 -44.42 4.18
N THR A 62 -59.60 -45.33 5.02
CA THR A 62 -58.87 -44.96 6.22
C THR A 62 -57.38 -44.99 5.93
N LYS A 63 -56.55 -44.94 6.97
CA LYS A 63 -55.12 -45.16 6.83
C LYS A 63 -54.50 -44.14 5.86
N ARG A 64 -54.50 -42.89 6.33
CA ARG A 64 -53.80 -41.81 5.63
C ARG A 64 -52.70 -41.29 6.55
N PHE A 65 -51.47 -41.73 6.28
CA PHE A 65 -50.31 -41.27 7.05
C PHE A 65 -49.13 -41.19 6.10
N ASP A 66 -48.15 -40.36 6.45
CA ASP A 66 -47.03 -40.09 5.58
C ASP A 66 -45.73 -40.17 6.35
N ASN A 67 -44.77 -40.92 5.82
CA ASN A 67 -43.40 -40.89 6.32
C ASN A 67 -42.43 -41.27 5.21
N PRO A 68 -42.44 -40.59 4.07
CA PRO A 68 -41.49 -40.93 3.01
C PRO A 68 -40.09 -40.41 3.32
N VAL A 69 -39.13 -40.72 2.47
CA VAL A 69 -37.76 -40.21 2.60
C VAL A 69 -37.63 -38.98 1.72
N LEU A 70 -37.19 -37.88 2.33
CA LEU A 70 -37.11 -36.60 1.65
C LEU A 70 -35.65 -36.16 1.54
N PRO A 71 -35.28 -35.45 0.48
CA PRO A 71 -33.91 -34.94 0.39
C PRO A 71 -33.66 -33.85 1.43
N PHE A 72 -32.38 -33.68 1.75
CA PHE A 72 -31.95 -32.66 2.71
C PHE A 72 -31.44 -31.41 2.03
N ASN A 73 -30.72 -31.54 0.91
CA ASN A 73 -30.18 -30.42 0.15
C ASN A 73 -29.37 -29.55 1.12
N ASP A 74 -29.55 -28.23 1.12
CA ASP A 74 -28.72 -27.34 1.91
C ASP A 74 -29.27 -27.07 3.31
N GLY A 75 -30.48 -27.52 3.60
CA GLY A 75 -31.04 -27.32 4.92
C GLY A 75 -32.51 -27.66 4.90
N VAL A 76 -33.08 -27.80 6.10
CA VAL A 76 -34.46 -28.21 6.22
C VAL A 76 -35.16 -27.39 7.29
N TYR A 77 -36.40 -27.03 7.03
CA TYR A 77 -37.30 -26.44 7.99
C TYR A 77 -38.42 -27.43 8.23
N PHE A 78 -38.83 -27.58 9.48
CA PHE A 78 -39.77 -28.59 9.88
C PHE A 78 -40.80 -27.98 10.82
N ALA A 79 -42.06 -28.32 10.64
CA ALA A 79 -43.12 -27.80 11.49
C ALA A 79 -44.13 -28.90 11.78
N SER A 80 -44.74 -28.80 12.96
CA SER A 80 -45.68 -29.82 13.41
C SER A 80 -46.78 -29.18 14.24
N THR A 81 -48.01 -29.59 13.99
CA THR A 81 -49.17 -29.20 14.77
C THR A 81 -49.75 -30.48 15.36
N GLU A 82 -49.39 -30.77 16.61
CA GLU A 82 -49.79 -32.00 17.25
C GLU A 82 -50.25 -31.72 18.67
N LYS A 83 -51.27 -32.45 19.10
CA LYS A 83 -51.79 -32.35 20.46
C LYS A 83 -51.62 -33.67 21.20
N SER A 84 -50.91 -34.63 20.61
CA SER A 84 -50.76 -35.96 21.17
C SER A 84 -49.39 -36.62 20.97
N ASN A 85 -48.39 -35.90 20.48
CA ASN A 85 -47.01 -36.36 20.56
C ASN A 85 -46.77 -37.63 19.76
N ILE A 86 -47.16 -37.62 18.48
CA ILE A 86 -46.90 -38.79 17.65
C ILE A 86 -45.53 -38.72 17.01
N ILE A 87 -45.08 -37.54 16.57
CA ILE A 87 -43.78 -37.41 15.92
C ILE A 87 -42.71 -37.51 17.00
N ARG A 88 -41.65 -38.27 16.73
CA ARG A 88 -40.69 -38.61 17.77
C ARG A 88 -39.23 -38.34 17.41
N GLY A 89 -38.87 -38.22 16.14
CA GLY A 89 -37.46 -38.04 15.82
C GLY A 89 -37.22 -38.05 14.33
N TRP A 90 -35.93 -38.21 13.99
CA TRP A 90 -35.46 -38.01 12.63
C TRP A 90 -34.25 -38.89 12.38
N ILE A 91 -34.01 -39.15 11.10
CA ILE A 91 -32.85 -39.90 10.63
C ILE A 91 -32.22 -39.09 9.52
N PHE A 92 -30.89 -39.06 9.49
CA PHE A 92 -30.16 -38.33 8.47
C PHE A 92 -29.00 -39.16 7.98
N GLY A 93 -28.68 -39.02 6.69
CA GLY A 93 -27.53 -39.70 6.13
C GLY A 93 -27.59 -39.69 4.62
N THR A 94 -26.56 -40.28 4.02
CA THR A 94 -26.45 -40.37 2.58
C THR A 94 -27.06 -41.66 2.03
N THR A 95 -26.60 -42.81 2.53
CA THR A 95 -27.15 -44.12 2.18
C THR A 95 -27.53 -44.81 3.48
N LEU A 96 -28.81 -44.78 3.81
CA LEU A 96 -29.29 -45.21 5.12
C LEU A 96 -29.59 -46.70 5.17
N ASP A 97 -28.64 -47.57 4.78
CA ASP A 97 -28.82 -49.00 4.96
C ASP A 97 -27.79 -49.58 5.92
N SER A 98 -26.51 -49.62 5.54
CA SER A 98 -25.48 -50.00 6.51
C SER A 98 -24.11 -49.42 6.21
N LYS A 99 -23.93 -48.62 5.16
CA LYS A 99 -22.62 -48.50 4.54
C LYS A 99 -21.81 -47.31 5.02
N THR A 100 -22.32 -46.09 4.91
CA THR A 100 -21.49 -44.90 5.15
C THR A 100 -21.54 -44.48 6.62
N GLN A 101 -22.69 -43.98 7.06
CA GLN A 101 -22.98 -43.55 8.43
C GLN A 101 -24.45 -43.17 8.49
N SER A 102 -24.93 -42.90 9.70
CA SER A 102 -26.28 -42.41 9.88
C SER A 102 -26.37 -41.70 11.23
N LEU A 103 -27.24 -40.69 11.29
CA LEU A 103 -27.51 -39.93 12.50
C LEU A 103 -28.96 -40.13 12.86
N LEU A 104 -29.21 -40.47 14.13
CA LEU A 104 -30.55 -40.69 14.62
C LEU A 104 -30.81 -39.76 15.79
N ILE A 105 -31.97 -39.11 15.79
CA ILE A 105 -32.45 -38.33 16.91
C ILE A 105 -33.82 -38.89 17.28
N VAL A 106 -34.05 -39.12 18.57
CA VAL A 106 -35.30 -39.72 19.02
C VAL A 106 -35.60 -39.27 20.44
N ASN A 107 -36.86 -38.97 20.71
CA ASN A 107 -37.30 -38.54 22.03
C ASN A 107 -38.13 -39.63 22.68
N ASN A 108 -37.99 -39.76 24.01
CA ASN A 108 -38.85 -40.67 24.77
C ASN A 108 -39.08 -40.10 26.16
N ALA A 109 -40.34 -39.81 26.47
CA ALA A 109 -40.76 -39.47 27.82
C ALA A 109 -39.94 -38.32 28.37
N THR A 110 -38.88 -38.62 29.13
CA THR A 110 -38.14 -37.61 29.85
C THR A 110 -36.72 -37.45 29.35
N ASN A 111 -36.45 -37.80 28.10
CA ASN A 111 -35.10 -37.55 27.59
C ASN A 111 -35.06 -37.70 26.08
N VAL A 112 -34.20 -36.89 25.46
CA VAL A 112 -33.86 -37.03 24.05
C VAL A 112 -32.64 -37.92 23.93
N VAL A 113 -32.39 -38.44 22.74
CA VAL A 113 -31.26 -39.32 22.47
C VAL A 113 -30.76 -39.05 21.07
N ILE A 114 -29.46 -38.85 20.93
CA ILE A 114 -28.82 -38.64 19.64
C ILE A 114 -27.71 -39.66 19.49
N LYS A 115 -27.66 -40.31 18.33
CA LYS A 115 -26.65 -41.32 18.05
C LYS A 115 -26.11 -41.11 16.65
N VAL A 116 -24.85 -41.50 16.45
CA VAL A 116 -24.20 -41.51 15.15
C VAL A 116 -23.62 -42.91 14.96
N CYS A 117 -24.25 -43.71 14.11
CA CYS A 117 -23.83 -45.08 13.89
C CYS A 117 -24.21 -45.49 12.48
N GLU A 118 -23.55 -46.56 11.99
CA GLU A 118 -23.91 -47.15 10.71
C GLU A 118 -25.11 -48.07 10.91
N PHE A 119 -26.19 -47.46 11.37
CA PHE A 119 -27.39 -48.21 11.70
C PHE A 119 -27.86 -49.04 10.51
N GLN A 120 -28.70 -50.03 10.79
CA GLN A 120 -29.43 -50.76 9.77
C GLN A 120 -30.90 -50.40 9.96
N PHE A 121 -31.41 -49.56 9.08
CA PHE A 121 -32.73 -48.97 9.26
C PHE A 121 -33.79 -49.79 8.53
N CYS A 122 -34.86 -50.11 9.24
CA CYS A 122 -35.99 -50.77 8.61
C CYS A 122 -36.57 -49.87 7.53
N ASN A 123 -37.01 -50.49 6.42
CA ASN A 123 -37.52 -49.71 5.30
C ASN A 123 -38.66 -48.80 5.74
N ASP A 124 -39.42 -49.22 6.75
CA ASP A 124 -40.48 -48.41 7.32
C ASP A 124 -40.20 -48.19 8.80
N PRO A 125 -39.51 -47.12 9.16
CA PRO A 125 -39.20 -46.87 10.58
C PRO A 125 -40.46 -46.89 11.45
N PHE A 126 -40.23 -46.95 12.74
CA PHE A 126 -41.30 -47.11 13.73
C PHE A 126 -40.67 -47.11 15.11
N LEU A 127 -41.45 -46.68 16.12
CA LEU A 127 -40.96 -46.53 17.48
C LEU A 127 -41.88 -47.24 18.49
N GLY A 128 -41.61 -48.52 18.71
CA GLY A 128 -42.17 -49.24 19.85
C GLY A 128 -43.66 -49.08 20.08
N VAL A 129 -44.08 -49.33 21.32
CA VAL A 129 -45.50 -49.32 21.66
C VAL A 129 -45.95 -47.90 21.96
N TYR A 130 -47.05 -47.49 21.34
CA TYR A 130 -47.62 -46.18 21.58
C TYR A 130 -49.00 -46.22 22.23
N TYR A 131 -49.61 -47.40 22.37
CA TYR A 131 -50.92 -47.55 22.94
C TYR A 131 -50.84 -48.23 24.31
N HIS A 132 -52.01 -48.44 24.92
CA HIS A 132 -52.11 -48.95 26.28
C HIS A 132 -52.24 -50.48 26.26
N LYS A 133 -52.63 -51.05 27.40
CA LYS A 133 -52.91 -52.49 27.53
C LYS A 133 -51.62 -53.32 27.57
N ASN A 134 -51.21 -53.87 26.41
CA ASN A 134 -50.03 -54.72 26.37
C ASN A 134 -48.89 -54.11 27.20
N ASN A 135 -48.64 -52.83 27.01
CA ASN A 135 -47.71 -52.07 27.83
C ASN A 135 -48.27 -50.65 27.96
N LYS A 136 -48.65 -50.28 29.17
CA LYS A 136 -49.40 -49.03 29.36
C LYS A 136 -48.60 -47.84 28.85
N SER A 137 -49.31 -46.92 28.19
CA SER A 137 -48.72 -45.70 27.67
C SER A 137 -47.70 -45.98 26.57
N TRP A 138 -46.41 -46.00 26.91
CA TRP A 138 -45.35 -46.04 25.91
C TRP A 138 -44.28 -47.05 26.29
N MET A 139 -43.96 -47.95 25.36
CA MET A 139 -42.68 -48.64 25.30
C MET A 139 -41.93 -48.12 24.08
N GLU A 140 -40.74 -47.58 24.29
CA GLU A 140 -39.94 -47.02 23.21
C GLU A 140 -38.84 -48.01 22.86
N SER A 141 -39.18 -48.97 22.01
CA SER A 141 -38.24 -49.98 21.54
C SER A 141 -37.56 -49.45 20.30
N GLU A 142 -36.39 -48.84 20.48
CA GLU A 142 -35.63 -48.25 19.38
C GLU A 142 -35.02 -49.30 18.46
N PHE A 143 -35.34 -50.57 18.64
CA PHE A 143 -34.93 -51.61 17.72
C PHE A 143 -35.92 -51.83 16.58
N ARG A 144 -37.08 -51.17 16.62
CA ARG A 144 -38.01 -51.21 15.50
C ARG A 144 -37.55 -50.30 14.36
N VAL A 145 -36.99 -49.13 14.68
CA VAL A 145 -36.46 -48.26 13.64
C VAL A 145 -35.28 -48.91 12.93
N TYR A 146 -34.37 -49.52 13.68
CA TYR A 146 -33.16 -50.09 13.10
C TYR A 146 -32.98 -51.53 13.56
N SER A 147 -32.26 -52.30 12.76
CA SER A 147 -31.92 -53.68 13.10
C SER A 147 -30.54 -53.80 13.73
N SER A 148 -29.59 -52.96 13.35
CA SER A 148 -28.21 -53.08 13.79
C SER A 148 -27.67 -51.71 14.18
N ALA A 149 -26.61 -51.73 14.99
CA ALA A 149 -25.96 -50.51 15.45
C ALA A 149 -24.45 -50.64 15.43
N ASN A 150 -23.92 -51.40 14.47
CA ASN A 150 -22.47 -51.61 14.42
C ASN A 150 -21.74 -50.29 14.25
N ASN A 151 -20.75 -50.05 15.11
CA ASN A 151 -19.90 -48.89 15.00
C ASN A 151 -20.67 -47.63 15.39
N CYS A 152 -20.22 -46.92 16.41
CA CYS A 152 -20.90 -45.72 16.89
C CYS A 152 -19.86 -44.69 17.25
N THR A 153 -19.95 -43.51 16.61
CA THR A 153 -18.93 -42.48 16.75
C THR A 153 -19.44 -41.25 17.49
N PHE A 154 -20.56 -41.36 18.18
CA PHE A 154 -21.08 -40.24 18.95
C PHE A 154 -22.29 -40.71 19.74
N GLU A 155 -22.64 -39.94 20.75
CA GLU A 155 -23.88 -40.13 21.50
C GLU A 155 -24.03 -38.92 22.40
N TYR A 156 -25.27 -38.60 22.73
CA TYR A 156 -25.55 -37.37 23.46
C TYR A 156 -26.96 -37.45 24.01
N VAL A 157 -27.20 -36.70 25.07
CA VAL A 157 -28.51 -36.68 25.74
C VAL A 157 -28.71 -35.29 26.30
N SER A 158 -29.94 -34.99 26.70
CA SER A 158 -30.26 -33.70 27.28
C SER A 158 -31.71 -33.74 27.75
N GLN A 159 -32.13 -32.64 28.37
CA GLN A 159 -33.51 -32.52 28.82
C GLN A 159 -34.44 -32.54 27.61
N PRO A 160 -35.58 -33.22 27.69
CA PRO A 160 -36.48 -33.29 26.53
C PRO A 160 -37.08 -31.94 26.19
N PHE A 161 -37.42 -31.78 24.91
CA PHE A 161 -37.98 -30.54 24.40
C PHE A 161 -39.30 -30.69 23.67
N LEU A 162 -39.57 -31.84 23.05
CA LEU A 162 -40.71 -31.95 22.15
C LEU A 162 -42.03 -31.72 22.89
N MET A 163 -42.18 -32.31 24.07
CA MET A 163 -43.46 -32.37 24.76
C MET A 163 -43.61 -31.17 25.69
N ASP A 164 -44.30 -30.14 25.22
CA ASP A 164 -44.73 -29.01 26.03
C ASP A 164 -46.15 -28.62 25.67
N LEU A 165 -47.00 -29.64 25.45
CA LEU A 165 -48.34 -29.39 24.95
C LEU A 165 -49.16 -28.55 25.91
N GLU A 166 -49.97 -27.66 25.35
CA GLU A 166 -50.90 -26.83 26.11
C GLU A 166 -52.33 -27.30 25.88
N GLY A 167 -53.18 -27.06 26.87
CA GLY A 167 -54.57 -27.46 26.77
C GLY A 167 -54.72 -28.95 26.52
N LYS A 168 -55.93 -29.33 26.12
CA LYS A 168 -56.27 -30.74 25.91
C LYS A 168 -56.88 -31.02 24.54
N GLN A 169 -57.73 -30.13 24.03
CA GLN A 169 -58.47 -30.41 22.81
C GLN A 169 -58.53 -29.16 21.94
N GLY A 170 -58.91 -29.35 20.69
CA GLY A 170 -59.10 -28.26 19.75
C GLY A 170 -58.07 -28.25 18.64
N ASN A 171 -58.43 -28.77 17.47
CA ASN A 171 -57.53 -28.84 16.33
C ASN A 171 -56.14 -29.28 16.78
N PHE A 172 -55.19 -28.36 16.84
CA PHE A 172 -53.87 -28.64 17.38
C PHE A 172 -53.48 -27.50 18.32
N LYS A 173 -52.71 -27.84 19.35
CA LYS A 173 -52.51 -26.94 20.49
C LYS A 173 -51.28 -26.06 20.31
N ASN A 174 -50.11 -26.67 20.10
CA ASN A 174 -48.84 -25.94 20.06
C ASN A 174 -48.10 -26.29 18.78
N LEU A 175 -47.69 -25.24 18.06
CA LEU A 175 -46.85 -25.39 16.88
C LEU A 175 -45.41 -25.63 17.31
N ARG A 176 -44.81 -26.70 16.79
CA ARG A 176 -43.39 -26.98 16.95
C ARG A 176 -42.70 -26.58 15.65
N GLU A 177 -41.62 -25.82 15.77
CA GLU A 177 -40.84 -25.35 14.62
C GLU A 177 -39.38 -25.71 14.85
N PHE A 178 -38.77 -26.35 13.85
CA PHE A 178 -37.39 -26.81 13.92
C PHE A 178 -36.69 -26.40 12.64
N VAL A 179 -35.38 -26.14 12.75
CA VAL A 179 -34.54 -25.89 11.60
C VAL A 179 -33.27 -26.70 11.75
N PHE A 180 -32.94 -27.48 10.72
CA PHE A 180 -31.78 -28.35 10.72
C PHE A 180 -30.83 -27.90 9.61
N LYS A 181 -29.56 -27.77 9.96
CA LYS A 181 -28.57 -27.28 9.01
C LYS A 181 -27.24 -27.98 9.29
N ASN A 182 -26.58 -28.47 8.25
CA ASN A 182 -25.32 -29.19 8.41
C ASN A 182 -24.22 -28.39 7.71
N ILE A 183 -23.35 -27.77 8.50
CA ILE A 183 -22.30 -26.90 7.96
C ILE A 183 -20.99 -27.21 8.67
N ASP A 184 -19.93 -27.37 7.88
CA ASP A 184 -18.58 -27.58 8.39
C ASP A 184 -18.57 -28.66 9.47
N GLY A 185 -19.21 -29.78 9.16
CA GLY A 185 -19.24 -30.90 10.08
C GLY A 185 -20.29 -30.74 11.16
N TYR A 186 -20.44 -29.52 11.68
CA TYR A 186 -21.39 -29.26 12.74
C TYR A 186 -22.82 -29.46 12.25
N PHE A 187 -23.65 -30.01 13.12
CA PHE A 187 -25.08 -30.15 12.86
C PHE A 187 -25.83 -29.22 13.81
N LYS A 188 -26.50 -28.23 13.25
CA LYS A 188 -27.15 -27.17 14.01
C LYS A 188 -28.66 -27.39 13.98
N ILE A 189 -29.26 -27.41 15.18
CA ILE A 189 -30.68 -27.61 15.36
C ILE A 189 -31.22 -26.44 16.16
N TYR A 190 -32.10 -25.67 15.54
CA TYR A 190 -32.83 -24.58 16.18
C TYR A 190 -34.28 -24.98 16.35
N SER A 191 -34.95 -24.38 17.33
CA SER A 191 -36.28 -24.80 17.71
C SER A 191 -37.09 -23.62 18.23
N LYS A 192 -38.41 -23.83 18.29
CA LYS A 192 -39.32 -22.90 18.95
C LYS A 192 -40.68 -23.59 19.08
N HIS A 193 -41.43 -23.18 20.09
CA HIS A 193 -42.78 -23.70 20.32
C HIS A 193 -43.71 -22.53 20.58
N THR A 194 -44.92 -22.60 20.02
CA THR A 194 -45.81 -21.44 20.08
C THR A 194 -47.28 -21.84 20.19
N PRO A 195 -48.08 -21.12 20.98
CA PRO A 195 -49.53 -21.35 20.96
C PRO A 195 -50.14 -21.03 19.60
N ILE A 196 -51.21 -21.75 19.28
CA ILE A 196 -51.90 -21.57 18.00
C ILE A 196 -53.27 -22.21 18.10
N ASN A 197 -54.25 -21.61 17.42
CA ASN A 197 -55.60 -22.15 17.32
C ASN A 197 -56.06 -21.99 15.87
N LEU A 198 -55.76 -22.99 15.03
CA LEU A 198 -56.15 -22.95 13.63
C LEU A 198 -55.81 -24.25 12.93
N VAL A 199 -56.61 -24.63 11.93
CA VAL A 199 -56.28 -25.74 11.05
C VAL A 199 -55.61 -25.18 9.80
N ARG A 200 -54.67 -25.95 9.25
CA ARG A 200 -53.88 -25.48 8.12
C ARG A 200 -53.23 -24.14 8.49
N ASP A 201 -52.76 -23.40 7.48
CA ASP A 201 -52.47 -21.98 7.63
C ASP A 201 -51.52 -21.71 8.79
N LEU A 202 -50.27 -22.17 8.61
CA LEU A 202 -49.20 -21.71 9.49
C LEU A 202 -49.43 -20.22 9.74
N PRO A 203 -49.61 -19.81 10.99
CA PRO A 203 -50.28 -18.54 11.26
C PRO A 203 -49.52 -17.32 10.74
N GLN A 204 -50.26 -16.23 10.60
CA GLN A 204 -49.70 -14.92 10.27
C GLN A 204 -49.01 -14.36 11.50
N GLY A 205 -47.76 -14.77 11.70
CA GLY A 205 -47.01 -14.32 12.85
C GLY A 205 -45.52 -14.42 12.58
N PHE A 206 -44.76 -13.81 13.48
CA PHE A 206 -43.30 -13.82 13.40
C PHE A 206 -42.73 -14.68 14.50
N SER A 207 -41.93 -15.67 14.13
CA SER A 207 -41.29 -16.58 15.06
C SER A 207 -39.80 -16.59 14.81
N ALA A 208 -39.01 -16.45 15.87
CA ALA A 208 -37.56 -16.50 15.80
C ALA A 208 -37.11 -17.77 16.52
N LEU A 209 -36.54 -18.71 15.77
CA LEU A 209 -36.06 -19.95 16.35
C LEU A 209 -34.74 -19.72 17.07
N GLU A 210 -34.67 -20.20 18.31
CA GLU A 210 -33.47 -20.06 19.12
C GLU A 210 -32.67 -21.34 19.06
N PRO A 211 -31.35 -21.28 18.86
CA PRO A 211 -30.59 -22.52 18.70
C PRO A 211 -30.73 -23.44 19.90
N LEU A 212 -30.91 -24.72 19.63
CA LEU A 212 -30.96 -25.74 20.67
C LEU A 212 -29.62 -26.46 20.81
N VAL A 213 -29.14 -27.09 19.73
CA VAL A 213 -27.96 -27.94 19.85
C VAL A 213 -27.06 -27.78 18.64
N ASP A 214 -25.77 -27.69 18.89
CA ASP A 214 -24.74 -27.75 17.85
C ASP A 214 -23.92 -29.01 18.13
N LEU A 215 -24.12 -30.04 17.32
CA LEU A 215 -23.51 -31.34 17.54
C LEU A 215 -22.30 -31.50 16.62
N PRO A 216 -21.10 -31.75 17.16
CA PRO A 216 -19.92 -31.98 16.29
C PRO A 216 -19.91 -33.39 15.70
N ILE A 217 -20.63 -33.57 14.60
CA ILE A 217 -20.87 -34.89 14.03
C ILE A 217 -19.86 -35.22 12.95
N GLY A 218 -19.73 -34.38 11.93
CA GLY A 218 -18.84 -34.64 10.83
C GLY A 218 -19.42 -35.46 9.71
N ILE A 219 -20.65 -35.95 9.86
CA ILE A 219 -21.27 -36.76 8.82
C ILE A 219 -21.69 -35.88 7.64
N ASN A 220 -21.89 -36.52 6.49
CA ASN A 220 -22.45 -35.86 5.32
C ASN A 220 -23.90 -36.32 5.17
N ILE A 221 -24.82 -35.37 5.16
CA ILE A 221 -26.25 -35.65 5.13
C ILE A 221 -26.80 -35.21 3.77
N THR A 222 -27.53 -36.12 3.11
CA THR A 222 -28.18 -35.80 1.85
C THR A 222 -29.60 -36.32 1.78
N ARG A 223 -30.10 -36.97 2.82
CA ARG A 223 -31.47 -37.45 2.87
C ARG A 223 -31.90 -37.49 4.32
N PHE A 224 -33.20 -37.50 4.55
CA PHE A 224 -33.69 -37.64 5.91
C PHE A 224 -35.10 -38.20 5.88
N GLN A 225 -35.56 -38.62 7.05
CA GLN A 225 -36.87 -39.21 7.22
C GLN A 225 -37.26 -39.08 8.67
N THR A 226 -38.55 -39.18 8.95
CA THR A 226 -39.06 -38.89 10.28
C THR A 226 -39.69 -40.11 10.92
N LEU A 227 -39.69 -40.13 12.25
CA LEU A 227 -40.17 -41.26 13.03
C LEU A 227 -41.52 -40.88 13.62
N LEU A 228 -42.51 -41.74 13.38
CA LEU A 228 -43.88 -41.47 13.79
C LEU A 228 -44.37 -42.64 14.61
N ALA A 229 -44.46 -42.47 15.93
CA ALA A 229 -44.98 -43.53 16.78
C ALA A 229 -46.41 -43.87 16.39
N LEU A 230 -46.73 -45.16 16.42
CA LEU A 230 -48.03 -45.63 15.93
C LEU A 230 -48.60 -46.65 16.90
N HIS A 231 -49.88 -46.50 17.22
CA HIS A 231 -50.57 -47.51 18.00
C HIS A 231 -50.51 -48.84 17.26
N ARG A 232 -50.19 -49.91 17.99
CA ARG A 232 -50.16 -51.25 17.43
C ARG A 232 -51.51 -51.91 17.68
N SER A 233 -52.24 -52.18 16.59
CA SER A 233 -53.60 -52.69 16.67
C SER A 233 -53.60 -54.22 16.62
N TYR A 234 -53.35 -54.80 17.78
CA TYR A 234 -53.64 -56.20 18.06
C TYR A 234 -54.28 -56.38 19.44
N LEU A 235 -54.48 -55.28 20.18
CA LEU A 235 -55.27 -55.29 21.41
C LEU A 235 -56.21 -54.12 21.54
N THR A 236 -56.14 -53.12 20.65
CA THR A 236 -56.97 -51.93 20.78
C THR A 236 -58.43 -52.25 20.48
N PRO A 237 -59.35 -51.41 20.96
CA PRO A 237 -60.78 -51.65 20.66
C PRO A 237 -61.11 -51.62 19.17
N GLY A 238 -60.43 -50.79 18.39
CA GLY A 238 -60.81 -50.56 17.01
C GLY A 238 -60.02 -51.33 15.97
N ASP A 239 -60.70 -52.18 15.21
CA ASP A 239 -60.10 -52.88 14.08
C ASP A 239 -58.80 -53.56 14.48
N SER A 240 -58.85 -54.27 15.61
CA SER A 240 -57.66 -54.92 16.17
C SER A 240 -57.60 -56.35 15.69
N SER A 241 -56.90 -56.59 14.58
CA SER A 241 -56.60 -57.95 14.13
C SER A 241 -55.10 -58.21 14.16
N SER A 242 -54.29 -57.47 13.39
CA SER A 242 -52.84 -57.59 13.45
C SER A 242 -52.09 -56.27 13.36
N GLY A 243 -52.69 -55.21 12.84
CA GLY A 243 -51.92 -54.13 12.25
C GLY A 243 -51.60 -52.95 13.15
N TRP A 244 -52.04 -51.76 12.76
CA TRP A 244 -51.70 -50.54 13.47
C TRP A 244 -52.76 -49.49 13.21
N THR A 245 -52.71 -48.44 14.03
CA THR A 245 -53.60 -47.29 13.92
C THR A 245 -52.83 -46.04 14.34
N ALA A 246 -53.29 -44.89 13.86
CA ALA A 246 -52.63 -43.61 14.12
C ALA A 246 -53.67 -42.57 14.48
N GLY A 247 -53.20 -41.50 15.13
CA GLY A 247 -54.06 -40.39 15.50
C GLY A 247 -54.16 -39.38 14.38
N ALA A 248 -53.85 -38.11 14.69
CA ALA A 248 -53.90 -37.05 13.69
C ALA A 248 -52.85 -36.00 14.05
N ALA A 249 -51.92 -35.75 13.13
CA ALA A 249 -50.90 -34.74 13.33
C ALA A 249 -50.42 -34.24 11.97
N ALA A 250 -49.92 -33.00 11.95
CA ALA A 250 -49.48 -32.36 10.74
C ALA A 250 -47.96 -32.53 10.57
N TYR A 251 -47.45 -32.18 9.41
CA TYR A 251 -46.06 -32.44 9.05
C TYR A 251 -45.65 -31.53 7.90
N TYR A 252 -44.96 -30.42 8.19
CA TYR A 252 -44.56 -29.50 7.13
C TYR A 252 -43.05 -29.51 6.96
N VAL A 253 -42.62 -29.60 5.70
CA VAL A 253 -41.21 -29.58 5.34
C VAL A 253 -40.95 -28.47 4.35
N GLY A 254 -39.86 -27.74 4.55
CA GLY A 254 -39.42 -26.75 3.60
C GLY A 254 -37.92 -26.78 3.45
N TYR A 255 -37.42 -26.16 2.40
CA TYR A 255 -36.01 -26.16 2.07
C TYR A 255 -35.44 -24.75 2.16
N LEU A 256 -34.22 -24.67 2.68
CA LEU A 256 -33.54 -23.40 2.87
C LEU A 256 -32.63 -23.10 1.68
N GLN A 257 -32.48 -21.81 1.40
CA GLN A 257 -31.68 -21.34 0.28
C GLN A 257 -30.84 -20.16 0.73
N PRO A 258 -29.79 -19.83 -0.02
CA PRO A 258 -28.97 -18.65 0.31
C PRO A 258 -29.77 -17.37 0.07
N ARG A 259 -29.90 -16.56 1.12
CA ARG A 259 -30.71 -15.35 1.05
C ARG A 259 -30.10 -14.30 1.96
N THR A 260 -30.35 -13.04 1.61
CA THR A 260 -29.99 -11.91 2.45
C THR A 260 -31.24 -11.39 3.14
N PHE A 261 -31.14 -11.19 4.44
CA PHE A 261 -32.26 -10.79 5.28
C PHE A 261 -31.87 -9.55 6.06
N LEU A 262 -32.88 -8.77 6.44
CA LEU A 262 -32.72 -7.64 7.33
C LEU A 262 -33.54 -7.93 8.58
N LEU A 263 -32.86 -7.99 9.72
CA LEU A 263 -33.47 -8.42 10.97
C LEU A 263 -33.49 -7.27 11.96
N LYS A 264 -34.63 -7.11 12.64
CA LYS A 264 -34.83 -6.05 13.61
C LYS A 264 -34.67 -6.62 15.01
N TYR A 265 -33.68 -6.11 15.74
CA TYR A 265 -33.45 -6.49 17.13
C TYR A 265 -34.02 -5.41 18.02
N ASN A 266 -34.86 -5.82 18.97
CA ASN A 266 -35.56 -4.91 19.86
C ASN A 266 -34.59 -4.36 20.89
N GLU A 267 -35.10 -3.63 21.88
CA GLU A 267 -34.26 -3.18 22.98
C GLU A 267 -33.60 -4.36 23.68
N ASN A 268 -34.29 -5.49 23.75
CA ASN A 268 -33.69 -6.76 24.15
C ASN A 268 -32.94 -7.32 22.95
N GLY A 269 -32.58 -8.60 23.00
CA GLY A 269 -31.90 -9.22 21.88
C GLY A 269 -32.82 -10.00 20.96
N THR A 270 -34.13 -9.78 21.10
CA THR A 270 -35.12 -10.59 20.38
C THR A 270 -35.44 -10.00 19.02
N ILE A 271 -35.53 -10.86 18.02
CA ILE A 271 -35.90 -10.43 16.67
C ILE A 271 -37.42 -10.30 16.61
N THR A 272 -37.89 -9.13 16.21
CA THR A 272 -39.32 -8.84 16.16
C THR A 272 -39.88 -8.75 14.76
N ASP A 273 -39.04 -8.58 13.75
CA ASP A 273 -39.50 -8.55 12.36
C ASP A 273 -38.31 -8.80 11.46
N ALA A 274 -38.60 -9.13 10.21
CA ALA A 274 -37.54 -9.41 9.24
C ALA A 274 -38.04 -9.05 7.85
N VAL A 275 -37.09 -8.82 6.95
CA VAL A 275 -37.37 -8.48 5.56
C VAL A 275 -36.48 -9.33 4.67
N ASP A 276 -37.08 -9.94 3.65
CA ASP A 276 -36.36 -10.72 2.65
C ASP A 276 -36.05 -9.81 1.47
N CYS A 277 -34.76 -9.67 1.16
CA CYS A 277 -34.33 -8.64 0.22
C CYS A 277 -34.71 -8.95 -1.22
N ALA A 278 -34.90 -10.22 -1.58
CA ALA A 278 -35.14 -10.62 -2.95
C ALA A 278 -36.58 -11.05 -3.19
N LEU A 279 -37.51 -10.67 -2.31
CA LEU A 279 -38.89 -11.09 -2.45
C LEU A 279 -39.64 -10.20 -3.44
N ASP A 280 -39.52 -8.90 -3.28
CA ASP A 280 -40.25 -7.94 -4.10
C ASP A 280 -39.50 -6.62 -4.09
N PRO A 281 -39.77 -5.73 -5.04
CA PRO A 281 -39.00 -4.48 -5.11
C PRO A 281 -39.04 -3.66 -3.85
N LEU A 282 -40.17 -3.61 -3.15
CA LEU A 282 -40.25 -2.83 -1.91
C LEU A 282 -39.27 -3.37 -0.88
N SER A 283 -39.17 -4.69 -0.76
CA SER A 283 -38.25 -5.27 0.22
C SER A 283 -36.80 -4.98 -0.17
N GLU A 284 -36.49 -5.00 -1.46
CA GLU A 284 -35.14 -4.65 -1.88
C GLU A 284 -34.83 -3.20 -1.55
N THR A 285 -35.81 -2.31 -1.73
CA THR A 285 -35.62 -0.92 -1.32
C THR A 285 -35.35 -0.82 0.17
N LYS A 286 -36.11 -1.56 0.97
CA LYS A 286 -35.88 -1.57 2.41
C LYS A 286 -34.47 -2.03 2.73
N CYS A 287 -34.01 -3.10 2.09
CA CYS A 287 -32.68 -3.61 2.37
C CYS A 287 -31.61 -2.61 1.96
N THR A 288 -31.78 -1.94 0.83
CA THR A 288 -30.80 -0.95 0.40
C THR A 288 -30.76 0.23 1.37
N LEU A 289 -31.92 0.68 1.85
CA LEU A 289 -31.96 1.78 2.81
C LEU A 289 -31.70 1.33 4.24
N LYS A 290 -31.70 0.02 4.51
CA LYS A 290 -31.52 -0.48 5.86
C LYS A 290 -32.56 0.09 6.82
N SER A 291 -33.81 0.10 6.39
CA SER A 291 -34.90 0.58 7.22
C SER A 291 -36.20 -0.07 6.79
N PHE A 292 -37.06 -0.38 7.76
CA PHE A 292 -38.36 -0.94 7.43
C PHE A 292 -39.31 0.13 6.90
N THR A 293 -39.14 1.37 7.32
CA THR A 293 -39.96 2.48 6.83
C THR A 293 -39.17 3.26 5.79
N VAL A 294 -39.69 3.31 4.57
CA VAL A 294 -39.06 4.04 3.48
C VAL A 294 -39.94 5.23 3.14
N GLU A 295 -39.33 6.41 3.08
CA GLU A 295 -40.06 7.63 2.79
C GLU A 295 -40.34 7.74 1.30
N LYS A 296 -41.22 8.68 0.95
CA LYS A 296 -41.57 8.89 -0.44
C LYS A 296 -40.34 9.30 -1.24
N GLY A 297 -40.16 8.68 -2.39
CA GLY A 297 -39.04 9.02 -3.26
C GLY A 297 -38.77 7.92 -4.25
N ILE A 298 -37.69 8.10 -5.00
CA ILE A 298 -37.23 7.16 -6.00
C ILE A 298 -35.82 6.72 -5.60
N TYR A 299 -35.64 5.40 -5.46
CA TYR A 299 -34.41 4.84 -4.93
C TYR A 299 -33.78 3.90 -5.94
N GLN A 300 -32.50 4.11 -6.22
CA GLN A 300 -31.73 3.23 -7.10
C GLN A 300 -31.39 1.97 -6.31
N THR A 301 -32.18 0.93 -6.51
CA THR A 301 -32.07 -0.28 -5.69
C THR A 301 -30.98 -1.21 -6.19
N SER A 302 -31.08 -1.69 -7.42
CA SER A 302 -30.17 -2.71 -7.91
C SER A 302 -30.02 -2.58 -9.41
N ASN A 303 -29.45 -3.60 -10.03
CA ASN A 303 -29.21 -3.64 -11.46
C ASN A 303 -30.01 -4.75 -12.10
N PHE A 304 -29.83 -4.87 -13.41
CA PHE A 304 -30.68 -5.64 -14.30
C PHE A 304 -29.77 -6.19 -15.38
N ARG A 305 -29.74 -7.52 -15.51
CA ARG A 305 -28.88 -8.17 -16.49
C ARG A 305 -29.57 -9.39 -17.06
N VAL A 306 -29.55 -9.51 -18.38
CA VAL A 306 -29.97 -10.76 -19.02
C VAL A 306 -28.93 -11.83 -18.74
N GLN A 307 -29.37 -13.06 -18.59
CA GLN A 307 -28.46 -14.15 -18.31
C GLN A 307 -28.29 -15.03 -19.54
N PRO A 308 -27.12 -15.61 -19.75
CA PRO A 308 -26.88 -16.40 -20.96
C PRO A 308 -27.72 -17.68 -20.96
N THR A 309 -28.40 -17.92 -22.08
CA THR A 309 -29.22 -19.12 -22.19
C THR A 309 -28.37 -20.38 -22.33
N GLU A 310 -27.35 -20.34 -23.19
CA GLU A 310 -26.59 -21.53 -23.51
C GLU A 310 -25.15 -21.13 -23.80
N SER A 311 -24.26 -22.13 -23.76
CA SER A 311 -22.85 -21.95 -23.99
C SER A 311 -22.46 -22.62 -25.31
N ILE A 312 -21.66 -21.92 -26.11
CA ILE A 312 -21.21 -22.42 -27.40
C ILE A 312 -19.68 -22.39 -27.42
N VAL A 313 -19.09 -23.47 -27.93
CA VAL A 313 -17.65 -23.59 -28.08
C VAL A 313 -17.35 -23.76 -29.56
N ARG A 314 -16.49 -22.91 -30.10
CA ARG A 314 -16.13 -22.94 -31.51
C ARG A 314 -14.60 -23.00 -31.63
N PHE A 315 -14.08 -24.18 -31.85
CA PHE A 315 -12.67 -24.41 -32.06
C PHE A 315 -12.41 -24.92 -33.47
N PRO A 316 -11.20 -24.81 -33.98
CA PRO A 316 -10.90 -25.33 -35.32
C PRO A 316 -11.05 -26.84 -35.38
N ASN A 317 -11.36 -27.32 -36.58
CA ASN A 317 -11.55 -28.76 -36.80
C ASN A 317 -10.21 -29.36 -37.19
N ILE A 318 -9.52 -29.93 -36.21
CA ILE A 318 -8.25 -30.60 -36.42
C ILE A 318 -8.37 -31.98 -35.78
N THR A 319 -8.24 -33.03 -36.60
CA THR A 319 -8.24 -34.39 -36.09
C THR A 319 -6.84 -34.87 -35.74
N ASN A 320 -5.81 -34.25 -36.30
CA ASN A 320 -4.44 -34.70 -36.07
C ASN A 320 -4.11 -34.63 -34.58
N LEU A 321 -3.36 -35.61 -34.10
CA LEU A 321 -2.90 -35.65 -32.72
C LEU A 321 -1.43 -35.28 -32.70
N CYS A 322 -1.07 -34.36 -31.81
CA CYS A 322 0.27 -33.77 -31.85
C CYS A 322 1.33 -34.84 -31.61
N PRO A 323 2.47 -34.77 -32.30
CA PRO A 323 3.53 -35.78 -32.12
C PRO A 323 4.43 -35.48 -30.93
N PHE A 324 3.87 -35.64 -29.73
CA PHE A 324 4.67 -35.44 -28.52
C PHE A 324 5.51 -36.66 -28.19
N GLY A 325 5.15 -37.82 -28.73
CA GLY A 325 6.02 -38.98 -28.61
C GLY A 325 7.33 -38.79 -29.34
N GLU A 326 7.30 -38.05 -30.46
CA GLU A 326 8.51 -37.83 -31.24
C GLU A 326 9.53 -36.97 -30.50
N VAL A 327 9.10 -36.14 -29.55
CA VAL A 327 10.00 -35.21 -28.89
C VAL A 327 10.35 -35.75 -27.51
N PHE A 328 9.40 -36.41 -26.85
CA PHE A 328 9.62 -36.89 -25.51
C PHE A 328 10.24 -38.28 -25.45
N ASN A 329 10.09 -39.07 -26.51
CA ASN A 329 10.52 -40.45 -26.53
C ASN A 329 11.30 -40.76 -27.80
N ALA A 330 12.26 -39.89 -28.11
CA ALA A 330 13.14 -40.07 -29.25
C ALA A 330 14.46 -40.68 -28.78
N THR A 331 15.04 -41.55 -29.62
CA THR A 331 16.30 -42.18 -29.28
C THR A 331 17.44 -41.15 -29.22
N ARG A 332 17.58 -40.35 -30.27
CA ARG A 332 18.53 -39.25 -30.27
C ARG A 332 17.92 -38.04 -29.59
N PHE A 333 18.77 -37.22 -28.97
CA PHE A 333 18.23 -36.14 -28.15
C PHE A 333 19.39 -35.16 -27.93
N ALA A 334 19.29 -33.97 -28.52
CA ALA A 334 20.44 -33.09 -28.74
C ALA A 334 21.13 -32.61 -27.47
N SER A 335 22.22 -31.88 -27.64
CA SER A 335 23.02 -31.33 -26.54
C SER A 335 22.64 -29.87 -26.28
N VAL A 336 23.19 -29.31 -25.20
CA VAL A 336 22.73 -28.01 -24.73
C VAL A 336 23.15 -26.92 -25.71
N TYR A 337 24.44 -26.88 -26.05
CA TYR A 337 24.94 -25.82 -26.91
C TYR A 337 24.33 -25.88 -28.31
N ALA A 338 23.71 -26.99 -28.67
CA ALA A 338 23.09 -27.20 -29.97
C ALA A 338 21.70 -27.78 -29.79
N TRP A 339 20.92 -27.17 -28.90
CA TRP A 339 19.60 -27.69 -28.60
C TRP A 339 18.73 -27.71 -29.84
N ASN A 340 17.78 -28.64 -29.86
CA ASN A 340 16.96 -28.86 -31.05
C ASN A 340 15.59 -28.25 -30.86
N ARG A 341 15.19 -27.38 -31.79
CA ARG A 341 13.89 -26.73 -31.76
C ARG A 341 12.98 -27.34 -32.83
N LYS A 342 11.79 -27.75 -32.42
CA LYS A 342 10.83 -28.40 -33.31
C LYS A 342 9.50 -27.67 -33.24
N ARG A 343 8.90 -27.44 -34.40
CA ARG A 343 7.63 -26.73 -34.50
C ARG A 343 6.49 -27.74 -34.35
N ILE A 344 5.53 -27.44 -33.49
CA ILE A 344 4.30 -28.23 -33.38
C ILE A 344 3.18 -27.42 -34.00
N SER A 345 2.52 -27.99 -35.01
CA SER A 345 1.52 -27.24 -35.75
C SER A 345 0.45 -28.20 -36.28
N ASN A 346 -0.71 -27.61 -36.57
CA ASN A 346 -1.87 -28.31 -37.10
C ASN A 346 -2.08 -29.66 -36.41
N CYS A 347 -2.28 -29.58 -35.10
CA CYS A 347 -2.56 -30.76 -34.31
C CYS A 347 -3.25 -30.34 -33.03
N VAL A 348 -3.92 -31.29 -32.39
CA VAL A 348 -4.58 -31.06 -31.12
C VAL A 348 -3.76 -31.73 -30.03
N ALA A 349 -3.34 -30.96 -29.04
CA ALA A 349 -2.44 -31.42 -28.02
C ALA A 349 -3.18 -31.71 -26.72
N ASP A 350 -2.87 -32.84 -26.12
CA ASP A 350 -3.43 -33.24 -24.83
C ASP A 350 -2.29 -33.16 -23.83
N TYR A 351 -2.14 -32.00 -23.20
CA TYR A 351 -1.05 -31.82 -22.25
C TYR A 351 -1.34 -32.50 -20.92
N SER A 352 -2.61 -32.79 -20.60
CA SER A 352 -2.93 -33.39 -19.32
C SER A 352 -2.33 -34.77 -19.19
N VAL A 353 -2.27 -35.54 -20.28
CA VAL A 353 -1.66 -36.87 -20.20
C VAL A 353 -0.23 -36.75 -19.71
N LEU A 354 0.51 -35.76 -20.21
CA LEU A 354 1.89 -35.58 -19.79
C LEU A 354 1.97 -35.15 -18.33
N TYR A 355 1.13 -34.19 -17.93
CA TYR A 355 1.20 -33.67 -16.57
C TYR A 355 0.89 -34.75 -15.55
N ASN A 356 -0.14 -35.55 -15.82
CA ASN A 356 -0.57 -36.60 -14.90
C ASN A 356 0.09 -37.94 -15.26
N SER A 357 1.42 -37.94 -15.19
CA SER A 357 2.20 -39.14 -15.44
C SER A 357 3.25 -39.44 -14.38
N ALA A 358 3.68 -38.45 -13.60
CA ALA A 358 4.67 -38.66 -12.56
C ALA A 358 5.94 -39.31 -13.13
N SER A 359 6.18 -39.11 -14.42
CA SER A 359 7.40 -39.57 -15.07
C SER A 359 8.38 -38.44 -15.30
N PHE A 360 8.17 -37.28 -14.68
CA PHE A 360 8.98 -36.10 -14.92
C PHE A 360 9.43 -35.53 -13.58
N SER A 361 10.73 -35.29 -13.46
CA SER A 361 11.25 -34.70 -12.23
C SER A 361 10.85 -33.24 -12.09
N THR A 362 10.74 -32.52 -13.21
CA THR A 362 10.30 -31.12 -13.21
C THR A 362 9.25 -30.92 -14.27
N PHE A 363 8.18 -30.21 -13.92
CA PHE A 363 7.14 -29.80 -14.86
C PHE A 363 6.62 -28.46 -14.36
N LYS A 364 7.18 -27.37 -14.88
CA LYS A 364 6.91 -26.04 -14.35
C LYS A 364 6.59 -25.09 -15.49
N CYS A 365 5.38 -24.55 -15.49
CA CYS A 365 4.97 -23.56 -16.47
C CYS A 365 5.04 -22.17 -15.87
N TYR A 366 5.14 -21.16 -16.74
CA TYR A 366 5.55 -19.84 -16.30
C TYR A 366 4.59 -18.71 -16.68
N GLY A 367 3.57 -18.97 -17.47
CA GLY A 367 2.57 -17.96 -17.74
C GLY A 367 1.18 -18.55 -17.88
N VAL A 368 1.08 -19.83 -17.56
CA VAL A 368 -0.14 -20.60 -17.73
C VAL A 368 -0.08 -21.78 -16.78
N SER A 369 -1.15 -22.00 -16.05
CA SER A 369 -1.16 -23.14 -15.15
C SER A 369 -1.28 -24.43 -15.96
N PRO A 370 -0.56 -25.50 -15.58
CA PRO A 370 -0.63 -26.72 -16.40
C PRO A 370 -2.03 -27.25 -16.56
N THR A 371 -2.82 -27.21 -15.49
CA THR A 371 -4.16 -27.78 -15.52
C THR A 371 -5.03 -27.13 -16.58
N LYS A 372 -4.69 -25.93 -17.02
CA LYS A 372 -5.51 -25.21 -17.98
C LYS A 372 -5.07 -25.40 -19.43
N LEU A 373 -3.91 -26.02 -19.66
CA LEU A 373 -3.39 -26.08 -21.02
C LEU A 373 -4.37 -26.75 -21.97
N ASN A 374 -5.19 -27.68 -21.47
CA ASN A 374 -6.09 -28.40 -22.34
C ASN A 374 -7.19 -27.51 -22.92
N ASP A 375 -7.47 -26.37 -22.30
CA ASP A 375 -8.60 -25.54 -22.69
C ASP A 375 -8.21 -24.38 -23.59
N LEU A 376 -6.94 -24.25 -23.94
CA LEU A 376 -6.44 -23.11 -24.70
C LEU A 376 -6.08 -23.52 -26.12
N CYS A 377 -5.95 -22.51 -26.98
CA CYS A 377 -5.46 -22.68 -28.33
C CYS A 377 -4.29 -21.74 -28.54
N PHE A 378 -3.16 -22.30 -28.97
CA PHE A 378 -1.91 -21.56 -29.10
C PHE A 378 -1.60 -21.28 -30.56
N THR A 379 -0.93 -20.16 -30.81
CA THR A 379 -0.63 -19.73 -32.17
C THR A 379 0.56 -20.51 -32.73
N ASN A 380 1.73 -20.36 -32.13
CA ASN A 380 2.91 -21.12 -32.51
C ASN A 380 3.47 -21.80 -31.26
N VAL A 381 3.75 -23.09 -31.37
CA VAL A 381 4.23 -23.89 -30.25
C VAL A 381 5.57 -24.50 -30.65
N TYR A 382 6.57 -24.35 -29.77
CA TYR A 382 7.91 -24.82 -30.08
C TYR A 382 8.43 -25.69 -28.94
N ALA A 383 9.10 -26.78 -29.30
CA ALA A 383 9.68 -27.69 -28.33
C ALA A 383 11.20 -27.67 -28.47
N ASP A 384 11.89 -27.31 -27.41
CA ASP A 384 13.34 -27.22 -27.38
C ASP A 384 13.88 -28.35 -26.52
N SER A 385 14.71 -29.20 -27.12
CA SER A 385 15.17 -30.43 -26.49
C SER A 385 16.68 -30.37 -26.27
N PHE A 386 17.11 -30.82 -25.10
CA PHE A 386 18.55 -30.92 -24.80
C PHE A 386 18.78 -31.67 -23.49
N VAL A 387 20.03 -32.05 -23.26
CA VAL A 387 20.45 -32.80 -22.06
C VAL A 387 21.31 -31.91 -21.18
N ILE A 388 21.02 -31.92 -19.88
CA ILE A 388 21.86 -31.26 -18.90
C ILE A 388 22.04 -32.21 -17.73
N ARG A 389 22.69 -31.73 -16.67
CA ARG A 389 22.81 -32.49 -15.44
C ARG A 389 21.87 -31.92 -14.38
N GLY A 390 21.55 -32.76 -13.40
CA GLY A 390 20.49 -32.39 -12.46
C GLY A 390 20.76 -31.09 -11.75
N ASP A 391 21.97 -30.92 -11.22
CA ASP A 391 22.31 -29.69 -10.52
C ASP A 391 22.14 -28.47 -11.42
N GLU A 392 21.94 -28.66 -12.71
CA GLU A 392 21.82 -27.58 -13.67
C GLU A 392 20.40 -27.37 -14.16
N VAL A 393 19.49 -28.31 -13.89
CA VAL A 393 18.09 -28.15 -14.30
C VAL A 393 17.46 -26.96 -13.60
N ARG A 394 18.07 -26.48 -12.52
CA ARG A 394 17.59 -25.25 -11.90
C ARG A 394 17.67 -24.09 -12.88
N GLN A 395 18.78 -23.99 -13.61
CA GLN A 395 19.08 -22.80 -14.40
C GLN A 395 18.15 -22.62 -15.58
N ILE A 396 17.36 -23.63 -15.94
CA ILE A 396 16.41 -23.50 -17.05
C ILE A 396 15.15 -22.90 -16.45
N ALA A 397 15.16 -21.59 -16.29
CA ALA A 397 14.05 -20.84 -15.74
C ALA A 397 14.37 -19.36 -15.87
N PRO A 398 13.37 -18.48 -16.01
CA PRO A 398 13.68 -17.07 -16.23
C PRO A 398 14.47 -16.47 -15.08
N GLY A 399 15.43 -15.63 -15.43
CA GLY A 399 16.16 -14.84 -14.45
C GLY A 399 17.30 -15.54 -13.76
N GLN A 400 17.51 -16.83 -14.01
CA GLN A 400 18.57 -17.55 -13.33
C GLN A 400 19.92 -17.17 -13.89
N THR A 401 20.98 -17.54 -13.17
CA THR A 401 22.35 -17.28 -13.58
C THR A 401 23.18 -18.54 -13.39
N GLY A 402 24.14 -18.73 -14.27
CA GLY A 402 24.97 -19.92 -14.24
C GLY A 402 25.52 -20.21 -15.62
N LYS A 403 26.24 -21.32 -15.70
CA LYS A 403 26.88 -21.68 -16.96
C LYS A 403 25.85 -21.92 -18.06
N ILE A 404 24.82 -22.71 -17.77
CA ILE A 404 23.81 -23.00 -18.79
C ILE A 404 22.99 -21.75 -19.07
N ALA A 405 22.54 -21.05 -18.02
CA ALA A 405 21.68 -19.90 -18.21
C ALA A 405 22.40 -18.74 -18.88
N ASP A 406 23.72 -18.79 -18.99
CA ASP A 406 24.49 -17.69 -19.54
C ASP A 406 25.12 -18.01 -20.89
N TYR A 407 25.73 -19.18 -21.03
CA TYR A 407 26.50 -19.50 -22.22
C TYR A 407 25.86 -20.53 -23.12
N ASN A 408 24.81 -21.23 -22.67
CA ASN A 408 24.25 -22.32 -23.45
C ASN A 408 22.80 -22.11 -23.84
N TYR A 409 21.92 -21.85 -22.89
CA TYR A 409 20.49 -21.76 -23.15
C TYR A 409 19.89 -20.78 -22.17
N LYS A 410 19.21 -19.74 -22.68
CA LYS A 410 18.65 -18.71 -21.82
C LYS A 410 17.18 -18.51 -22.14
N LEU A 411 16.37 -18.37 -21.10
CA LEU A 411 14.94 -18.09 -21.25
C LEU A 411 14.68 -16.61 -21.03
N PRO A 412 13.79 -16.00 -21.81
CA PRO A 412 13.48 -14.58 -21.58
C PRO A 412 12.75 -14.37 -20.28
N ASP A 413 12.91 -13.17 -19.72
CA ASP A 413 12.25 -12.86 -18.46
C ASP A 413 10.74 -12.93 -18.59
N ASP A 414 10.21 -12.70 -19.78
CA ASP A 414 8.77 -12.76 -20.04
C ASP A 414 8.37 -14.08 -20.69
N PHE A 415 9.03 -15.17 -20.31
CA PHE A 415 8.74 -16.47 -20.90
C PHE A 415 7.31 -16.89 -20.59
N THR A 416 6.68 -17.57 -21.55
CA THR A 416 5.36 -18.15 -21.37
C THR A 416 5.39 -19.56 -21.95
N GLY A 417 5.48 -20.55 -21.07
CA GLY A 417 5.60 -21.92 -21.51
C GLY A 417 5.95 -22.82 -20.35
N CYS A 418 6.26 -24.06 -20.68
CA CYS A 418 6.44 -25.12 -19.70
C CYS A 418 7.79 -25.81 -19.87
N VAL A 419 8.50 -25.98 -18.76
CA VAL A 419 9.77 -26.70 -18.72
C VAL A 419 9.50 -28.09 -18.15
N ILE A 420 9.94 -29.11 -18.86
CA ILE A 420 9.76 -30.51 -18.47
C ILE A 420 11.13 -31.16 -18.45
N ALA A 421 11.42 -31.92 -17.40
CA ALA A 421 12.74 -32.52 -17.25
C ALA A 421 12.62 -33.84 -16.53
N TRP A 422 13.28 -34.87 -17.07
CA TRP A 422 13.29 -36.19 -16.43
C TRP A 422 14.64 -36.86 -16.61
N ASN A 423 14.98 -37.70 -15.63
CA ASN A 423 16.27 -38.39 -15.62
C ASN A 423 16.34 -39.40 -16.76
N SER A 424 17.50 -39.45 -17.42
CA SER A 424 17.73 -40.35 -18.54
C SER A 424 19.01 -41.14 -18.30
N ASN A 425 19.24 -41.57 -17.06
CA ASN A 425 20.41 -42.38 -16.76
C ASN A 425 20.37 -43.72 -17.46
N ASN A 426 19.20 -44.15 -17.91
CA ASN A 426 19.03 -45.45 -18.55
C ASN A 426 19.17 -45.39 -20.06
N LEU A 427 19.32 -44.21 -20.66
CA LEU A 427 19.51 -44.09 -22.10
C LEU A 427 20.63 -43.15 -22.48
N ASP A 428 21.36 -42.58 -21.53
CA ASP A 428 22.35 -41.56 -21.84
C ASP A 428 23.67 -41.72 -21.09
N SER A 429 23.82 -42.71 -20.24
CA SER A 429 25.07 -42.97 -19.54
C SER A 429 25.49 -44.41 -19.80
N LYS A 430 26.79 -44.60 -20.04
CA LYS A 430 27.33 -45.90 -20.41
C LYS A 430 28.45 -46.28 -19.45
N VAL A 431 28.66 -47.58 -19.31
CA VAL A 431 29.67 -48.08 -18.37
C VAL A 431 31.02 -47.45 -18.66
N GLY A 432 31.41 -47.43 -19.93
CA GLY A 432 32.66 -46.81 -20.31
C GLY A 432 32.62 -45.30 -20.38
N GLY A 433 31.45 -44.70 -20.16
CA GLY A 433 31.32 -43.25 -20.15
C GLY A 433 30.75 -42.70 -21.44
N ASN A 434 29.62 -42.01 -21.33
CA ASN A 434 29.00 -41.34 -22.46
C ASN A 434 29.57 -39.93 -22.51
N TYR A 435 30.55 -39.73 -23.39
CA TYR A 435 31.19 -38.43 -23.59
C TYR A 435 30.66 -37.73 -24.83
N ASN A 436 29.48 -38.12 -25.29
CA ASN A 436 28.93 -37.62 -26.55
C ASN A 436 28.01 -36.42 -26.34
N TYR A 437 27.87 -35.93 -25.11
CA TYR A 437 27.08 -34.75 -24.80
C TYR A 437 28.00 -33.64 -24.32
N LEU A 438 27.82 -32.44 -24.87
CA LEU A 438 28.73 -31.34 -24.66
C LEU A 438 27.98 -30.12 -24.15
N TYR A 439 28.70 -29.25 -23.45
CA TYR A 439 28.16 -27.96 -23.03
C TYR A 439 29.23 -26.90 -23.12
N ARG A 440 28.80 -25.68 -23.42
CA ARG A 440 29.69 -24.54 -23.49
C ARG A 440 30.12 -24.14 -22.08
N LEU A 441 31.42 -23.94 -21.87
CA LEU A 441 31.95 -23.63 -20.56
C LEU A 441 32.58 -22.26 -20.49
N PHE A 442 33.15 -21.74 -21.57
CA PHE A 442 33.64 -20.37 -21.64
C PHE A 442 32.95 -19.64 -22.77
N ARG A 443 32.78 -18.34 -22.58
CA ARG A 443 32.25 -17.49 -23.64
C ARG A 443 32.43 -16.04 -23.23
N LYS A 444 32.66 -15.19 -24.23
CA LYS A 444 33.01 -13.81 -23.95
C LYS A 444 31.87 -13.04 -23.32
N SER A 445 30.62 -13.40 -23.63
CA SER A 445 29.48 -12.69 -23.09
C SER A 445 28.29 -13.63 -23.01
N ASN A 446 27.32 -13.25 -22.18
CA ASN A 446 26.12 -14.05 -22.03
C ASN A 446 25.31 -14.06 -23.32
N LEU A 447 24.58 -15.14 -23.53
CA LEU A 447 23.71 -15.24 -24.69
C LEU A 447 22.47 -14.36 -24.51
N LYS A 448 21.89 -13.99 -25.64
CA LYS A 448 20.55 -13.41 -25.63
C LYS A 448 19.51 -14.53 -25.55
N PRO A 449 18.29 -14.21 -25.13
CA PRO A 449 17.28 -15.27 -24.98
C PRO A 449 17.06 -16.01 -26.29
N PHE A 450 16.92 -17.33 -26.17
CA PHE A 450 16.67 -18.21 -27.31
C PHE A 450 17.70 -18.02 -28.42
N GLU A 451 18.95 -17.80 -28.04
CA GLU A 451 20.04 -17.62 -29.00
C GLU A 451 20.96 -18.82 -28.93
N ARG A 452 21.15 -19.48 -30.06
CA ARG A 452 22.00 -20.65 -30.15
C ARG A 452 23.40 -20.25 -30.57
N ASP A 453 24.38 -21.01 -30.08
CA ASP A 453 25.78 -20.81 -30.45
C ASP A 453 26.45 -22.17 -30.56
N ILE A 454 26.84 -22.53 -31.77
CA ILE A 454 27.53 -23.78 -32.02
C ILE A 454 28.97 -23.54 -32.50
N SER A 455 29.53 -22.38 -32.17
CA SER A 455 30.91 -22.09 -32.52
C SER A 455 31.86 -22.94 -31.69
N THR A 456 33.08 -23.13 -32.22
CA THR A 456 34.10 -23.91 -31.55
C THR A 456 35.46 -23.20 -31.59
N GLU A 457 35.48 -21.90 -31.78
CA GLU A 457 36.73 -21.15 -31.77
C GLU A 457 37.37 -21.23 -30.40
N ILE A 458 38.70 -21.19 -30.38
CA ILE A 458 39.45 -21.33 -29.14
C ILE A 458 39.25 -20.08 -28.28
N TYR A 459 38.98 -20.29 -27.00
CA TYR A 459 38.72 -19.21 -26.06
C TYR A 459 40.00 -18.88 -25.31
N GLN A 460 40.44 -17.63 -25.42
CA GLN A 460 41.60 -17.15 -24.70
C GLN A 460 41.20 -16.84 -23.26
N ALA A 461 41.65 -17.67 -22.32
CA ALA A 461 41.28 -17.51 -20.93
C ALA A 461 42.21 -16.59 -20.16
N GLY A 462 43.48 -16.51 -20.55
CA GLY A 462 44.44 -15.70 -19.81
C GLY A 462 44.82 -14.43 -20.52
N SER A 463 46.10 -14.10 -20.52
CA SER A 463 46.62 -12.91 -21.17
C SER A 463 47.66 -13.27 -22.23
N THR A 464 47.52 -14.44 -22.83
CA THR A 464 48.48 -14.93 -23.82
C THR A 464 47.82 -14.97 -25.19
N PRO A 465 48.02 -13.95 -26.03
CA PRO A 465 47.42 -13.98 -27.38
C PRO A 465 47.79 -15.26 -28.09
N CYS A 466 46.77 -16.07 -28.43
CA CYS A 466 47.01 -17.44 -28.87
C CYS A 466 46.21 -17.79 -30.12
N ASN A 467 46.23 -16.92 -31.13
CA ASN A 467 45.64 -17.29 -32.40
C ASN A 467 46.22 -18.62 -32.83
N GLY A 468 45.37 -19.64 -32.95
CA GLY A 468 45.80 -20.97 -33.33
C GLY A 468 45.64 -21.95 -32.17
N VAL A 469 45.95 -23.21 -32.49
CA VAL A 469 45.84 -24.27 -31.50
C VAL A 469 46.86 -24.07 -30.38
N GLU A 470 48.06 -23.61 -30.73
CA GLU A 470 49.09 -23.40 -29.74
C GLU A 470 48.77 -22.20 -28.87
N GLY A 471 49.33 -22.20 -27.66
CA GLY A 471 49.08 -21.13 -26.71
C GLY A 471 48.87 -21.66 -25.31
N PHE A 472 48.95 -20.76 -24.32
CA PHE A 472 48.80 -21.13 -22.92
C PHE A 472 47.53 -20.49 -22.36
N ASN A 473 46.86 -21.22 -21.47
CA ASN A 473 45.59 -20.77 -20.91
C ASN A 473 44.62 -20.40 -22.02
N CYS A 474 44.60 -21.22 -23.07
CA CYS A 474 43.67 -21.06 -24.18
C CYS A 474 42.98 -22.39 -24.38
N TYR A 475 41.67 -22.40 -24.16
CA TYR A 475 40.92 -23.63 -24.00
C TYR A 475 39.92 -23.81 -25.13
N PHE A 476 39.62 -25.06 -25.42
CA PHE A 476 38.55 -25.36 -26.36
C PHE A 476 37.22 -25.06 -25.67
N PRO A 477 36.35 -24.22 -26.25
CA PRO A 477 35.23 -23.69 -25.47
C PRO A 477 34.29 -24.74 -24.94
N LEU A 478 34.13 -25.87 -25.61
CA LEU A 478 33.19 -26.90 -25.20
C LEU A 478 33.83 -27.83 -24.18
N GLN A 479 32.98 -28.51 -23.42
CA GLN A 479 33.42 -29.49 -22.44
C GLN A 479 32.39 -30.61 -22.40
N SER A 480 32.86 -31.85 -22.22
CA SER A 480 32.01 -33.02 -22.30
C SER A 480 31.60 -33.47 -20.91
N TYR A 481 30.30 -33.77 -20.76
CA TYR A 481 29.81 -34.33 -19.51
C TYR A 481 30.33 -35.75 -19.33
N GLY A 482 30.83 -36.04 -18.14
CA GLY A 482 31.24 -37.39 -17.80
C GLY A 482 30.12 -38.21 -17.18
N PHE A 483 29.15 -38.64 -17.98
CA PHE A 483 27.98 -39.31 -17.46
C PHE A 483 28.29 -40.78 -17.19
N GLN A 484 29.05 -41.01 -16.13
CA GLN A 484 29.21 -42.38 -15.65
C GLN A 484 27.93 -42.83 -14.95
N PRO A 485 27.44 -44.05 -15.21
CA PRO A 485 26.24 -44.51 -14.51
C PRO A 485 26.41 -44.58 -13.01
N THR A 486 27.64 -44.56 -12.52
CA THR A 486 27.91 -44.54 -11.09
C THR A 486 27.82 -43.14 -10.50
N ASN A 487 27.64 -42.11 -11.32
CA ASN A 487 27.54 -40.75 -10.80
C ASN A 487 26.33 -40.62 -9.88
N GLY A 488 26.45 -39.73 -8.90
CA GLY A 488 25.28 -39.36 -8.13
C GLY A 488 24.22 -38.76 -9.02
N VAL A 489 22.96 -38.96 -8.63
CA VAL A 489 21.84 -38.47 -9.43
C VAL A 489 22.03 -37.00 -9.77
N GLY A 490 22.69 -36.24 -8.89
CA GLY A 490 22.95 -34.84 -9.18
C GLY A 490 23.82 -34.64 -10.39
N TYR A 491 24.59 -35.64 -10.79
CA TYR A 491 25.47 -35.56 -11.95
C TYR A 491 25.04 -36.46 -13.08
N GLN A 492 23.93 -37.16 -12.95
CA GLN A 492 23.44 -38.01 -14.01
C GLN A 492 22.81 -37.17 -15.12
N PRO A 493 22.59 -37.76 -16.28
CA PRO A 493 21.94 -37.01 -17.37
C PRO A 493 20.47 -36.71 -17.07
N TYR A 494 19.98 -35.68 -17.74
CA TYR A 494 18.59 -35.22 -17.56
C TYR A 494 18.11 -34.65 -18.89
N ARG A 495 17.08 -35.28 -19.44
CA ARG A 495 16.48 -34.81 -20.68
C ARG A 495 15.47 -33.71 -20.38
N VAL A 496 15.58 -32.60 -21.09
CA VAL A 496 14.76 -31.41 -20.85
C VAL A 496 14.10 -31.00 -22.16
N VAL A 497 12.79 -30.80 -22.10
CA VAL A 497 11.99 -30.25 -23.20
C VAL A 497 11.31 -28.99 -22.69
N VAL A 498 11.49 -27.90 -23.42
CA VAL A 498 10.90 -26.60 -23.09
C VAL A 498 9.88 -26.28 -24.18
N LEU A 499 8.62 -26.18 -23.79
CA LEU A 499 7.54 -25.82 -24.69
C LEU A 499 7.28 -24.32 -24.57
N SER A 500 7.43 -23.60 -25.67
CA SER A 500 7.18 -22.16 -25.73
C SER A 500 5.90 -21.94 -26.53
N PHE A 501 4.95 -21.24 -25.92
CA PHE A 501 3.70 -20.87 -26.54
C PHE A 501 3.71 -19.39 -26.89
N GLU A 502 2.64 -18.97 -27.55
CA GLU A 502 2.40 -17.55 -27.83
C GLU A 502 0.88 -17.39 -27.81
N LEU A 503 0.33 -17.02 -26.65
CA LEU A 503 -1.12 -17.06 -26.47
C LEU A 503 -1.80 -15.94 -27.24
N LEU A 504 -1.54 -14.69 -26.84
CA LEU A 504 -2.03 -13.48 -27.50
C LEU A 504 -3.08 -13.72 -28.58
N HIS A 505 -2.92 -13.14 -29.76
CA HIS A 505 -3.92 -13.19 -30.83
C HIS A 505 -3.33 -13.89 -32.05
N ALA A 506 -4.03 -13.78 -33.17
CA ALA A 506 -3.61 -14.31 -34.47
C ALA A 506 -4.07 -15.74 -34.62
N PRO A 507 -4.26 -16.21 -35.86
CA PRO A 507 -4.88 -17.53 -36.06
C PRO A 507 -4.27 -18.63 -35.22
N ALA A 508 -5.07 -19.18 -34.30
CA ALA A 508 -4.59 -20.26 -33.47
C ALA A 508 -4.48 -21.53 -34.29
N THR A 509 -3.43 -22.29 -34.02
CA THR A 509 -3.09 -23.46 -34.83
C THR A 509 -3.05 -24.74 -34.01
N VAL A 510 -2.47 -24.70 -32.82
CA VAL A 510 -2.46 -25.84 -31.91
C VAL A 510 -3.53 -25.63 -30.87
N CYS A 511 -4.44 -26.59 -30.75
CA CYS A 511 -5.58 -26.50 -29.85
C CYS A 511 -5.62 -27.70 -28.93
N GLY A 512 -6.49 -27.62 -27.92
CA GLY A 512 -6.67 -28.71 -26.99
C GLY A 512 -7.74 -29.67 -27.45
N PRO A 513 -7.97 -30.70 -26.66
CA PRO A 513 -8.96 -31.73 -27.00
C PRO A 513 -10.38 -31.30 -26.63
N LYS A 514 -10.77 -30.12 -27.09
CA LYS A 514 -12.04 -29.51 -26.73
C LYS A 514 -13.00 -29.68 -27.89
N LYS A 515 -14.19 -30.21 -27.60
CA LYS A 515 -15.17 -30.46 -28.64
C LYS A 515 -15.93 -29.20 -28.99
N SER A 516 -16.17 -29.00 -30.28
CA SER A 516 -16.90 -27.83 -30.75
C SER A 516 -18.40 -28.06 -30.62
N THR A 517 -19.16 -26.99 -30.85
CA THR A 517 -20.62 -27.03 -30.79
C THR A 517 -21.17 -26.15 -31.90
N ASN A 518 -22.49 -26.07 -31.95
CA ASN A 518 -23.13 -25.26 -32.97
C ASN A 518 -23.01 -23.78 -32.64
N LEU A 519 -23.27 -22.94 -33.65
CA LEU A 519 -23.21 -21.50 -33.51
C LEU A 519 -24.62 -20.93 -33.59
N VAL A 520 -24.98 -20.13 -32.61
CA VAL A 520 -26.34 -19.59 -32.48
C VAL A 520 -26.26 -18.07 -32.51
N LYS A 521 -27.11 -17.46 -33.31
CA LYS A 521 -27.13 -16.02 -33.50
C LYS A 521 -28.26 -15.38 -32.69
N ASN A 522 -28.05 -14.12 -32.31
CA ASN A 522 -29.11 -13.28 -31.79
C ASN A 522 -29.68 -13.81 -30.48
N LYS A 523 -28.80 -14.27 -29.60
CA LYS A 523 -29.19 -14.72 -28.26
C LYS A 523 -28.01 -14.53 -27.33
N CYS A 524 -28.26 -13.96 -26.15
CA CYS A 524 -27.19 -13.79 -25.18
C CYS A 524 -26.67 -15.17 -24.80
N VAL A 525 -25.44 -15.48 -25.21
CA VAL A 525 -24.85 -16.79 -25.01
C VAL A 525 -23.45 -16.63 -24.44
N ASN A 526 -23.02 -17.66 -23.73
CA ASN A 526 -21.62 -17.81 -23.36
C ASN A 526 -20.87 -18.44 -24.53
N PHE A 527 -19.77 -17.84 -24.93
CA PHE A 527 -19.03 -18.31 -26.09
C PHE A 527 -17.56 -18.49 -25.73
N ASN A 528 -16.92 -19.42 -26.45
CA ASN A 528 -15.49 -19.71 -26.29
C ASN A 528 -14.92 -19.95 -27.68
N PHE A 529 -14.39 -18.89 -28.29
CA PHE A 529 -13.74 -18.96 -29.60
C PHE A 529 -12.25 -19.17 -29.38
N ASN A 530 -11.78 -20.39 -29.62
CA ASN A 530 -10.38 -20.79 -29.49
C ASN A 530 -9.70 -20.03 -28.35
N GLY A 531 -10.23 -20.15 -27.14
CA GLY A 531 -9.63 -19.61 -25.94
C GLY A 531 -10.29 -18.34 -25.43
N LEU A 532 -10.73 -17.48 -26.33
CA LEU A 532 -11.41 -16.24 -25.95
C LEU A 532 -12.80 -16.59 -25.43
N THR A 533 -13.01 -16.41 -24.12
CA THR A 533 -14.27 -16.71 -23.48
C THR A 533 -14.99 -15.42 -23.14
N GLY A 534 -16.29 -15.39 -23.39
CA GLY A 534 -17.08 -14.21 -23.10
C GLY A 534 -18.55 -14.51 -23.06
N THR A 535 -19.35 -13.46 -22.85
CA THR A 535 -20.80 -13.57 -22.79
C THR A 535 -21.41 -12.41 -23.57
N GLY A 536 -22.30 -12.72 -24.49
CA GLY A 536 -22.97 -11.68 -25.24
C GLY A 536 -23.75 -12.26 -26.40
N VAL A 537 -24.30 -11.34 -27.19
CA VAL A 537 -25.04 -11.68 -28.41
C VAL A 537 -24.10 -11.53 -29.60
N LEU A 538 -24.16 -12.49 -30.51
CA LEU A 538 -23.31 -12.55 -31.68
C LEU A 538 -24.12 -12.21 -32.91
N THR A 539 -23.51 -11.50 -33.85
CA THR A 539 -24.22 -11.08 -35.06
C THR A 539 -23.24 -11.07 -36.23
N GLU A 540 -23.79 -11.08 -37.44
CA GLU A 540 -22.96 -10.98 -38.63
C GLU A 540 -22.27 -9.62 -38.66
N SER A 541 -21.01 -9.62 -39.08
CA SER A 541 -20.16 -8.44 -39.00
C SER A 541 -19.80 -7.92 -40.38
N ASN A 542 -19.66 -6.60 -40.48
CA ASN A 542 -19.21 -5.95 -41.69
C ASN A 542 -17.69 -5.75 -41.74
N LYS A 543 -16.99 -6.17 -40.69
CA LYS A 543 -15.56 -5.97 -40.60
C LYS A 543 -14.81 -6.98 -41.45
N LYS A 544 -13.75 -6.54 -42.11
CA LYS A 544 -12.94 -7.38 -42.99
C LYS A 544 -11.56 -7.53 -42.36
N PHE A 545 -11.37 -8.61 -41.62
CA PHE A 545 -10.06 -8.92 -41.06
C PHE A 545 -9.07 -9.25 -42.16
N LEU A 546 -7.83 -8.86 -41.95
CA LEU A 546 -6.78 -9.35 -42.83
C LEU A 546 -6.45 -10.79 -42.47
N PRO A 547 -5.90 -11.56 -43.42
CA PRO A 547 -5.71 -13.00 -43.19
C PRO A 547 -5.03 -13.35 -41.86
N PHE A 548 -4.27 -12.42 -41.29
CA PHE A 548 -3.46 -12.72 -40.12
C PHE A 548 -4.06 -12.20 -38.82
N GLN A 549 -5.34 -11.80 -38.83
CA GLN A 549 -6.00 -11.27 -37.64
C GLN A 549 -7.15 -12.19 -37.26
N GLN A 550 -7.22 -12.52 -35.96
CA GLN A 550 -8.25 -13.42 -35.45
C GLN A 550 -9.24 -12.74 -34.52
N PHE A 551 -8.83 -11.71 -33.78
CA PHE A 551 -9.69 -11.06 -32.81
C PHE A 551 -9.66 -9.56 -33.03
N GLY A 552 -10.84 -8.94 -33.06
CA GLY A 552 -10.94 -7.49 -33.00
C GLY A 552 -10.82 -7.01 -31.57
N ARG A 553 -10.80 -5.69 -31.42
CA ARG A 553 -10.68 -5.09 -30.10
C ARG A 553 -11.30 -3.70 -30.12
N ASP A 554 -11.55 -3.18 -28.91
CA ASP A 554 -12.20 -1.90 -28.74
C ASP A 554 -11.36 -0.99 -27.85
N ILE A 555 -11.93 0.14 -27.45
CA ILE A 555 -11.19 1.12 -26.65
C ILE A 555 -10.78 0.53 -25.32
N ALA A 556 -11.67 -0.26 -24.70
CA ALA A 556 -11.41 -0.83 -23.38
C ALA A 556 -10.75 -2.21 -23.45
N ASP A 557 -10.05 -2.51 -24.54
CA ASP A 557 -9.42 -3.81 -24.73
C ASP A 557 -10.45 -4.93 -24.60
N THR A 558 -11.62 -4.70 -25.17
CA THR A 558 -12.72 -5.65 -25.19
C THR A 558 -12.94 -6.12 -26.62
N THR A 559 -13.09 -7.42 -26.81
CA THR A 559 -13.22 -7.99 -28.14
C THR A 559 -14.60 -7.68 -28.70
N ASP A 560 -14.66 -6.79 -29.69
CA ASP A 560 -15.90 -6.43 -30.33
C ASP A 560 -16.18 -7.27 -31.57
N ALA A 561 -15.26 -8.13 -31.98
CA ALA A 561 -15.48 -9.00 -33.12
C ALA A 561 -14.51 -10.17 -33.04
N VAL A 562 -14.88 -11.27 -33.68
CA VAL A 562 -14.08 -12.49 -33.66
C VAL A 562 -14.29 -13.24 -34.95
N ARG A 563 -13.23 -13.90 -35.42
CA ARG A 563 -13.30 -14.73 -36.61
C ARG A 563 -13.67 -16.15 -36.21
N ASP A 564 -14.66 -16.72 -36.87
CA ASP A 564 -15.09 -18.08 -36.55
C ASP A 564 -14.02 -19.06 -37.00
N PRO A 565 -13.47 -19.90 -36.12
CA PRO A 565 -12.37 -20.78 -36.53
C PRO A 565 -12.75 -21.87 -37.50
N GLN A 566 -14.03 -22.00 -37.88
CA GLN A 566 -14.46 -23.03 -38.80
C GLN A 566 -15.08 -22.46 -40.07
N THR A 567 -16.02 -21.54 -39.96
CA THR A 567 -16.65 -20.96 -41.14
C THR A 567 -15.95 -19.69 -41.62
N LEU A 568 -14.88 -19.26 -40.95
CA LEU A 568 -14.10 -18.09 -41.35
C LEU A 568 -14.98 -16.86 -41.56
N GLU A 569 -16.08 -16.75 -40.82
CA GLU A 569 -16.92 -15.58 -40.85
C GLU A 569 -16.62 -14.70 -39.64
N ILE A 570 -16.72 -13.39 -39.83
CA ILE A 570 -16.44 -12.42 -38.79
C ILE A 570 -17.75 -12.08 -38.10
N LEU A 571 -17.79 -12.25 -36.77
CA LEU A 571 -18.97 -12.02 -35.98
C LEU A 571 -18.71 -10.89 -34.99
N ASP A 572 -19.65 -9.96 -34.92
CA ASP A 572 -19.61 -8.91 -33.93
C ASP A 572 -20.23 -9.38 -32.62
N ILE A 573 -19.59 -9.02 -31.52
CA ILE A 573 -20.04 -9.34 -30.17
C ILE A 573 -20.58 -8.09 -29.53
N THR A 574 -21.77 -8.16 -28.93
CA THR A 574 -22.29 -7.05 -28.16
C THR A 574 -22.86 -7.57 -26.85
N PRO A 575 -22.60 -6.90 -25.73
CA PRO A 575 -23.12 -7.41 -24.45
C PRO A 575 -24.64 -7.34 -24.42
N CYS A 576 -25.26 -8.29 -23.75
CA CYS A 576 -26.71 -8.34 -23.75
C CYS A 576 -27.27 -7.41 -22.66
N SER A 577 -28.58 -7.16 -22.76
CA SER A 577 -29.20 -6.01 -22.11
C SER A 577 -28.85 -5.93 -20.64
N PHE A 578 -28.65 -4.69 -20.16
CA PHE A 578 -28.49 -4.45 -18.74
C PHE A 578 -28.79 -2.98 -18.45
N GLY A 579 -29.03 -2.71 -17.18
CA GLY A 579 -29.31 -1.35 -16.76
C GLY A 579 -29.70 -1.29 -15.29
N GLY A 580 -29.86 -0.07 -14.80
CA GLY A 580 -30.27 0.11 -13.42
C GLY A 580 -31.77 -0.02 -13.26
N VAL A 581 -32.20 -0.33 -12.03
CA VAL A 581 -33.62 -0.44 -11.70
C VAL A 581 -33.89 0.45 -10.51
N SER A 582 -34.91 1.29 -10.60
CA SER A 582 -35.31 2.19 -9.53
C SER A 582 -36.71 1.83 -9.06
N VAL A 583 -37.00 2.06 -7.78
CA VAL A 583 -38.28 1.74 -7.19
C VAL A 583 -38.92 3.03 -6.69
N ILE A 584 -40.02 3.42 -7.33
CA ILE A 584 -40.81 4.57 -6.89
C ILE A 584 -41.77 4.08 -5.82
N THR A 585 -41.66 4.65 -4.63
CA THR A 585 -42.48 4.26 -3.49
C THR A 585 -43.13 5.51 -2.91
N PRO A 586 -44.46 5.52 -2.74
CA PRO A 586 -45.11 6.66 -2.09
C PRO A 586 -44.97 6.71 -0.58
N GLY A 587 -44.12 5.89 0.00
CA GLY A 587 -43.95 5.84 1.44
C GLY A 587 -44.76 4.72 2.07
N THR A 588 -44.12 3.94 2.94
CA THR A 588 -44.83 2.85 3.58
C THR A 588 -45.95 3.36 4.48
N ASN A 589 -45.80 4.56 5.03
CA ASN A 589 -46.86 5.14 5.84
C ASN A 589 -48.14 5.34 5.03
N THR A 590 -48.03 5.38 3.70
CA THR A 590 -49.17 5.61 2.82
C THR A 590 -49.66 4.32 2.16
N SER A 591 -48.77 3.59 1.49
CA SER A 591 -49.16 2.37 0.81
C SER A 591 -47.93 1.49 0.60
N ASN A 592 -48.18 0.22 0.31
CA ASN A 592 -47.13 -0.73 0.01
C ASN A 592 -46.95 -0.95 -1.49
N GLN A 593 -47.73 -0.26 -2.33
CA GLN A 593 -47.52 -0.37 -3.76
C GLN A 593 -46.21 0.29 -4.16
N VAL A 594 -45.67 -0.16 -5.29
CA VAL A 594 -44.42 0.37 -5.82
C VAL A 594 -44.48 0.32 -7.32
N ALA A 595 -43.84 1.30 -7.96
CA ALA A 595 -43.62 1.29 -9.39
C ALA A 595 -42.14 1.04 -9.65
N VAL A 596 -41.83 0.45 -10.79
CA VAL A 596 -40.45 0.08 -11.12
C VAL A 596 -40.05 0.81 -12.39
N LEU A 597 -38.93 1.49 -12.36
CA LEU A 597 -38.37 2.17 -13.50
C LEU A 597 -37.15 1.40 -13.97
N TYR A 598 -37.25 0.81 -15.17
CA TYR A 598 -36.11 0.17 -15.81
C TYR A 598 -35.46 1.20 -16.70
N GLN A 599 -34.21 1.56 -16.39
CA GLN A 599 -33.54 2.68 -17.02
C GLN A 599 -32.79 2.26 -18.27
N ASP A 600 -32.71 3.18 -19.23
CA ASP A 600 -32.03 2.96 -20.51
C ASP A 600 -32.38 1.60 -21.11
N VAL A 601 -33.60 1.15 -20.89
CA VAL A 601 -34.14 -0.04 -21.51
C VAL A 601 -35.45 0.36 -22.17
N ASN A 602 -35.73 -0.18 -23.36
CA ASN A 602 -36.87 0.36 -24.10
C ASN A 602 -38.10 0.13 -23.24
N CYS A 603 -38.75 -1.03 -23.34
CA CYS A 603 -38.63 -2.11 -22.38
C CYS A 603 -39.21 -3.38 -22.98
N THR A 604 -39.17 -3.49 -24.32
CA THR A 604 -39.48 -4.75 -24.98
C THR A 604 -38.55 -5.86 -24.52
N GLU A 605 -37.48 -5.53 -23.80
CA GLU A 605 -36.56 -6.50 -23.24
C GLU A 605 -36.97 -6.98 -21.85
N VAL A 606 -37.58 -6.12 -21.05
CA VAL A 606 -37.72 -6.37 -19.61
C VAL A 606 -38.43 -7.69 -19.31
N PRO A 607 -39.51 -8.06 -20.02
CA PRO A 607 -40.34 -9.18 -19.53
C PRO A 607 -39.55 -10.38 -19.05
N VAL A 608 -38.66 -10.92 -19.90
CA VAL A 608 -37.83 -12.06 -19.53
C VAL A 608 -36.34 -11.73 -19.50
N ALA A 609 -35.97 -10.46 -19.71
CA ALA A 609 -34.57 -10.07 -19.66
C ALA A 609 -34.00 -10.09 -18.25
N ILE A 610 -34.84 -10.28 -17.22
CA ILE A 610 -34.38 -10.33 -15.84
C ILE A 610 -33.99 -11.76 -15.51
N HIS A 611 -34.06 -12.65 -16.50
CA HIS A 611 -34.00 -14.09 -16.25
C HIS A 611 -35.16 -14.51 -15.36
N ALA A 612 -36.36 -14.17 -15.81
CA ALA A 612 -37.56 -14.33 -14.98
C ALA A 612 -37.80 -15.77 -14.60
N ASP A 613 -37.23 -16.72 -15.34
CA ASP A 613 -37.45 -18.13 -15.03
C ASP A 613 -37.02 -18.46 -13.61
N GLN A 614 -35.80 -18.06 -13.23
CA GLN A 614 -35.28 -18.31 -11.89
C GLN A 614 -35.40 -17.03 -11.07
N LEU A 615 -36.63 -16.73 -10.65
CA LEU A 615 -36.91 -15.60 -9.78
C LEU A 615 -38.20 -15.89 -9.01
N THR A 616 -38.65 -14.91 -8.23
CA THR A 616 -39.88 -15.05 -7.48
C THR A 616 -41.05 -14.47 -8.25
N PRO A 617 -42.24 -15.07 -8.18
CA PRO A 617 -43.39 -14.50 -8.89
C PRO A 617 -43.72 -13.09 -8.45
N THR A 618 -43.46 -12.74 -7.18
CA THR A 618 -43.75 -11.40 -6.70
C THR A 618 -43.01 -10.35 -7.52
N TRP A 619 -41.72 -10.58 -7.78
CA TRP A 619 -40.98 -9.65 -8.62
C TRP A 619 -41.48 -9.69 -10.06
N ARG A 620 -41.80 -10.89 -10.56
CA ARG A 620 -42.30 -11.02 -11.92
C ARG A 620 -43.60 -10.26 -12.13
N VAL A 621 -44.35 -9.98 -11.05
CA VAL A 621 -45.54 -9.16 -11.18
C VAL A 621 -45.19 -7.80 -11.76
N TYR A 622 -44.00 -7.29 -11.46
CA TYR A 622 -43.55 -6.00 -11.95
C TYR A 622 -42.75 -6.11 -13.25
N SER A 623 -42.64 -7.31 -13.83
CA SER A 623 -41.99 -7.48 -15.12
C SER A 623 -42.92 -7.21 -16.29
N THR A 624 -44.22 -7.39 -16.10
CA THR A 624 -45.19 -7.16 -17.16
C THR A 624 -46.50 -6.69 -16.53
N GLY A 625 -47.45 -6.31 -17.39
CA GLY A 625 -48.74 -5.84 -16.93
C GLY A 625 -49.36 -4.86 -17.89
N SER A 626 -50.59 -4.41 -17.59
CA SER A 626 -51.27 -3.47 -18.47
C SER A 626 -50.69 -2.07 -18.33
N ASN A 627 -49.95 -1.80 -17.25
CA ASN A 627 -49.39 -0.48 -16.96
C ASN A 627 -47.91 -0.50 -17.31
N VAL A 628 -47.61 -0.26 -18.59
CA VAL A 628 -46.25 -0.11 -19.08
C VAL A 628 -46.17 1.23 -19.80
N PHE A 629 -45.36 2.15 -19.28
CA PHE A 629 -45.30 3.50 -19.82
C PHE A 629 -43.87 3.81 -20.25
N GLN A 630 -43.68 4.19 -21.50
CA GLN A 630 -42.38 4.51 -22.04
C GLN A 630 -42.04 5.95 -21.71
N THR A 631 -40.82 6.18 -21.20
CA THR A 631 -40.35 7.53 -20.91
C THR A 631 -38.88 7.63 -21.32
N ARG A 632 -38.39 8.86 -21.44
CA ARG A 632 -37.02 9.06 -21.86
C ARG A 632 -36.03 8.55 -20.83
N ALA A 633 -36.50 8.22 -19.63
CA ALA A 633 -35.66 7.62 -18.60
C ALA A 633 -35.85 6.11 -18.50
N GLY A 634 -36.38 5.47 -19.55
CA GLY A 634 -36.59 4.03 -19.54
C GLY A 634 -38.05 3.67 -19.70
N CYS A 635 -38.55 2.70 -18.95
CA CYS A 635 -39.99 2.58 -18.86
C CYS A 635 -40.40 2.27 -17.43
N LEU A 636 -41.67 2.50 -17.17
CA LEU A 636 -42.25 2.49 -15.84
C LEU A 636 -43.34 1.45 -15.80
N ILE A 637 -43.23 0.51 -14.87
CA ILE A 637 -44.17 -0.57 -14.67
C ILE A 637 -44.90 -0.32 -13.36
N GLY A 638 -46.22 -0.36 -13.40
CA GLY A 638 -47.02 -0.13 -12.22
C GLY A 638 -47.55 1.27 -12.05
N ALA A 639 -47.40 2.12 -13.07
CA ALA A 639 -47.86 3.50 -13.01
C ALA A 639 -48.82 3.76 -14.15
N GLU A 640 -49.94 4.40 -13.85
CA GLU A 640 -50.93 4.76 -14.85
C GLU A 640 -50.62 6.15 -15.39
N HIS A 641 -50.55 6.26 -16.72
CA HIS A 641 -50.23 7.53 -17.36
C HIS A 641 -51.50 8.35 -17.52
N VAL A 642 -51.59 9.45 -16.79
CA VAL A 642 -52.72 10.36 -16.86
C VAL A 642 -52.34 11.50 -17.80
N ASN A 643 -53.34 12.06 -18.48
CA ASN A 643 -53.12 13.10 -19.47
C ASN A 643 -53.22 14.50 -18.89
N ASN A 644 -53.40 14.63 -17.58
CA ASN A 644 -53.44 15.92 -16.92
C ASN A 644 -52.21 16.06 -16.04
N SER A 645 -51.88 17.32 -15.72
CA SER A 645 -50.63 17.67 -15.08
C SER A 645 -50.85 18.19 -13.67
N TYR A 646 -49.90 17.87 -12.79
CA TYR A 646 -49.87 18.37 -11.42
C TYR A 646 -48.46 18.86 -11.11
N GLU A 647 -48.26 19.30 -9.88
CA GLU A 647 -46.92 19.61 -9.41
C GLU A 647 -46.13 18.31 -9.22
N CYS A 648 -44.81 18.43 -9.30
CA CYS A 648 -43.95 17.26 -9.23
C CYS A 648 -43.89 16.75 -7.80
N ASP A 649 -44.24 15.48 -7.61
CA ASP A 649 -44.15 14.83 -6.30
C ASP A 649 -42.91 13.94 -6.22
N ILE A 650 -42.78 12.99 -7.14
CA ILE A 650 -41.60 12.12 -7.21
C ILE A 650 -41.01 12.26 -8.61
N PRO A 651 -39.82 12.83 -8.76
CA PRO A 651 -39.29 13.08 -10.12
C PRO A 651 -38.74 11.82 -10.75
N ILE A 652 -39.35 11.40 -11.87
CA ILE A 652 -38.81 10.30 -12.66
C ILE A 652 -37.73 10.80 -13.59
N GLY A 653 -38.00 11.89 -14.30
CA GLY A 653 -37.04 12.46 -15.22
C GLY A 653 -37.65 12.84 -16.55
N ALA A 654 -36.95 13.68 -17.31
CA ALA A 654 -37.39 14.09 -18.64
C ALA A 654 -38.79 14.69 -18.60
N GLY A 655 -39.11 15.40 -17.52
CA GLY A 655 -40.40 16.03 -17.38
C GLY A 655 -41.49 15.15 -16.81
N ILE A 656 -41.22 13.87 -16.57
CA ILE A 656 -42.20 12.95 -16.02
C ILE A 656 -41.98 12.85 -14.52
N CYS A 657 -43.05 13.08 -13.76
CA CYS A 657 -43.08 12.86 -12.33
C CYS A 657 -44.15 11.82 -12.01
N ALA A 658 -44.10 11.30 -10.79
CA ALA A 658 -45.03 10.28 -10.34
C ALA A 658 -45.57 10.65 -8.97
N SER A 659 -46.81 10.26 -8.72
CA SER A 659 -47.44 10.55 -7.44
C SER A 659 -48.41 9.42 -7.11
N TYR A 660 -48.95 9.46 -5.89
CA TYR A 660 -49.89 8.46 -5.41
C TYR A 660 -51.22 9.18 -5.21
N GLN A 661 -52.17 8.93 -6.10
CA GLN A 661 -53.38 9.75 -6.18
C GLN A 661 -54.63 8.91 -6.19
N THR A 662 -55.71 9.48 -5.64
CA THR A 662 -57.04 8.88 -5.70
C THR A 662 -57.59 9.07 -7.10
N GLN A 663 -57.38 8.07 -7.96
CA GLN A 663 -57.71 8.21 -9.37
C GLN A 663 -59.20 8.43 -9.59
N THR A 664 -60.05 7.97 -8.66
CA THR A 664 -61.50 8.10 -8.80
C THR A 664 -61.99 7.51 -10.12
N ASN A 665 -61.39 6.39 -10.52
CA ASN A 665 -61.75 5.68 -11.73
C ASN A 665 -62.83 4.65 -11.39
N SER A 666 -63.10 3.73 -12.32
CA SER A 666 -64.07 2.68 -12.06
C SER A 666 -63.80 1.94 -10.75
N PRO A 667 -62.55 1.53 -10.45
CA PRO A 667 -62.28 1.05 -9.09
C PRO A 667 -62.57 2.11 -8.04
N GLY A 668 -62.32 3.37 -8.36
CA GLY A 668 -62.59 4.46 -7.44
C GLY A 668 -64.06 4.54 -7.07
N SER A 669 -64.93 4.49 -8.08
CA SER A 669 -66.37 4.50 -7.82
C SER A 669 -66.79 3.22 -7.10
N ALA A 670 -66.22 2.08 -7.50
CA ALA A 670 -66.60 0.81 -6.88
C ALA A 670 -66.00 0.68 -5.49
N SER A 671 -64.67 0.74 -5.40
CA SER A 671 -64.00 0.55 -4.12
C SER A 671 -64.38 1.65 -3.15
N SER A 672 -64.66 1.26 -1.90
CA SER A 672 -64.95 2.25 -0.86
C SER A 672 -63.76 3.16 -0.62
N VAL A 673 -62.56 2.60 -0.60
CA VAL A 673 -61.35 3.39 -0.39
C VAL A 673 -61.08 4.35 -1.53
N ALA A 674 -61.84 4.28 -2.62
CA ALA A 674 -61.54 5.04 -3.83
C ALA A 674 -60.11 4.72 -4.29
N SER A 675 -59.95 3.46 -4.70
CA SER A 675 -58.64 2.85 -4.86
C SER A 675 -57.61 3.82 -5.40
N GLN A 676 -56.54 4.02 -4.64
CA GLN A 676 -55.51 4.98 -4.99
C GLN A 676 -54.36 4.23 -5.66
N SER A 677 -53.95 4.72 -6.83
CA SER A 677 -52.87 4.12 -7.58
C SER A 677 -51.69 5.08 -7.67
N ILE A 678 -50.65 4.65 -8.36
CA ILE A 678 -49.50 5.48 -8.69
C ILE A 678 -49.68 5.96 -10.11
N ILE A 679 -49.69 7.28 -10.29
CA ILE A 679 -49.92 7.91 -11.58
C ILE A 679 -48.64 8.59 -12.02
N ALA A 680 -48.33 8.46 -13.31
CA ALA A 680 -47.20 9.14 -13.94
C ALA A 680 -47.75 10.23 -14.85
N TYR A 681 -47.22 11.44 -14.72
CA TYR A 681 -47.74 12.59 -15.44
C TYR A 681 -46.59 13.49 -15.85
N THR A 682 -46.91 14.43 -16.74
CA THR A 682 -45.98 15.50 -17.12
C THR A 682 -46.22 16.69 -16.19
N MET A 683 -45.19 17.06 -15.44
CA MET A 683 -45.36 18.04 -14.39
C MET A 683 -45.73 19.41 -14.96
N SER A 684 -46.52 20.14 -14.20
CA SER A 684 -46.93 21.50 -14.55
C SER A 684 -46.02 22.49 -13.84
N LEU A 685 -45.56 23.50 -14.59
CA LEU A 685 -44.58 24.43 -14.06
C LEU A 685 -45.19 25.33 -12.98
N GLY A 686 -46.44 25.71 -13.12
CA GLY A 686 -47.09 26.52 -12.11
C GLY A 686 -48.42 27.03 -12.58
N ALA A 687 -49.11 27.71 -11.66
CA ALA A 687 -50.40 28.29 -11.97
C ALA A 687 -50.26 29.26 -13.14
N GLU A 688 -51.21 29.19 -14.06
CA GLU A 688 -51.17 29.99 -15.28
C GLU A 688 -51.81 31.35 -15.03
N ASN A 689 -51.15 32.41 -15.48
CA ASN A 689 -51.58 33.77 -15.21
C ASN A 689 -51.27 34.66 -16.40
N SER A 690 -52.04 35.73 -16.54
CA SER A 690 -51.84 36.72 -17.59
C SER A 690 -52.19 38.09 -17.04
N VAL A 691 -51.20 38.98 -17.05
CA VAL A 691 -51.36 40.31 -16.47
C VAL A 691 -52.06 41.20 -17.48
N ALA A 692 -53.06 41.93 -17.02
CA ALA A 692 -53.85 42.78 -17.90
C ALA A 692 -53.05 44.01 -18.32
N TYR A 693 -52.14 43.83 -19.27
CA TYR A 693 -51.29 44.92 -19.71
C TYR A 693 -52.02 45.82 -20.70
N SER A 694 -51.99 47.12 -20.42
CA SER A 694 -52.44 48.14 -21.36
C SER A 694 -51.40 49.26 -21.34
N ASN A 695 -51.48 50.14 -22.32
CA ASN A 695 -50.54 51.25 -22.41
C ASN A 695 -50.97 52.46 -21.60
N ASN A 696 -52.11 52.40 -20.91
CA ASN A 696 -52.51 53.46 -19.99
C ASN A 696 -53.15 52.89 -18.74
N SER A 697 -52.70 51.73 -18.28
CA SER A 697 -53.27 51.06 -17.12
C SER A 697 -52.18 50.74 -16.12
N ILE A 698 -52.40 51.11 -14.87
CA ILE A 698 -51.44 50.86 -13.79
C ILE A 698 -52.21 50.24 -12.62
N ALA A 699 -51.68 49.17 -12.06
CA ALA A 699 -52.25 48.53 -10.88
C ALA A 699 -51.45 48.95 -9.67
N ILE A 700 -52.12 49.55 -8.69
CA ILE A 700 -51.43 50.04 -7.50
C ILE A 700 -52.00 49.33 -6.27
N PRO A 701 -51.17 48.92 -5.32
CA PRO A 701 -51.69 48.28 -4.10
C PRO A 701 -52.33 49.28 -3.15
N THR A 702 -53.37 48.80 -2.46
CA THR A 702 -54.09 49.58 -1.48
C THR A 702 -53.86 49.11 -0.05
N ASN A 703 -53.21 47.97 0.14
CA ASN A 703 -52.96 47.43 1.47
C ASN A 703 -51.63 46.69 1.43
N PHE A 704 -51.22 46.14 2.57
CA PHE A 704 -49.96 45.44 2.65
C PHE A 704 -50.05 44.34 3.68
N THR A 705 -49.08 43.43 3.63
CA THR A 705 -48.93 42.36 4.60
C THR A 705 -47.50 42.35 5.09
N ILE A 706 -47.32 42.19 6.40
CA ILE A 706 -46.00 41.98 6.99
C ILE A 706 -45.77 40.47 7.04
N SER A 707 -44.87 39.98 6.21
CA SER A 707 -44.62 38.55 6.09
C SER A 707 -43.29 38.22 6.77
N VAL A 708 -43.33 37.23 7.65
CA VAL A 708 -42.12 36.73 8.32
C VAL A 708 -41.81 35.35 7.75
N THR A 709 -40.68 35.25 7.07
CA THR A 709 -40.21 34.01 6.47
C THR A 709 -38.96 33.54 7.19
N THR A 710 -38.62 32.28 6.98
CA THR A 710 -37.49 31.65 7.66
C THR A 710 -36.46 31.19 6.65
N GLU A 711 -35.19 31.41 6.97
CA GLU A 711 -34.07 30.90 6.19
C GLU A 711 -33.09 30.21 7.11
N ILE A 712 -32.81 28.94 6.86
CA ILE A 712 -31.95 28.12 7.70
C ILE A 712 -30.64 27.93 6.96
N LEU A 713 -29.52 28.19 7.64
CA LEU A 713 -28.20 28.08 7.02
C LEU A 713 -27.25 27.32 7.94
N PRO A 714 -26.64 26.23 7.48
CA PRO A 714 -25.57 25.62 8.27
C PRO A 714 -24.34 26.50 8.32
N VAL A 715 -23.63 26.44 9.45
CA VAL A 715 -22.41 27.22 9.64
C VAL A 715 -21.23 26.38 10.07
N SER A 716 -21.44 25.21 10.66
CA SER A 716 -20.36 24.43 11.24
C SER A 716 -20.70 22.96 11.16
N MET A 717 -19.66 22.13 11.23
CA MET A 717 -19.82 20.69 11.29
C MET A 717 -18.91 20.14 12.38
N THR A 718 -19.22 18.91 12.81
CA THR A 718 -18.52 18.31 13.93
C THR A 718 -17.02 18.21 13.64
N LYS A 719 -16.22 18.62 14.62
CA LYS A 719 -14.78 18.56 14.51
C LYS A 719 -14.31 17.16 14.88
N THR A 720 -13.71 16.47 13.92
CA THR A 720 -13.31 15.08 14.10
C THR A 720 -11.80 14.96 13.92
N SER A 721 -11.18 14.18 14.80
CA SER A 721 -9.78 13.85 14.70
C SER A 721 -9.64 12.33 14.69
N VAL A 722 -8.68 11.83 13.91
CA VAL A 722 -8.45 10.40 13.78
C VAL A 722 -6.96 10.14 13.89
N ASP A 723 -6.58 9.21 14.75
CA ASP A 723 -5.20 8.74 14.83
C ASP A 723 -5.02 7.54 13.91
N CYS A 724 -4.11 7.67 12.93
CA CYS A 724 -3.77 6.52 12.10
C CYS A 724 -3.47 5.29 12.95
N THR A 725 -2.41 5.36 13.74
CA THR A 725 -1.85 4.14 14.31
C THR A 725 -2.90 3.34 15.06
N MET A 726 -3.89 4.02 15.65
CA MET A 726 -4.93 3.31 16.36
C MET A 726 -6.03 2.82 15.43
N TYR A 727 -6.14 3.36 14.23
CA TYR A 727 -7.15 2.93 13.28
C TYR A 727 -6.63 1.81 12.36
N ILE A 728 -5.42 1.98 11.85
CA ILE A 728 -4.84 1.00 10.95
C ILE A 728 -4.26 -0.18 11.71
N CYS A 729 -3.70 0.05 12.89
CA CYS A 729 -2.90 -0.96 13.57
C CYS A 729 -3.38 -1.33 14.96
N GLY A 730 -4.25 -0.54 15.58
CA GLY A 730 -4.67 -0.87 16.93
C GLY A 730 -3.49 -0.88 17.87
N ASP A 731 -3.33 -1.98 18.60
CA ASP A 731 -2.27 -2.13 19.58
C ASP A 731 -1.09 -2.95 19.07
N SER A 732 -1.02 -3.18 17.76
CA SER A 732 0.03 -4.01 17.19
C SER A 732 1.27 -3.15 16.92
N THR A 733 2.38 -3.49 17.57
CA THR A 733 3.63 -2.75 17.36
C THR A 733 4.27 -3.12 16.04
N GLU A 734 4.23 -4.39 15.67
CA GLU A 734 4.70 -4.83 14.37
C GLU A 734 3.93 -4.17 13.23
N CYS A 735 2.62 -4.01 13.39
CA CYS A 735 1.86 -3.27 12.39
C CYS A 735 2.33 -1.84 12.28
N SER A 736 2.62 -1.20 13.42
CA SER A 736 3.10 0.17 13.39
C SER A 736 4.46 0.27 12.71
N ASN A 737 5.33 -0.72 12.96
CA ASN A 737 6.62 -0.73 12.30
C ASN A 737 6.48 -0.89 10.79
N LEU A 738 5.52 -1.72 10.36
CA LEU A 738 5.25 -1.79 8.94
C LEU A 738 4.70 -0.47 8.41
N LEU A 739 3.84 0.19 9.20
CA LEU A 739 3.16 1.38 8.72
C LEU A 739 4.12 2.55 8.56
N LEU A 740 5.12 2.65 9.45
CA LEU A 740 6.01 3.80 9.36
C LEU A 740 6.86 3.78 8.09
N GLN A 741 6.87 2.68 7.35
CA GLN A 741 7.55 2.63 6.07
C GLN A 741 6.80 3.39 4.99
N TYR A 742 5.57 3.83 5.24
CA TYR A 742 4.77 4.53 4.24
C TYR A 742 4.97 6.04 4.27
N GLY A 743 5.72 6.57 5.25
CA GLY A 743 6.07 7.96 5.23
C GLY A 743 5.12 8.86 5.99
N SER A 744 4.92 10.08 5.47
CA SER A 744 4.16 11.11 6.14
C SER A 744 2.70 11.15 5.70
N PHE A 745 2.14 10.03 5.26
CA PHE A 745 0.72 9.99 4.93
C PHE A 745 -0.12 10.41 6.14
N CYS A 746 0.32 10.05 7.33
CA CYS A 746 -0.50 10.20 8.53
C CYS A 746 -0.40 11.58 9.16
N THR A 747 0.79 12.17 9.19
CA THR A 747 0.87 13.58 9.55
C THR A 747 0.02 14.41 8.60
N GLN A 748 0.00 14.03 7.33
CA GLN A 748 -0.80 14.76 6.34
C GLN A 748 -2.29 14.60 6.62
N LEU A 749 -2.73 13.37 6.89
CA LEU A 749 -4.14 13.16 7.20
C LEU A 749 -4.57 13.90 8.45
N ASN A 750 -3.72 13.91 9.48
CA ASN A 750 -4.04 14.67 10.68
C ASN A 750 -4.06 16.17 10.43
N ARG A 751 -3.15 16.67 9.60
CA ARG A 751 -3.13 18.08 9.27
C ARG A 751 -4.42 18.49 8.59
N ALA A 752 -4.91 17.66 7.65
CA ALA A 752 -6.14 18.01 6.95
C ALA A 752 -7.30 18.17 7.92
N LEU A 753 -7.46 17.22 8.85
CA LEU A 753 -8.57 17.27 9.77
C LEU A 753 -8.41 18.43 10.75
N THR A 754 -7.19 18.72 11.18
CA THR A 754 -6.97 19.85 12.07
C THR A 754 -7.34 21.16 11.38
N GLY A 755 -6.96 21.30 10.11
CA GLY A 755 -7.38 22.48 9.36
C GLY A 755 -8.88 22.58 9.25
N ILE A 756 -9.55 21.45 9.03
CA ILE A 756 -11.01 21.46 8.98
C ILE A 756 -11.58 21.98 10.29
N ALA A 757 -11.05 21.49 11.41
CA ALA A 757 -11.58 21.89 12.72
C ALA A 757 -11.39 23.38 12.98
N VAL A 758 -10.19 23.88 12.71
CA VAL A 758 -9.94 25.30 12.88
C VAL A 758 -10.88 26.12 12.00
N GLU A 759 -11.11 25.65 10.77
CA GLU A 759 -12.02 26.34 9.88
C GLU A 759 -13.45 26.33 10.42
N GLN A 760 -13.86 25.24 11.06
CA GLN A 760 -15.19 25.21 11.65
C GLN A 760 -15.33 26.25 12.75
N ASP A 761 -14.31 26.40 13.59
CA ASP A 761 -14.37 27.48 14.58
C ASP A 761 -14.43 28.85 13.92
N LYS A 762 -13.65 29.05 12.86
CA LYS A 762 -13.64 30.34 12.18
C LYS A 762 -15.00 30.65 11.56
N ASN A 763 -15.73 29.62 11.10
CA ASN A 763 -17.05 29.85 10.53
C ASN A 763 -17.99 30.47 11.54
N THR A 764 -18.09 29.87 12.73
CA THR A 764 -18.95 30.42 13.77
C THR A 764 -18.48 31.80 14.19
N GLN A 765 -17.17 31.99 14.31
CA GLN A 765 -16.67 33.30 14.70
C GLN A 765 -17.06 34.36 13.68
N GLU A 766 -17.01 34.03 12.41
CA GLU A 766 -17.36 35.00 11.38
C GLU A 766 -18.86 35.25 11.33
N VAL A 767 -19.68 34.24 11.59
CA VAL A 767 -21.12 34.42 11.47
C VAL A 767 -21.68 35.17 12.67
N PHE A 768 -21.16 34.92 13.87
CA PHE A 768 -21.80 35.42 15.09
C PHE A 768 -21.04 36.51 15.82
N ALA A 769 -19.74 36.67 15.58
CA ALA A 769 -18.93 37.66 16.29
C ALA A 769 -18.89 39.00 15.59
N GLN A 770 -19.96 39.37 14.88
CA GLN A 770 -20.01 40.62 14.15
C GLN A 770 -20.34 41.82 15.03
N VAL A 771 -20.66 41.62 16.30
CA VAL A 771 -21.05 42.70 17.20
C VAL A 771 -19.88 42.97 18.15
N LYS A 772 -19.51 44.25 18.26
CA LYS A 772 -18.41 44.64 19.13
C LYS A 772 -18.75 44.38 20.60
N GLN A 773 -19.96 44.73 21.01
CA GLN A 773 -20.33 44.76 22.42
C GLN A 773 -21.60 43.94 22.64
N ILE A 774 -21.78 43.51 23.88
CA ILE A 774 -22.93 42.69 24.26
C ILE A 774 -24.01 43.65 24.73
N TYR A 775 -24.89 44.03 23.81
CA TYR A 775 -26.00 44.91 24.15
C TYR A 775 -27.06 44.15 24.92
N LYS A 776 -27.82 44.88 25.74
CA LYS A 776 -28.88 44.31 26.55
C LYS A 776 -30.19 45.03 26.27
N THR A 777 -31.27 44.27 26.25
CA THR A 777 -32.59 44.81 26.01
C THR A 777 -33.08 45.58 27.24
N PRO A 778 -33.82 46.66 27.07
CA PRO A 778 -34.33 47.40 28.21
C PRO A 778 -35.21 46.52 29.07
N PRO A 779 -35.22 46.75 30.39
CA PRO A 779 -36.11 45.93 31.25
C PRO A 779 -37.57 46.00 30.85
N ILE A 780 -38.05 47.16 30.42
CA ILE A 780 -39.45 47.34 30.06
C ILE A 780 -39.60 47.13 28.55
N LYS A 781 -40.42 46.17 28.17
CA LYS A 781 -40.62 45.80 26.77
C LYS A 781 -41.83 46.52 26.18
N ASP A 782 -41.72 47.84 26.07
CA ASP A 782 -42.76 48.69 25.49
C ASP A 782 -42.23 49.23 24.17
N PHE A 783 -42.43 48.46 23.10
CA PHE A 783 -41.91 48.79 21.78
C PHE A 783 -43.00 49.26 20.82
N GLY A 784 -44.02 49.93 21.33
CA GLY A 784 -45.06 50.46 20.48
C GLY A 784 -46.05 49.45 19.96
N GLY A 785 -46.17 48.29 20.61
CA GLY A 785 -47.07 47.25 20.19
C GLY A 785 -46.40 46.06 19.56
N PHE A 786 -45.14 46.18 19.18
CA PHE A 786 -44.39 45.04 18.67
C PHE A 786 -43.88 44.21 19.85
N ASN A 787 -44.17 42.91 19.82
CA ASN A 787 -44.03 42.09 21.02
C ASN A 787 -42.58 41.60 21.21
N PHE A 788 -42.06 40.84 20.25
CA PHE A 788 -40.71 40.29 20.32
C PHE A 788 -40.55 39.18 21.37
N SER A 789 -41.60 38.89 22.13
CA SER A 789 -41.45 37.90 23.20
C SER A 789 -40.98 36.56 22.67
N GLN A 790 -41.32 36.24 21.43
CA GLN A 790 -41.01 34.92 20.89
C GLN A 790 -39.55 34.78 20.50
N ILE A 791 -38.85 35.87 20.23
CA ILE A 791 -37.46 35.81 19.76
C ILE A 791 -36.46 36.29 20.80
N LEU A 792 -36.89 36.99 21.83
CA LEU A 792 -35.97 37.47 22.85
C LEU A 792 -35.68 36.38 23.86
N PRO A 793 -34.51 36.45 24.53
CA PRO A 793 -34.16 35.41 25.49
C PRO A 793 -35.18 35.31 26.61
N ASP A 794 -35.38 34.09 27.10
CA ASP A 794 -36.37 33.82 28.13
C ASP A 794 -35.67 33.74 29.49
N PRO A 795 -35.88 34.69 30.39
CA PRO A 795 -35.18 34.61 31.69
C PRO A 795 -35.57 33.39 32.51
N SER A 796 -36.82 32.93 32.40
CA SER A 796 -37.30 31.78 33.17
C SER A 796 -36.95 30.46 32.46
N LYS A 797 -35.68 30.27 32.14
CA LYS A 797 -35.22 29.05 31.51
C LYS A 797 -33.76 28.87 31.89
N PRO A 798 -33.30 27.64 32.16
CA PRO A 798 -31.88 27.45 32.45
C PRO A 798 -30.97 27.84 31.30
N SER A 799 -31.41 27.65 30.06
CA SER A 799 -30.53 27.83 28.90
C SER A 799 -30.44 29.27 28.42
N LYS A 800 -31.33 30.16 28.87
CA LYS A 800 -31.35 31.54 28.40
C LYS A 800 -31.50 31.60 26.88
N ARG A 801 -32.47 30.84 26.37
CA ARG A 801 -32.73 30.75 24.95
C ARG A 801 -34.19 31.09 24.68
N SER A 802 -34.44 31.74 23.55
CA SER A 802 -35.79 32.14 23.21
C SER A 802 -36.63 30.93 22.82
N PRO A 803 -37.95 31.07 22.84
CA PRO A 803 -38.80 29.91 22.49
C PRO A 803 -38.50 29.30 21.14
N ILE A 804 -38.35 30.12 20.10
CA ILE A 804 -38.04 29.58 18.78
C ILE A 804 -36.71 28.85 18.82
N GLU A 805 -35.74 29.40 19.56
CA GLU A 805 -34.47 28.70 19.74
C GLU A 805 -34.67 27.37 20.46
N ASP A 806 -35.60 27.34 21.42
CA ASP A 806 -35.88 26.09 22.12
C ASP A 806 -36.39 25.03 21.16
N LEU A 807 -37.33 25.39 20.30
CA LEU A 807 -37.81 24.44 19.31
C LEU A 807 -36.70 24.01 18.36
N LEU A 808 -35.84 24.94 17.96
CA LEU A 808 -34.75 24.58 17.06
C LEU A 808 -33.81 23.57 17.72
N PHE A 809 -33.53 23.74 19.00
CA PHE A 809 -32.63 22.84 19.71
C PHE A 809 -33.29 21.56 20.18
N ASN A 810 -34.62 21.48 20.15
CA ASN A 810 -35.33 20.26 20.49
C ASN A 810 -35.92 19.56 19.27
N LYS A 811 -35.43 19.92 18.07
CA LYS A 811 -35.99 19.35 16.85
C LYS A 811 -34.89 18.72 16.00
N VAL A 812 -33.71 19.31 16.00
CA VAL A 812 -32.53 18.68 15.37
C VAL A 812 -31.92 17.80 16.45
N THR A 813 -32.46 16.60 16.57
CA THR A 813 -32.08 15.68 17.63
C THR A 813 -30.86 14.87 17.22
N LEU A 814 -29.91 14.75 18.14
CA LEU A 814 -28.69 14.00 17.88
C LEU A 814 -28.91 12.49 17.85
N ALA A 815 -30.10 12.02 18.22
CA ALA A 815 -30.36 10.59 18.25
C ALA A 815 -30.30 10.00 16.85
N ASP A 816 -29.87 8.74 16.78
CA ASP A 816 -29.80 8.00 15.52
C ASP A 816 -28.82 8.67 14.55
N ALA A 817 -27.59 8.89 15.03
CA ALA A 817 -26.53 9.47 14.20
C ALA A 817 -25.20 8.93 14.70
N GLY A 818 -24.77 7.82 14.11
CA GLY A 818 -23.51 7.21 14.51
C GLY A 818 -23.45 6.99 16.01
N PHE A 819 -22.27 7.22 16.59
CA PHE A 819 -22.10 7.19 18.03
C PHE A 819 -22.28 8.56 18.67
N ILE A 820 -22.43 9.62 17.88
CA ILE A 820 -22.59 10.96 18.43
C ILE A 820 -23.89 11.07 19.23
N LYS A 821 -24.88 10.21 18.96
CA LYS A 821 -26.12 10.25 19.71
C LYS A 821 -25.87 9.97 21.19
N GLN A 822 -25.08 8.94 21.49
CA GLN A 822 -24.77 8.63 22.88
C GLN A 822 -23.90 9.70 23.51
N TYR A 823 -23.01 10.32 22.73
CA TYR A 823 -22.22 11.43 23.26
C TYR A 823 -23.11 12.59 23.65
N GLY A 824 -24.11 12.92 22.82
CA GLY A 824 -25.04 13.96 23.16
C GLY A 824 -25.87 13.62 24.38
N ASP A 825 -26.35 12.38 24.46
CA ASP A 825 -27.10 11.96 25.65
C ASP A 825 -26.24 12.09 26.89
N CYS A 826 -24.98 11.67 26.81
CA CYS A 826 -24.02 11.87 27.89
C CYS A 826 -23.95 13.35 28.30
N LEU A 827 -23.76 14.23 27.33
CA LEU A 827 -23.69 15.65 27.64
C LEU A 827 -24.98 16.16 28.30
N GLY A 828 -26.09 15.47 28.08
CA GLY A 828 -27.36 15.86 28.69
C GLY A 828 -27.76 14.99 29.86
N ASP A 829 -26.82 14.21 30.39
CA ASP A 829 -27.10 13.33 31.52
C ASP A 829 -26.76 14.05 32.83
N ILE A 830 -27.72 14.11 33.73
CA ILE A 830 -27.55 14.75 35.03
C ILE A 830 -27.51 13.73 36.16
N ALA A 831 -28.48 12.82 36.19
CA ALA A 831 -28.53 11.83 37.27
C ALA A 831 -27.28 10.96 37.27
N ALA A 832 -26.85 10.51 36.10
CA ALA A 832 -25.66 9.66 35.97
C ALA A 832 -24.45 10.56 35.79
N ARG A 833 -23.75 10.83 36.89
CA ARG A 833 -22.56 11.67 36.86
C ARG A 833 -21.32 10.80 36.66
N ASP A 834 -20.16 11.45 36.52
CA ASP A 834 -18.89 10.76 36.32
C ASP A 834 -18.96 9.83 35.11
N LEU A 835 -19.41 10.39 33.99
CA LEU A 835 -19.52 9.66 32.73
C LEU A 835 -18.41 10.12 31.80
N ILE A 836 -17.40 9.27 31.62
CA ILE A 836 -16.34 9.51 30.65
C ILE A 836 -16.80 8.86 29.35
N CYS A 837 -17.58 9.61 28.57
CA CYS A 837 -18.16 9.13 27.33
C CYS A 837 -17.33 9.48 26.10
N ALA A 838 -16.18 10.12 26.28
CA ALA A 838 -15.21 10.25 25.20
C ALA A 838 -14.49 8.91 25.05
N GLN A 839 -13.43 8.88 24.24
CA GLN A 839 -12.71 7.64 23.99
C GLN A 839 -13.65 6.58 23.42
N LYS A 840 -14.34 6.96 22.35
CA LYS A 840 -15.49 6.20 21.91
C LYS A 840 -15.11 5.02 21.03
N PHE A 841 -14.31 5.28 19.99
CA PHE A 841 -14.11 4.28 18.94
C PHE A 841 -12.63 4.07 18.66
N ASN A 842 -12.32 3.44 17.51
CA ASN A 842 -10.96 3.07 17.17
C ASN A 842 -10.13 4.26 16.73
N GLY A 843 -9.71 5.09 17.67
CA GLY A 843 -8.89 6.23 17.36
C GLY A 843 -9.64 7.44 16.88
N LEU A 844 -10.97 7.42 16.91
CA LEU A 844 -11.80 8.52 16.41
C LEU A 844 -12.28 9.33 17.60
N THR A 845 -12.03 10.63 17.57
CA THR A 845 -12.44 11.53 18.64
C THR A 845 -13.14 12.73 18.05
N VAL A 846 -14.08 13.28 18.82
CA VAL A 846 -14.81 14.48 18.45
C VAL A 846 -14.37 15.60 19.39
N LEU A 847 -13.86 16.66 18.81
CA LEU A 847 -13.39 17.78 19.61
C LEU A 847 -14.54 18.74 19.89
N PRO A 848 -14.52 19.43 21.02
CA PRO A 848 -15.60 20.36 21.35
C PRO A 848 -15.42 21.68 20.64
N PRO A 849 -16.51 22.34 20.22
CA PRO A 849 -16.36 23.64 19.57
C PRO A 849 -15.83 24.70 20.53
N LEU A 850 -15.12 25.67 19.96
CA LEU A 850 -14.52 26.73 20.77
C LEU A 850 -15.59 27.54 21.49
N LEU A 851 -16.66 27.89 20.78
CA LEU A 851 -17.76 28.65 21.36
C LEU A 851 -18.87 27.69 21.75
N THR A 852 -19.23 27.70 23.03
CA THR A 852 -20.33 26.87 23.51
C THR A 852 -21.66 27.42 23.00
N ASP A 853 -22.72 26.63 23.21
CA ASP A 853 -24.05 27.06 22.78
C ASP A 853 -24.48 28.30 23.55
N GLU A 854 -24.10 28.39 24.82
CA GLU A 854 -24.45 29.56 25.62
C GLU A 854 -23.81 30.82 25.03
N MET A 855 -22.56 30.73 24.59
CA MET A 855 -21.90 31.90 24.02
C MET A 855 -22.56 32.34 22.72
N ILE A 856 -22.93 31.38 21.87
CA ILE A 856 -23.61 31.73 20.62
C ILE A 856 -24.96 32.35 20.91
N ALA A 857 -25.70 31.81 21.88
CA ALA A 857 -26.97 32.39 22.25
C ALA A 857 -26.79 33.81 22.79
N GLN A 858 -25.71 34.04 23.54
CA GLN A 858 -25.43 35.38 24.03
C GLN A 858 -25.14 36.34 22.88
N TYR A 859 -24.38 35.89 21.88
CA TYR A 859 -24.14 36.73 20.71
C TYR A 859 -25.44 37.06 20.00
N THR A 860 -26.32 36.07 19.84
CA THR A 860 -27.60 36.31 19.19
C THR A 860 -28.45 37.28 20.00
N SER A 861 -28.46 37.15 21.31
CA SER A 861 -29.19 38.09 22.15
C SER A 861 -28.65 39.50 21.96
N ALA A 862 -27.33 39.63 21.89
CA ALA A 862 -26.74 40.95 21.65
C ALA A 862 -27.19 41.52 20.31
N LEU A 863 -27.19 40.70 19.26
CA LEU A 863 -27.62 41.18 17.95
C LEU A 863 -29.08 41.62 18.00
N LEU A 864 -29.94 40.81 18.61
CA LEU A 864 -31.36 41.16 18.69
C LEU A 864 -31.56 42.45 19.47
N ALA A 865 -30.91 42.57 20.62
CA ALA A 865 -31.06 43.77 21.43
C ALA A 865 -30.59 45.00 20.69
N GLY A 866 -29.45 44.90 20.01
CA GLY A 866 -28.95 46.02 19.24
C GLY A 866 -29.92 46.41 18.13
N THR A 867 -30.46 45.43 17.41
CA THR A 867 -31.38 45.75 16.33
C THR A 867 -32.65 46.41 16.86
N ILE A 868 -33.18 45.92 17.98
CA ILE A 868 -34.44 46.43 18.50
C ILE A 868 -34.25 47.84 19.08
N THR A 869 -33.15 48.07 19.79
CA THR A 869 -32.97 49.32 20.51
C THR A 869 -32.22 50.38 19.71
N SER A 870 -31.54 50.00 18.63
CA SER A 870 -30.71 50.93 17.89
C SER A 870 -30.91 50.86 16.39
N GLY A 871 -31.57 49.84 15.87
CA GLY A 871 -31.86 49.77 14.46
C GLY A 871 -30.72 49.20 13.65
N TRP A 872 -30.00 50.09 12.97
N TRP A 872 -30.01 50.08 12.93
CA TRP A 872 -28.91 49.71 12.09
CA TRP A 872 -28.89 49.68 12.10
C TRP A 872 -27.62 50.45 12.43
C TRP A 872 -27.60 50.42 12.45
N THR A 873 -27.66 51.36 13.40
CA THR A 873 -26.48 52.14 13.73
C THR A 873 -25.41 51.34 14.44
N PHE A 874 -25.81 50.34 15.24
CA PHE A 874 -24.82 49.58 15.99
C PHE A 874 -23.89 48.80 15.07
N GLY A 875 -24.30 48.54 13.83
CA GLY A 875 -23.43 47.86 12.88
C GLY A 875 -22.49 48.78 12.14
N ALA A 876 -22.74 50.09 12.16
CA ALA A 876 -21.90 51.04 11.47
C ALA A 876 -20.94 51.74 12.42
N GLY A 877 -21.39 52.07 13.62
CA GLY A 877 -20.57 52.76 14.58
C GLY A 877 -21.17 52.67 15.98
N PRO A 878 -21.14 53.78 16.72
CA PRO A 878 -21.78 53.77 18.04
C PRO A 878 -23.26 53.46 17.94
N ALA A 879 -23.76 52.74 18.93
CA ALA A 879 -25.18 52.36 18.96
C ALA A 879 -25.99 53.56 19.41
N LEU A 880 -26.82 54.08 18.51
CA LEU A 880 -27.65 55.25 18.78
C LEU A 880 -29.09 54.80 18.91
N GLN A 881 -29.71 55.10 20.05
CA GLN A 881 -31.06 54.63 20.33
C GLN A 881 -32.08 55.41 19.52
N ILE A 882 -33.19 54.74 19.23
CA ILE A 882 -34.30 55.34 18.49
C ILE A 882 -35.55 54.52 18.80
N PRO A 883 -36.70 55.13 19.03
CA PRO A 883 -37.90 54.33 19.29
C PRO A 883 -38.22 53.43 18.11
N PHE A 884 -38.73 52.24 18.42
CA PHE A 884 -38.96 51.26 17.36
C PHE A 884 -39.92 51.74 16.29
N PRO A 885 -41.04 52.40 16.61
CA PRO A 885 -41.90 52.89 15.53
C PRO A 885 -41.19 53.80 14.54
N MET A 886 -40.30 54.68 15.01
CA MET A 886 -39.57 55.52 14.07
C MET A 886 -38.57 54.71 13.27
N GLN A 887 -37.95 53.70 13.88
CA GLN A 887 -37.11 52.80 13.12
C GLN A 887 -37.88 52.17 11.97
N MET A 888 -39.07 51.65 12.26
CA MET A 888 -39.87 51.02 11.21
C MET A 888 -40.32 52.04 10.18
N ALA A 889 -40.57 53.28 10.59
CA ALA A 889 -40.88 54.32 9.62
C ALA A 889 -39.71 54.55 8.66
N TYR A 890 -38.49 54.57 9.20
CA TYR A 890 -37.32 54.67 8.34
C TYR A 890 -37.26 53.50 7.36
N ARG A 891 -37.47 52.29 7.87
CA ARG A 891 -37.36 51.12 7.02
C ARG A 891 -38.51 51.03 6.02
N PHE A 892 -39.61 51.73 6.29
CA PHE A 892 -40.65 51.89 5.28
C PHE A 892 -40.21 52.88 4.20
N ASN A 893 -39.58 53.98 4.59
CA ASN A 893 -38.99 54.87 3.61
C ASN A 893 -38.00 54.11 2.73
N GLY A 894 -37.22 53.22 3.33
CA GLY A 894 -36.20 52.50 2.58
C GLY A 894 -36.77 51.69 1.44
N ILE A 895 -38.01 51.23 1.57
CA ILE A 895 -38.67 50.43 0.53
C ILE A 895 -39.56 51.28 -0.35
N GLY A 896 -39.53 52.60 -0.20
CA GLY A 896 -40.27 53.49 -1.06
C GLY A 896 -41.64 53.88 -0.56
N VAL A 897 -41.96 53.62 0.70
CA VAL A 897 -43.25 53.96 1.29
C VAL A 897 -43.04 55.06 2.31
N THR A 898 -43.92 56.05 2.31
CA THR A 898 -43.75 57.22 3.16
C THR A 898 -43.90 56.87 4.63
N GLN A 899 -43.46 57.79 5.48
CA GLN A 899 -43.48 57.57 6.92
C GLN A 899 -44.90 57.38 7.42
N ASN A 900 -45.82 58.22 6.98
CA ASN A 900 -47.15 58.24 7.56
C ASN A 900 -47.84 56.89 7.44
N VAL A 901 -47.60 56.18 6.33
CA VAL A 901 -48.25 54.90 6.11
C VAL A 901 -48.05 53.98 7.31
N LEU A 902 -46.96 54.16 8.05
CA LEU A 902 -46.77 53.39 9.27
C LEU A 902 -47.51 54.01 10.45
N TYR A 903 -47.28 55.31 10.69
CA TYR A 903 -47.86 55.94 11.86
C TYR A 903 -49.39 55.90 11.81
N GLU A 904 -49.96 56.08 10.63
CA GLU A 904 -51.41 56.03 10.49
C GLU A 904 -51.96 54.62 10.54
N ASN A 905 -51.11 53.59 10.41
CA ASN A 905 -51.54 52.20 10.48
C ASN A 905 -50.79 51.43 11.57
N GLN A 906 -50.12 52.14 12.48
CA GLN A 906 -49.17 51.49 13.39
C GLN A 906 -49.76 50.25 14.03
N LYS A 907 -50.87 50.42 14.75
CA LYS A 907 -51.46 49.30 15.46
C LYS A 907 -51.63 48.10 14.53
N LEU A 908 -52.27 48.33 13.38
CA LEU A 908 -52.48 47.23 12.44
C LEU A 908 -51.18 46.52 12.14
N ILE A 909 -50.15 47.29 11.75
CA ILE A 909 -48.88 46.68 11.40
C ILE A 909 -48.39 45.81 12.53
N ALA A 910 -48.43 46.33 13.76
CA ALA A 910 -47.97 45.54 14.90
C ALA A 910 -48.72 44.22 14.96
N ASN A 911 -50.06 44.28 14.87
CA ASN A 911 -50.84 43.06 14.97
C ASN A 911 -50.44 42.06 13.89
N GLN A 912 -50.08 42.54 12.70
CA GLN A 912 -49.58 41.63 11.68
C GLN A 912 -48.26 41.00 12.13
N PHE A 913 -47.30 41.85 12.51
CA PHE A 913 -45.99 41.33 12.89
C PHE A 913 -46.13 40.28 13.99
N ASN A 914 -46.82 40.64 15.08
CA ASN A 914 -47.00 39.72 16.18
C ASN A 914 -47.65 38.43 15.71
N SER A 915 -48.60 38.53 14.78
CA SER A 915 -49.22 37.31 14.25
C SER A 915 -48.19 36.49 13.48
N ALA A 916 -47.45 37.13 12.59
CA ALA A 916 -46.54 36.39 11.74
C ALA A 916 -45.54 35.60 12.57
N ILE A 917 -44.93 36.25 13.56
CA ILE A 917 -43.97 35.56 14.42
C ILE A 917 -44.62 34.33 15.04
N GLY A 918 -45.85 34.48 15.52
CA GLY A 918 -46.54 33.35 16.11
C GLY A 918 -46.58 32.17 15.17
N LYS A 919 -46.89 32.42 13.91
CA LYS A 919 -46.99 31.32 12.95
C LYS A 919 -45.66 30.60 12.81
N ILE A 920 -44.54 31.33 12.87
CA ILE A 920 -43.25 30.67 12.81
C ILE A 920 -43.16 29.61 13.89
N GLN A 921 -43.59 29.96 15.10
CA GLN A 921 -43.57 29.00 16.19
C GLN A 921 -44.23 27.69 15.78
N ASP A 922 -45.36 27.78 15.08
CA ASP A 922 -46.05 26.57 14.63
C ASP A 922 -45.32 25.94 13.46
N SER A 923 -44.88 26.76 12.49
CA SER A 923 -44.36 26.20 11.25
C SER A 923 -43.15 25.31 11.51
N LEU A 924 -42.23 25.74 12.38
CA LEU A 924 -41.12 24.89 12.76
C LEU A 924 -41.61 23.66 13.51
N SER A 925 -42.55 23.85 14.45
CA SER A 925 -43.05 22.73 15.23
C SER A 925 -43.73 21.70 14.35
N SER A 926 -44.70 22.16 13.55
CA SER A 926 -45.34 21.31 12.55
C SER A 926 -44.44 21.26 11.32
N THR A 927 -45.00 20.79 10.20
CA THR A 927 -44.24 20.77 8.95
C THR A 927 -42.98 19.94 9.14
N PRO A 928 -43.09 18.63 9.28
CA PRO A 928 -41.90 17.82 9.57
C PRO A 928 -40.84 17.99 8.50
N SER A 929 -39.58 17.92 8.94
CA SER A 929 -38.42 18.12 8.07
C SER A 929 -38.33 19.57 7.59
N ALA A 930 -38.54 20.50 8.53
CA ALA A 930 -38.31 21.92 8.28
C ALA A 930 -36.86 22.29 8.50
N LEU A 931 -36.24 21.77 9.55
CA LEU A 931 -34.81 21.93 9.80
C LEU A 931 -34.02 20.85 9.09
N GLY A 932 -34.27 20.70 7.79
CA GLY A 932 -33.72 19.57 7.06
C GLY A 932 -32.26 19.69 6.70
N LYS A 933 -31.77 20.92 6.51
CA LYS A 933 -30.39 21.09 6.08
C LYS A 933 -29.41 20.79 7.20
N LEU A 934 -29.68 21.29 8.40
CA LEU A 934 -28.82 20.98 9.54
C LEU A 934 -28.82 19.49 9.83
N GLN A 935 -30.00 18.87 9.82
CA GLN A 935 -30.09 17.44 10.05
C GLN A 935 -29.37 16.68 8.95
N ASP A 936 -29.42 17.18 7.72
CA ASP A 936 -28.70 16.53 6.62
C ASP A 936 -27.21 16.54 6.87
N VAL A 937 -26.68 17.69 7.32
CA VAL A 937 -25.25 17.78 7.62
C VAL A 937 -24.89 16.77 8.71
N VAL A 938 -25.66 16.74 9.79
CA VAL A 938 -25.37 15.83 10.89
C VAL A 938 -25.42 14.38 10.41
N ASN A 939 -26.47 14.03 9.66
CA ASN A 939 -26.66 12.65 9.24
C ASN A 939 -25.54 12.21 8.30
N GLN A 940 -25.14 13.06 7.36
CA GLN A 940 -24.10 12.66 6.43
C GLN A 940 -22.75 12.52 7.12
N ASN A 941 -22.44 13.40 8.08
CA ASN A 941 -21.20 13.20 8.84
C ASN A 941 -21.22 11.88 9.61
N ALA A 942 -22.33 11.59 10.27
CA ALA A 942 -22.43 10.33 11.02
C ALA A 942 -22.31 9.14 10.09
N GLN A 943 -22.93 9.19 8.91
CA GLN A 943 -22.86 8.09 7.97
C GLN A 943 -21.44 7.87 7.50
N ALA A 944 -20.71 8.95 7.19
CA ALA A 944 -19.34 8.80 6.74
C ALA A 944 -18.49 8.15 7.83
N LEU A 945 -18.67 8.58 9.07
CA LEU A 945 -17.84 8.06 10.15
C LEU A 945 -18.19 6.60 10.43
N ASN A 946 -19.47 6.24 10.32
CA ASN A 946 -19.87 4.85 10.48
C ASN A 946 -19.27 3.97 9.40
N THR A 947 -19.23 4.46 8.16
CA THR A 947 -18.57 3.69 7.11
C THR A 947 -17.08 3.53 7.40
N LEU A 948 -16.45 4.58 7.89
CA LEU A 948 -15.04 4.48 8.26
C LEU A 948 -14.82 3.39 9.28
N VAL A 949 -15.71 3.28 10.26
CA VAL A 949 -15.55 2.22 11.26
C VAL A 949 -15.82 0.85 10.65
N LYS A 950 -16.88 0.71 9.86
CA LYS A 950 -17.19 -0.58 9.26
C LYS A 950 -16.06 -1.10 8.38
N GLN A 951 -15.29 -0.20 7.77
CA GLN A 951 -14.20 -0.65 6.91
C GLN A 951 -13.19 -1.50 7.67
N LEU A 952 -13.13 -1.40 8.99
CA LEU A 952 -12.21 -2.21 9.78
C LEU A 952 -12.59 -3.69 9.78
N SER A 953 -13.78 -4.04 9.32
CA SER A 953 -14.24 -5.41 9.27
C SER A 953 -13.97 -6.08 7.93
N SER A 954 -13.24 -5.43 7.04
CA SER A 954 -13.00 -5.96 5.70
C SER A 954 -11.63 -6.60 5.61
N ASN A 955 -11.56 -7.71 4.88
CA ASN A 955 -10.32 -8.46 4.73
C ASN A 955 -9.34 -7.77 3.78
N PHE A 956 -9.86 -7.13 2.74
CA PHE A 956 -9.03 -6.59 1.66
C PHE A 956 -8.21 -7.69 1.01
N GLY A 957 -8.73 -8.91 0.99
CA GLY A 957 -8.06 -10.05 0.42
C GLY A 957 -7.16 -10.81 1.37
N ALA A 958 -6.92 -10.29 2.57
CA ALA A 958 -6.14 -11.03 3.55
C ALA A 958 -6.95 -12.19 4.10
N ILE A 959 -6.31 -13.01 4.94
CA ILE A 959 -6.99 -14.18 5.48
C ILE A 959 -8.04 -13.79 6.51
N SER A 960 -7.79 -12.75 7.30
CA SER A 960 -8.74 -12.32 8.31
C SER A 960 -8.61 -10.82 8.50
N SER A 961 -9.71 -10.19 8.89
CA SER A 961 -9.68 -8.77 9.20
C SER A 961 -9.05 -8.47 10.55
N VAL A 962 -9.00 -9.45 11.44
CA VAL A 962 -8.39 -9.28 12.75
C VAL A 962 -6.90 -9.52 12.62
N LEU A 963 -6.10 -8.55 13.08
CA LEU A 963 -4.67 -8.65 12.93
C LEU A 963 -4.06 -9.62 13.93
N ASN A 964 -4.64 -9.72 15.12
CA ASN A 964 -4.18 -10.72 16.09
C ASN A 964 -4.38 -12.13 15.56
N ASP A 965 -5.44 -12.36 14.79
CA ASP A 965 -5.63 -13.67 14.18
C ASP A 965 -4.53 -13.96 13.18
N ILE A 966 -4.14 -12.96 12.37
CA ILE A 966 -3.08 -13.18 11.40
C ILE A 966 -1.77 -13.49 12.10
N LEU A 967 -1.47 -12.77 13.17
CA LEU A 967 -0.19 -12.94 13.84
C LEU A 967 -0.22 -14.01 14.92
N SER A 968 -1.35 -14.67 15.12
CA SER A 968 -1.43 -15.87 15.96
C SER A 968 -1.80 -17.09 15.13
N ARG A 969 -1.68 -16.99 13.81
CA ARG A 969 -2.03 -18.08 12.93
C ARG A 969 -1.06 -18.21 11.75
N LEU A 970 0.05 -17.47 11.75
CA LEU A 970 0.98 -17.52 10.65
C LEU A 970 2.35 -17.05 11.11
N ASP A 971 3.36 -17.42 10.33
CA ASP A 971 4.73 -17.04 10.63
C ASP A 971 4.98 -15.60 10.24
N PRO A 972 6.05 -14.98 10.77
CA PRO A 972 6.30 -13.56 10.53
C PRO A 972 6.32 -13.22 9.05
N PRO A 973 7.05 -13.95 8.21
CA PRO A 973 7.16 -13.53 6.81
C PRO A 973 5.84 -13.46 6.06
N GLU A 974 4.89 -14.35 6.34
CA GLU A 974 3.60 -14.30 5.67
C GLU A 974 2.62 -13.35 6.36
N ALA A 975 2.69 -13.30 7.70
CA ALA A 975 1.94 -12.30 8.42
C ALA A 975 2.28 -10.90 7.93
N GLU A 976 3.52 -10.69 7.50
CA GLU A 976 3.91 -9.39 6.97
C GLU A 976 3.13 -9.04 5.71
N VAL A 977 2.99 -10.01 4.80
CA VAL A 977 2.24 -9.75 3.57
C VAL A 977 0.77 -9.48 3.89
N GLN A 978 0.20 -10.30 4.76
CA GLN A 978 -1.22 -10.11 5.10
C GLN A 978 -1.45 -8.76 5.77
N ILE A 979 -0.56 -8.39 6.69
CA ILE A 979 -0.68 -7.11 7.38
C ILE A 979 -0.48 -5.96 6.41
N ASP A 980 0.40 -6.14 5.43
CA ASP A 980 0.58 -5.09 4.42
C ASP A 980 -0.71 -4.88 3.63
N ARG A 981 -1.39 -5.97 3.28
CA ARG A 981 -2.66 -5.82 2.56
C ARG A 981 -3.68 -5.09 3.41
N LEU A 982 -3.80 -5.48 4.68
CA LEU A 982 -4.73 -4.79 5.58
C LEU A 982 -4.37 -3.31 5.70
N ILE A 983 -3.08 -3.01 5.83
CA ILE A 983 -2.64 -1.63 5.99
C ILE A 983 -3.02 -0.82 4.76
N THR A 984 -2.78 -1.38 3.58
CA THR A 984 -3.13 -0.66 2.36
C THR A 984 -4.61 -0.37 2.29
N GLY A 985 -5.44 -1.37 2.61
CA GLY A 985 -6.88 -1.15 2.56
C GLY A 985 -7.34 -0.08 3.54
N ARG A 986 -6.85 -0.17 4.78
CA ARG A 986 -7.30 0.78 5.79
C ARG A 986 -6.80 2.18 5.51
N LEU A 987 -5.57 2.30 5.00
CA LEU A 987 -5.05 3.61 4.65
C LEU A 987 -5.86 4.23 3.51
N GLN A 988 -6.26 3.41 2.53
CA GLN A 988 -7.10 3.93 1.46
C GLN A 988 -8.45 4.39 1.98
N SER A 989 -9.05 3.61 2.89
CA SER A 989 -10.33 4.01 3.46
C SER A 989 -10.20 5.33 4.22
N LEU A 990 -9.13 5.48 5.00
CA LEU A 990 -8.92 6.73 5.73
C LEU A 990 -8.71 7.91 4.79
N GLN A 991 -7.96 7.70 3.71
CA GLN A 991 -7.77 8.76 2.73
C GLN A 991 -9.09 9.18 2.10
N THR A 992 -9.93 8.21 1.76
CA THR A 992 -11.24 8.54 1.21
C THR A 992 -12.05 9.37 2.20
N TYR A 993 -12.05 8.96 3.47
CA TYR A 993 -12.78 9.72 4.48
C TYR A 993 -12.30 11.15 4.54
N VAL A 994 -10.99 11.35 4.56
CA VAL A 994 -10.46 12.71 4.71
C VAL A 994 -10.79 13.55 3.48
N THR A 995 -10.72 12.98 2.28
CA THR A 995 -11.02 13.76 1.08
C THR A 995 -12.49 14.17 1.06
N GLN A 996 -13.40 13.26 1.38
CA GLN A 996 -14.80 13.63 1.43
C GLN A 996 -15.05 14.67 2.49
N GLN A 997 -14.35 14.57 3.63
CA GLN A 997 -14.51 15.57 4.67
C GLN A 997 -14.04 16.94 4.20
N LEU A 998 -12.94 16.99 3.44
CA LEU A 998 -12.47 18.27 2.92
C LEU A 998 -13.50 18.89 1.98
N ILE A 999 -14.08 18.08 1.09
CA ILE A 999 -15.09 18.62 0.18
C ILE A 999 -16.30 19.13 0.97
N ARG A 1000 -16.75 18.36 1.95
CA ARG A 1000 -17.90 18.78 2.75
C ARG A 1000 -17.59 20.05 3.52
N ALA A 1001 -16.36 20.18 4.01
CA ALA A 1001 -15.95 21.39 4.73
C ALA A 1001 -15.96 22.59 3.80
N ALA A 1002 -15.54 22.42 2.55
CA ALA A 1002 -15.63 23.52 1.60
C ALA A 1002 -17.08 23.94 1.40
N GLU A 1003 -17.98 22.96 1.28
CA GLU A 1003 -19.40 23.30 1.13
C GLU A 1003 -19.92 24.07 2.35
N ILE A 1004 -19.58 23.59 3.55
CA ILE A 1004 -20.03 24.26 4.76
C ILE A 1004 -19.43 25.65 4.86
N ARG A 1005 -18.20 25.83 4.39
CA ARG A 1005 -17.59 27.16 4.39
C ARG A 1005 -18.34 28.10 3.47
N ALA A 1006 -18.77 27.62 2.31
CA ALA A 1006 -19.60 28.45 1.44
C ALA A 1006 -20.87 28.86 2.18
N SER A 1007 -21.51 27.90 2.84
CA SER A 1007 -22.74 28.22 3.58
C SER A 1007 -22.48 29.22 4.69
N ALA A 1008 -21.36 29.08 5.40
CA ALA A 1008 -21.06 29.98 6.51
C ALA A 1008 -20.72 31.39 6.02
N ASN A 1009 -20.04 31.49 4.88
CA ASN A 1009 -19.80 32.81 4.30
C ASN A 1009 -21.10 33.47 3.90
N LEU A 1010 -22.02 32.70 3.31
CA LEU A 1010 -23.33 33.24 3.00
C LEU A 1010 -24.04 33.69 4.26
N ALA A 1011 -23.92 32.92 5.35
CA ALA A 1011 -24.57 33.28 6.59
C ALA A 1011 -24.00 34.58 7.15
N ALA A 1012 -22.67 34.75 7.07
CA ALA A 1012 -22.05 35.98 7.52
C ALA A 1012 -22.53 37.16 6.69
N THR A 1013 -22.64 36.98 5.38
CA THR A 1013 -23.16 38.05 4.53
C THR A 1013 -24.59 38.40 4.90
N LYS A 1014 -25.42 37.40 5.16
CA LYS A 1014 -26.81 37.67 5.54
C LYS A 1014 -26.86 38.41 6.87
N MET A 1015 -26.04 37.99 7.84
CA MET A 1015 -26.02 38.67 9.13
C MET A 1015 -25.62 40.12 8.96
N SER A 1016 -24.59 40.38 8.15
CA SER A 1016 -24.16 41.76 7.95
C SER A 1016 -25.23 42.59 7.25
N GLU A 1017 -25.79 42.06 6.16
CA GLU A 1017 -26.58 42.86 5.24
C GLU A 1017 -28.07 42.86 5.53
N CYS A 1018 -28.54 42.05 6.48
CA CYS A 1018 -29.98 41.94 6.71
C CYS A 1018 -30.33 42.13 8.17
N VAL A 1019 -29.43 41.76 9.07
CA VAL A 1019 -29.64 42.04 10.49
C VAL A 1019 -29.07 43.39 10.87
N LEU A 1020 -27.85 43.68 10.42
CA LEU A 1020 -27.19 44.94 10.73
C LEU A 1020 -27.57 46.06 9.79
N GLY A 1021 -28.44 45.80 8.81
CA GLY A 1021 -28.89 46.83 7.90
C GLY A 1021 -30.08 46.35 7.11
N GLN A 1022 -30.59 47.24 6.27
CA GLN A 1022 -31.70 46.94 5.37
C GLN A 1022 -31.16 46.73 3.96
N SER A 1023 -31.60 45.66 3.31
CA SER A 1023 -31.04 45.22 2.04
C SER A 1023 -31.98 45.61 0.91
N LYS A 1024 -31.44 46.33 -0.09
CA LYS A 1024 -32.19 46.65 -1.29
C LYS A 1024 -32.04 45.61 -2.38
N ARG A 1025 -31.16 44.63 -2.20
CA ARG A 1025 -30.97 43.61 -3.23
C ARG A 1025 -32.04 42.54 -3.09
N VAL A 1026 -32.83 42.37 -4.14
CA VAL A 1026 -34.10 41.67 -4.07
C VAL A 1026 -33.87 40.18 -3.88
N ASP A 1027 -34.77 39.55 -3.12
CA ASP A 1027 -34.81 38.13 -2.81
C ASP A 1027 -33.61 37.66 -2.01
N PHE A 1028 -32.70 38.55 -1.61
CA PHE A 1028 -31.55 38.12 -0.82
C PHE A 1028 -31.97 37.73 0.58
N CYS A 1029 -32.93 38.45 1.16
CA CYS A 1029 -33.41 38.16 2.51
C CYS A 1029 -34.93 38.21 2.49
N GLY A 1030 -35.54 37.07 2.17
CA GLY A 1030 -36.98 36.95 2.13
C GLY A 1030 -37.58 37.44 0.83
N LYS A 1031 -38.78 36.97 0.56
CA LYS A 1031 -39.55 37.45 -0.57
C LYS A 1031 -40.28 38.73 -0.19
N GLY A 1032 -40.38 39.66 -1.12
CA GLY A 1032 -40.97 40.95 -0.84
C GLY A 1032 -39.91 42.00 -0.59
N TYR A 1033 -40.36 43.13 -0.06
CA TYR A 1033 -39.48 44.24 0.25
C TYR A 1033 -38.99 44.08 1.69
N HIS A 1034 -37.66 43.99 1.85
CA HIS A 1034 -37.07 43.62 3.11
C HIS A 1034 -37.18 44.77 4.11
N LEU A 1035 -37.82 44.51 5.24
CA LEU A 1035 -37.87 45.47 6.33
C LEU A 1035 -36.75 45.22 7.34
N MET A 1036 -36.67 44.00 7.88
CA MET A 1036 -35.61 43.73 8.85
C MET A 1036 -35.56 42.24 9.17
N SER A 1037 -34.38 41.78 9.57
CA SER A 1037 -34.16 40.36 9.85
C SER A 1037 -33.72 40.17 11.29
N PHE A 1038 -34.04 38.99 11.82
CA PHE A 1038 -33.71 38.60 13.18
C PHE A 1038 -32.94 37.29 13.18
N PRO A 1039 -31.75 37.24 13.79
CA PRO A 1039 -31.01 35.97 13.86
C PRO A 1039 -31.39 35.13 15.07
N GLN A 1040 -31.31 33.82 14.89
CA GLN A 1040 -31.52 32.86 15.96
C GLN A 1040 -30.51 31.74 15.81
N SER A 1041 -30.08 31.17 16.93
CA SER A 1041 -29.10 30.10 16.91
C SER A 1041 -29.77 28.75 16.70
N ALA A 1042 -29.06 27.84 16.06
CA ALA A 1042 -29.49 26.47 15.86
C ALA A 1042 -28.26 25.59 16.03
N PRO A 1043 -28.46 24.30 16.37
CA PRO A 1043 -27.33 23.47 16.81
C PRO A 1043 -26.02 23.70 16.09
N HIS A 1044 -26.02 23.63 14.76
CA HIS A 1044 -24.81 23.88 13.97
C HIS A 1044 -25.07 24.92 12.89
N GLY A 1045 -25.98 25.86 13.15
CA GLY A 1045 -26.34 26.80 12.11
C GLY A 1045 -27.08 28.00 12.66
N VAL A 1046 -27.60 28.80 11.74
CA VAL A 1046 -28.34 30.00 12.07
C VAL A 1046 -29.68 29.96 11.36
N VAL A 1047 -30.67 30.63 11.96
CA VAL A 1047 -32.00 30.75 11.38
C VAL A 1047 -32.35 32.23 11.35
N PHE A 1048 -32.61 32.75 10.16
CA PHE A 1048 -32.95 34.15 9.96
C PHE A 1048 -34.45 34.26 9.78
N LEU A 1049 -35.09 35.07 10.61
CA LEU A 1049 -36.49 35.43 10.43
C LEU A 1049 -36.53 36.77 9.71
N HIS A 1050 -36.92 36.74 8.43
CA HIS A 1050 -36.96 37.93 7.61
C HIS A 1050 -38.37 38.52 7.65
N VAL A 1051 -38.47 39.79 8.01
CA VAL A 1051 -39.71 40.54 8.04
C VAL A 1051 -39.72 41.42 6.80
N THR A 1052 -40.71 41.21 5.93
CA THR A 1052 -40.78 41.83 4.63
C THR A 1052 -42.16 42.43 4.41
N TYR A 1053 -42.22 43.37 3.49
CA TYR A 1053 -43.43 44.11 3.14
C TYR A 1053 -43.95 43.58 1.82
N VAL A 1054 -45.17 43.06 1.81
CA VAL A 1054 -45.75 42.47 0.60
C VAL A 1054 -47.03 43.23 0.25
N PRO A 1055 -47.06 43.97 -0.86
CA PRO A 1055 -48.29 44.69 -1.21
C PRO A 1055 -49.43 43.73 -1.51
N ALA A 1056 -50.65 44.19 -1.22
CA ALA A 1056 -51.84 43.36 -1.40
C ALA A 1056 -53.03 44.27 -1.68
N GLN A 1057 -54.06 43.68 -2.28
CA GLN A 1057 -55.28 44.39 -2.66
C GLN A 1057 -54.98 45.50 -3.67
N GLU A 1058 -54.42 45.09 -4.80
CA GLU A 1058 -54.15 46.02 -5.88
C GLU A 1058 -55.42 46.34 -6.64
N LYS A 1059 -55.47 47.55 -7.20
CA LYS A 1059 -56.60 47.92 -8.03
C LYS A 1059 -56.11 48.76 -9.20
N ASN A 1060 -56.94 48.80 -10.25
CA ASN A 1060 -56.56 49.36 -11.54
C ASN A 1060 -56.86 50.86 -11.59
N PHE A 1061 -56.02 51.57 -12.35
CA PHE A 1061 -56.21 52.98 -12.61
C PHE A 1061 -55.73 53.28 -14.02
N THR A 1062 -56.22 54.38 -14.57
CA THR A 1062 -55.65 54.91 -15.80
C THR A 1062 -54.47 55.80 -15.45
N THR A 1063 -53.43 55.74 -16.27
CA THR A 1063 -52.20 56.46 -15.99
C THR A 1063 -51.76 57.24 -17.21
N ALA A 1064 -51.08 58.36 -16.96
CA ALA A 1064 -50.44 59.17 -17.99
C ALA A 1064 -49.04 59.52 -17.53
N PRO A 1065 -48.12 59.73 -18.48
CA PRO A 1065 -46.75 60.08 -18.08
C PRO A 1065 -46.55 61.54 -17.70
N ALA A 1066 -47.37 62.46 -18.22
CA ALA A 1066 -47.21 63.86 -17.90
C ALA A 1066 -48.55 64.56 -18.05
N ILE A 1067 -48.67 65.73 -17.44
CA ILE A 1067 -49.87 66.55 -17.51
C ILE A 1067 -49.54 67.83 -18.26
N CYS A 1068 -50.36 68.18 -19.24
CA CYS A 1068 -50.18 69.44 -19.96
C CYS A 1068 -51.04 70.51 -19.31
N HIS A 1069 -50.41 71.59 -18.87
CA HIS A 1069 -51.12 72.72 -18.29
C HIS A 1069 -50.39 73.99 -18.65
N ASP A 1070 -51.12 74.98 -19.15
CA ASP A 1070 -50.54 76.25 -19.56
C ASP A 1070 -49.42 76.03 -20.57
N GLY A 1071 -49.59 75.04 -21.44
CA GLY A 1071 -48.59 74.76 -22.44
C GLY A 1071 -47.30 74.22 -21.90
N LYS A 1072 -47.32 73.66 -20.69
CA LYS A 1072 -46.12 73.11 -20.06
C LYS A 1072 -46.41 71.68 -19.61
N ALA A 1073 -45.38 70.83 -19.71
CA ALA A 1073 -45.50 69.44 -19.33
C ALA A 1073 -45.02 69.25 -17.90
N HIS A 1074 -45.84 68.59 -17.09
CA HIS A 1074 -45.59 68.38 -15.67
C HIS A 1074 -45.39 66.91 -15.41
N PHE A 1075 -44.33 66.58 -14.68
CA PHE A 1075 -44.02 65.22 -14.29
C PHE A 1075 -44.01 65.10 -12.78
N PRO A 1076 -44.32 63.94 -12.23
CA PRO A 1076 -44.34 63.79 -10.77
C PRO A 1076 -42.93 63.69 -10.20
N ARG A 1077 -42.72 64.37 -9.06
CA ARG A 1077 -41.43 64.30 -8.40
C ARG A 1077 -41.14 62.89 -7.89
N GLU A 1078 -42.10 62.31 -7.17
CA GLU A 1078 -41.98 60.93 -6.69
C GLU A 1078 -43.40 60.37 -6.59
N GLY A 1079 -43.81 59.65 -7.61
CA GLY A 1079 -45.15 59.12 -7.67
C GLY A 1079 -45.59 58.94 -9.11
N VAL A 1080 -46.86 58.57 -9.26
CA VAL A 1080 -47.46 58.32 -10.56
C VAL A 1080 -48.76 59.09 -10.66
N PHE A 1081 -49.13 59.44 -11.88
CA PHE A 1081 -50.44 60.03 -12.14
C PHE A 1081 -51.47 58.93 -12.33
N VAL A 1082 -52.55 59.01 -11.57
CA VAL A 1082 -53.59 57.99 -11.56
C VAL A 1082 -54.95 58.66 -11.65
N SER A 1083 -55.86 58.04 -12.39
CA SER A 1083 -57.21 58.55 -12.57
C SER A 1083 -58.21 57.53 -12.06
N ASN A 1084 -59.24 58.02 -11.36
CA ASN A 1084 -60.35 57.19 -10.91
C ASN A 1084 -61.54 57.30 -11.85
N GLY A 1085 -61.27 57.48 -13.14
CA GLY A 1085 -62.31 57.59 -14.14
C GLY A 1085 -62.62 59.02 -14.50
N THR A 1086 -62.62 59.91 -13.51
CA THR A 1086 -63.01 61.31 -13.72
C THR A 1086 -61.89 62.28 -13.39
N HIS A 1087 -61.23 62.13 -12.25
CA HIS A 1087 -60.24 63.09 -11.76
C HIS A 1087 -58.86 62.46 -11.72
N TRP A 1088 -57.85 63.31 -11.69
CA TRP A 1088 -56.46 62.89 -11.71
C TRP A 1088 -55.78 63.23 -10.39
N PHE A 1089 -54.84 62.37 -9.99
CA PHE A 1089 -54.15 62.50 -8.72
C PHE A 1089 -52.71 62.02 -8.89
N VAL A 1090 -51.88 62.37 -7.92
CA VAL A 1090 -50.51 61.85 -7.80
C VAL A 1090 -50.47 60.94 -6.59
N THR A 1091 -49.97 59.72 -6.78
CA THR A 1091 -49.91 58.75 -5.70
C THR A 1091 -48.52 58.13 -5.64
N GLN A 1092 -48.10 57.78 -4.44
CA GLN A 1092 -46.84 57.06 -4.31
C GLN A 1092 -46.98 55.68 -4.94
N ARG A 1093 -45.83 55.14 -5.34
CA ARG A 1093 -45.74 54.04 -6.28
C ARG A 1093 -46.07 52.68 -5.67
N ASN A 1094 -46.05 52.56 -4.34
CA ASN A 1094 -46.27 51.29 -3.66
C ASN A 1094 -47.45 51.31 -2.71
N PHE A 1095 -48.20 52.41 -2.63
CA PHE A 1095 -49.35 52.50 -1.74
C PHE A 1095 -50.28 53.56 -2.29
N TYR A 1096 -51.58 53.28 -2.30
CA TYR A 1096 -52.54 54.22 -2.87
C TYR A 1096 -52.85 55.29 -1.84
N GLU A 1097 -52.22 56.45 -2.00
CA GLU A 1097 -52.49 57.63 -1.18
C GLU A 1097 -52.72 58.80 -2.14
N PRO A 1098 -53.91 58.89 -2.73
CA PRO A 1098 -54.14 59.93 -3.74
C PRO A 1098 -54.03 61.32 -3.17
N GLN A 1099 -53.36 62.21 -3.91
CA GLN A 1099 -53.22 63.60 -3.56
C GLN A 1099 -53.52 64.45 -4.80
N ILE A 1100 -53.79 65.72 -4.57
CA ILE A 1100 -54.10 66.63 -5.67
C ILE A 1100 -52.82 66.96 -6.42
N ILE A 1101 -52.92 67.05 -7.74
CA ILE A 1101 -51.77 67.43 -8.55
C ILE A 1101 -51.54 68.92 -8.35
N THR A 1102 -50.45 69.27 -7.68
CA THR A 1102 -50.11 70.66 -7.38
C THR A 1102 -48.71 70.94 -7.89
N THR A 1103 -48.32 72.21 -7.81
CA THR A 1103 -47.01 72.63 -8.26
C THR A 1103 -45.91 72.30 -7.29
N ASP A 1104 -46.23 71.60 -6.20
CA ASP A 1104 -45.24 71.16 -5.23
C ASP A 1104 -44.94 69.68 -5.31
N ASN A 1105 -45.82 68.88 -5.92
CA ASN A 1105 -45.56 67.47 -6.18
C ASN A 1105 -45.32 67.20 -7.66
N THR A 1106 -44.93 68.22 -8.42
CA THR A 1106 -44.65 68.07 -9.84
C THR A 1106 -43.57 69.06 -10.23
N PHE A 1107 -42.85 68.73 -11.30
CA PHE A 1107 -41.85 69.61 -11.88
C PHE A 1107 -42.05 69.71 -13.38
N VAL A 1108 -41.70 70.87 -13.93
CA VAL A 1108 -42.01 71.22 -15.31
C VAL A 1108 -40.77 71.00 -16.16
N SER A 1109 -40.97 70.45 -17.35
CA SER A 1109 -39.87 70.25 -18.30
C SER A 1109 -40.46 70.23 -19.71
N GLY A 1110 -40.39 71.35 -20.40
CA GLY A 1110 -40.78 71.41 -21.80
C GLY A 1110 -42.24 71.69 -22.00
N ASN A 1111 -42.62 71.72 -23.28
CA ASN A 1111 -44.00 71.93 -23.70
C ASN A 1111 -44.63 70.60 -24.11
N CYS A 1112 -45.95 70.53 -23.98
CA CYS A 1112 -46.67 69.27 -24.18
C CYS A 1112 -46.87 69.02 -25.68
N ASP A 1113 -45.75 68.82 -26.36
CA ASP A 1113 -45.76 68.47 -27.77
C ASP A 1113 -44.77 67.37 -28.12
N VAL A 1114 -44.00 66.86 -27.16
CA VAL A 1114 -43.03 65.81 -27.43
C VAL A 1114 -43.28 64.54 -26.62
N VAL A 1115 -44.10 64.59 -25.58
CA VAL A 1115 -44.36 63.43 -24.73
C VAL A 1115 -45.58 62.70 -25.28
N ILE A 1116 -45.42 61.39 -25.49
CA ILE A 1116 -46.49 60.56 -26.02
C ILE A 1116 -47.41 60.16 -24.88
N GLY A 1117 -48.69 60.43 -25.01
CA GLY A 1117 -49.66 60.08 -24.00
C GLY A 1117 -49.94 61.16 -22.97
N ILE A 1118 -49.50 62.39 -23.21
CA ILE A 1118 -49.77 63.46 -22.27
C ILE A 1118 -51.26 63.77 -22.24
N VAL A 1119 -51.75 64.16 -21.07
CA VAL A 1119 -53.17 64.45 -20.87
C VAL A 1119 -53.31 65.82 -20.23
N ASN A 1120 -54.43 66.47 -20.48
CA ASN A 1120 -54.68 67.81 -19.97
C ASN A 1120 -55.32 67.75 -18.59
N ASN A 1121 -54.89 68.66 -17.72
CA ASN A 1121 -55.52 68.83 -16.42
C ASN A 1121 -54.92 70.06 -15.76
N THR A 1122 -55.61 70.59 -14.77
CA THR A 1122 -55.12 71.73 -14.05
C THR A 1122 -54.13 71.31 -12.97
N VAL A 1123 -53.03 72.05 -12.86
CA VAL A 1123 -52.08 71.90 -11.77
C VAL A 1123 -52.29 73.10 -10.86
N TYR A 1124 -52.57 72.82 -9.59
CA TYR A 1124 -52.97 73.85 -8.63
CA TYR A 1124 -52.96 73.85 -8.64
C TYR A 1124 -51.75 74.41 -7.92
N ASP A 1125 -51.57 75.72 -7.99
CA ASP A 1125 -50.49 76.40 -7.30
C ASP A 1125 -51.02 77.03 -6.02
N PRO A 1126 -50.49 76.67 -4.84
CA PRO A 1126 -51.08 77.20 -3.60
C PRO A 1126 -51.01 78.71 -3.47
N LEU A 1127 -50.07 79.37 -4.14
CA LEU A 1127 -49.91 80.81 -4.00
C LEU A 1127 -50.96 81.62 -4.74
N GLN A 1128 -51.42 81.16 -5.89
CA GLN A 1128 -52.37 81.95 -6.67
C GLN A 1128 -53.68 82.20 -5.92
N PRO A 1129 -54.33 81.20 -5.33
CA PRO A 1129 -55.58 81.49 -4.62
C PRO A 1129 -55.37 82.42 -3.43
N GLU A 1130 -54.30 82.22 -2.67
CA GLU A 1130 -54.05 83.09 -1.53
C GLU A 1130 -53.83 84.53 -1.99
N LEU A 1131 -53.03 84.72 -3.04
CA LEU A 1131 -52.81 86.08 -3.54
C LEU A 1131 -54.10 86.69 -4.05
N ASP A 1132 -54.90 85.91 -4.77
CA ASP A 1132 -56.20 86.41 -5.22
C ASP A 1132 -57.09 86.78 -4.05
N SER A 1133 -56.90 86.13 -2.90
CA SER A 1133 -57.71 86.45 -1.72
C SER A 1133 -57.67 87.94 -1.41
N PHE A 1134 -56.50 88.58 -1.49
CA PHE A 1134 -56.39 90.01 -1.25
C PHE A 1134 -56.33 90.84 -2.52
N LYS A 1135 -56.11 90.21 -3.68
CA LYS A 1135 -56.38 90.94 -4.93
C LYS A 1135 -57.85 91.31 -5.01
N GLU A 1136 -58.72 90.44 -4.49
CA GLU A 1136 -60.12 90.79 -4.34
C GLU A 1136 -60.30 91.97 -3.40
N GLU A 1137 -59.48 92.03 -2.33
CA GLU A 1137 -59.53 93.18 -1.44
C GLU A 1137 -59.13 94.46 -2.17
N LEU A 1138 -58.10 94.38 -3.00
CA LEU A 1138 -57.71 95.54 -3.81
C LEU A 1138 -58.84 95.98 -4.73
N ASP A 1139 -59.48 95.01 -5.39
CA ASP A 1139 -60.59 95.34 -6.27
C ASP A 1139 -61.73 95.99 -5.50
N LYS A 1140 -62.04 95.46 -4.31
CA LYS A 1140 -63.08 96.05 -3.48
C LYS A 1140 -62.73 97.48 -3.09
N TYR A 1141 -61.47 97.70 -2.70
CA TYR A 1141 -61.04 99.04 -2.31
C TYR A 1141 -61.18 100.02 -3.46
N PHE A 1142 -60.78 99.61 -4.66
CA PHE A 1142 -60.74 100.53 -5.80
C PHE A 1142 -62.06 100.58 -6.57
N LYS A 1143 -63.04 99.75 -6.22
CA LYS A 1143 -64.36 99.81 -6.86
C LYS A 1143 -65.44 100.35 -5.95
N ASN A 1144 -65.45 99.96 -4.67
CA ASN A 1144 -66.47 100.42 -3.73
C ASN A 1144 -66.11 101.75 -3.07
N HIS A 1145 -64.90 102.25 -3.27
CA HIS A 1145 -64.48 103.51 -2.67
C HIS A 1145 -63.73 104.36 -3.69
N CYS B 1 33.00 -19.84 -56.74
CA CYS B 1 33.00 -18.41 -56.49
C CYS B 1 33.74 -17.67 -57.61
N VAL B 2 33.17 -16.55 -58.06
CA VAL B 2 33.74 -15.74 -59.12
C VAL B 2 33.82 -14.31 -58.61
N ASN B 3 35.04 -13.79 -58.52
CA ASN B 3 35.23 -12.39 -58.14
C ASN B 3 34.92 -11.50 -59.34
N LEU B 4 33.74 -10.89 -59.35
CA LEU B 4 33.31 -10.09 -60.49
C LEU B 4 34.14 -8.82 -60.59
N THR B 5 35.10 -8.81 -61.51
CA THR B 5 35.96 -7.65 -61.73
C THR B 5 35.22 -6.65 -62.60
N THR B 6 35.93 -5.62 -63.08
CA THR B 6 35.32 -4.63 -63.95
C THR B 6 34.13 -3.97 -63.27
N ARG B 7 34.37 -3.20 -62.21
CA ARG B 7 33.31 -2.49 -61.51
C ARG B 7 33.61 -1.00 -61.53
N THR B 8 32.58 -0.19 -61.79
CA THR B 8 32.72 1.27 -61.75
C THR B 8 32.35 1.76 -60.35
N GLN B 9 33.34 2.25 -59.62
CA GLN B 9 33.11 2.72 -58.26
C GLN B 9 32.51 4.12 -58.28
N LEU B 10 31.45 4.33 -57.50
CA LEU B 10 30.81 5.62 -57.37
C LEU B 10 30.53 5.91 -55.90
N PRO B 11 30.52 7.18 -55.49
CA PRO B 11 30.23 7.50 -54.09
C PRO B 11 28.85 7.03 -53.70
N PRO B 12 28.65 6.58 -52.46
CA PRO B 12 27.32 6.17 -52.02
C PRO B 12 26.34 7.34 -52.08
N ALA B 13 25.10 7.03 -52.46
CA ALA B 13 24.06 8.03 -52.58
C ALA B 13 23.11 7.96 -51.40
N TYR B 14 22.29 8.99 -51.24
CA TYR B 14 21.31 9.06 -50.18
C TYR B 14 20.00 9.59 -50.73
N THR B 15 18.92 9.27 -50.04
CA THR B 15 17.59 9.76 -50.37
C THR B 15 16.87 10.06 -49.07
N ASN B 16 15.56 10.31 -49.16
CA ASN B 16 14.75 10.64 -48.01
C ASN B 16 13.62 9.62 -47.88
N SER B 17 13.50 9.03 -46.69
CA SER B 17 12.49 8.02 -46.43
C SER B 17 11.09 8.60 -46.28
N PHE B 18 10.96 9.91 -46.17
CA PHE B 18 9.66 10.54 -45.98
C PHE B 18 8.98 9.92 -44.75
N THR B 19 7.78 9.38 -44.92
CA THR B 19 7.03 8.78 -43.82
C THR B 19 6.81 7.29 -44.05
N ARG B 20 7.83 6.59 -44.54
CA ARG B 20 7.71 5.20 -44.93
C ARG B 20 8.37 4.30 -43.90
N GLY B 21 8.03 3.02 -43.96
CA GLY B 21 8.58 2.06 -43.04
C GLY B 21 7.80 1.95 -41.74
N VAL B 22 6.49 1.82 -41.85
CA VAL B 22 5.62 1.58 -40.71
C VAL B 22 4.90 0.27 -40.92
N TYR B 23 4.92 -0.59 -39.91
CA TYR B 23 4.35 -1.92 -39.99
C TYR B 23 3.34 -2.11 -38.85
N TYR B 24 2.34 -2.94 -39.09
CA TYR B 24 1.32 -3.21 -38.10
C TYR B 24 1.99 -3.75 -36.84
N PRO B 25 1.98 -3.01 -35.73
CA PRO B 25 2.77 -3.45 -34.57
C PRO B 25 2.29 -4.75 -33.97
N ASP B 26 1.01 -5.06 -34.07
CA ASP B 26 0.45 -6.27 -33.48
C ASP B 26 -0.43 -6.96 -34.52
N LYS B 27 -1.05 -8.06 -34.10
CA LYS B 27 -1.84 -8.91 -34.99
C LYS B 27 -3.31 -8.91 -34.57
N VAL B 28 -3.83 -7.73 -34.22
CA VAL B 28 -5.22 -7.56 -33.86
C VAL B 28 -5.83 -6.49 -34.74
N PHE B 29 -7.15 -6.46 -34.78
CA PHE B 29 -7.91 -5.54 -35.60
C PHE B 29 -8.51 -4.46 -34.72
N ARG B 30 -8.27 -3.20 -35.08
CA ARG B 30 -8.87 -2.06 -34.40
C ARG B 30 -9.16 -0.98 -35.43
N SER B 31 -10.34 -0.37 -35.31
CA SER B 31 -10.86 0.52 -36.33
C SER B 31 -11.23 1.87 -35.74
N SER B 32 -10.90 2.93 -36.48
CA SER B 32 -11.28 4.29 -36.11
C SER B 32 -10.72 4.67 -34.74
N VAL B 33 -9.41 4.45 -34.57
CA VAL B 33 -8.74 4.75 -33.31
C VAL B 33 -7.34 5.26 -33.57
N LEU B 34 -6.73 5.81 -32.53
CA LEU B 34 -5.33 6.19 -32.52
C LEU B 34 -4.60 5.32 -31.51
N HIS B 35 -3.48 4.74 -31.91
CA HIS B 35 -2.77 3.77 -31.09
C HIS B 35 -1.32 4.20 -30.93
N SER B 36 -0.84 4.21 -29.70
CA SER B 36 0.55 4.54 -29.39
C SER B 36 1.34 3.25 -29.24
N THR B 37 2.46 3.15 -29.95
CA THR B 37 3.26 1.93 -29.97
C THR B 37 4.74 2.27 -29.91
N GLN B 38 5.46 1.63 -29.00
CA GLN B 38 6.89 1.80 -28.85
C GLN B 38 7.59 0.55 -29.35
N ASP B 39 8.43 0.71 -30.37
CA ASP B 39 9.09 -0.43 -31.01
C ASP B 39 10.19 0.09 -31.90
N LEU B 40 10.85 -0.83 -32.61
CA LEU B 40 11.91 -0.46 -33.55
C LEU B 40 11.26 -0.03 -34.85
N PHE B 41 11.24 1.28 -35.11
CA PHE B 41 10.62 1.84 -36.29
C PHE B 41 11.68 2.59 -37.10
N LEU B 42 11.44 2.66 -38.40
CA LEU B 42 12.29 3.47 -39.26
C LEU B 42 11.91 4.94 -39.09
N PRO B 43 12.79 5.79 -38.56
CA PRO B 43 12.39 7.17 -38.30
C PRO B 43 11.92 7.87 -39.57
N PHE B 44 10.91 8.72 -39.42
CA PHE B 44 10.44 9.50 -40.56
C PHE B 44 11.52 10.47 -41.03
N PHE B 45 11.61 10.62 -42.34
CA PHE B 45 12.56 11.54 -42.97
C PHE B 45 13.99 11.19 -42.54
N SER B 46 14.38 9.96 -42.84
CA SER B 46 15.72 9.48 -42.62
C SER B 46 16.52 9.58 -43.92
N ASN B 47 17.77 9.14 -43.88
CA ASN B 47 18.67 9.34 -45.01
C ASN B 47 18.72 8.15 -45.96
N VAL B 48 18.33 6.95 -45.50
CA VAL B 48 18.15 5.77 -46.34
C VAL B 48 19.16 5.70 -47.47
N THR B 49 20.21 4.90 -47.29
CA THR B 49 21.22 4.74 -48.32
C THR B 49 20.61 4.10 -49.56
N TRP B 50 21.10 4.51 -50.72
CA TRP B 50 20.57 4.12 -52.02
C TRP B 50 21.65 3.38 -52.80
N PHE B 51 21.32 2.19 -53.30
CA PHE B 51 22.24 1.35 -54.03
C PHE B 51 21.66 1.01 -55.40
N HIS B 52 22.50 1.01 -56.42
CA HIS B 52 22.11 0.79 -57.80
C HIS B 52 22.59 -0.56 -58.31
N ALA B 53 21.89 -1.05 -59.34
CA ALA B 53 22.26 -2.24 -60.09
C ALA B 53 22.13 -1.97 -61.58
N ILE B 54 22.66 -0.83 -62.02
CA ILE B 54 22.42 -0.31 -63.36
C ILE B 54 23.68 -0.57 -64.19
N HIS B 55 23.60 -1.55 -65.08
CA HIS B 55 24.71 -1.83 -65.99
C HIS B 55 24.87 -0.73 -67.03
N VAL B 56 23.76 -0.33 -67.66
CA VAL B 56 23.85 0.51 -68.85
C VAL B 56 24.53 1.83 -68.53
N SER B 57 25.44 2.24 -69.41
CA SER B 57 26.11 3.53 -69.30
C SER B 57 26.35 4.04 -70.72
N GLY B 58 27.15 5.10 -70.84
CA GLY B 58 27.41 5.72 -72.12
C GLY B 58 28.75 5.36 -72.71
N THR B 59 29.24 4.15 -72.40
CA THR B 59 30.51 3.61 -72.86
C THR B 59 31.70 4.25 -72.18
N ASN B 60 31.51 5.30 -71.39
CA ASN B 60 32.61 5.88 -70.64
C ASN B 60 32.96 5.01 -69.43
N GLY B 61 31.98 4.80 -68.53
CA GLY B 61 32.13 3.83 -67.47
C GLY B 61 30.88 2.99 -67.31
N THR B 62 31.00 1.70 -67.57
CA THR B 62 29.92 0.74 -67.37
C THR B 62 30.12 0.08 -66.00
N LYS B 63 29.42 -1.03 -65.77
CA LYS B 63 29.71 -1.89 -64.62
C LYS B 63 29.38 -1.19 -63.30
N ARG B 64 28.17 -0.65 -63.21
CA ARG B 64 27.71 -0.01 -61.98
C ARG B 64 26.67 -0.90 -61.32
N PHE B 65 26.98 -1.38 -60.14
CA PHE B 65 26.11 -2.27 -59.37
C PHE B 65 26.48 -2.11 -57.90
N ASP B 66 25.80 -2.85 -57.02
CA ASP B 66 26.09 -2.76 -55.59
C ASP B 66 25.67 -4.06 -54.92
N ASN B 67 26.64 -4.82 -54.43
CA ASN B 67 26.41 -5.93 -53.50
C ASN B 67 27.33 -5.80 -52.30
N PRO B 68 27.27 -4.69 -51.58
CA PRO B 68 28.12 -4.51 -50.41
C PRO B 68 27.55 -5.21 -49.19
N VAL B 69 28.46 -5.52 -48.27
CA VAL B 69 28.08 -6.13 -47.00
C VAL B 69 27.82 -5.00 -46.00
N LEU B 70 26.60 -4.94 -45.49
CA LEU B 70 26.16 -3.82 -44.69
C LEU B 70 25.90 -4.21 -43.25
N PRO B 71 25.99 -3.28 -42.31
CA PRO B 71 25.62 -3.58 -40.93
C PRO B 71 24.13 -3.83 -40.80
N PHE B 72 23.76 -4.58 -39.76
CA PHE B 72 22.36 -4.84 -39.46
C PHE B 72 21.82 -3.97 -38.34
N ASN B 73 22.62 -3.69 -37.32
CA ASN B 73 22.18 -2.89 -36.18
C ASN B 73 20.92 -3.50 -35.58
N ASP B 74 19.94 -2.67 -35.23
CA ASP B 74 18.74 -3.13 -34.55
C ASP B 74 17.67 -3.66 -35.49
N GLY B 75 17.87 -3.55 -36.78
CA GLY B 75 16.86 -3.95 -37.75
C GLY B 75 17.04 -3.16 -39.03
N VAL B 76 16.35 -3.62 -40.07
CA VAL B 76 16.57 -3.09 -41.40
C VAL B 76 15.25 -2.87 -42.12
N TYR B 77 15.18 -1.78 -42.86
CA TYR B 77 14.13 -1.50 -43.83
C TYR B 77 14.74 -1.58 -45.21
N PHE B 78 14.16 -2.42 -46.08
CA PHE B 78 14.75 -2.71 -47.37
C PHE B 78 13.68 -2.52 -48.44
N ALA B 79 13.92 -1.57 -49.36
CA ALA B 79 13.00 -1.32 -50.45
C ALA B 79 13.66 -1.69 -51.77
N SER B 80 12.86 -2.19 -52.71
CA SER B 80 13.36 -2.64 -54.00
C SER B 80 12.47 -2.12 -55.11
N THR B 81 13.09 -1.53 -56.13
CA THR B 81 12.42 -1.08 -57.34
C THR B 81 13.06 -1.76 -58.53
N GLU B 82 12.26 -2.47 -59.31
CA GLU B 82 12.79 -3.26 -60.41
C GLU B 82 11.64 -3.77 -61.26
N LYS B 83 11.79 -3.68 -62.58
CA LYS B 83 10.90 -4.31 -63.52
C LYS B 83 11.33 -5.73 -63.86
N SER B 84 12.29 -6.27 -63.10
CA SER B 84 12.86 -7.58 -63.35
C SER B 84 12.99 -8.32 -62.04
N ASN B 85 13.78 -9.38 -62.01
CA ASN B 85 13.90 -10.17 -60.79
C ASN B 85 15.32 -10.16 -60.23
N ILE B 86 16.09 -9.09 -60.42
CA ILE B 86 17.50 -9.10 -60.06
C ILE B 86 17.65 -9.32 -58.56
N ILE B 87 16.94 -8.54 -57.75
CA ILE B 87 16.92 -8.80 -56.31
C ILE B 87 16.30 -10.17 -56.09
N ARG B 88 17.02 -11.04 -55.38
CA ARG B 88 16.53 -12.40 -55.15
C ARG B 88 16.45 -12.80 -53.69
N GLY B 89 17.14 -12.12 -52.79
CA GLY B 89 17.09 -12.53 -51.40
C GLY B 89 18.19 -11.86 -50.61
N TRP B 90 18.57 -12.52 -49.51
CA TRP B 90 19.48 -11.92 -48.55
C TRP B 90 20.27 -12.99 -47.82
N ILE B 91 21.40 -12.57 -47.26
CA ILE B 91 22.18 -13.38 -46.34
C ILE B 91 22.48 -12.55 -45.11
N PHE B 92 22.33 -13.15 -43.94
CA PHE B 92 22.54 -12.50 -42.66
C PHE B 92 23.52 -13.31 -41.83
N GLY B 93 24.32 -12.64 -41.03
CA GLY B 93 25.29 -13.33 -40.20
C GLY B 93 26.14 -12.35 -39.43
N THR B 94 27.19 -12.87 -38.81
CA THR B 94 28.15 -12.05 -38.08
C THR B 94 29.53 -12.09 -38.73
N THR B 95 30.12 -13.27 -38.85
CA THR B 95 31.37 -13.49 -39.57
C THR B 95 31.07 -14.55 -40.62
N LEU B 96 30.75 -14.11 -41.82
CA LEU B 96 30.13 -14.97 -42.81
C LEU B 96 31.16 -15.86 -43.51
N ASP B 97 31.97 -16.61 -42.76
CA ASP B 97 32.96 -17.48 -43.39
C ASP B 97 32.68 -18.96 -43.12
N SER B 98 32.94 -19.47 -41.91
CA SER B 98 32.44 -20.78 -41.56
C SER B 98 32.29 -20.95 -40.05
N LYS B 99 32.66 -19.93 -39.29
CA LYS B 99 32.78 -20.05 -37.85
C LYS B 99 31.52 -19.62 -37.12
N THR B 100 30.48 -19.23 -37.86
CA THR B 100 29.22 -18.85 -37.26
C THR B 100 28.10 -19.23 -38.23
N GLN B 101 26.91 -19.41 -37.70
CA GLN B 101 25.78 -19.76 -38.54
C GLN B 101 25.31 -18.54 -39.32
N SER B 102 24.78 -18.79 -40.51
CA SER B 102 24.30 -17.73 -41.38
C SER B 102 22.94 -18.08 -41.94
N LEU B 103 22.09 -17.07 -42.08
CA LEU B 103 20.72 -17.22 -42.56
C LEU B 103 20.66 -16.80 -44.02
N LEU B 104 20.13 -17.67 -44.86
CA LEU B 104 20.01 -17.44 -46.30
C LEU B 104 18.55 -17.50 -46.69
N ILE B 105 18.09 -16.45 -47.37
CA ILE B 105 16.75 -16.40 -47.95
C ILE B 105 16.92 -16.18 -49.43
N VAL B 106 16.27 -17.02 -50.24
CA VAL B 106 16.35 -16.94 -51.68
C VAL B 106 14.98 -17.18 -52.26
N ASN B 107 14.62 -16.44 -53.30
CA ASN B 107 13.38 -16.66 -54.03
C ASN B 107 13.74 -17.13 -55.43
N ASN B 108 13.24 -18.31 -55.81
CA ASN B 108 13.63 -18.93 -57.07
C ASN B 108 12.39 -19.47 -57.77
N ALA B 109 12.23 -19.12 -59.04
CA ALA B 109 11.16 -19.66 -59.88
C ALA B 109 9.80 -19.52 -59.21
N THR B 110 9.42 -20.50 -58.40
CA THR B 110 8.09 -20.54 -57.79
C THR B 110 8.16 -20.97 -56.33
N ASN B 111 9.15 -20.50 -55.58
CA ASN B 111 9.22 -20.86 -54.18
C ASN B 111 10.28 -20.04 -53.47
N VAL B 112 10.08 -19.84 -52.17
CA VAL B 112 11.05 -19.20 -51.29
C VAL B 112 11.70 -20.27 -50.43
N VAL B 113 13.03 -20.26 -50.42
CA VAL B 113 13.86 -21.19 -49.67
C VAL B 113 14.56 -20.40 -48.57
N ILE B 114 14.54 -20.94 -47.36
CA ILE B 114 15.21 -20.35 -46.22
C ILE B 114 16.05 -21.43 -45.55
N LYS B 115 17.30 -21.10 -45.25
CA LYS B 115 18.21 -22.03 -44.61
C LYS B 115 19.00 -21.29 -43.55
N VAL B 116 19.43 -22.02 -42.53
CA VAL B 116 20.30 -21.44 -41.50
C VAL B 116 21.48 -22.39 -41.34
N CYS B 117 22.53 -22.15 -42.10
CA CYS B 117 23.65 -23.08 -42.14
C CYS B 117 24.97 -22.35 -41.97
N GLU B 118 25.99 -23.11 -41.56
CA GLU B 118 27.36 -22.62 -41.44
C GLU B 118 27.92 -22.53 -42.84
N PHE B 119 27.50 -21.49 -43.56
CA PHE B 119 27.86 -21.33 -44.96
C PHE B 119 29.28 -20.83 -45.12
N GLN B 120 29.91 -21.23 -46.22
CA GLN B 120 31.15 -20.61 -46.68
C GLN B 120 30.81 -19.73 -47.87
N PHE B 121 30.38 -18.51 -47.56
CA PHE B 121 29.83 -17.63 -48.57
C PHE B 121 30.93 -17.12 -49.49
N CYS B 122 30.61 -17.02 -50.77
CA CYS B 122 31.55 -16.43 -51.72
C CYS B 122 31.73 -14.95 -51.41
N ASN B 123 32.91 -14.43 -51.73
CA ASN B 123 33.19 -13.02 -51.46
C ASN B 123 32.25 -12.11 -52.24
N ASP B 124 31.84 -12.52 -53.44
CA ASP B 124 30.90 -11.76 -54.25
C ASP B 124 29.82 -12.72 -54.73
N PRO B 125 28.84 -13.02 -53.88
CA PRO B 125 27.85 -14.06 -54.21
C PRO B 125 26.77 -13.53 -55.14
N PHE B 126 26.57 -14.23 -56.25
CA PHE B 126 25.46 -13.98 -57.17
C PHE B 126 24.82 -15.31 -57.51
N LEU B 127 23.53 -15.26 -57.85
CA LEU B 127 22.69 -16.46 -57.89
C LEU B 127 22.64 -17.02 -59.31
N GLY B 128 23.33 -18.14 -59.52
CA GLY B 128 23.19 -18.98 -60.68
C GLY B 128 23.13 -18.22 -61.98
N VAL B 129 22.45 -18.81 -62.96
CA VAL B 129 22.27 -18.21 -64.27
C VAL B 129 21.08 -17.27 -64.23
N TYR B 130 21.17 -16.18 -65.00
CA TYR B 130 20.09 -15.21 -65.09
C TYR B 130 19.75 -14.83 -66.52
N TYR B 131 20.51 -15.29 -67.52
CA TYR B 131 20.27 -14.98 -68.92
C TYR B 131 19.84 -16.23 -69.66
N HIS B 132 19.65 -16.09 -70.98
CA HIS B 132 19.09 -17.14 -71.82
C HIS B 132 20.22 -17.98 -72.42
N LYS B 133 19.87 -18.80 -73.42
CA LYS B 133 20.83 -19.60 -74.17
C LYS B 133 21.32 -20.81 -73.36
N ASN B 134 22.51 -20.69 -72.76
CA ASN B 134 23.10 -21.81 -72.03
C ASN B 134 22.07 -22.48 -71.13
N ASN B 135 21.42 -21.68 -70.28
CA ASN B 135 20.30 -22.14 -69.45
C ASN B 135 19.18 -21.11 -69.65
N LYS B 136 18.20 -21.46 -70.48
CA LYS B 136 17.18 -20.50 -70.86
C LYS B 136 16.48 -19.94 -69.63
N SER B 137 16.22 -18.64 -69.65
CA SER B 137 15.60 -17.95 -68.53
C SER B 137 16.50 -18.03 -67.30
N TRP B 138 16.26 -18.99 -66.42
CA TRP B 138 16.91 -19.04 -65.11
C TRP B 138 17.50 -20.41 -64.84
N MET B 139 18.51 -20.43 -63.97
CA MET B 139 18.97 -21.67 -63.35
C MET B 139 19.56 -21.27 -62.00
N GLU B 140 18.78 -21.45 -60.93
CA GLU B 140 19.15 -20.96 -59.60
C GLU B 140 20.13 -21.93 -58.97
N SER B 141 21.41 -21.75 -59.31
CA SER B 141 22.50 -22.48 -58.66
C SER B 141 22.96 -21.68 -57.45
N GLU B 142 22.41 -22.02 -56.28
CA GLU B 142 22.78 -21.36 -55.04
C GLU B 142 24.21 -21.66 -54.61
N PHE B 143 24.86 -22.63 -55.25
CA PHE B 143 26.27 -22.89 -54.98
C PHE B 143 27.18 -21.76 -55.42
N ARG B 144 26.67 -20.81 -56.20
CA ARG B 144 27.40 -19.59 -56.50
C ARG B 144 27.30 -18.57 -55.37
N VAL B 145 26.58 -18.89 -54.29
CA VAL B 145 26.48 -18.02 -53.13
C VAL B 145 27.39 -18.53 -52.03
N TYR B 146 27.56 -19.85 -51.96
CA TYR B 146 28.38 -20.48 -50.94
C TYR B 146 29.08 -21.69 -51.52
N SER B 147 30.10 -22.17 -50.80
CA SER B 147 30.83 -23.38 -51.17
C SER B 147 30.50 -24.56 -50.26
N SER B 148 30.21 -24.31 -48.98
CA SER B 148 29.92 -25.36 -48.02
C SER B 148 28.60 -25.06 -47.29
N ALA B 149 27.90 -26.12 -46.92
CA ALA B 149 26.62 -26.04 -46.22
C ALA B 149 26.56 -27.05 -45.09
N ASN B 150 27.60 -27.06 -44.26
CA ASN B 150 27.73 -28.05 -43.20
C ASN B 150 26.95 -27.64 -41.96
N ASN B 151 26.55 -28.64 -41.18
CA ASN B 151 26.11 -28.45 -39.79
C ASN B 151 25.05 -27.36 -39.68
N CYS B 152 23.86 -27.64 -40.19
CA CYS B 152 22.82 -26.64 -40.09
C CYS B 152 21.46 -27.18 -39.65
N THR B 153 20.66 -26.27 -39.10
CA THR B 153 19.63 -26.60 -38.14
C THR B 153 18.22 -26.24 -38.57
N PHE B 154 18.05 -25.37 -39.56
CA PHE B 154 16.71 -24.92 -39.92
C PHE B 154 16.62 -24.79 -41.42
N GLU B 155 15.72 -25.55 -42.02
CA GLU B 155 15.41 -25.45 -43.44
C GLU B 155 13.91 -25.25 -43.60
N TYR B 156 13.53 -24.46 -44.59
CA TYR B 156 12.15 -24.02 -44.70
C TYR B 156 11.88 -23.66 -46.16
N VAL B 157 10.66 -23.94 -46.61
CA VAL B 157 10.23 -23.58 -47.95
C VAL B 157 8.82 -23.03 -47.85
N SER B 158 8.43 -22.27 -48.87
CA SER B 158 7.06 -21.79 -48.91
C SER B 158 6.76 -21.20 -50.28
N GLN B 159 5.50 -20.84 -50.48
CA GLN B 159 5.08 -20.19 -51.71
C GLN B 159 5.81 -18.86 -51.83
N PRO B 160 6.29 -18.50 -53.02
CA PRO B 160 7.15 -17.31 -53.14
C PRO B 160 6.34 -16.03 -53.00
N PHE B 161 7.08 -14.94 -52.76
CA PHE B 161 6.50 -13.61 -52.65
C PHE B 161 7.25 -12.55 -53.44
N LEU B 162 8.37 -12.89 -54.08
CA LEU B 162 9.20 -11.88 -54.73
C LEU B 162 8.59 -11.44 -56.07
N MET B 163 7.96 -12.36 -56.79
CA MET B 163 7.51 -12.11 -58.16
C MET B 163 6.06 -11.64 -58.14
N ASP B 164 5.86 -10.33 -58.16
CA ASP B 164 4.53 -9.73 -58.30
C ASP B 164 4.62 -8.52 -59.23
N LEU B 165 5.41 -8.63 -60.29
CA LEU B 165 5.65 -7.48 -61.16
C LEU B 165 4.37 -7.11 -61.92
N GLU B 166 4.28 -5.83 -62.29
CA GLU B 166 3.16 -5.29 -63.03
C GLU B 166 3.66 -4.56 -64.27
N GLY B 167 2.83 -4.56 -65.31
CA GLY B 167 3.20 -3.90 -66.56
C GLY B 167 4.46 -4.51 -67.15
N LYS B 168 4.95 -3.85 -68.21
CA LYS B 168 6.05 -4.41 -68.98
C LYS B 168 7.23 -3.45 -69.19
N GLN B 169 6.98 -2.16 -69.43
CA GLN B 169 8.03 -1.26 -69.89
C GLN B 169 8.00 0.05 -69.12
N GLY B 170 7.92 -0.03 -67.80
CA GLY B 170 8.11 1.14 -66.96
C GLY B 170 9.53 1.26 -66.45
N ASN B 171 9.91 2.47 -66.06
CA ASN B 171 11.25 2.71 -65.52
C ASN B 171 11.43 1.88 -64.26
N PHE B 172 10.64 2.17 -63.23
CA PHE B 172 10.53 1.34 -62.04
C PHE B 172 9.08 1.34 -61.61
N LYS B 173 8.50 0.16 -61.48
CA LYS B 173 7.05 0.01 -61.40
C LYS B 173 6.56 -0.52 -60.06
N ASN B 174 7.27 -1.47 -59.46
CA ASN B 174 6.79 -2.18 -58.28
C ASN B 174 7.77 -1.94 -57.14
N LEU B 175 7.32 -1.25 -56.10
CA LEU B 175 8.14 -0.95 -54.94
C LEU B 175 7.81 -1.97 -53.85
N ARG B 176 8.75 -2.87 -53.59
CA ARG B 176 8.59 -3.92 -52.60
C ARG B 176 9.38 -3.56 -51.35
N GLU B 177 8.69 -3.43 -50.22
CA GLU B 177 9.33 -3.07 -48.96
C GLU B 177 9.28 -4.24 -48.00
N PHE B 178 10.38 -4.43 -47.29
CA PHE B 178 10.52 -5.47 -46.28
C PHE B 178 11.09 -4.83 -45.03
N VAL B 179 10.69 -5.36 -43.88
CA VAL B 179 11.28 -4.97 -42.61
C VAL B 179 11.77 -6.23 -41.92
N PHE B 180 13.05 -6.24 -41.58
CA PHE B 180 13.72 -7.36 -40.95
C PHE B 180 14.05 -6.98 -39.51
N LYS B 181 13.64 -7.82 -38.56
CA LYS B 181 13.80 -7.52 -37.14
C LYS B 181 14.10 -8.79 -36.39
N ASN B 182 15.30 -8.89 -35.82
CA ASN B 182 15.76 -10.07 -35.10
C ASN B 182 15.70 -9.79 -33.60
N ILE B 183 14.73 -10.41 -32.92
CA ILE B 183 14.51 -10.16 -31.50
C ILE B 183 14.25 -11.48 -30.80
N ASP B 184 15.01 -11.74 -29.74
CA ASP B 184 14.77 -12.88 -28.84
C ASP B 184 14.79 -14.19 -29.61
N GLY B 185 15.75 -14.34 -30.52
CA GLY B 185 15.87 -15.55 -31.30
C GLY B 185 14.83 -15.70 -32.38
N TYR B 186 14.03 -14.66 -32.61
CA TYR B 186 12.87 -14.72 -33.49
C TYR B 186 13.11 -13.71 -34.60
N PHE B 187 13.14 -14.18 -35.85
CA PHE B 187 13.44 -13.35 -37.01
C PHE B 187 12.13 -12.97 -37.69
N LYS B 188 11.70 -11.73 -37.51
CA LYS B 188 10.42 -11.24 -38.02
C LYS B 188 10.64 -10.55 -39.35
N ILE B 189 9.87 -10.97 -40.36
CA ILE B 189 9.92 -10.42 -41.69
C ILE B 189 8.53 -9.89 -42.01
N TYR B 190 8.42 -8.57 -42.18
CA TYR B 190 7.25 -7.89 -42.70
C TYR B 190 7.53 -7.47 -44.13
N SER B 191 6.48 -7.27 -44.93
CA SER B 191 6.68 -6.67 -46.24
C SER B 191 5.34 -6.30 -46.87
N LYS B 192 5.42 -5.41 -47.84
CA LYS B 192 4.27 -5.00 -48.64
C LYS B 192 4.76 -4.44 -49.97
N HIS B 193 3.92 -4.62 -51.00
CA HIS B 193 4.24 -4.19 -52.36
C HIS B 193 3.29 -3.09 -52.77
N THR B 194 3.82 -2.08 -53.46
CA THR B 194 3.02 -0.99 -53.98
C THR B 194 3.29 -0.81 -55.46
N PRO B 195 2.27 -0.69 -56.31
CA PRO B 195 2.52 -0.39 -57.73
C PRO B 195 2.69 1.12 -57.93
N ILE B 196 3.92 1.52 -58.25
CA ILE B 196 4.24 2.94 -58.45
C ILE B 196 5.25 3.04 -59.58
N ASN B 197 5.00 3.99 -60.50
CA ASN B 197 5.85 4.20 -61.67
C ASN B 197 6.59 5.52 -61.50
N LEU B 198 7.92 5.43 -61.36
CA LEU B 198 8.75 6.62 -61.18
C LEU B 198 10.21 6.22 -61.22
N VAL B 199 11.07 7.19 -61.56
CA VAL B 199 12.51 7.04 -61.48
C VAL B 199 12.98 7.71 -60.19
N ARG B 200 14.01 7.16 -59.56
CA ARG B 200 14.51 7.68 -58.29
C ARG B 200 13.38 7.65 -57.25
N ASP B 201 13.02 6.41 -56.89
CA ASP B 201 11.78 6.08 -56.19
C ASP B 201 11.84 6.42 -54.70
N LEU B 202 10.98 5.77 -53.89
CA LEU B 202 10.57 6.21 -52.57
C LEU B 202 9.70 7.46 -52.65
N PRO B 203 8.48 7.32 -53.16
CA PRO B 203 7.54 8.44 -53.14
C PRO B 203 7.12 8.83 -51.73
N GLN B 204 6.23 9.81 -51.63
CA GLN B 204 5.88 10.45 -50.35
C GLN B 204 4.66 9.80 -49.70
N GLY B 205 4.24 8.63 -50.18
CA GLY B 205 3.02 8.01 -49.68
C GLY B 205 3.21 7.31 -48.35
N PHE B 206 2.11 6.71 -47.89
CA PHE B 206 2.07 5.98 -46.64
C PHE B 206 1.65 4.54 -46.92
N SER B 207 2.38 3.58 -46.35
CA SER B 207 2.08 2.17 -46.50
C SER B 207 2.30 1.46 -45.18
N ALA B 208 1.33 0.65 -44.76
CA ALA B 208 1.43 -0.13 -43.55
C ALA B 208 1.93 -1.52 -43.92
N LEU B 209 3.07 -1.92 -43.36
CA LEU B 209 3.69 -3.19 -43.71
C LEU B 209 3.10 -4.32 -42.89
N GLU B 210 2.69 -5.37 -43.57
CA GLU B 210 2.07 -6.52 -42.94
C GLU B 210 3.10 -7.59 -42.62
N PRO B 211 2.90 -8.40 -41.58
CA PRO B 211 3.86 -9.47 -41.29
C PRO B 211 3.71 -10.65 -42.24
N LEU B 212 4.86 -11.11 -42.74
CA LEU B 212 4.90 -12.32 -43.57
C LEU B 212 5.28 -13.55 -42.76
N VAL B 213 6.44 -13.53 -42.10
CA VAL B 213 6.87 -14.72 -41.38
C VAL B 213 7.63 -14.33 -40.13
N ASP B 214 7.75 -15.30 -39.21
CA ASP B 214 8.61 -15.16 -38.03
C ASP B 214 9.34 -16.48 -37.85
N LEU B 215 10.59 -16.53 -38.30
CA LEU B 215 11.36 -17.76 -38.26
C LEU B 215 12.05 -17.92 -36.92
N PRO B 216 12.02 -19.10 -36.29
CA PRO B 216 12.75 -19.29 -35.01
C PRO B 216 14.19 -19.76 -35.21
N ILE B 217 15.05 -18.83 -35.60
CA ILE B 217 16.41 -19.19 -36.02
C ILE B 217 17.32 -19.30 -34.81
N GLY B 218 17.43 -18.24 -34.04
CA GLY B 218 18.27 -18.24 -32.86
C GLY B 218 19.73 -17.97 -33.12
N ILE B 219 20.06 -17.08 -34.04
CA ILE B 219 21.44 -16.72 -34.34
C ILE B 219 21.65 -15.25 -33.97
N ASN B 220 22.88 -14.78 -34.18
CA ASN B 220 23.29 -13.47 -33.71
C ASN B 220 22.94 -12.38 -34.72
N ILE B 221 23.45 -12.50 -35.93
CA ILE B 221 23.17 -11.53 -37.00
C ILE B 221 23.61 -10.14 -36.61
N THR B 222 24.71 -9.66 -37.21
CA THR B 222 25.11 -8.27 -37.14
C THR B 222 25.39 -7.65 -38.50
N ARG B 223 25.36 -8.43 -39.58
CA ARG B 223 25.78 -7.96 -40.90
C ARG B 223 24.99 -8.76 -41.93
N PHE B 224 24.69 -8.12 -43.06
CA PHE B 224 23.87 -8.75 -44.08
C PHE B 224 24.26 -8.25 -45.45
N GLN B 225 23.73 -8.91 -46.47
CA GLN B 225 24.09 -8.64 -47.85
C GLN B 225 22.95 -9.09 -48.76
N THR B 226 22.83 -8.44 -49.90
CA THR B 226 21.77 -8.72 -50.85
C THR B 226 22.30 -9.57 -52.01
N LEU B 227 21.44 -10.45 -52.51
CA LEU B 227 21.77 -11.34 -53.61
C LEU B 227 21.11 -10.85 -54.89
N LEU B 228 21.91 -10.75 -55.95
CA LEU B 228 21.45 -10.29 -57.25
C LEU B 228 21.69 -11.38 -58.28
N ALA B 229 20.68 -11.65 -59.10
CA ALA B 229 20.84 -12.56 -60.22
C ALA B 229 21.48 -11.79 -61.37
N LEU B 230 22.68 -12.21 -61.77
CA LEU B 230 23.49 -11.47 -62.73
C LEU B 230 23.64 -12.26 -64.00
N HIS B 231 23.43 -11.60 -65.14
CA HIS B 231 23.68 -12.23 -66.43
C HIS B 231 25.16 -12.55 -66.57
N ARG B 232 25.47 -13.73 -67.09
CA ARG B 232 26.85 -14.15 -67.32
C ARG B 232 27.18 -13.91 -68.78
N SER B 233 28.13 -13.01 -69.03
CA SER B 233 28.48 -12.59 -70.39
C SER B 233 29.64 -13.45 -70.91
N TYR B 234 29.25 -14.64 -71.38
CA TYR B 234 30.12 -15.47 -72.21
C TYR B 234 29.34 -16.08 -73.38
N LEU B 235 28.04 -15.81 -73.50
CA LEU B 235 27.26 -16.15 -74.69
C LEU B 235 26.33 -15.04 -75.14
N THR B 236 26.20 -13.94 -74.40
CA THR B 236 25.25 -12.91 -74.75
C THR B 236 25.73 -12.11 -75.97
N PRO B 237 24.81 -11.44 -76.66
CA PRO B 237 25.23 -10.56 -77.77
C PRO B 237 26.15 -9.44 -77.34
N GLY B 238 26.00 -8.93 -76.11
CA GLY B 238 26.71 -7.74 -75.70
C GLY B 238 28.00 -7.99 -74.93
N ASP B 239 29.13 -7.62 -75.54
CA ASP B 239 30.43 -7.66 -74.87
C ASP B 239 30.67 -9.00 -74.19
N SER B 240 30.44 -10.07 -74.93
CA SER B 240 30.52 -11.43 -74.40
C SER B 240 31.91 -12.00 -74.66
N SER B 241 32.81 -11.83 -73.71
CA SER B 241 34.11 -12.51 -73.76
C SER B 241 34.26 -13.48 -72.61
N SER B 242 34.22 -13.02 -71.36
CA SER B 242 34.24 -13.91 -70.20
C SER B 242 33.32 -13.48 -69.07
N GLY B 243 32.93 -12.21 -68.98
CA GLY B 243 32.52 -11.64 -67.70
C GLY B 243 31.05 -11.70 -67.38
N TRP B 244 30.45 -10.54 -67.13
CA TRP B 244 29.07 -10.48 -66.64
C TRP B 244 28.42 -9.18 -67.10
N THR B 245 27.10 -9.19 -67.06
CA THR B 245 26.28 -8.01 -67.33
C THR B 245 25.12 -8.01 -66.35
N ALA B 246 24.66 -6.79 -66.02
CA ALA B 246 23.56 -6.61 -65.10
C ALA B 246 22.44 -5.82 -65.78
N GLY B 247 21.31 -5.72 -65.08
CA GLY B 247 20.18 -4.98 -65.59
C GLY B 247 20.11 -3.58 -65.03
N ALA B 248 18.93 -3.14 -64.63
CA ALA B 248 18.74 -1.82 -64.01
C ALA B 248 17.71 -1.96 -62.91
N ALA B 249 18.18 -2.22 -61.69
CA ALA B 249 17.33 -2.29 -60.52
C ALA B 249 17.98 -1.52 -59.39
N ALA B 250 17.16 -1.02 -58.47
CA ALA B 250 17.64 -0.21 -57.37
C ALA B 250 17.09 -0.74 -56.06
N TYR B 251 17.86 -0.56 -54.99
CA TYR B 251 17.35 -0.89 -53.66
C TYR B 251 17.84 0.12 -52.64
N TYR B 252 17.12 0.16 -51.53
CA TYR B 252 17.26 1.19 -50.51
C TYR B 252 17.33 0.53 -49.16
N VAL B 253 18.25 0.99 -48.32
CA VAL B 253 18.48 0.42 -47.00
C VAL B 253 18.37 1.52 -45.96
N GLY B 254 17.51 1.32 -44.97
CA GLY B 254 17.46 2.18 -43.81
C GLY B 254 17.55 1.33 -42.56
N TYR B 255 17.91 1.99 -41.46
CA TYR B 255 18.13 1.32 -40.19
C TYR B 255 17.08 1.75 -39.18
N LEU B 256 16.42 0.77 -38.56
CA LEU B 256 15.40 1.05 -37.56
C LEU B 256 16.05 1.53 -36.27
N GLN B 257 15.26 2.27 -35.50
CA GLN B 257 15.69 2.78 -34.20
C GLN B 257 14.53 2.68 -33.24
N PRO B 258 14.80 2.61 -31.94
CA PRO B 258 13.71 2.59 -30.95
C PRO B 258 12.94 3.91 -30.97
N ARG B 259 11.63 3.81 -31.20
CA ARG B 259 10.81 4.98 -31.41
C ARG B 259 9.41 4.71 -30.85
N THR B 260 8.73 5.79 -30.48
CA THR B 260 7.32 5.75 -30.13
C THR B 260 6.54 6.42 -31.24
N PHE B 261 5.61 5.69 -31.85
CA PHE B 261 4.82 6.17 -32.96
C PHE B 261 3.36 6.23 -32.55
N LEU B 262 2.62 7.13 -33.19
CA LEU B 262 1.17 7.20 -33.05
C LEU B 262 0.56 6.85 -34.39
N LEU B 263 -0.39 5.92 -34.39
CA LEU B 263 -0.90 5.30 -35.60
C LEU B 263 -2.40 5.53 -35.70
N LYS B 264 -2.89 5.80 -36.90
CA LYS B 264 -4.31 6.02 -37.14
C LYS B 264 -4.90 4.81 -37.84
N TYR B 265 -5.71 4.03 -37.12
CA TYR B 265 -6.50 2.99 -37.76
C TYR B 265 -7.81 3.61 -38.20
N ASN B 266 -8.04 3.61 -39.51
CA ASN B 266 -9.11 4.39 -40.12
C ASN B 266 -10.45 3.69 -39.98
N GLU B 267 -11.44 4.13 -40.76
CA GLU B 267 -12.79 3.60 -40.63
C GLU B 267 -12.81 2.08 -40.75
N ASN B 268 -12.12 1.52 -41.77
CA ASN B 268 -12.27 0.09 -41.99
C ASN B 268 -11.39 -0.75 -41.08
N GLY B 269 -10.09 -0.85 -41.40
CA GLY B 269 -9.16 -1.54 -40.51
C GLY B 269 -7.71 -1.16 -40.68
N THR B 270 -7.40 -0.20 -41.54
CA THR B 270 -6.06 -0.04 -42.08
C THR B 270 -5.42 1.26 -41.60
N ILE B 271 -4.12 1.19 -41.32
CA ILE B 271 -3.39 2.38 -40.92
C ILE B 271 -3.26 3.31 -42.11
N THR B 272 -3.70 4.56 -41.93
CA THR B 272 -3.68 5.55 -42.99
C THR B 272 -2.82 6.78 -42.67
N ASP B 273 -2.36 6.93 -41.44
CA ASP B 273 -1.51 8.06 -41.09
C ASP B 273 -0.78 7.75 -39.80
N ALA B 274 0.30 8.48 -39.55
CA ALA B 274 1.13 8.24 -38.37
C ALA B 274 1.85 9.51 -37.97
N VAL B 275 2.39 9.47 -36.76
CA VAL B 275 3.17 10.57 -36.18
C VAL B 275 4.38 9.97 -35.49
N ASP B 276 5.55 10.56 -35.73
CA ASP B 276 6.79 10.16 -35.08
C ASP B 276 7.05 11.11 -33.92
N CYS B 277 7.08 10.57 -32.71
CA CYS B 277 7.10 11.42 -31.52
C CYS B 277 8.46 12.07 -31.29
N ALA B 278 9.52 11.55 -31.88
CA ALA B 278 10.86 12.11 -31.73
C ALA B 278 11.27 12.95 -32.93
N LEU B 279 10.34 13.25 -33.83
CA LEU B 279 10.69 13.96 -35.05
C LEU B 279 10.89 15.46 -34.80
N ASP B 280 9.87 16.11 -34.25
CA ASP B 280 9.87 17.56 -34.12
C ASP B 280 8.95 17.94 -32.97
N PRO B 281 9.01 19.19 -32.50
CA PRO B 281 8.10 19.59 -31.41
C PRO B 281 6.63 19.39 -31.72
N LEU B 282 6.19 19.66 -32.94
CA LEU B 282 4.77 19.50 -33.24
C LEU B 282 4.34 18.05 -33.10
N SER B 283 5.15 17.12 -33.60
CA SER B 283 4.80 15.71 -33.48
C SER B 283 4.83 15.26 -32.03
N GLU B 284 5.75 15.79 -31.23
CA GLU B 284 5.77 15.46 -29.81
C GLU B 284 4.49 15.94 -29.13
N THR B 285 4.03 17.14 -29.48
CA THR B 285 2.78 17.63 -28.93
C THR B 285 1.61 16.77 -29.36
N LYS B 286 1.59 16.34 -30.62
CA LYS B 286 0.53 15.46 -31.09
C LYS B 286 0.53 14.16 -30.31
N CYS B 287 1.71 13.57 -30.09
CA CYS B 287 1.79 12.33 -29.33
C CYS B 287 1.31 12.53 -27.90
N THR B 288 1.70 13.64 -27.28
CA THR B 288 1.24 13.92 -25.92
C THR B 288 -0.28 14.06 -25.86
N LEU B 289 -0.86 14.73 -26.86
CA LEU B 289 -2.30 14.93 -26.89
C LEU B 289 -3.06 13.74 -27.46
N LYS B 290 -2.35 12.74 -28.01
CA LYS B 290 -3.00 11.57 -28.60
C LYS B 290 -4.04 12.00 -29.62
N SER B 291 -3.71 13.00 -30.42
CA SER B 291 -4.55 13.42 -31.52
C SER B 291 -3.68 14.02 -32.61
N PHE B 292 -4.21 14.04 -33.82
CA PHE B 292 -3.47 14.53 -34.97
C PHE B 292 -3.70 16.01 -35.25
N THR B 293 -4.66 16.64 -34.58
CA THR B 293 -4.94 18.05 -34.75
C THR B 293 -4.84 18.74 -33.40
N VAL B 294 -4.09 19.85 -33.36
CA VAL B 294 -3.89 20.63 -32.15
C VAL B 294 -4.56 21.97 -32.33
N GLU B 295 -5.23 22.44 -31.29
CA GLU B 295 -5.90 23.73 -31.31
C GLU B 295 -4.95 24.81 -30.79
N LYS B 296 -5.21 26.05 -31.21
CA LYS B 296 -4.37 27.19 -30.84
C LYS B 296 -4.07 27.18 -29.34
N GLY B 297 -2.79 27.28 -29.00
CA GLY B 297 -2.40 27.38 -27.61
C GLY B 297 -0.98 26.90 -27.40
N ILE B 298 -0.64 26.79 -26.12
CA ILE B 298 0.67 26.34 -25.66
C ILE B 298 0.46 25.02 -24.92
N TYR B 299 1.24 24.00 -25.30
CA TYR B 299 1.06 22.65 -24.79
C TYR B 299 2.37 22.14 -24.23
N GLN B 300 2.34 21.70 -22.97
CA GLN B 300 3.53 21.13 -22.33
C GLN B 300 3.66 19.68 -22.75
N THR B 301 4.80 19.31 -23.33
CA THR B 301 4.96 18.02 -23.99
C THR B 301 6.00 17.18 -23.28
N SER B 302 5.70 15.89 -23.11
CA SER B 302 6.60 14.97 -22.47
C SER B 302 7.89 14.81 -23.28
N ASN B 303 8.82 14.02 -22.77
CA ASN B 303 10.15 13.93 -23.36
C ASN B 303 10.11 13.37 -24.77
N PHE B 304 9.76 12.10 -24.91
CA PHE B 304 9.81 11.39 -26.20
C PHE B 304 11.04 11.78 -27.01
N ARG B 305 12.19 11.76 -26.34
CA ARG B 305 13.46 12.12 -26.96
C ARG B 305 14.50 11.10 -26.50
N VAL B 306 14.82 10.14 -27.36
CA VAL B 306 15.74 9.06 -27.02
C VAL B 306 17.17 9.55 -27.20
N GLN B 307 18.00 9.31 -26.20
CA GLN B 307 19.41 9.66 -26.25
C GLN B 307 20.24 8.46 -25.83
N PRO B 308 21.23 8.03 -26.63
CA PRO B 308 22.08 6.92 -26.21
C PRO B 308 22.85 7.27 -24.94
N THR B 309 23.14 6.24 -24.14
CA THR B 309 23.83 6.38 -22.87
C THR B 309 25.04 5.46 -22.81
N GLU B 310 26.13 5.98 -22.27
CA GLU B 310 27.34 5.19 -22.04
C GLU B 310 27.30 4.58 -20.64
N SER B 311 28.34 3.83 -20.28
CA SER B 311 28.46 3.24 -18.96
C SER B 311 29.86 3.47 -18.42
N ILE B 312 29.95 3.79 -17.13
CA ILE B 312 31.24 4.05 -16.49
C ILE B 312 31.24 3.43 -15.10
N VAL B 313 32.39 2.84 -14.74
CA VAL B 313 32.62 2.27 -13.42
C VAL B 313 33.78 3.02 -12.79
N ARG B 314 33.77 3.11 -11.46
CA ARG B 314 34.78 3.90 -10.75
C ARG B 314 34.97 3.32 -9.35
N PHE B 315 36.22 3.03 -9.00
CA PHE B 315 36.57 2.38 -7.75
C PHE B 315 37.87 2.95 -7.23
N PRO B 316 38.16 2.77 -5.94
CA PRO B 316 39.46 3.22 -5.40
C PRO B 316 40.60 2.42 -6.00
N ASN B 317 41.80 3.00 -5.96
CA ASN B 317 42.83 2.55 -6.90
C ASN B 317 43.21 1.09 -6.66
N ILE B 318 44.06 0.82 -5.67
CA ILE B 318 44.23 -0.50 -5.09
C ILE B 318 44.40 -0.33 -3.59
N THR B 319 45.47 0.37 -3.21
CA THR B 319 45.73 0.92 -1.88
C THR B 319 46.10 -0.12 -0.83
N ASN B 320 45.92 -1.41 -1.10
CA ASN B 320 46.40 -2.43 -0.18
C ASN B 320 46.42 -3.77 -0.94
N LEU B 321 47.61 -4.18 -1.38
CA LEU B 321 47.75 -5.43 -2.10
C LEU B 321 48.03 -6.57 -1.13
N CYS B 322 47.35 -7.70 -1.35
CA CYS B 322 47.58 -8.86 -0.51
C CYS B 322 49.03 -9.31 -0.65
N PRO B 323 49.73 -9.60 0.44
CA PRO B 323 51.17 -9.86 0.35
C PRO B 323 51.49 -11.26 -0.14
N PHE B 324 51.08 -11.57 -1.36
CA PHE B 324 51.39 -12.87 -1.93
C PHE B 324 52.88 -13.00 -2.24
N GLY B 325 53.60 -11.89 -2.34
CA GLY B 325 55.04 -11.98 -2.48
C GLY B 325 55.70 -12.63 -1.28
N GLU B 326 55.11 -12.46 -0.09
CA GLU B 326 55.69 -13.01 1.12
C GLU B 326 55.53 -14.52 1.20
N VAL B 327 54.59 -15.11 0.46
CA VAL B 327 54.33 -16.54 0.54
C VAL B 327 54.85 -17.30 -0.67
N PHE B 328 55.16 -16.64 -1.77
CA PHE B 328 55.70 -17.32 -2.94
C PHE B 328 57.19 -17.03 -3.10
N ASN B 329 57.56 -15.76 -3.18
CA ASN B 329 58.95 -15.36 -3.31
C ASN B 329 59.53 -15.16 -1.92
N ALA B 330 59.77 -16.27 -1.23
CA ALA B 330 60.36 -16.24 0.10
C ALA B 330 61.72 -16.94 0.07
N THR B 331 62.32 -17.13 1.24
CA THR B 331 63.64 -17.76 1.35
C THR B 331 63.56 -19.23 1.74
N ARG B 332 62.77 -19.56 2.75
CA ARG B 332 62.67 -20.93 3.24
C ARG B 332 61.23 -21.25 3.58
N PHE B 333 60.85 -22.51 3.38
CA PHE B 333 59.53 -23.01 3.75
C PHE B 333 59.67 -24.14 4.77
N ALA B 334 58.57 -24.38 5.49
CA ALA B 334 58.54 -25.39 6.52
C ALA B 334 58.49 -26.78 5.90
N SER B 335 58.78 -27.77 6.73
CA SER B 335 58.69 -29.16 6.30
C SER B 335 57.22 -29.56 6.17
N VAL B 336 56.98 -30.59 5.37
CA VAL B 336 55.60 -31.01 5.13
C VAL B 336 54.90 -31.39 6.42
N TYR B 337 55.64 -31.93 7.39
CA TYR B 337 55.05 -32.29 8.65
C TYR B 337 54.74 -31.09 9.54
N ALA B 338 55.45 -29.99 9.34
CA ALA B 338 55.29 -28.77 10.13
C ALA B 338 54.88 -27.61 9.23
N TRP B 339 53.90 -27.86 8.37
CA TRP B 339 53.58 -26.93 7.30
C TRP B 339 53.28 -25.53 7.84
N ASN B 340 53.91 -24.53 7.23
CA ASN B 340 53.67 -23.15 7.61
C ASN B 340 52.29 -22.71 7.16
N ARG B 341 51.68 -21.82 7.94
CA ARG B 341 50.38 -21.28 7.59
C ARG B 341 50.38 -19.77 7.76
N LYS B 342 49.66 -19.09 6.87
CA LYS B 342 49.49 -17.65 6.96
C LYS B 342 48.03 -17.32 6.66
N ARG B 343 47.52 -16.29 7.32
CA ARG B 343 46.16 -15.83 7.10
C ARG B 343 46.17 -14.54 6.30
N ILE B 344 45.33 -14.47 5.28
CA ILE B 344 45.18 -13.30 4.43
C ILE B 344 43.75 -12.81 4.56
N SER B 345 43.60 -11.53 4.90
CA SER B 345 42.30 -10.88 5.01
C SER B 345 42.55 -9.37 5.05
N ASN B 346 41.53 -8.61 4.65
CA ASN B 346 41.59 -7.16 4.57
C ASN B 346 42.67 -6.71 3.57
N CYS B 347 42.46 -7.11 2.32
CA CYS B 347 43.36 -6.74 1.24
C CYS B 347 42.74 -7.17 -0.08
N VAL B 348 43.17 -6.53 -1.16
CA VAL B 348 42.70 -6.87 -2.50
C VAL B 348 43.68 -7.89 -3.07
N ALA B 349 43.17 -9.04 -3.48
CA ALA B 349 44.00 -10.15 -3.92
C ALA B 349 44.05 -10.17 -5.44
N ASP B 350 45.22 -9.84 -6.00
CA ASP B 350 45.43 -9.84 -7.45
C ASP B 350 46.03 -11.18 -7.82
N TYR B 351 45.14 -12.16 -8.04
CA TYR B 351 45.59 -13.51 -8.36
C TYR B 351 46.18 -13.62 -9.76
N SER B 352 46.10 -12.58 -10.58
CA SER B 352 46.56 -12.69 -11.95
C SER B 352 47.99 -13.20 -12.02
N VAL B 353 48.90 -12.55 -11.28
CA VAL B 353 50.31 -12.84 -11.36
C VAL B 353 50.56 -14.31 -11.07
N LEU B 354 49.60 -14.99 -10.43
CA LEU B 354 49.73 -16.42 -10.21
C LEU B 354 49.31 -17.23 -11.44
N TYR B 355 48.05 -17.08 -11.88
CA TYR B 355 47.50 -18.14 -12.72
C TYR B 355 47.90 -18.03 -14.18
N ASN B 356 48.57 -16.96 -14.60
CA ASN B 356 49.14 -16.88 -15.93
C ASN B 356 50.63 -16.58 -15.79
N SER B 357 51.40 -17.62 -15.52
CA SER B 357 52.85 -17.54 -15.43
C SER B 357 53.55 -18.63 -16.22
N ALA B 358 53.00 -19.83 -16.25
CA ALA B 358 53.59 -20.98 -16.92
C ALA B 358 54.89 -21.42 -16.26
N SER B 359 55.17 -20.91 -15.06
CA SER B 359 56.33 -21.32 -14.28
C SER B 359 55.97 -22.31 -13.19
N PHE B 360 54.73 -22.77 -13.13
CA PHE B 360 54.27 -23.68 -12.09
C PHE B 360 54.07 -25.06 -12.67
N SER B 361 54.58 -26.07 -11.96
CA SER B 361 54.40 -27.44 -12.40
C SER B 361 53.00 -27.94 -12.13
N THR B 362 52.25 -27.28 -11.26
CA THR B 362 50.89 -27.69 -10.95
C THR B 362 50.12 -26.51 -10.40
N PHE B 363 48.94 -26.26 -10.97
CA PHE B 363 48.06 -25.17 -10.52
C PHE B 363 46.63 -25.70 -10.66
N LYS B 364 46.13 -26.31 -9.60
CA LYS B 364 44.85 -27.03 -9.66
C LYS B 364 43.94 -26.55 -8.55
N CYS B 365 42.74 -26.11 -8.92
CA CYS B 365 41.74 -25.67 -7.96
C CYS B 365 40.57 -26.65 -7.95
N TYR B 366 40.03 -26.89 -6.76
CA TYR B 366 39.07 -27.97 -6.57
C TYR B 366 37.65 -27.50 -6.28
N GLY B 367 37.42 -26.20 -6.11
CA GLY B 367 36.07 -25.70 -5.92
C GLY B 367 35.84 -24.36 -6.58
N VAL B 368 36.83 -23.88 -7.32
CA VAL B 368 36.77 -22.57 -7.96
C VAL B 368 37.61 -22.61 -9.21
N SER B 369 37.13 -21.99 -10.28
CA SER B 369 37.85 -22.01 -11.53
C SER B 369 39.15 -21.22 -11.40
N PRO B 370 40.28 -21.75 -11.86
CA PRO B 370 41.54 -21.01 -11.67
C PRO B 370 41.56 -19.66 -12.35
N THR B 371 41.20 -19.60 -13.63
CA THR B 371 41.26 -18.36 -14.38
C THR B 371 40.19 -17.37 -13.96
N LYS B 372 39.24 -17.78 -13.13
CA LYS B 372 38.13 -16.94 -12.69
C LYS B 372 38.23 -16.63 -11.21
N LEU B 373 39.44 -16.37 -10.71
CA LEU B 373 39.65 -16.12 -9.29
C LEU B 373 39.54 -14.66 -8.93
N ASN B 374 39.82 -13.75 -9.87
CA ASN B 374 39.79 -12.33 -9.55
C ASN B 374 38.39 -11.80 -9.29
N ASP B 375 37.35 -12.55 -9.65
CA ASP B 375 35.98 -12.10 -9.47
C ASP B 375 35.33 -12.66 -8.21
N LEU B 376 35.34 -13.98 -8.04
CA LEU B 376 34.89 -14.55 -6.79
C LEU B 376 35.74 -14.01 -5.65
N CYS B 377 35.12 -13.71 -4.51
CA CYS B 377 35.89 -13.24 -3.38
C CYS B 377 35.31 -13.78 -2.08
N PHE B 378 36.12 -13.70 -1.03
CA PHE B 378 35.99 -14.55 0.13
C PHE B 378 36.17 -13.73 1.39
N THR B 379 35.90 -14.36 2.54
CA THR B 379 36.06 -13.69 3.83
C THR B 379 37.46 -13.90 4.40
N ASN B 380 38.02 -15.11 4.27
CA ASN B 380 39.36 -15.38 4.75
C ASN B 380 40.07 -16.31 3.79
N VAL B 381 41.38 -16.11 3.64
CA VAL B 381 42.21 -16.98 2.84
C VAL B 381 43.33 -17.53 3.70
N TYR B 382 43.67 -18.79 3.51
CA TYR B 382 44.77 -19.43 4.22
C TYR B 382 45.80 -19.89 3.21
N ALA B 383 47.00 -19.33 3.30
CA ALA B 383 48.14 -19.76 2.50
C ALA B 383 48.95 -20.72 3.35
N ASP B 384 48.76 -22.01 3.13
CA ASP B 384 49.63 -23.04 3.68
C ASP B 384 50.81 -23.23 2.74
N SER B 385 51.96 -23.55 3.30
CA SER B 385 53.16 -23.66 2.50
C SER B 385 54.07 -24.72 3.08
N PHE B 386 54.70 -25.50 2.20
CA PHE B 386 55.70 -26.47 2.60
C PHE B 386 56.47 -26.93 1.38
N VAL B 387 57.31 -27.95 1.55
CA VAL B 387 58.15 -28.49 0.49
C VAL B 387 58.03 -30.01 0.48
N ILE B 388 57.87 -30.58 -0.70
CA ILE B 388 57.75 -32.03 -0.85
C ILE B 388 58.55 -32.49 -2.05
N ARG B 389 58.44 -33.76 -2.42
CA ARG B 389 59.05 -34.27 -3.62
C ARG B 389 58.02 -34.33 -4.75
N GLY B 390 58.52 -34.30 -5.99
CA GLY B 390 57.64 -34.24 -7.14
C GLY B 390 56.69 -35.41 -7.22
N ASP B 391 57.21 -36.64 -7.14
CA ASP B 391 56.37 -37.82 -7.20
C ASP B 391 55.31 -37.82 -6.11
N GLU B 392 55.46 -36.98 -5.11
CA GLU B 392 54.59 -36.93 -3.95
C GLU B 392 53.50 -35.87 -4.09
N VAL B 393 53.57 -35.02 -5.12
CA VAL B 393 52.65 -33.90 -5.22
C VAL B 393 51.21 -34.38 -5.30
N ARG B 394 51.00 -35.53 -5.96
CA ARG B 394 49.65 -36.07 -6.08
C ARG B 394 48.94 -36.11 -4.73
N GLN B 395 49.69 -36.25 -3.65
CA GLN B 395 49.09 -36.48 -2.35
C GLN B 395 48.74 -35.19 -1.62
N ILE B 396 48.87 -34.04 -2.27
CA ILE B 396 48.39 -32.78 -1.72
C ILE B 396 46.95 -32.53 -2.15
N ALA B 397 46.28 -33.53 -2.71
CA ALA B 397 44.93 -33.43 -3.23
C ALA B 397 43.97 -34.24 -2.36
N PRO B 398 42.69 -33.90 -2.36
CA PRO B 398 41.72 -34.63 -1.53
C PRO B 398 41.49 -36.04 -2.05
N GLY B 399 41.02 -36.89 -1.14
CA GLY B 399 40.57 -38.24 -1.44
C GLY B 399 41.66 -39.30 -1.48
N GLN B 400 42.74 -39.03 -2.19
CA GLN B 400 43.83 -39.99 -2.31
C GLN B 400 44.37 -40.37 -0.93
N THR B 401 45.20 -41.42 -0.92
CA THR B 401 45.86 -41.90 0.28
C THR B 401 47.36 -41.97 0.04
N GLY B 402 48.12 -41.85 1.12
CA GLY B 402 49.55 -41.90 1.04
C GLY B 402 50.19 -41.37 2.32
N LYS B 403 51.52 -41.34 2.30
CA LYS B 403 52.26 -40.99 3.51
C LYS B 403 51.95 -39.57 3.95
N ILE B 404 52.06 -38.59 3.05
CA ILE B 404 51.65 -37.23 3.42
C ILE B 404 50.14 -37.16 3.56
N ALA B 405 49.40 -37.85 2.70
CA ALA B 405 47.95 -37.79 2.78
C ALA B 405 47.44 -38.28 4.13
N ASP B 406 48.23 -39.11 4.83
CA ASP B 406 47.78 -39.73 6.07
C ASP B 406 48.51 -39.24 7.32
N TYR B 407 49.71 -38.67 7.17
CA TYR B 407 50.54 -38.37 8.32
C TYR B 407 51.17 -36.99 8.33
N ASN B 408 51.11 -36.23 7.24
CA ASN B 408 51.76 -34.92 7.20
C ASN B 408 50.80 -33.78 6.92
N TYR B 409 49.95 -33.90 5.90
CA TYR B 409 49.06 -32.79 5.53
C TYR B 409 47.93 -33.35 4.68
N LYS B 410 46.69 -33.17 5.15
CA LYS B 410 45.51 -33.71 4.50
C LYS B 410 44.55 -32.60 4.11
N LEU B 411 43.91 -32.78 2.96
CA LEU B 411 42.87 -31.85 2.49
C LEU B 411 41.50 -32.48 2.66
N PRO B 412 40.50 -31.76 3.14
CA PRO B 412 39.17 -32.34 3.27
C PRO B 412 38.60 -32.73 1.92
N ASP B 413 37.71 -33.72 1.93
CA ASP B 413 37.11 -34.20 0.69
C ASP B 413 36.29 -33.14 -0.02
N ASP B 414 35.94 -32.05 0.66
CA ASP B 414 35.19 -30.95 0.08
C ASP B 414 36.04 -29.68 0.06
N PHE B 415 37.31 -29.82 -0.29
CA PHE B 415 38.21 -28.68 -0.30
C PHE B 415 37.71 -27.63 -1.28
N THR B 416 37.83 -26.37 -0.89
CA THR B 416 37.40 -25.26 -1.73
C THR B 416 38.53 -24.30 -2.08
N GLY B 417 39.75 -24.79 -2.28
CA GLY B 417 40.89 -23.96 -2.55
C GLY B 417 41.69 -24.42 -3.75
N CYS B 418 42.97 -24.01 -3.76
CA CYS B 418 43.86 -24.25 -4.88
C CYS B 418 45.20 -24.77 -4.39
N VAL B 419 45.87 -25.54 -5.24
CA VAL B 419 47.19 -26.09 -4.98
C VAL B 419 48.13 -25.59 -6.06
N ILE B 420 49.29 -25.08 -5.65
CA ILE B 420 50.24 -24.45 -6.55
C ILE B 420 51.61 -24.99 -6.20
N ALA B 421 52.19 -25.79 -7.09
CA ALA B 421 53.45 -26.47 -6.82
C ALA B 421 54.42 -26.24 -7.96
N TRP B 422 55.68 -25.99 -7.62
CA TRP B 422 56.70 -25.79 -8.63
C TRP B 422 58.06 -26.23 -8.11
N ASN B 423 58.93 -26.61 -9.04
CA ASN B 423 60.25 -27.10 -8.66
C ASN B 423 61.07 -26.01 -8.00
N SER B 424 61.95 -26.42 -7.07
CA SER B 424 62.90 -25.51 -6.45
C SER B 424 64.27 -26.16 -6.34
N ASN B 425 64.64 -27.00 -7.31
CA ASN B 425 65.98 -27.56 -7.32
C ASN B 425 67.03 -26.45 -7.36
N ASN B 426 66.64 -25.27 -7.88
CA ASN B 426 67.53 -24.12 -7.85
C ASN B 426 67.85 -23.70 -6.43
N LEU B 427 66.85 -23.71 -5.55
CA LEU B 427 66.97 -23.03 -4.26
C LEU B 427 67.38 -23.96 -3.12
N ASP B 428 66.82 -25.17 -3.08
CA ASP B 428 66.95 -26.00 -1.88
C ASP B 428 68.17 -26.91 -1.92
N SER B 429 68.25 -27.81 -2.90
CA SER B 429 69.38 -28.74 -2.96
C SER B 429 70.67 -27.99 -3.23
N LYS B 430 71.59 -27.99 -2.27
CA LYS B 430 72.74 -27.12 -2.39
C LYS B 430 73.85 -27.71 -3.24
N VAL B 431 74.57 -28.71 -2.71
CA VAL B 431 75.51 -29.49 -3.52
C VAL B 431 75.38 -30.97 -3.19
N GLY B 432 75.57 -31.31 -1.92
CA GLY B 432 75.60 -32.68 -1.45
C GLY B 432 74.48 -33.07 -0.54
N GLY B 433 73.48 -32.21 -0.37
CA GLY B 433 72.34 -32.54 0.46
C GLY B 433 71.78 -31.34 1.20
N ASN B 434 70.48 -31.13 1.06
CA ASN B 434 69.75 -30.11 1.83
C ASN B 434 68.80 -30.87 2.75
N TYR B 435 69.33 -31.28 3.90
CA TYR B 435 68.58 -32.07 4.86
C TYR B 435 67.71 -31.22 5.77
N ASN B 436 67.52 -29.94 5.41
CA ASN B 436 66.71 -29.05 6.22
C ASN B 436 65.29 -29.56 6.44
N TYR B 437 64.74 -30.29 5.47
CA TYR B 437 63.33 -30.64 5.46
C TYR B 437 63.12 -32.07 5.92
N LEU B 438 61.99 -32.29 6.59
CA LEU B 438 61.69 -33.56 7.22
C LEU B 438 60.26 -33.96 6.86
N TYR B 439 59.88 -35.18 7.25
CA TYR B 439 58.49 -35.58 7.14
C TYR B 439 58.23 -36.77 8.05
N ARG B 440 56.96 -36.94 8.40
CA ARG B 440 56.55 -38.01 9.30
C ARG B 440 56.44 -39.31 8.54
N LEU B 441 57.09 -40.36 9.04
CA LEU B 441 57.08 -41.67 8.42
C LEU B 441 56.06 -42.61 9.04
N PHE B 442 55.96 -42.64 10.36
CA PHE B 442 54.98 -43.45 11.07
C PHE B 442 54.23 -42.58 12.06
N ARG B 443 52.93 -42.83 12.19
CA ARG B 443 52.12 -42.13 13.17
C ARG B 443 51.04 -43.06 13.67
N LYS B 444 50.58 -42.82 14.90
CA LYS B 444 49.60 -43.70 15.51
C LYS B 444 48.29 -43.70 14.73
N SER B 445 47.84 -42.54 14.29
CA SER B 445 46.57 -42.44 13.57
C SER B 445 46.70 -41.42 12.45
N ASN B 446 45.83 -41.57 11.46
CA ASN B 446 45.82 -40.65 10.33
C ASN B 446 45.35 -39.27 10.77
N LEU B 447 45.98 -38.24 10.23
CA LEU B 447 45.62 -36.87 10.57
C LEU B 447 44.21 -36.55 10.09
N LYS B 448 43.49 -35.75 10.87
CA LYS B 448 42.28 -35.15 10.39
C LYS B 448 42.61 -33.94 9.52
N PRO B 449 41.70 -33.53 8.64
CA PRO B 449 42.01 -32.41 7.74
C PRO B 449 42.44 -31.17 8.51
N PHE B 450 43.49 -30.54 8.03
CA PHE B 450 44.03 -29.32 8.63
C PHE B 450 44.33 -29.53 10.12
N GLU B 451 45.22 -30.47 10.39
CA GLU B 451 45.68 -30.74 11.75
C GLU B 451 47.20 -30.86 11.72
N ARG B 452 47.87 -30.13 12.59
CA ARG B 452 49.32 -30.09 12.63
C ARG B 452 49.81 -30.75 13.93
N ASP B 453 50.65 -31.78 13.79
CA ASP B 453 51.26 -32.45 14.92
C ASP B 453 52.77 -32.28 14.82
N ILE B 454 53.35 -31.57 15.79
CA ILE B 454 54.76 -31.22 15.78
C ILE B 454 55.55 -32.04 16.80
N SER B 455 54.92 -33.03 17.43
CA SER B 455 55.59 -33.81 18.46
C SER B 455 56.68 -34.69 17.83
N THR B 456 57.64 -35.07 18.66
CA THR B 456 58.75 -35.93 18.26
C THR B 456 58.74 -37.22 19.06
N GLU B 457 57.54 -37.74 19.36
CA GLU B 457 57.42 -38.97 20.11
C GLU B 457 57.89 -40.15 19.28
N ILE B 458 58.60 -41.07 19.93
CA ILE B 458 59.11 -42.26 19.24
C ILE B 458 57.94 -43.18 18.93
N TYR B 459 57.84 -43.59 17.67
CA TYR B 459 56.77 -44.49 17.25
C TYR B 459 57.07 -45.89 17.74
N GLN B 460 56.08 -46.54 18.35
CA GLN B 460 56.24 -47.87 18.93
C GLN B 460 55.46 -48.87 18.10
N ALA B 461 56.16 -49.92 17.64
CA ALA B 461 55.53 -51.02 16.94
C ALA B 461 55.75 -52.37 17.63
N GLY B 462 56.60 -52.43 18.64
CA GLY B 462 56.87 -53.65 19.36
C GLY B 462 55.89 -53.88 20.50
N SER B 463 56.22 -54.87 21.33
CA SER B 463 55.39 -55.25 22.46
C SER B 463 55.74 -54.52 23.75
N THR B 464 56.80 -53.70 23.75
CA THR B 464 57.24 -53.01 24.96
C THR B 464 57.50 -51.54 24.63
N PRO B 465 56.90 -50.60 25.37
CA PRO B 465 57.22 -49.19 25.15
C PRO B 465 58.69 -48.91 25.42
N CYS B 466 59.40 -48.49 24.36
CA CYS B 466 60.82 -48.20 24.50
C CYS B 466 61.04 -47.01 25.42
N ASN B 467 60.19 -45.99 25.33
CA ASN B 467 60.22 -44.85 26.25
C ASN B 467 61.60 -44.20 26.29
N GLY B 468 61.99 -43.65 25.14
CA GLY B 468 63.26 -42.98 25.01
C GLY B 468 64.37 -43.84 24.44
N VAL B 469 64.09 -45.09 24.08
CA VAL B 469 65.07 -46.00 23.52
C VAL B 469 64.76 -46.17 22.04
N GLU B 470 65.80 -46.13 21.21
CA GLU B 470 65.67 -46.29 19.77
C GLU B 470 66.25 -47.64 19.37
N GLY B 471 65.50 -48.39 18.57
CA GLY B 471 65.94 -49.71 18.13
C GLY B 471 64.95 -50.38 17.22
N PHE B 472 64.72 -51.68 17.44
CA PHE B 472 63.80 -52.45 16.61
C PHE B 472 62.37 -52.10 16.97
N ASN B 473 61.58 -51.74 15.96
CA ASN B 473 60.17 -51.37 16.14
C ASN B 473 60.03 -50.18 17.09
N CYS B 474 61.08 -49.36 17.18
CA CYS B 474 61.05 -48.11 17.95
C CYS B 474 61.85 -47.09 17.15
N TYR B 475 61.17 -46.28 16.35
CA TYR B 475 61.81 -45.43 15.36
C TYR B 475 61.47 -43.97 15.63
N PHE B 476 62.43 -43.10 15.30
CA PHE B 476 62.17 -41.68 15.33
C PHE B 476 61.04 -41.35 14.36
N PRO B 477 60.06 -40.54 14.75
CA PRO B 477 58.88 -40.34 13.89
C PRO B 477 59.16 -39.58 12.61
N LEU B 478 60.36 -39.02 12.43
CA LEU B 478 60.65 -38.16 11.29
C LEU B 478 61.82 -38.73 10.48
N GLN B 479 61.79 -38.46 9.18
CA GLN B 479 62.91 -38.79 8.29
C GLN B 479 63.17 -37.59 7.39
N SER B 480 64.43 -37.40 7.02
CA SER B 480 64.85 -36.20 6.31
C SER B 480 65.03 -36.48 4.82
N TYR B 481 64.67 -35.49 4.02
CA TYR B 481 64.82 -35.57 2.57
C TYR B 481 66.28 -35.39 2.18
N GLY B 482 66.76 -36.26 1.31
CA GLY B 482 68.11 -36.13 0.77
C GLY B 482 68.16 -35.42 -0.56
N PHE B 483 67.94 -34.10 -0.56
CA PHE B 483 67.88 -33.36 -1.83
C PHE B 483 69.30 -33.14 -2.35
N GLN B 484 69.60 -33.72 -3.51
CA GLN B 484 70.83 -33.40 -4.21
C GLN B 484 70.51 -33.01 -5.65
N PRO B 485 71.24 -32.04 -6.22
CA PRO B 485 70.89 -31.56 -7.56
C PRO B 485 70.98 -32.62 -8.63
N THR B 486 71.67 -33.72 -8.38
CA THR B 486 71.79 -34.79 -9.36
C THR B 486 70.65 -35.80 -9.30
N ASN B 487 69.77 -35.70 -8.31
CA ASN B 487 68.67 -36.65 -8.21
C ASN B 487 67.66 -36.41 -9.33
N GLY B 488 66.74 -37.37 -9.47
CA GLY B 488 65.67 -37.21 -10.44
C GLY B 488 64.54 -36.35 -9.91
N VAL B 489 63.86 -35.67 -10.84
CA VAL B 489 62.78 -34.76 -10.47
C VAL B 489 61.73 -35.44 -9.61
N GLY B 490 61.59 -36.76 -9.72
CA GLY B 490 60.70 -37.46 -8.81
C GLY B 490 61.10 -37.33 -7.36
N TYR B 491 62.34 -36.93 -7.08
CA TYR B 491 62.84 -36.73 -5.74
C TYR B 491 63.24 -35.30 -5.44
N GLN B 492 63.27 -34.43 -6.45
CA GLN B 492 63.77 -33.08 -6.30
C GLN B 492 62.79 -32.22 -5.50
N PRO B 493 63.26 -31.10 -4.95
CA PRO B 493 62.39 -30.26 -4.13
C PRO B 493 61.25 -29.66 -4.96
N TYR B 494 60.09 -29.54 -4.32
CA TYR B 494 58.94 -28.87 -4.92
C TYR B 494 58.28 -28.02 -3.86
N ARG B 495 58.26 -26.71 -4.08
CA ARG B 495 57.56 -25.78 -3.22
C ARG B 495 56.08 -25.94 -3.48
N VAL B 496 55.29 -26.08 -2.42
CA VAL B 496 53.85 -26.27 -2.52
C VAL B 496 53.15 -25.23 -1.66
N VAL B 497 52.17 -24.55 -2.24
CA VAL B 497 51.36 -23.56 -1.56
C VAL B 497 49.90 -23.92 -1.79
N VAL B 498 49.13 -23.95 -0.71
CA VAL B 498 47.71 -24.27 -0.78
C VAL B 498 46.94 -23.03 -0.33
N LEU B 499 46.06 -22.53 -1.19
CA LEU B 499 45.24 -21.37 -0.88
C LEU B 499 43.82 -21.86 -0.61
N SER B 500 43.46 -21.92 0.66
CA SER B 500 42.12 -22.31 1.08
C SER B 500 41.27 -21.06 1.25
N PHE B 501 40.01 -21.14 0.83
CA PHE B 501 39.09 -20.02 0.86
C PHE B 501 37.93 -20.35 1.80
N GLU B 502 37.60 -19.43 2.70
CA GLU B 502 36.46 -19.62 3.59
C GLU B 502 35.57 -18.39 3.59
N LEU B 503 34.27 -18.63 3.47
CA LEU B 503 33.22 -17.60 3.46
C LEU B 503 32.49 -17.67 4.80
N LEU B 504 32.94 -16.89 5.76
CA LEU B 504 32.24 -16.80 7.04
C LEU B 504 31.15 -15.75 6.93
N HIS B 505 30.36 -15.58 7.99
CA HIS B 505 29.34 -14.55 8.02
C HIS B 505 29.93 -13.16 8.28
N ALA B 506 31.12 -13.10 8.88
CA ALA B 506 31.80 -11.84 9.13
C ALA B 506 31.93 -11.06 7.83
N PRO B 507 32.16 -9.75 7.89
CA PRO B 507 32.17 -8.95 6.64
C PRO B 507 33.29 -9.38 5.73
N ALA B 508 32.92 -9.72 4.48
CA ALA B 508 33.90 -10.17 3.51
C ALA B 508 35.00 -9.13 3.35
N THR B 509 36.25 -9.59 3.36
CA THR B 509 37.40 -8.72 3.45
C THR B 509 38.25 -8.72 2.19
N VAL B 510 38.58 -9.90 1.66
CA VAL B 510 39.47 -10.01 0.51
C VAL B 510 38.61 -10.17 -0.74
N CYS B 511 38.74 -9.23 -1.68
CA CYS B 511 38.12 -9.34 -2.98
C CYS B 511 39.08 -8.81 -4.04
N GLY B 512 38.93 -9.33 -5.26
CA GLY B 512 39.85 -9.03 -6.31
C GLY B 512 39.75 -7.60 -6.79
N PRO B 513 40.64 -7.22 -7.70
CA PRO B 513 40.66 -5.84 -8.19
C PRO B 513 39.48 -5.54 -9.09
N LYS B 514 39.21 -4.25 -9.26
CA LYS B 514 38.07 -3.78 -10.02
C LYS B 514 38.53 -2.75 -11.05
N LYS B 515 37.94 -2.82 -12.24
CA LYS B 515 38.34 -1.94 -13.34
C LYS B 515 37.84 -0.52 -13.11
N SER B 516 38.04 0.35 -14.09
CA SER B 516 37.69 1.75 -13.94
C SER B 516 37.75 2.45 -15.29
N THR B 517 36.82 3.39 -15.48
CA THR B 517 36.73 4.21 -16.69
C THR B 517 36.03 5.51 -16.33
N ASN B 518 36.10 6.48 -17.24
CA ASN B 518 35.47 7.77 -16.99
C ASN B 518 34.97 8.42 -18.28
N LEU B 519 33.84 9.12 -18.17
CA LEU B 519 33.31 9.99 -19.22
C LEU B 519 32.52 11.07 -18.51
N VAL B 520 33.04 12.29 -18.47
CA VAL B 520 32.66 13.24 -17.42
C VAL B 520 31.49 14.12 -17.81
N LYS B 521 31.69 14.99 -18.80
CA LYS B 521 30.82 16.15 -18.98
C LYS B 521 29.84 15.93 -20.11
N ASN B 522 28.60 16.38 -19.89
CA ASN B 522 27.59 16.47 -20.93
C ASN B 522 27.42 15.14 -21.66
N LYS B 523 27.41 14.05 -20.88
CA LYS B 523 27.12 12.72 -21.41
C LYS B 523 26.19 12.03 -20.43
N CYS B 524 25.03 11.59 -20.91
CA CYS B 524 24.14 10.77 -20.11
C CYS B 524 24.75 9.39 -19.96
N VAL B 525 25.16 9.05 -18.73
CA VAL B 525 25.90 7.83 -18.47
C VAL B 525 25.25 7.09 -17.31
N ASN B 526 25.15 5.78 -17.44
CA ASN B 526 25.03 4.92 -16.26
C ASN B 526 26.39 4.91 -15.57
N PHE B 527 26.38 5.08 -14.25
CA PHE B 527 27.61 5.22 -13.49
C PHE B 527 27.53 4.35 -12.25
N ASN B 528 28.69 3.82 -11.86
CA ASN B 528 28.82 3.02 -10.64
C ASN B 528 30.06 3.50 -9.89
N PHE B 529 29.86 4.39 -8.91
CA PHE B 529 30.94 4.90 -8.07
C PHE B 529 30.97 4.11 -6.77
N ASN B 530 31.88 3.13 -6.70
CA ASN B 530 32.12 2.33 -5.49
C ASN B 530 30.81 1.85 -4.86
N GLY B 531 29.92 1.32 -5.70
CA GLY B 531 28.66 0.76 -5.26
C GLY B 531 27.48 1.69 -5.34
N LEU B 532 27.73 3.00 -5.41
CA LEU B 532 26.69 3.98 -5.64
C LEU B 532 26.37 3.97 -7.13
N THR B 533 25.25 3.35 -7.49
CA THR B 533 24.85 3.19 -8.88
C THR B 533 23.78 4.21 -9.24
N GLY B 534 23.82 4.65 -10.49
CA GLY B 534 22.80 5.58 -10.95
C GLY B 534 22.94 5.86 -12.42
N THR B 535 22.11 6.79 -12.90
CA THR B 535 22.18 7.28 -14.27
C THR B 535 22.06 8.79 -14.25
N GLY B 536 22.81 9.45 -15.11
CA GLY B 536 22.73 10.89 -15.19
C GLY B 536 23.93 11.48 -15.89
N VAL B 537 23.97 12.80 -15.90
CA VAL B 537 25.07 13.57 -16.48
C VAL B 537 25.95 14.06 -15.34
N LEU B 538 27.25 13.85 -15.47
CA LEU B 538 28.22 14.20 -14.45
C LEU B 538 28.81 15.56 -14.76
N THR B 539 28.81 16.46 -13.78
CA THR B 539 29.33 17.80 -13.96
C THR B 539 30.23 18.16 -12.79
N GLU B 540 31.26 18.95 -13.07
CA GLU B 540 32.14 19.41 -12.01
C GLU B 540 31.38 20.32 -11.06
N SER B 541 31.73 20.25 -9.78
CA SER B 541 30.96 20.85 -8.71
C SER B 541 31.83 21.79 -7.88
N ASN B 542 31.15 22.74 -7.23
CA ASN B 542 31.79 23.65 -6.29
C ASN B 542 31.55 23.25 -4.84
N LYS B 543 30.90 22.11 -4.60
CA LYS B 543 30.60 21.71 -3.24
C LYS B 543 31.88 21.38 -2.48
N LYS B 544 31.76 21.28 -1.17
CA LYS B 544 32.88 21.26 -0.24
C LYS B 544 32.72 20.14 0.78
N PHE B 545 32.43 18.93 0.30
CA PHE B 545 32.28 17.79 1.21
C PHE B 545 33.40 17.78 2.23
N LEU B 546 33.06 17.47 3.47
CA LEU B 546 34.08 17.20 4.46
C LEU B 546 34.85 15.96 4.06
N PRO B 547 36.09 15.80 4.56
CA PRO B 547 36.96 14.75 4.02
C PRO B 547 36.34 13.36 4.03
N PHE B 548 35.59 13.01 5.07
CA PHE B 548 35.07 11.65 5.21
C PHE B 548 33.76 11.42 4.48
N GLN B 549 33.13 12.47 3.96
CA GLN B 549 31.82 12.33 3.34
C GLN B 549 31.99 11.93 1.88
N GLN B 550 31.39 10.81 1.51
CA GLN B 550 31.62 10.20 0.21
C GLN B 550 30.62 10.61 -0.87
N PHE B 551 29.39 10.92 -0.49
CA PHE B 551 28.40 11.37 -1.46
C PHE B 551 27.36 12.22 -0.76
N GLY B 552 26.60 12.97 -1.54
CA GLY B 552 25.59 13.85 -1.01
C GLY B 552 24.24 13.61 -1.64
N ARG B 553 23.20 13.91 -0.87
CA ARG B 553 21.83 13.69 -1.30
C ARG B 553 20.98 14.90 -0.96
N ASP B 554 19.90 15.07 -1.71
CA ASP B 554 19.00 16.19 -1.54
C ASP B 554 17.93 15.85 -0.51
N ILE B 555 16.91 16.70 -0.41
CA ILE B 555 15.85 16.48 0.57
C ILE B 555 15.13 15.15 0.29
N ALA B 556 14.90 14.85 -0.98
CA ALA B 556 14.19 13.63 -1.35
C ALA B 556 15.00 12.37 -1.08
N ASP B 557 16.27 12.52 -0.72
CA ASP B 557 17.28 11.47 -0.55
C ASP B 557 17.89 11.08 -1.90
N THR B 558 17.55 11.77 -2.99
CA THR B 558 18.17 11.50 -4.27
C THR B 558 19.64 11.89 -4.21
N THR B 559 20.51 11.03 -4.75
CA THR B 559 21.93 11.33 -4.79
C THR B 559 22.18 12.47 -5.76
N ASP B 560 22.62 13.61 -5.24
CA ASP B 560 22.85 14.79 -6.05
C ASP B 560 24.31 15.03 -6.39
N ALA B 561 25.24 14.54 -5.58
CA ALA B 561 26.65 14.72 -5.84
C ALA B 561 27.41 13.54 -5.27
N VAL B 562 28.49 13.16 -5.95
CA VAL B 562 29.32 12.03 -5.57
C VAL B 562 30.77 12.49 -5.58
N ARG B 563 31.62 11.66 -4.98
CA ARG B 563 33.07 11.89 -4.98
C ARG B 563 33.72 10.74 -5.74
N ASP B 564 34.55 11.09 -6.71
CA ASP B 564 35.26 10.08 -7.49
C ASP B 564 36.26 9.36 -6.59
N PRO B 565 36.20 8.04 -6.47
CA PRO B 565 37.11 7.36 -5.55
C PRO B 565 38.59 7.57 -5.87
N GLN B 566 38.93 7.75 -7.14
CA GLN B 566 40.33 7.86 -7.55
C GLN B 566 40.81 9.30 -7.51
N THR B 567 40.16 10.18 -8.28
CA THR B 567 40.57 11.57 -8.35
C THR B 567 40.17 12.35 -7.09
N LEU B 568 39.12 11.91 -6.40
CA LEU B 568 38.59 12.57 -5.21
C LEU B 568 37.98 13.94 -5.53
N GLU B 569 37.49 14.13 -6.74
CA GLU B 569 36.78 15.34 -7.11
C GLU B 569 35.28 15.15 -6.87
N ILE B 570 34.57 16.27 -6.82
CA ILE B 570 33.15 16.28 -6.51
C ILE B 570 32.39 16.49 -7.82
N LEU B 571 31.47 15.59 -8.12
CA LEU B 571 30.70 15.62 -9.36
C LEU B 571 29.22 15.64 -9.03
N ASP B 572 28.51 16.67 -9.49
CA ASP B 572 27.06 16.70 -9.40
C ASP B 572 26.46 15.84 -10.49
N ILE B 573 25.32 15.23 -10.18
CA ILE B 573 24.61 14.34 -11.09
C ILE B 573 23.29 15.00 -11.44
N THR B 574 23.06 15.20 -12.73
CA THR B 574 21.83 15.84 -13.19
C THR B 574 21.09 14.91 -14.15
N PRO B 575 19.78 14.74 -14.00
CA PRO B 575 19.07 13.81 -14.88
C PRO B 575 19.24 14.16 -16.34
N CYS B 576 19.43 13.14 -17.17
CA CYS B 576 19.58 13.32 -18.60
C CYS B 576 18.22 13.11 -19.30
N SER B 577 17.25 13.93 -18.89
CA SER B 577 15.92 13.87 -19.49
C SER B 577 15.26 15.23 -19.23
N PHE B 578 15.25 16.09 -20.24
CA PHE B 578 14.65 17.41 -20.10
C PHE B 578 13.17 17.31 -20.44
N GLY B 579 12.33 17.59 -19.44
CA GLY B 579 10.89 17.52 -19.61
C GLY B 579 10.22 18.85 -19.36
N GLY B 580 10.87 19.94 -19.75
CA GLY B 580 10.32 21.26 -19.60
C GLY B 580 10.08 21.96 -20.92
N VAL B 581 9.58 21.21 -21.90
CA VAL B 581 9.37 21.73 -23.25
C VAL B 581 7.90 22.03 -23.45
N SER B 582 7.62 23.20 -23.99
CA SER B 582 6.26 23.59 -24.39
C SER B 582 6.28 23.98 -25.85
N VAL B 583 5.19 23.68 -26.54
CA VAL B 583 5.05 23.99 -27.95
C VAL B 583 3.90 24.97 -28.11
N ILE B 584 4.18 26.11 -28.72
CA ILE B 584 3.19 27.13 -29.04
C ILE B 584 2.79 26.93 -30.49
N THR B 585 1.48 26.78 -30.71
CA THR B 585 0.97 26.50 -32.03
C THR B 585 -0.28 27.35 -32.28
N PRO B 586 -0.39 27.97 -33.45
CA PRO B 586 -1.64 28.65 -33.82
C PRO B 586 -2.73 27.71 -34.32
N GLY B 587 -2.51 26.41 -34.26
CA GLY B 587 -3.48 25.44 -34.72
C GLY B 587 -3.07 24.79 -36.03
N THR B 588 -3.13 23.46 -36.09
CA THR B 588 -2.84 22.77 -37.34
C THR B 588 -3.79 23.19 -38.44
N ASN B 589 -4.96 23.71 -38.10
CA ASN B 589 -5.89 24.18 -39.11
C ASN B 589 -5.33 25.37 -39.89
N THR B 590 -4.62 26.27 -39.22
CA THR B 590 -4.16 27.51 -39.84
C THR B 590 -2.72 27.45 -40.32
N SER B 591 -1.85 26.71 -39.63
CA SER B 591 -0.46 26.62 -40.04
C SER B 591 0.18 25.41 -39.38
N ASN B 592 1.32 25.01 -39.93
CA ASN B 592 2.13 23.94 -39.37
C ASN B 592 3.33 24.45 -38.60
N GLN B 593 3.50 25.78 -38.51
CA GLN B 593 4.61 26.34 -37.76
C GLN B 593 4.38 26.19 -36.26
N VAL B 594 5.47 26.25 -35.51
CA VAL B 594 5.42 26.14 -34.06
C VAL B 594 6.56 26.96 -33.48
N ALA B 595 6.46 27.26 -32.20
CA ALA B 595 7.56 27.80 -31.43
C ALA B 595 7.76 26.91 -30.21
N VAL B 596 8.96 26.91 -29.66
CA VAL B 596 9.32 26.02 -28.58
C VAL B 596 9.81 26.85 -27.40
N LEU B 597 9.27 26.59 -26.23
CA LEU B 597 9.64 27.25 -25.00
C LEU B 597 10.34 26.23 -24.11
N TYR B 598 11.58 26.53 -23.74
CA TYR B 598 12.36 25.72 -22.81
C TYR B 598 12.37 26.46 -21.48
N GLN B 599 11.81 25.85 -20.46
CA GLN B 599 11.53 26.57 -19.22
C GLN B 599 12.79 26.72 -18.38
N ASP B 600 13.00 27.93 -17.86
CA ASP B 600 14.10 28.22 -16.95
C ASP B 600 15.47 27.95 -17.58
N VAL B 601 15.48 27.80 -18.91
CA VAL B 601 16.76 27.40 -19.58
C VAL B 601 17.30 28.60 -20.36
N ASN B 602 18.32 29.26 -19.81
CA ASN B 602 18.98 30.37 -20.52
C ASN B 602 19.40 29.85 -21.89
N CYS B 603 18.81 30.37 -22.97
CA CYS B 603 19.11 29.88 -24.34
C CYS B 603 20.59 29.49 -24.45
N THR B 604 21.48 30.32 -23.89
CA THR B 604 22.94 30.04 -23.95
C THR B 604 23.20 28.54 -23.77
N GLU B 605 22.52 27.89 -22.82
CA GLU B 605 22.82 26.46 -22.53
C GLU B 605 21.67 25.56 -23.02
N VAL B 606 20.86 26.03 -23.96
CA VAL B 606 19.78 25.14 -24.52
C VAL B 606 20.44 23.92 -25.18
N PRO B 607 21.30 24.06 -26.21
CA PRO B 607 21.86 22.89 -26.91
C PRO B 607 22.46 21.86 -25.98
N VAL B 608 23.05 22.28 -24.87
CA VAL B 608 23.55 21.33 -23.88
C VAL B 608 22.47 20.91 -22.89
N ALA B 609 21.43 21.72 -22.70
CA ALA B 609 20.36 21.35 -21.79
C ALA B 609 19.51 20.21 -22.34
N ILE B 610 19.11 20.31 -23.62
CA ILE B 610 18.30 19.27 -24.24
C ILE B 610 19.15 18.20 -24.92
N HIS B 611 20.47 18.28 -24.80
CA HIS B 611 21.38 17.37 -25.49
C HIS B 611 21.13 17.43 -27.00
N ALA B 612 21.31 18.63 -27.55
CA ALA B 612 21.02 18.86 -28.96
C ALA B 612 22.18 18.42 -29.83
N ASP B 613 22.66 17.20 -29.63
CA ASP B 613 23.59 16.55 -30.54
C ASP B 613 23.23 15.11 -30.84
N GLN B 614 22.47 14.45 -29.97
CA GLN B 614 21.91 13.14 -30.23
C GLN B 614 20.46 13.21 -30.68
N LEU B 615 19.97 14.41 -31.01
CA LEU B 615 18.60 14.64 -31.41
C LEU B 615 18.53 14.82 -32.91
N THR B 616 17.33 14.65 -33.45
CA THR B 616 17.14 14.70 -34.89
C THR B 616 17.38 16.13 -35.39
N PRO B 617 17.84 16.28 -36.65
CA PRO B 617 18.06 17.64 -37.17
C PRO B 617 16.80 18.48 -37.16
N THR B 618 15.64 17.88 -37.43
CA THR B 618 14.40 18.64 -37.43
C THR B 618 14.11 19.21 -36.05
N TRP B 619 14.41 18.44 -35.00
CA TRP B 619 14.33 18.99 -33.65
C TRP B 619 15.42 20.03 -33.43
N ARG B 620 16.63 19.72 -33.86
CA ARG B 620 17.78 20.59 -33.60
C ARG B 620 17.63 21.95 -34.25
N VAL B 621 16.75 22.09 -35.24
CA VAL B 621 16.46 23.41 -35.79
C VAL B 621 15.96 24.34 -34.69
N TYR B 622 15.24 23.81 -33.72
CA TYR B 622 14.68 24.59 -32.64
C TYR B 622 15.58 24.66 -31.42
N SER B 623 16.89 24.44 -31.59
CA SER B 623 17.85 24.60 -30.50
C SER B 623 18.67 25.87 -30.62
N THR B 624 18.87 26.37 -31.84
CA THR B 624 19.58 27.61 -32.09
C THR B 624 18.93 28.30 -33.28
N GLY B 625 19.49 29.44 -33.66
CA GLY B 625 19.02 30.20 -34.80
C GLY B 625 18.92 31.67 -34.49
N SER B 626 18.42 32.41 -35.47
CA SER B 626 18.25 33.85 -35.31
C SER B 626 17.06 34.19 -34.42
N ASN B 627 16.01 33.36 -34.46
CA ASN B 627 14.80 33.61 -33.66
C ASN B 627 14.96 32.93 -32.30
N VAL B 628 15.82 33.51 -31.47
CA VAL B 628 16.01 33.07 -30.10
C VAL B 628 15.76 34.25 -29.18
N PHE B 629 14.86 34.09 -28.23
CA PHE B 629 14.44 35.16 -27.33
C PHE B 629 14.45 34.65 -25.90
N GLN B 630 15.09 35.39 -25.00
CA GLN B 630 15.25 34.98 -23.61
C GLN B 630 14.16 35.64 -22.77
N THR B 631 13.11 34.88 -22.49
CA THR B 631 12.04 35.35 -21.62
C THR B 631 12.31 34.91 -20.19
N ARG B 632 11.73 35.65 -19.25
CA ARG B 632 11.92 35.28 -17.85
C ARG B 632 11.29 33.93 -17.52
N ALA B 633 10.44 33.40 -18.41
CA ALA B 633 9.85 32.08 -18.26
C ALA B 633 10.68 30.99 -18.91
N GLY B 634 11.85 31.32 -19.44
CA GLY B 634 12.68 30.39 -20.18
C GLY B 634 13.24 31.04 -21.43
N CYS B 635 13.34 30.25 -22.49
CA CYS B 635 13.75 30.79 -23.76
C CYS B 635 12.89 30.22 -24.88
N LEU B 636 12.51 31.09 -25.80
CA LEU B 636 11.55 30.84 -26.86
C LEU B 636 12.31 30.84 -28.18
N ILE B 637 12.23 29.74 -28.92
CA ILE B 637 12.89 29.56 -30.20
C ILE B 637 11.82 29.31 -31.25
N GLY B 638 11.86 30.09 -32.33
CA GLY B 638 10.89 29.96 -33.41
C GLY B 638 9.94 31.11 -33.53
N ALA B 639 9.98 32.08 -32.63
CA ALA B 639 9.08 33.23 -32.65
C ALA B 639 9.89 34.51 -32.74
N GLU B 640 9.40 35.45 -33.55
CA GLU B 640 10.07 36.72 -33.73
C GLU B 640 9.66 37.70 -32.62
N HIS B 641 10.65 38.43 -32.10
CA HIS B 641 10.40 39.43 -31.08
C HIS B 641 10.09 40.77 -31.73
N VAL B 642 8.98 41.38 -31.35
CA VAL B 642 8.54 42.65 -31.89
C VAL B 642 8.43 43.65 -30.75
N ASN B 643 8.86 44.88 -31.00
CA ASN B 643 8.94 45.91 -29.98
C ASN B 643 7.62 46.67 -29.79
N ASN B 644 6.52 46.12 -30.26
CA ASN B 644 5.20 46.71 -30.07
C ASN B 644 4.30 45.73 -29.34
N SER B 645 3.33 46.29 -28.62
CA SER B 645 2.49 45.52 -27.69
C SER B 645 1.07 45.40 -28.24
N TYR B 646 0.49 44.21 -28.07
CA TYR B 646 -0.89 43.96 -28.45
C TYR B 646 -1.60 43.19 -27.34
N GLU B 647 -2.91 43.34 -27.27
CA GLU B 647 -3.72 42.48 -26.41
C GLU B 647 -3.51 41.05 -26.87
N CYS B 648 -2.95 40.21 -26.00
CA CYS B 648 -2.29 39.01 -26.50
C CYS B 648 -3.19 37.78 -26.47
N ASP B 649 -2.79 36.80 -27.28
CA ASP B 649 -3.56 35.57 -27.50
C ASP B 649 -3.02 34.40 -26.72
N ILE B 650 -1.76 34.02 -26.94
CA ILE B 650 -1.16 32.84 -26.34
C ILE B 650 -0.20 33.31 -25.25
N PRO B 651 -0.49 33.07 -23.98
CA PRO B 651 0.40 33.53 -22.90
C PRO B 651 1.61 32.63 -22.74
N ILE B 652 2.78 33.13 -23.16
CA ILE B 652 4.02 32.42 -22.89
C ILE B 652 4.33 32.46 -21.40
N GLY B 653 4.21 33.63 -20.79
CA GLY B 653 4.49 33.80 -19.38
C GLY B 653 5.36 35.00 -19.10
N ALA B 654 5.40 35.42 -17.83
CA ALA B 654 6.26 36.51 -17.39
C ALA B 654 6.03 37.77 -18.20
N GLY B 655 4.78 38.03 -18.56
CA GLY B 655 4.43 39.22 -19.29
C GLY B 655 4.63 39.13 -20.78
N ILE B 656 5.07 37.99 -21.30
CA ILE B 656 5.32 37.81 -22.72
C ILE B 656 4.26 36.88 -23.27
N CYS B 657 3.68 37.27 -24.42
CA CYS B 657 2.74 36.45 -25.14
C CYS B 657 3.21 36.26 -26.57
N ALA B 658 2.51 35.41 -27.30
CA ALA B 658 2.83 35.12 -28.69
C ALA B 658 1.54 35.08 -29.50
N SER B 659 1.68 35.38 -30.80
CA SER B 659 0.52 35.40 -31.68
C SER B 659 0.97 35.10 -33.10
N TYR B 660 -0.01 34.78 -33.95
CA TYR B 660 0.23 34.46 -35.36
C TYR B 660 -0.02 35.65 -36.27
N GLN B 661 0.22 36.86 -35.79
CA GLN B 661 -0.04 38.05 -36.59
C GLN B 661 0.82 38.05 -37.85
N THR B 662 0.23 38.44 -38.97
CA THR B 662 1.00 38.65 -40.19
C THR B 662 2.08 39.70 -39.91
N GLN B 663 3.34 39.27 -39.93
CA GLN B 663 4.43 40.17 -39.57
C GLN B 663 4.54 41.36 -40.53
N THR B 664 4.34 41.13 -41.82
CA THR B 664 4.40 42.21 -42.82
C THR B 664 5.75 42.92 -42.78
N ASN B 665 6.79 42.21 -42.39
CA ASN B 665 8.15 42.73 -42.37
C ASN B 665 8.80 42.43 -43.73
N SER B 666 10.12 42.56 -43.81
CA SER B 666 10.80 42.27 -45.07
C SER B 666 10.40 40.92 -45.66
N PRO B 667 10.29 39.84 -44.89
CA PRO B 667 9.70 38.61 -45.46
C PRO B 667 8.30 38.82 -45.97
N GLY B 668 7.51 39.68 -45.32
CA GLY B 668 6.16 39.93 -45.80
C GLY B 668 6.15 40.53 -47.20
N SER B 669 6.99 41.53 -47.44
CA SER B 669 7.11 42.09 -48.77
C SER B 669 7.69 41.07 -49.75
N ALA B 670 8.68 40.30 -49.32
CA ALA B 670 9.29 39.30 -50.18
C ALA B 670 8.31 38.18 -50.49
N SER B 671 7.81 37.50 -49.44
CA SER B 671 6.88 36.40 -49.64
C SER B 671 5.54 36.91 -50.16
N SER B 672 4.99 36.22 -51.15
CA SER B 672 3.70 36.59 -51.70
C SER B 672 2.58 36.44 -50.67
N VAL B 673 2.71 35.49 -49.73
CA VAL B 673 1.69 35.28 -48.72
C VAL B 673 1.74 36.30 -47.60
N ALA B 674 2.62 37.29 -47.68
CA ALA B 674 2.89 38.19 -46.56
C ALA B 674 3.19 37.36 -45.31
N SER B 675 4.32 36.66 -45.39
CA SER B 675 4.61 35.51 -44.54
C SER B 675 4.09 35.70 -43.13
N GLN B 676 3.23 34.77 -42.70
CA GLN B 676 2.66 34.80 -41.36
C GLN B 676 3.57 34.02 -40.43
N SER B 677 4.14 34.69 -39.45
CA SER B 677 5.05 34.08 -38.50
C SER B 677 4.53 34.31 -37.08
N ILE B 678 5.07 33.53 -36.15
CA ILE B 678 4.75 33.69 -34.74
C ILE B 678 5.59 34.81 -34.18
N ILE B 679 4.94 35.79 -33.56
CA ILE B 679 5.60 36.96 -33.00
C ILE B 679 5.37 36.96 -31.50
N ALA B 680 6.43 37.20 -30.74
CA ALA B 680 6.39 37.30 -29.29
C ALA B 680 6.54 38.75 -28.88
N TYR B 681 5.80 39.14 -27.85
CA TYR B 681 5.76 40.55 -27.47
C TYR B 681 5.31 40.69 -26.02
N THR B 682 5.66 41.84 -25.43
CA THR B 682 5.11 42.20 -24.14
C THR B 682 3.66 42.64 -24.31
N MET B 683 2.77 42.09 -23.50
CA MET B 683 1.35 42.34 -23.69
C MET B 683 1.01 43.77 -23.32
N SER B 684 -0.05 44.30 -23.93
CA SER B 684 -0.51 45.64 -23.65
C SER B 684 -1.62 45.60 -22.61
N LEU B 685 -1.47 46.40 -21.55
CA LEU B 685 -2.51 46.47 -20.54
C LEU B 685 -3.73 47.23 -21.03
N GLY B 686 -3.51 48.23 -21.87
CA GLY B 686 -4.62 49.00 -22.42
C GLY B 686 -4.11 50.31 -22.97
N ALA B 687 -5.02 51.02 -23.65
CA ALA B 687 -4.68 52.33 -24.19
C ALA B 687 -4.37 53.30 -23.05
N GLU B 688 -3.38 54.15 -23.29
CA GLU B 688 -3.00 55.14 -22.30
C GLU B 688 -3.93 56.34 -22.36
N ASN B 689 -4.33 56.84 -21.20
CA ASN B 689 -5.28 57.93 -21.12
C ASN B 689 -4.93 58.81 -19.93
N SER B 690 -5.29 60.08 -20.03
CA SER B 690 -5.02 61.06 -18.98
C SER B 690 -6.25 61.93 -18.82
N VAL B 691 -6.94 61.80 -17.69
CA VAL B 691 -8.12 62.61 -17.41
C VAL B 691 -7.68 64.00 -17.02
N ALA B 692 -8.28 65.01 -17.65
CA ALA B 692 -7.91 66.41 -17.44
C ALA B 692 -8.48 66.88 -16.11
N TYR B 693 -7.83 66.48 -15.02
CA TYR B 693 -8.26 66.88 -13.70
C TYR B 693 -7.84 68.33 -13.43
N SER B 694 -8.73 69.06 -12.77
CA SER B 694 -8.43 70.40 -12.29
C SER B 694 -9.56 70.87 -11.40
N ASN B 695 -9.22 71.49 -10.29
CA ASN B 695 -10.25 72.08 -9.44
C ASN B 695 -11.00 73.15 -10.23
N ASN B 696 -12.33 73.05 -10.21
CA ASN B 696 -13.37 73.86 -10.88
C ASN B 696 -13.62 73.39 -12.30
N SER B 697 -13.35 72.12 -12.61
CA SER B 697 -13.61 71.59 -13.94
C SER B 697 -14.38 70.28 -13.81
N ILE B 698 -15.52 70.20 -14.47
CA ILE B 698 -16.37 69.01 -14.43
C ILE B 698 -16.49 68.47 -15.85
N ALA B 699 -17.24 67.39 -16.01
CA ALA B 699 -17.52 66.84 -17.34
C ALA B 699 -18.86 66.11 -17.26
N ILE B 700 -19.86 66.64 -17.92
CA ILE B 700 -21.23 66.15 -17.83
C ILE B 700 -21.65 65.62 -19.19
N PRO B 701 -22.06 64.35 -19.30
CA PRO B 701 -22.47 63.83 -20.60
C PRO B 701 -23.69 64.55 -21.14
N THR B 702 -23.72 64.72 -22.46
CA THR B 702 -24.84 65.35 -23.14
C THR B 702 -25.69 64.37 -23.93
N ASN B 703 -25.39 63.08 -23.86
CA ASN B 703 -26.12 62.07 -24.62
C ASN B 703 -25.89 60.73 -23.93
N PHE B 704 -26.54 59.70 -24.44
CA PHE B 704 -26.38 58.37 -23.86
C PHE B 704 -26.51 57.32 -24.95
N THR B 705 -25.97 56.15 -24.65
CA THR B 705 -26.20 54.94 -25.44
C THR B 705 -26.70 53.87 -24.50
N ILE B 706 -27.79 53.20 -24.88
CA ILE B 706 -28.26 52.06 -24.13
C ILE B 706 -27.68 50.81 -24.77
N SER B 707 -26.94 50.04 -23.99
CA SER B 707 -26.13 48.94 -24.49
C SER B 707 -26.62 47.63 -23.90
N VAL B 708 -26.63 46.58 -24.72
CA VAL B 708 -27.01 45.25 -24.30
C VAL B 708 -25.77 44.38 -24.33
N THR B 709 -25.43 43.78 -23.20
CA THR B 709 -24.26 42.93 -23.07
C THR B 709 -24.68 41.54 -22.64
N THR B 710 -23.90 40.55 -23.05
CA THR B 710 -24.23 39.15 -22.82
C THR B 710 -23.35 38.58 -21.72
N GLU B 711 -23.94 37.77 -20.84
CA GLU B 711 -23.20 37.07 -19.81
C GLU B 711 -23.69 35.63 -19.74
N ILE B 712 -22.77 34.68 -19.75
CA ILE B 712 -23.08 33.26 -19.85
C ILE B 712 -22.63 32.58 -18.56
N LEU B 713 -23.52 31.80 -17.97
CA LEU B 713 -23.22 31.10 -16.72
C LEU B 713 -23.68 29.65 -16.85
N PRO B 714 -22.78 28.67 -16.66
CA PRO B 714 -23.24 27.29 -16.60
C PRO B 714 -24.02 27.03 -15.32
N VAL B 715 -25.03 26.16 -15.42
CA VAL B 715 -25.93 25.91 -14.30
C VAL B 715 -25.85 24.44 -13.88
N SER B 716 -25.56 23.55 -14.81
CA SER B 716 -25.63 22.13 -14.51
C SER B 716 -24.64 21.34 -15.35
N MET B 717 -24.24 20.19 -14.82
CA MET B 717 -23.42 19.21 -15.51
C MET B 717 -24.31 18.15 -16.13
N THR B 718 -23.68 17.11 -16.68
CA THR B 718 -24.40 15.92 -17.11
C THR B 718 -24.55 14.97 -15.94
N LYS B 719 -25.76 14.46 -15.73
CA LYS B 719 -26.01 13.51 -14.67
C LYS B 719 -25.50 12.14 -15.09
N THR B 720 -24.39 11.71 -14.49
CA THR B 720 -23.72 10.48 -14.85
C THR B 720 -23.75 9.52 -13.67
N SER B 721 -23.96 8.25 -13.96
CA SER B 721 -23.93 7.19 -12.97
C SER B 721 -23.03 6.07 -13.47
N VAL B 722 -22.38 5.39 -12.52
CA VAL B 722 -21.45 4.31 -12.83
C VAL B 722 -21.82 3.10 -12.00
N ASP B 723 -22.00 1.96 -12.66
CA ASP B 723 -22.18 0.69 -11.98
C ASP B 723 -20.80 0.19 -11.57
N CYS B 724 -20.43 0.44 -10.32
CA CYS B 724 -19.09 0.12 -9.84
C CYS B 724 -18.73 -1.34 -10.14
N THR B 725 -19.65 -2.25 -9.82
CA THR B 725 -19.36 -3.67 -9.99
C THR B 725 -19.12 -4.01 -11.45
N MET B 726 -19.94 -3.48 -12.35
CA MET B 726 -19.78 -3.82 -13.76
C MET B 726 -18.52 -3.19 -14.35
N TYR B 727 -18.14 -2.00 -13.90
CA TYR B 727 -16.89 -1.41 -14.35
C TYR B 727 -15.70 -2.24 -13.90
N ILE B 728 -15.66 -2.57 -12.61
CA ILE B 728 -14.49 -3.25 -12.08
C ILE B 728 -14.41 -4.68 -12.58
N CYS B 729 -15.53 -5.40 -12.59
CA CYS B 729 -15.53 -6.84 -12.73
C CYS B 729 -16.28 -7.34 -13.95
N GLY B 730 -16.98 -6.48 -14.67
CA GLY B 730 -17.76 -6.95 -15.80
C GLY B 730 -18.77 -7.98 -15.36
N ASP B 731 -18.83 -9.10 -16.09
CA ASP B 731 -19.77 -10.17 -15.80
C ASP B 731 -19.16 -11.30 -14.97
N SER B 732 -17.88 -11.20 -14.62
CA SER B 732 -17.24 -12.28 -13.88
C SER B 732 -17.77 -12.35 -12.45
N THR B 733 -18.10 -13.55 -12.00
CA THR B 733 -18.56 -13.74 -10.62
C THR B 733 -17.40 -13.84 -9.66
N GLU B 734 -16.26 -14.39 -10.11
CA GLU B 734 -15.10 -14.48 -9.24
C GLU B 734 -14.63 -13.10 -8.84
N CYS B 735 -14.55 -12.19 -9.81
CA CYS B 735 -14.12 -10.82 -9.49
C CYS B 735 -15.13 -10.14 -8.58
N SER B 736 -16.42 -10.39 -8.77
CA SER B 736 -17.41 -9.78 -7.90
C SER B 736 -17.27 -10.26 -6.47
N ASN B 737 -17.06 -11.57 -6.28
CA ASN B 737 -16.85 -12.09 -4.93
C ASN B 737 -15.60 -11.50 -4.31
N LEU B 738 -14.52 -11.38 -5.09
CA LEU B 738 -13.32 -10.75 -4.57
C LEU B 738 -13.58 -9.30 -4.18
N LEU B 739 -14.34 -8.58 -5.01
CA LEU B 739 -14.63 -7.18 -4.75
C LEU B 739 -15.49 -7.00 -3.53
N LEU B 740 -16.27 -8.02 -3.17
CA LEU B 740 -17.05 -7.94 -1.93
C LEU B 740 -16.15 -7.81 -0.71
N GLN B 741 -14.86 -8.14 -0.84
CA GLN B 741 -13.94 -8.10 0.28
C GLN B 741 -13.37 -6.72 0.56
N TYR B 742 -13.59 -5.75 -0.34
CA TYR B 742 -13.09 -4.40 -0.14
C TYR B 742 -14.08 -3.50 0.58
N GLY B 743 -15.25 -4.01 0.95
CA GLY B 743 -16.17 -3.25 1.77
C GLY B 743 -17.20 -2.47 0.99
N SER B 744 -17.45 -1.23 1.41
CA SER B 744 -18.51 -0.41 0.87
C SER B 744 -17.99 0.68 -0.08
N PHE B 745 -16.87 0.41 -0.76
CA PHE B 745 -16.32 1.41 -1.67
C PHE B 745 -17.30 1.71 -2.81
N CYS B 746 -17.87 0.65 -3.39
CA CYS B 746 -18.79 0.84 -4.50
C CYS B 746 -20.05 1.58 -4.06
N THR B 747 -20.57 1.25 -2.87
CA THR B 747 -21.72 1.96 -2.35
C THR B 747 -21.41 3.44 -2.15
N GLN B 748 -20.23 3.74 -1.62
CA GLN B 748 -19.83 5.13 -1.45
C GLN B 748 -19.76 5.86 -2.78
N LEU B 749 -19.17 5.23 -3.79
CA LEU B 749 -19.07 5.88 -5.09
C LEU B 749 -20.45 6.14 -5.69
N ASN B 750 -21.34 5.16 -5.59
CA ASN B 750 -22.69 5.34 -6.10
C ASN B 750 -23.42 6.45 -5.37
N ARG B 751 -23.26 6.51 -4.04
CA ARG B 751 -23.90 7.54 -3.25
C ARG B 751 -23.41 8.93 -3.67
N ALA B 752 -22.10 9.08 -3.84
CA ALA B 752 -21.56 10.37 -4.24
C ALA B 752 -22.08 10.80 -5.60
N LEU B 753 -22.10 9.87 -6.56
CA LEU B 753 -22.56 10.22 -7.90
C LEU B 753 -24.05 10.57 -7.89
N THR B 754 -24.85 9.85 -7.09
CA THR B 754 -26.26 10.18 -6.98
C THR B 754 -26.45 11.55 -6.36
N GLY B 755 -25.64 11.89 -5.35
CA GLY B 755 -25.69 13.23 -4.79
C GLY B 755 -25.44 14.30 -5.83
N ILE B 756 -24.39 14.11 -6.64
CA ILE B 756 -24.11 15.08 -7.71
C ILE B 756 -25.31 15.18 -8.65
N ALA B 757 -25.87 14.03 -9.02
CA ALA B 757 -26.98 14.04 -9.98
C ALA B 757 -28.16 14.83 -9.46
N VAL B 758 -28.53 14.61 -8.20
CA VAL B 758 -29.66 15.33 -7.63
C VAL B 758 -29.33 16.82 -7.50
N GLU B 759 -28.08 17.13 -7.16
CA GLU B 759 -27.67 18.52 -7.02
C GLU B 759 -27.81 19.27 -8.34
N GLN B 760 -27.61 18.60 -9.47
CA GLN B 760 -27.75 19.28 -10.75
C GLN B 760 -29.19 19.76 -10.95
N ASP B 761 -30.17 18.89 -10.67
CA ASP B 761 -31.56 19.29 -10.76
C ASP B 761 -31.87 20.41 -9.79
N LYS B 762 -31.30 20.34 -8.58
CA LYS B 762 -31.50 21.42 -7.63
C LYS B 762 -30.98 22.74 -8.18
N ASN B 763 -29.82 22.71 -8.83
CA ASN B 763 -29.26 23.93 -9.41
C ASN B 763 -30.20 24.52 -10.45
N THR B 764 -30.68 23.68 -11.36
CA THR B 764 -31.58 24.19 -12.39
C THR B 764 -32.84 24.77 -11.79
N GLN B 765 -33.42 24.09 -10.81
CA GLN B 765 -34.64 24.59 -10.18
C GLN B 765 -34.39 25.92 -9.48
N GLU B 766 -33.27 26.03 -8.76
CA GLU B 766 -32.97 27.28 -8.07
C GLU B 766 -32.82 28.43 -9.05
N VAL B 767 -32.16 28.20 -10.18
CA VAL B 767 -31.93 29.29 -11.11
C VAL B 767 -33.23 29.70 -11.81
N PHE B 768 -33.99 28.73 -12.32
CA PHE B 768 -35.06 29.05 -13.25
C PHE B 768 -36.45 29.05 -12.63
N ALA B 769 -36.67 28.32 -11.54
CA ALA B 769 -38.01 28.18 -10.96
C ALA B 769 -38.31 29.24 -9.92
N GLN B 770 -37.70 30.41 -10.03
CA GLN B 770 -37.96 31.49 -9.08
C GLN B 770 -39.34 32.10 -9.26
N VAL B 771 -40.00 31.84 -10.38
CA VAL B 771 -41.29 32.46 -10.67
C VAL B 771 -42.42 31.59 -10.12
N LYS B 772 -43.33 32.23 -9.39
CA LYS B 772 -44.48 31.51 -8.85
C LYS B 772 -45.42 31.06 -9.97
N GLN B 773 -45.73 31.95 -10.90
CA GLN B 773 -46.78 31.73 -11.88
C GLN B 773 -46.23 31.96 -13.29
N ILE B 774 -46.80 31.23 -14.25
CA ILE B 774 -46.41 31.38 -15.64
C ILE B 774 -47.20 32.54 -16.24
N TYR B 775 -46.49 33.49 -16.86
CA TYR B 775 -47.11 34.67 -17.42
C TYR B 775 -47.03 34.63 -18.94
N LYS B 776 -48.03 35.20 -19.60
CA LYS B 776 -48.02 35.45 -21.03
C LYS B 776 -47.94 36.94 -21.33
N THR B 777 -47.08 37.28 -22.29
CA THR B 777 -47.09 38.61 -22.87
C THR B 777 -48.41 38.82 -23.62
N PRO B 778 -48.92 40.04 -23.64
CA PRO B 778 -50.23 40.26 -24.24
C PRO B 778 -50.20 39.94 -25.73
N PRO B 779 -51.34 39.54 -26.30
CA PRO B 779 -51.35 39.26 -27.75
C PRO B 779 -50.94 40.44 -28.60
N ILE B 780 -51.45 41.64 -28.29
CA ILE B 780 -51.06 42.84 -29.02
C ILE B 780 -49.77 43.36 -28.41
N LYS B 781 -48.68 43.27 -29.17
CA LYS B 781 -47.36 43.60 -28.67
C LYS B 781 -47.00 45.02 -29.10
N ASP B 782 -47.58 45.98 -28.38
CA ASP B 782 -47.33 47.41 -28.60
C ASP B 782 -46.79 47.98 -27.29
N PHE B 783 -45.46 48.00 -27.16
CA PHE B 783 -44.79 48.42 -25.93
C PHE B 783 -44.14 49.79 -26.07
N GLY B 784 -44.74 50.68 -26.86
CA GLY B 784 -44.23 52.02 -26.99
C GLY B 784 -42.98 52.15 -27.83
N GLY B 785 -42.73 51.21 -28.73
CA GLY B 785 -41.56 51.24 -29.60
C GLY B 785 -40.52 50.20 -29.25
N PHE B 786 -40.51 49.71 -28.02
CA PHE B 786 -39.59 48.64 -27.66
C PHE B 786 -40.12 47.33 -28.24
N ASN B 787 -39.28 46.67 -29.03
CA ASN B 787 -39.77 45.61 -29.91
C ASN B 787 -39.96 44.29 -29.19
N PHE B 788 -38.87 43.69 -28.69
CA PHE B 788 -38.85 42.44 -27.94
C PHE B 788 -39.16 41.22 -28.79
N SER B 789 -39.47 41.35 -30.08
CA SER B 789 -39.75 40.16 -30.87
C SER B 789 -38.44 39.56 -31.33
N GLN B 790 -37.51 39.41 -30.38
CA GLN B 790 -36.15 38.95 -30.65
C GLN B 790 -35.70 38.06 -29.50
N ILE B 791 -36.41 38.13 -28.38
CA ILE B 791 -36.13 37.34 -27.19
C ILE B 791 -37.35 36.62 -26.65
N LEU B 792 -38.53 36.93 -27.16
CA LEU B 792 -39.78 36.30 -26.78
C LEU B 792 -39.98 35.02 -27.56
N PRO B 793 -40.79 34.09 -27.04
CA PRO B 793 -40.99 32.82 -27.75
C PRO B 793 -41.60 33.02 -29.13
N ASP B 794 -41.18 32.17 -30.06
CA ASP B 794 -41.66 32.22 -31.44
C ASP B 794 -42.69 31.15 -31.66
N PRO B 795 -43.98 31.47 -31.82
CA PRO B 795 -44.98 30.41 -31.96
C PRO B 795 -44.79 29.53 -33.18
N SER B 796 -44.18 30.06 -34.24
CA SER B 796 -44.06 29.30 -35.48
C SER B 796 -43.23 28.04 -35.25
N LYS B 797 -42.11 28.16 -34.57
CA LYS B 797 -41.22 27.02 -34.38
C LYS B 797 -41.81 26.05 -33.37
N PRO B 798 -41.67 24.74 -33.58
CA PRO B 798 -42.24 23.78 -32.61
C PRO B 798 -41.65 23.92 -31.22
N SER B 799 -40.38 24.28 -31.09
CA SER B 799 -39.72 24.32 -29.79
C SER B 799 -40.20 25.46 -28.91
N LYS B 800 -40.92 26.43 -29.46
CA LYS B 800 -41.41 27.57 -28.69
C LYS B 800 -40.27 28.35 -28.05
N ARG B 801 -39.12 28.39 -28.71
CA ARG B 801 -37.97 29.14 -28.22
C ARG B 801 -37.80 30.43 -29.01
N SER B 802 -37.25 31.42 -28.34
CA SER B 802 -36.93 32.67 -28.98
C SER B 802 -35.77 32.49 -29.94
N PRO B 803 -35.63 33.37 -30.94
CA PRO B 803 -34.51 33.23 -31.88
C PRO B 803 -33.14 33.18 -31.22
N ILE B 804 -32.88 34.01 -30.22
CA ILE B 804 -31.59 33.96 -29.54
C ILE B 804 -31.39 32.60 -28.89
N GLU B 805 -32.44 32.05 -28.28
CA GLU B 805 -32.33 30.73 -27.70
C GLU B 805 -32.03 29.68 -28.77
N ASP B 806 -32.61 29.84 -29.96
CA ASP B 806 -32.32 28.93 -31.05
C ASP B 806 -30.85 29.01 -31.46
N LEU B 807 -30.31 30.22 -31.59
CA LEU B 807 -28.89 30.34 -31.90
C LEU B 807 -28.02 29.72 -30.81
N LEU B 808 -28.39 29.95 -29.54
CA LEU B 808 -27.60 29.40 -28.45
C LEU B 808 -27.60 27.89 -28.45
N PHE B 809 -28.76 27.27 -28.72
CA PHE B 809 -28.82 25.82 -28.75
C PHE B 809 -28.08 25.21 -29.93
N ASN B 810 -27.91 25.95 -31.02
CA ASN B 810 -27.22 25.45 -32.19
C ASN B 810 -25.71 25.66 -32.14
N LYS B 811 -25.21 26.33 -31.10
CA LYS B 811 -23.78 26.55 -30.96
C LYS B 811 -23.10 25.67 -29.93
N VAL B 812 -23.87 25.04 -29.04
CA VAL B 812 -23.34 24.06 -28.11
C VAL B 812 -23.73 22.68 -28.62
N THR B 813 -22.72 21.87 -28.97
CA THR B 813 -22.95 20.58 -29.58
C THR B 813 -23.26 19.48 -28.57
N LEU B 814 -23.05 19.73 -27.29
CA LEU B 814 -23.30 18.78 -26.20
C LEU B 814 -22.33 17.61 -26.20
N ALA B 815 -21.39 17.56 -27.15
CA ALA B 815 -20.43 16.46 -27.26
C ALA B 815 -21.11 15.11 -27.45
N ASP B 816 -22.37 15.11 -27.90
CA ASP B 816 -23.15 13.91 -28.11
C ASP B 816 -23.29 13.07 -26.84
N ALA B 817 -23.20 13.72 -25.67
CA ALA B 817 -23.29 13.04 -24.39
C ALA B 817 -24.71 13.00 -23.84
N GLY B 818 -25.67 13.60 -24.54
CA GLY B 818 -27.04 13.65 -24.04
C GLY B 818 -27.91 12.52 -24.55
N PHE B 819 -27.47 11.29 -24.33
CA PHE B 819 -28.24 10.10 -24.72
C PHE B 819 -28.22 9.10 -23.57
N ILE B 820 -29.31 8.34 -23.46
CA ILE B 820 -29.52 7.42 -22.33
C ILE B 820 -29.71 5.99 -22.82
N LYS B 821 -30.62 5.78 -23.77
CA LYS B 821 -30.98 4.45 -24.21
C LYS B 821 -30.04 3.94 -25.29
N GLN B 822 -29.94 2.62 -25.39
CA GLN B 822 -28.95 1.97 -26.26
C GLN B 822 -29.52 0.95 -27.23
N TYR B 823 -30.63 0.30 -26.92
CA TYR B 823 -31.07 -0.83 -27.72
C TYR B 823 -31.56 -0.35 -29.08
N GLY B 824 -32.02 -1.30 -29.90
CA GLY B 824 -32.30 -0.97 -31.29
C GLY B 824 -31.07 -0.48 -32.02
N ASP B 825 -29.93 -1.11 -31.78
CA ASP B 825 -28.67 -0.74 -32.41
C ASP B 825 -28.31 0.72 -32.11
N CYS B 826 -28.08 0.99 -30.82
CA CYS B 826 -27.75 2.34 -30.36
C CYS B 826 -28.79 3.35 -30.84
N LEU B 827 -30.06 2.99 -30.75
CA LEU B 827 -31.16 3.83 -31.22
C LEU B 827 -31.01 4.19 -32.70
N GLY B 828 -30.54 3.22 -33.48
CA GLY B 828 -30.38 3.42 -34.91
C GLY B 828 -29.46 4.59 -35.23
N ASP B 829 -28.35 4.69 -34.52
CA ASP B 829 -27.34 5.72 -34.69
C ASP B 829 -27.79 7.07 -34.14
N ILE B 830 -28.98 7.14 -33.53
CA ILE B 830 -29.42 8.41 -32.93
C ILE B 830 -28.46 8.83 -31.84
N ALA B 831 -28.05 7.89 -30.98
CA ALA B 831 -27.02 8.13 -29.98
C ALA B 831 -25.66 7.77 -30.59
N ALA B 832 -24.71 8.68 -30.50
CA ALA B 832 -23.40 8.46 -31.09
C ALA B 832 -22.82 7.13 -30.64
N ARG B 833 -22.61 6.24 -31.60
CA ARG B 833 -22.16 4.88 -31.30
C ARG B 833 -20.83 4.89 -30.56
N ASP B 834 -19.79 5.36 -31.24
CA ASP B 834 -18.41 5.15 -30.77
C ASP B 834 -18.24 5.60 -29.33
N LEU B 835 -18.78 6.78 -28.99
CA LEU B 835 -18.62 7.30 -27.64
C LEU B 835 -19.64 6.69 -26.68
N ILE B 836 -20.92 6.95 -26.92
CA ILE B 836 -21.94 6.62 -25.92
C ILE B 836 -22.00 5.12 -25.70
N CYS B 837 -22.10 4.34 -26.77
CA CYS B 837 -22.33 2.91 -26.60
C CYS B 837 -21.09 2.21 -26.05
N ALA B 838 -19.92 2.62 -26.52
CA ALA B 838 -18.68 2.06 -25.98
C ALA B 838 -18.55 2.38 -24.49
N GLN B 839 -18.90 3.59 -24.08
CA GLN B 839 -18.83 3.92 -22.66
C GLN B 839 -19.81 3.09 -21.87
N LYS B 840 -21.08 3.06 -22.29
CA LYS B 840 -22.11 2.52 -21.42
C LYS B 840 -22.22 1.01 -21.49
N PHE B 841 -21.48 0.36 -22.39
CA PHE B 841 -21.31 -1.09 -22.26
C PHE B 841 -20.49 -1.43 -21.03
N ASN B 842 -19.86 -0.45 -20.40
CA ASN B 842 -19.03 -0.66 -19.21
C ASN B 842 -19.67 -0.08 -17.96
N GLY B 843 -21.00 0.02 -17.95
CA GLY B 843 -21.70 0.48 -16.76
C GLY B 843 -21.73 1.97 -16.55
N LEU B 844 -21.55 2.76 -17.61
CA LEU B 844 -21.51 4.21 -17.53
C LEU B 844 -22.74 4.77 -18.23
N THR B 845 -23.65 5.36 -17.46
CA THR B 845 -24.93 5.82 -17.96
C THR B 845 -25.07 7.32 -17.74
N VAL B 846 -25.78 7.98 -18.63
CA VAL B 846 -26.12 9.40 -18.51
C VAL B 846 -27.61 9.49 -18.23
N LEU B 847 -27.95 9.98 -17.04
CA LEU B 847 -29.35 10.16 -16.68
C LEU B 847 -29.88 11.46 -17.28
N PRO B 848 -31.17 11.50 -17.61
CA PRO B 848 -31.73 12.71 -18.22
C PRO B 848 -32.12 13.72 -17.15
N PRO B 849 -32.01 15.02 -17.45
CA PRO B 849 -32.39 16.03 -16.46
C PRO B 849 -33.89 16.03 -16.20
N LEU B 850 -34.26 16.49 -15.01
CA LEU B 850 -35.67 16.50 -14.62
C LEU B 850 -36.46 17.48 -15.48
N LEU B 851 -35.97 18.71 -15.62
CA LEU B 851 -36.63 19.71 -16.44
C LEU B 851 -36.17 19.59 -17.88
N THR B 852 -37.12 19.47 -18.80
CA THR B 852 -36.79 19.43 -20.20
C THR B 852 -36.38 20.83 -20.68
N ASP B 853 -35.80 20.87 -21.88
CA ASP B 853 -35.44 22.15 -22.48
C ASP B 853 -36.67 23.00 -22.71
N GLU B 854 -37.79 22.36 -23.11
CA GLU B 854 -39.02 23.10 -23.31
C GLU B 854 -39.50 23.74 -22.01
N MET B 855 -39.34 23.04 -20.89
CA MET B 855 -39.80 23.58 -19.62
C MET B 855 -38.93 24.75 -19.16
N ILE B 856 -37.62 24.65 -19.37
CA ILE B 856 -36.74 25.77 -19.04
C ILE B 856 -37.06 26.97 -19.92
N ALA B 857 -37.35 26.72 -21.20
CA ALA B 857 -37.75 27.80 -22.09
C ALA B 857 -39.04 28.43 -21.62
N GLN B 858 -39.98 27.63 -21.14
CA GLN B 858 -41.25 28.17 -20.64
C GLN B 858 -41.03 29.01 -19.40
N TYR B 859 -40.14 28.58 -18.49
CA TYR B 859 -39.81 29.39 -17.33
C TYR B 859 -39.19 30.72 -17.76
N THR B 860 -38.28 30.69 -18.72
CA THR B 860 -37.66 31.92 -19.20
C THR B 860 -38.71 32.84 -19.82
N SER B 861 -39.64 32.28 -20.60
CA SER B 861 -40.70 33.09 -21.18
C SER B 861 -41.54 33.73 -20.08
N ALA B 862 -41.82 32.99 -19.01
CA ALA B 862 -42.55 33.55 -17.90
C ALA B 862 -41.81 34.73 -17.28
N LEU B 863 -40.50 34.58 -17.10
CA LEU B 863 -39.72 35.68 -16.53
C LEU B 863 -39.75 36.91 -17.43
N LEU B 864 -39.58 36.73 -18.74
CA LEU B 864 -39.63 37.86 -19.65
C LEU B 864 -41.01 38.51 -19.65
N ALA B 865 -42.07 37.71 -19.66
CA ALA B 865 -43.41 38.27 -19.63
C ALA B 865 -43.64 39.09 -18.38
N GLY B 866 -43.23 38.55 -17.22
CA GLY B 866 -43.36 39.30 -15.99
C GLY B 866 -42.61 40.61 -16.01
N THR B 867 -41.36 40.57 -16.48
CA THR B 867 -40.56 41.79 -16.54
C THR B 867 -41.18 42.81 -17.47
N ILE B 868 -41.64 42.39 -18.63
CA ILE B 868 -42.15 43.32 -19.63
C ILE B 868 -43.48 43.92 -19.18
N THR B 869 -44.34 43.11 -18.56
CA THR B 869 -45.70 43.55 -18.26
C THR B 869 -45.87 44.12 -16.86
N SER B 870 -44.93 43.87 -15.94
CA SER B 870 -45.11 44.24 -14.55
C SER B 870 -43.91 44.92 -13.92
N GLY B 871 -42.73 44.85 -14.51
CA GLY B 871 -41.55 45.40 -13.87
C GLY B 871 -41.02 44.48 -12.78
N TRP B 872 -40.56 45.08 -11.68
N TRP B 872 -40.57 45.09 -11.69
CA TRP B 872 -40.06 44.29 -10.56
CA TRP B 872 -40.06 44.32 -10.56
C TRP B 872 -41.16 43.90 -9.59
C TRP B 872 -41.14 43.95 -9.55
N THR B 873 -42.36 44.48 -9.69
CA THR B 873 -43.43 44.08 -8.80
C THR B 873 -43.68 42.58 -8.90
N PHE B 874 -43.47 42.03 -10.09
CA PHE B 874 -43.40 40.60 -10.37
C PHE B 874 -42.76 39.79 -9.24
N GLY B 875 -41.58 40.18 -8.79
CA GLY B 875 -40.80 39.38 -7.88
C GLY B 875 -40.87 39.73 -6.42
N ALA B 876 -41.73 40.67 -6.03
CA ALA B 876 -41.87 41.07 -4.64
C ALA B 876 -43.28 40.89 -4.11
N GLY B 877 -44.14 40.18 -4.85
CA GLY B 877 -45.52 40.03 -4.46
C GLY B 877 -46.43 39.92 -5.67
N PRO B 878 -47.66 40.43 -5.57
CA PRO B 878 -48.57 40.38 -6.71
C PRO B 878 -47.98 41.10 -7.91
N ALA B 879 -48.25 40.56 -9.09
CA ALA B 879 -47.82 41.18 -10.33
C ALA B 879 -48.74 42.35 -10.65
N LEU B 880 -48.15 43.54 -10.83
CA LEU B 880 -48.91 44.76 -11.06
C LEU B 880 -48.54 45.29 -12.44
N GLN B 881 -49.54 45.48 -13.29
CA GLN B 881 -49.27 45.94 -14.64
C GLN B 881 -48.83 47.39 -14.63
N ILE B 882 -47.96 47.72 -15.58
CA ILE B 882 -47.45 49.08 -15.73
C ILE B 882 -47.01 49.26 -17.17
N PRO B 883 -47.40 50.33 -17.86
CA PRO B 883 -46.95 50.51 -19.24
C PRO B 883 -45.43 50.57 -19.31
N PHE B 884 -44.88 49.95 -20.35
CA PHE B 884 -43.44 49.77 -20.40
C PHE B 884 -42.66 51.08 -20.42
N PRO B 885 -43.06 52.11 -21.17
CA PRO B 885 -42.34 53.38 -21.06
C PRO B 885 -42.23 53.91 -19.65
N MET B 886 -43.29 53.78 -18.85
CA MET B 886 -43.21 54.21 -17.46
C MET B 886 -42.28 53.32 -16.65
N GLN B 887 -42.20 52.03 -16.99
CA GLN B 887 -41.23 51.16 -16.34
C GLN B 887 -39.81 51.62 -16.62
N MET B 888 -39.53 51.96 -17.88
CA MET B 888 -38.19 52.45 -18.21
C MET B 888 -37.93 53.80 -17.57
N ALA B 889 -38.95 54.64 -17.41
CA ALA B 889 -38.77 55.89 -16.69
C ALA B 889 -38.45 55.64 -15.22
N TYR B 890 -39.16 54.69 -14.61
CA TYR B 890 -38.83 54.27 -13.25
C TYR B 890 -37.36 53.92 -13.16
N ARG B 891 -36.90 53.09 -14.09
CA ARG B 891 -35.53 52.59 -14.05
C ARG B 891 -34.53 53.70 -14.31
N PHE B 892 -34.90 54.67 -15.14
CA PHE B 892 -34.07 55.85 -15.33
C PHE B 892 -33.93 56.62 -14.02
N ASN B 893 -35.03 56.79 -13.29
CA ASN B 893 -34.94 57.35 -11.95
C ASN B 893 -33.99 56.54 -11.08
N GLY B 894 -34.01 55.21 -11.26
CA GLY B 894 -33.15 54.36 -10.45
C GLY B 894 -31.68 54.65 -10.61
N ILE B 895 -31.26 55.15 -11.78
CA ILE B 895 -29.86 55.40 -12.06
C ILE B 895 -29.52 56.88 -11.99
N GLY B 896 -30.41 57.72 -11.47
CA GLY B 896 -30.11 59.11 -11.25
C GLY B 896 -30.46 60.04 -12.39
N VAL B 897 -31.21 59.57 -13.39
CA VAL B 897 -31.61 60.40 -14.52
C VAL B 897 -33.11 60.65 -14.43
N THR B 898 -33.52 61.89 -14.68
CA THR B 898 -34.90 62.28 -14.51
C THR B 898 -35.79 61.60 -15.55
N GLN B 899 -37.09 61.54 -15.23
CA GLN B 899 -38.04 60.86 -16.10
C GLN B 899 -38.10 61.53 -17.47
N ASN B 900 -38.13 62.86 -17.51
CA ASN B 900 -38.33 63.53 -18.78
C ASN B 900 -37.25 63.17 -19.79
N VAL B 901 -36.07 62.78 -19.32
CA VAL B 901 -35.02 62.39 -20.25
C VAL B 901 -35.45 61.20 -21.10
N LEU B 902 -36.44 60.44 -20.62
CA LEU B 902 -36.93 59.31 -21.39
C LEU B 902 -38.10 59.70 -22.28
N TYR B 903 -39.09 60.39 -21.72
CA TYR B 903 -40.29 60.70 -22.50
C TYR B 903 -39.98 61.64 -23.66
N GLU B 904 -38.99 62.50 -23.52
CA GLU B 904 -38.56 63.36 -24.61
C GLU B 904 -37.54 62.71 -25.53
N ASN B 905 -37.15 61.47 -25.26
CA ASN B 905 -36.26 60.72 -26.13
C ASN B 905 -36.74 59.28 -26.32
N GLN B 906 -38.06 59.05 -26.28
CA GLN B 906 -38.57 57.69 -26.27
C GLN B 906 -38.25 56.96 -27.57
N LYS B 907 -38.43 57.63 -28.71
CA LYS B 907 -38.16 56.98 -29.99
C LYS B 907 -36.69 56.62 -30.13
N LEU B 908 -35.81 57.54 -29.75
CA LEU B 908 -34.38 57.27 -29.82
C LEU B 908 -34.00 56.09 -28.94
N ILE B 909 -34.53 56.06 -27.72
CA ILE B 909 -34.23 54.97 -26.79
C ILE B 909 -34.71 53.65 -27.35
N ALA B 910 -35.92 53.64 -27.91
CA ALA B 910 -36.46 52.41 -28.48
C ALA B 910 -35.60 51.93 -29.64
N ASN B 911 -35.19 52.86 -30.52
CA ASN B 911 -34.36 52.48 -31.65
C ASN B 911 -33.03 51.90 -31.18
N GLN B 912 -32.40 52.54 -30.20
CA GLN B 912 -31.14 52.03 -29.68
C GLN B 912 -31.31 50.64 -29.08
N PHE B 913 -32.39 50.43 -28.32
CA PHE B 913 -32.64 49.13 -27.70
C PHE B 913 -32.79 48.05 -28.77
N ASN B 914 -33.61 48.35 -29.79
CA ASN B 914 -33.84 47.37 -30.85
C ASN B 914 -32.56 47.05 -31.60
N SER B 915 -31.77 48.07 -31.92
CA SER B 915 -30.53 47.87 -32.65
C SER B 915 -29.55 47.03 -31.83
N ALA B 916 -29.46 47.30 -30.53
CA ALA B 916 -28.57 46.52 -29.68
C ALA B 916 -29.02 45.06 -29.62
N ILE B 917 -30.33 44.83 -29.49
CA ILE B 917 -30.83 43.46 -29.45
C ILE B 917 -30.48 42.73 -30.75
N GLY B 918 -30.64 43.40 -31.89
CA GLY B 918 -30.25 42.78 -33.14
C GLY B 918 -28.77 42.47 -33.21
N LYS B 919 -27.94 43.41 -32.78
CA LYS B 919 -26.50 43.18 -32.76
C LYS B 919 -26.15 41.99 -31.89
N ILE B 920 -26.95 41.71 -30.86
CA ILE B 920 -26.66 40.56 -30.01
C ILE B 920 -26.72 39.26 -30.81
N GLN B 921 -27.81 39.07 -31.57
CA GLN B 921 -27.88 37.89 -32.44
C GLN B 921 -26.75 37.89 -33.46
N ASP B 922 -26.48 39.04 -34.06
CA ASP B 922 -25.41 39.08 -35.05
C ASP B 922 -24.12 38.54 -34.44
N SER B 923 -23.75 39.07 -33.27
CA SER B 923 -22.51 38.68 -32.63
C SER B 923 -22.50 37.20 -32.26
N LEU B 924 -23.61 36.72 -31.68
CA LEU B 924 -23.66 35.32 -31.27
C LEU B 924 -23.52 34.39 -32.46
N SER B 925 -24.21 34.71 -33.56
CA SER B 925 -24.12 33.88 -34.76
C SER B 925 -22.74 33.93 -35.38
N SER B 926 -22.06 35.08 -35.31
CA SER B 926 -20.75 35.23 -35.94
C SER B 926 -19.61 34.89 -34.99
N THR B 927 -19.52 35.58 -33.85
CA THR B 927 -18.38 35.47 -32.97
C THR B 927 -18.07 34.02 -32.62
N PRO B 928 -16.91 33.50 -33.01
CA PRO B 928 -16.57 32.12 -32.64
C PRO B 928 -16.29 31.99 -31.16
N SER B 929 -16.59 30.80 -30.63
CA SER B 929 -16.31 30.47 -29.23
C SER B 929 -16.99 31.46 -28.29
N ALA B 930 -18.20 31.89 -28.64
CA ALA B 930 -18.96 32.76 -27.76
C ALA B 930 -19.45 32.01 -26.53
N LEU B 931 -19.99 30.81 -26.73
CA LEU B 931 -20.47 29.96 -25.63
C LEU B 931 -19.37 29.01 -25.19
N GLY B 932 -18.21 29.59 -24.89
CA GLY B 932 -17.05 28.79 -24.52
C GLY B 932 -17.21 28.04 -23.22
N LYS B 933 -17.89 28.63 -22.25
CA LYS B 933 -17.93 28.04 -20.91
C LYS B 933 -18.81 26.79 -20.86
N LEU B 934 -19.97 26.84 -21.50
CA LEU B 934 -20.83 25.66 -21.54
C LEU B 934 -20.14 24.52 -22.28
N GLN B 935 -19.49 24.84 -23.40
CA GLN B 935 -18.76 23.82 -24.13
C GLN B 935 -17.59 23.29 -23.32
N ASP B 936 -16.96 24.13 -22.52
CA ASP B 936 -15.89 23.65 -21.65
C ASP B 936 -16.41 22.65 -20.63
N VAL B 937 -17.57 22.94 -20.04
CA VAL B 937 -18.16 21.99 -19.09
C VAL B 937 -18.43 20.66 -19.77
N VAL B 938 -19.06 20.71 -20.95
CA VAL B 938 -19.39 19.47 -21.66
C VAL B 938 -18.12 18.71 -22.00
N ASN B 939 -17.10 19.41 -22.51
CA ASN B 939 -15.86 18.77 -22.90
C ASN B 939 -15.17 18.13 -21.70
N GLN B 940 -15.16 18.82 -20.56
CA GLN B 940 -14.54 18.24 -19.37
C GLN B 940 -15.23 16.96 -18.95
N ASN B 941 -16.56 16.97 -18.94
CA ASN B 941 -17.29 15.76 -18.54
C ASN B 941 -16.99 14.61 -19.51
N ALA B 942 -17.04 14.90 -20.81
CA ALA B 942 -16.78 13.87 -21.80
C ALA B 942 -15.36 13.32 -21.67
N GLN B 943 -14.39 14.20 -21.44
CA GLN B 943 -13.00 13.77 -21.32
C GLN B 943 -12.81 12.88 -20.09
N ALA B 944 -13.43 13.26 -18.96
CA ALA B 944 -13.32 12.44 -17.77
C ALA B 944 -13.90 11.06 -18.02
N LEU B 945 -15.07 11.00 -18.66
CA LEU B 945 -15.69 9.70 -18.88
C LEU B 945 -14.87 8.86 -19.86
N ASN B 946 -14.27 9.51 -20.86
CA ASN B 946 -13.44 8.79 -21.82
C ASN B 946 -12.19 8.23 -21.17
N THR B 947 -11.51 9.01 -20.33
CA THR B 947 -10.33 8.48 -19.65
C THR B 947 -10.72 7.35 -18.70
N LEU B 948 -11.89 7.47 -18.07
CA LEU B 948 -12.36 6.37 -17.22
C LEU B 948 -12.53 5.09 -18.04
N VAL B 949 -13.10 5.20 -19.23
CA VAL B 949 -13.28 4.02 -20.07
C VAL B 949 -11.93 3.47 -20.51
N LYS B 950 -11.02 4.35 -20.94
CA LYS B 950 -9.75 3.91 -21.49
C LYS B 950 -8.86 3.29 -20.42
N GLN B 951 -9.09 3.63 -19.15
CA GLN B 951 -8.30 3.01 -18.09
C GLN B 951 -8.58 1.52 -17.93
N LEU B 952 -9.63 1.00 -18.57
CA LEU B 952 -9.87 -0.43 -18.54
C LEU B 952 -8.88 -1.22 -19.38
N SER B 953 -8.07 -0.55 -20.19
CA SER B 953 -7.06 -1.23 -21.01
C SER B 953 -5.76 -1.49 -20.26
N SER B 954 -5.60 -0.92 -19.07
CA SER B 954 -4.34 -1.05 -18.34
C SER B 954 -4.25 -2.42 -17.66
N ASN B 955 -3.02 -2.89 -17.49
CA ASN B 955 -2.76 -4.15 -16.80
C ASN B 955 -2.66 -3.98 -15.30
N PHE B 956 -2.08 -2.87 -14.84
CA PHE B 956 -1.85 -2.63 -13.42
C PHE B 956 -0.97 -3.70 -12.79
N GLY B 957 -0.09 -4.30 -13.58
CA GLY B 957 0.81 -5.32 -13.11
C GLY B 957 0.37 -6.74 -13.42
N ALA B 958 -0.88 -6.95 -13.80
CA ALA B 958 -1.36 -8.29 -14.12
C ALA B 958 -0.87 -8.70 -15.50
N ILE B 959 -1.07 -9.98 -15.82
CA ILE B 959 -0.65 -10.48 -17.11
C ILE B 959 -1.53 -9.93 -18.22
N SER B 960 -2.80 -9.71 -17.94
CA SER B 960 -3.73 -9.25 -18.97
C SER B 960 -4.77 -8.33 -18.34
N SER B 961 -5.15 -7.30 -19.08
CA SER B 961 -6.24 -6.43 -18.65
C SER B 961 -7.60 -7.10 -18.80
N VAL B 962 -7.70 -8.11 -19.65
CA VAL B 962 -8.95 -8.83 -19.84
C VAL B 962 -9.11 -9.82 -18.69
N LEU B 963 -10.28 -9.79 -18.06
CA LEU B 963 -10.53 -10.65 -16.92
C LEU B 963 -10.80 -12.08 -17.34
N ASN B 964 -11.44 -12.28 -18.50
CA ASN B 964 -11.73 -13.62 -18.97
C ASN B 964 -10.46 -14.33 -19.41
N ASP B 965 -9.55 -13.63 -20.07
CA ASP B 965 -8.29 -14.23 -20.47
C ASP B 965 -7.50 -14.68 -19.25
N ILE B 966 -7.49 -13.85 -18.21
CA ILE B 966 -6.72 -14.16 -17.02
C ILE B 966 -7.39 -15.26 -16.21
N LEU B 967 -8.69 -15.45 -16.36
CA LEU B 967 -9.37 -16.56 -15.71
C LEU B 967 -9.24 -17.85 -16.51
N SER B 968 -8.90 -17.76 -17.79
CA SER B 968 -8.79 -18.93 -18.65
C SER B 968 -7.37 -19.43 -18.81
N ARG B 969 -6.42 -18.91 -18.03
CA ARG B 969 -5.03 -19.28 -18.18
C ARG B 969 -4.41 -19.68 -16.85
N LEU B 970 -4.89 -19.10 -15.76
CA LEU B 970 -4.35 -19.34 -14.44
C LEU B 970 -5.37 -20.07 -13.57
N ASP B 971 -4.86 -20.69 -12.52
CA ASP B 971 -5.67 -21.42 -11.56
C ASP B 971 -6.11 -20.49 -10.44
N PRO B 972 -7.05 -20.94 -9.60
CA PRO B 972 -7.54 -20.08 -8.51
C PRO B 972 -6.44 -19.34 -7.79
N PRO B 973 -5.44 -20.03 -7.23
CA PRO B 973 -4.52 -19.35 -6.32
C PRO B 973 -3.79 -18.17 -6.94
N GLU B 974 -3.53 -18.19 -8.25
CA GLU B 974 -2.90 -17.08 -8.94
C GLU B 974 -3.89 -16.18 -9.66
N ALA B 975 -4.98 -16.75 -10.17
CA ALA B 975 -6.03 -15.92 -10.76
C ALA B 975 -6.53 -14.89 -9.76
N GLU B 976 -6.68 -15.29 -8.50
CA GLU B 976 -7.07 -14.33 -7.48
C GLU B 976 -6.02 -13.25 -7.30
N VAL B 977 -4.74 -13.64 -7.27
CA VAL B 977 -3.67 -12.66 -7.07
C VAL B 977 -3.68 -11.62 -8.16
N GLN B 978 -4.00 -12.01 -9.39
CA GLN B 978 -3.99 -11.07 -10.50
C GLN B 978 -5.28 -10.26 -10.59
N ILE B 979 -6.42 -10.89 -10.36
CA ILE B 979 -7.67 -10.15 -10.31
C ILE B 979 -7.62 -9.10 -9.22
N ASP B 980 -6.86 -9.36 -8.15
CA ASP B 980 -6.72 -8.36 -7.10
C ASP B 980 -6.03 -7.12 -7.62
N ARG B 981 -4.97 -7.30 -8.42
CA ARG B 981 -4.29 -6.14 -9.01
C ARG B 981 -5.24 -5.35 -9.90
N LEU B 982 -6.01 -6.06 -10.73
CA LEU B 982 -6.96 -5.36 -11.59
C LEU B 982 -7.99 -4.60 -10.76
N ILE B 983 -8.52 -5.23 -9.71
CA ILE B 983 -9.53 -4.59 -8.88
C ILE B 983 -8.96 -3.35 -8.21
N THR B 984 -7.74 -3.45 -7.70
CA THR B 984 -7.11 -2.30 -7.05
C THR B 984 -6.96 -1.15 -8.03
N GLY B 985 -6.43 -1.42 -9.22
CA GLY B 985 -6.25 -0.36 -10.19
C GLY B 985 -7.56 0.29 -10.59
N ARG B 986 -8.59 -0.54 -10.80
CA ARG B 986 -9.87 0.00 -11.26
C ARG B 986 -10.59 0.77 -10.18
N LEU B 987 -10.50 0.32 -8.92
CA LEU B 987 -11.00 1.14 -7.81
C LEU B 987 -10.28 2.47 -7.74
N GLN B 988 -8.96 2.46 -7.90
CA GLN B 988 -8.23 3.72 -7.83
C GLN B 988 -8.70 4.67 -8.91
N SER B 989 -8.86 4.17 -10.14
CA SER B 989 -9.30 5.03 -11.23
C SER B 989 -10.71 5.56 -10.98
N LEU B 990 -11.61 4.70 -10.51
CA LEU B 990 -12.98 5.12 -10.29
C LEU B 990 -13.07 6.15 -9.17
N GLN B 991 -12.30 5.96 -8.09
CA GLN B 991 -12.28 6.93 -7.01
C GLN B 991 -11.72 8.26 -7.47
N THR B 992 -10.66 8.24 -8.27
CA THR B 992 -10.18 9.48 -8.87
C THR B 992 -11.29 10.18 -9.62
N TYR B 993 -11.97 9.45 -10.50
CA TYR B 993 -13.05 10.04 -11.28
C TYR B 993 -14.07 10.70 -10.38
N VAL B 994 -14.50 10.01 -9.33
CA VAL B 994 -15.53 10.54 -8.46
C VAL B 994 -15.03 11.77 -7.72
N THR B 995 -13.75 11.80 -7.35
CA THR B 995 -13.22 12.94 -6.62
C THR B 995 -13.22 14.20 -7.49
N GLN B 996 -12.66 14.10 -8.70
CA GLN B 996 -12.74 15.28 -9.55
C GLN B 996 -14.17 15.62 -9.96
N GLN B 997 -15.08 14.65 -10.03
CA GLN B 997 -16.47 15.00 -10.28
C GLN B 997 -17.09 15.77 -9.12
N LEU B 998 -16.76 15.41 -7.88
CA LEU B 998 -17.24 16.18 -6.75
C LEU B 998 -16.70 17.61 -6.79
N ILE B 999 -15.41 17.77 -7.11
CA ILE B 999 -14.83 19.11 -7.17
C ILE B 999 -15.51 19.94 -8.28
N ARG B 1000 -15.68 19.34 -9.45
CA ARG B 1000 -16.32 20.05 -10.55
C ARG B 1000 -17.77 20.39 -10.21
N ALA B 1001 -18.47 19.50 -9.50
CA ALA B 1001 -19.83 19.78 -9.11
C ALA B 1001 -19.88 20.94 -8.12
N ALA B 1002 -18.90 21.03 -7.22
CA ALA B 1002 -18.84 22.19 -6.34
C ALA B 1002 -18.66 23.48 -7.13
N GLU B 1003 -17.79 23.45 -8.14
CA GLU B 1003 -17.60 24.64 -8.97
C GLU B 1003 -18.89 25.02 -9.70
N ILE B 1004 -19.59 24.03 -10.27
CA ILE B 1004 -20.83 24.32 -10.96
C ILE B 1004 -21.91 24.77 -9.98
N ARG B 1005 -21.88 24.30 -8.74
CA ARG B 1005 -22.80 24.82 -7.73
C ARG B 1005 -22.53 26.29 -7.46
N ALA B 1006 -21.26 26.67 -7.38
CA ALA B 1006 -20.95 28.09 -7.21
C ALA B 1006 -21.49 28.89 -8.39
N SER B 1007 -21.30 28.39 -9.60
CA SER B 1007 -21.82 29.10 -10.78
C SER B 1007 -23.34 29.19 -10.74
N ALA B 1008 -24.02 28.12 -10.33
CA ALA B 1008 -25.47 28.14 -10.28
C ALA B 1008 -26.00 29.09 -9.22
N ASN B 1009 -25.32 29.15 -8.07
CA ASN B 1009 -25.69 30.11 -7.04
C ASN B 1009 -25.53 31.54 -7.55
N LEU B 1010 -24.42 31.81 -8.24
CA LEU B 1010 -24.24 33.13 -8.83
C LEU B 1010 -25.33 33.44 -9.84
N ALA B 1011 -25.69 32.44 -10.66
CA ALA B 1011 -26.73 32.66 -11.66
C ALA B 1011 -28.08 32.93 -11.02
N ALA B 1012 -28.42 32.21 -9.95
CA ALA B 1012 -29.67 32.47 -9.25
C ALA B 1012 -29.67 33.86 -8.62
N THR B 1013 -28.54 34.27 -8.05
CA THR B 1013 -28.43 35.61 -7.49
C THR B 1013 -28.63 36.66 -8.58
N LYS B 1014 -28.05 36.44 -9.76
CA LYS B 1014 -28.23 37.39 -10.85
C LYS B 1014 -29.66 37.40 -11.35
N MET B 1015 -30.30 36.23 -11.41
CA MET B 1015 -31.71 36.20 -11.81
C MET B 1015 -32.56 37.00 -10.85
N SER B 1016 -32.29 36.86 -9.55
CA SER B 1016 -33.05 37.63 -8.57
C SER B 1016 -32.79 39.12 -8.69
N GLU B 1017 -31.51 39.51 -8.71
CA GLU B 1017 -31.13 40.90 -8.51
C GLU B 1017 -31.03 41.72 -9.79
N CYS B 1018 -31.13 41.10 -10.96
CA CYS B 1018 -31.01 41.81 -12.22
C CYS B 1018 -32.16 41.59 -13.18
N VAL B 1019 -32.82 40.43 -13.11
CA VAL B 1019 -34.02 40.21 -13.91
C VAL B 1019 -35.27 40.61 -13.14
N LEU B 1020 -35.33 40.27 -11.86
CA LEU B 1020 -36.46 40.58 -11.00
C LEU B 1020 -36.32 41.91 -10.29
N GLY B 1021 -35.25 42.65 -10.55
CA GLY B 1021 -35.08 43.96 -9.94
C GLY B 1021 -34.01 44.74 -10.66
N GLN B 1022 -33.76 45.95 -10.16
CA GLN B 1022 -32.74 46.83 -10.69
C GLN B 1022 -31.63 46.95 -9.66
N SER B 1023 -30.41 46.64 -10.08
CA SER B 1023 -29.28 46.55 -9.16
C SER B 1023 -28.45 47.83 -9.18
N LYS B 1024 -28.10 48.30 -7.99
CA LYS B 1024 -27.14 49.37 -7.84
C LYS B 1024 -25.72 48.87 -7.65
N ARG B 1025 -25.52 47.55 -7.63
CA ARG B 1025 -24.21 46.97 -7.51
C ARG B 1025 -23.46 47.12 -8.82
N VAL B 1026 -22.42 47.95 -8.83
CA VAL B 1026 -21.74 48.29 -10.08
C VAL B 1026 -21.03 47.06 -10.63
N ASP B 1027 -21.20 46.82 -11.93
CA ASP B 1027 -20.56 45.74 -12.69
C ASP B 1027 -21.06 44.37 -12.26
N PHE B 1028 -22.00 44.26 -11.33
CA PHE B 1028 -22.51 42.95 -10.97
C PHE B 1028 -23.21 42.29 -12.15
N CYS B 1029 -23.97 43.06 -12.91
CA CYS B 1029 -24.61 42.58 -14.13
C CYS B 1029 -24.65 43.73 -15.13
N GLY B 1030 -23.63 43.78 -15.99
CA GLY B 1030 -23.55 44.74 -17.07
C GLY B 1030 -22.52 45.82 -16.80
N LYS B 1031 -21.85 46.24 -17.87
CA LYS B 1031 -20.95 47.39 -17.81
C LYS B 1031 -21.77 48.65 -18.02
N GLY B 1032 -21.76 49.54 -17.03
CA GLY B 1032 -22.59 50.72 -17.04
C GLY B 1032 -23.74 50.61 -16.05
N TYR B 1033 -24.51 51.69 -15.97
CA TYR B 1033 -25.63 51.72 -15.04
C TYR B 1033 -26.72 50.79 -15.52
N HIS B 1034 -27.11 49.85 -14.67
CA HIS B 1034 -28.00 48.77 -15.06
C HIS B 1034 -29.44 49.25 -15.13
N LEU B 1035 -30.06 49.09 -16.29
CA LEU B 1035 -31.48 49.37 -16.45
C LEU B 1035 -32.32 48.11 -16.20
N MET B 1036 -32.02 47.04 -16.93
CA MET B 1036 -32.76 45.79 -16.74
C MET B 1036 -31.95 44.64 -17.30
N SER B 1037 -32.52 43.45 -17.22
CA SER B 1037 -31.86 42.26 -17.76
C SER B 1037 -32.92 41.25 -18.19
N PHE B 1038 -32.57 40.44 -19.17
CA PHE B 1038 -33.46 39.44 -19.74
C PHE B 1038 -32.75 38.10 -19.76
N PRO B 1039 -33.37 37.03 -19.25
CA PRO B 1039 -32.73 35.71 -19.31
C PRO B 1039 -33.09 34.94 -20.56
N GLN B 1040 -32.18 34.03 -20.92
CA GLN B 1040 -32.36 33.14 -22.06
C GLN B 1040 -31.75 31.80 -21.69
N SER B 1041 -32.41 30.72 -22.10
CA SER B 1041 -31.92 29.39 -21.77
C SER B 1041 -30.91 28.93 -22.81
N ALA B 1042 -29.83 28.30 -22.34
CA ALA B 1042 -28.82 27.69 -23.17
C ALA B 1042 -28.56 26.29 -22.64
N PRO B 1043 -28.00 25.40 -23.44
CA PRO B 1043 -27.75 24.03 -22.96
C PRO B 1043 -26.85 24.03 -21.73
N HIS B 1044 -27.41 23.60 -20.61
CA HIS B 1044 -26.71 23.54 -19.33
C HIS B 1044 -26.29 24.91 -18.83
N GLY B 1045 -26.95 25.97 -19.27
CA GLY B 1045 -26.54 27.30 -18.85
C GLY B 1045 -27.62 28.33 -19.09
N VAL B 1046 -27.32 29.54 -18.65
CA VAL B 1046 -28.21 30.68 -18.79
C VAL B 1046 -27.42 31.84 -19.37
N VAL B 1047 -28.07 32.60 -20.25
CA VAL B 1047 -27.49 33.78 -20.86
C VAL B 1047 -28.32 34.98 -20.43
N PHE B 1048 -27.68 35.95 -19.80
CA PHE B 1048 -28.33 37.18 -19.39
C PHE B 1048 -27.95 38.28 -20.37
N LEU B 1049 -28.97 38.95 -20.91
CA LEU B 1049 -28.79 40.16 -21.69
C LEU B 1049 -29.04 41.34 -20.76
N HIS B 1050 -27.98 42.03 -20.37
CA HIS B 1050 -28.05 43.17 -19.48
C HIS B 1050 -28.18 44.44 -20.33
N VAL B 1051 -29.28 45.15 -20.14
CA VAL B 1051 -29.52 46.44 -20.79
C VAL B 1051 -29.12 47.52 -19.80
N THR B 1052 -28.13 48.33 -20.19
CA THR B 1052 -27.53 49.32 -19.31
C THR B 1052 -27.43 50.66 -20.02
N TYR B 1053 -27.20 51.70 -19.23
CA TYR B 1053 -27.16 53.09 -19.69
C TYR B 1053 -25.73 53.59 -19.59
N VAL B 1054 -25.13 53.93 -20.73
CA VAL B 1054 -23.75 54.38 -20.80
C VAL B 1054 -23.74 55.84 -21.26
N PRO B 1055 -23.30 56.78 -20.45
CA PRO B 1055 -23.26 58.18 -20.91
C PRO B 1055 -22.27 58.36 -22.05
N ALA B 1056 -22.52 59.38 -22.86
CA ALA B 1056 -21.68 59.66 -24.01
C ALA B 1056 -21.78 61.13 -24.38
N GLN B 1057 -20.79 61.60 -25.14
CA GLN B 1057 -20.74 62.96 -25.65
C GLN B 1057 -20.73 63.98 -24.50
N GLU B 1058 -19.63 63.95 -23.76
CA GLU B 1058 -19.46 64.81 -22.59
C GLU B 1058 -18.63 66.04 -22.95
N LYS B 1059 -19.00 67.18 -22.40
CA LYS B 1059 -18.27 68.41 -22.59
C LYS B 1059 -17.95 69.03 -21.23
N ASN B 1060 -16.98 69.95 -21.21
CA ASN B 1060 -16.22 70.21 -20.00
C ASN B 1060 -16.99 71.00 -18.94
N PHE B 1061 -17.32 72.26 -19.23
CA PHE B 1061 -17.99 73.11 -18.25
C PHE B 1061 -17.09 73.43 -17.06
N THR B 1062 -17.41 74.53 -16.37
CA THR B 1062 -16.74 74.94 -15.15
C THR B 1062 -17.71 74.84 -13.98
N THR B 1063 -17.19 74.47 -12.82
CA THR B 1063 -18.03 74.11 -11.68
C THR B 1063 -17.57 74.80 -10.41
N ALA B 1064 -18.53 75.06 -9.52
CA ALA B 1064 -18.29 75.57 -8.19
C ALA B 1064 -19.13 74.78 -7.19
N PRO B 1065 -18.69 74.68 -5.94
CA PRO B 1065 -19.46 73.90 -4.96
C PRO B 1065 -20.64 74.63 -4.35
N ALA B 1066 -20.71 75.95 -4.44
CA ALA B 1066 -21.80 76.70 -3.84
C ALA B 1066 -21.86 78.08 -4.49
N ILE B 1067 -22.99 78.76 -4.26
CA ILE B 1067 -23.21 80.11 -4.79
C ILE B 1067 -23.47 81.04 -3.62
N CYS B 1068 -22.74 82.16 -3.56
CA CYS B 1068 -22.97 83.16 -2.53
C CYS B 1068 -23.91 84.22 -3.06
N HIS B 1069 -25.04 84.40 -2.38
CA HIS B 1069 -26.02 85.40 -2.76
C HIS B 1069 -26.67 85.94 -1.49
N ASP B 1070 -26.72 87.28 -1.38
CA ASP B 1070 -27.26 87.93 -0.19
C ASP B 1070 -26.57 87.45 1.07
N GLY B 1071 -25.28 87.12 0.97
CA GLY B 1071 -24.53 86.65 2.10
C GLY B 1071 -24.82 85.23 2.52
N LYS B 1072 -25.57 84.47 1.73
CA LYS B 1072 -25.92 83.10 2.05
C LYS B 1072 -25.31 82.17 1.02
N ALA B 1073 -24.93 80.97 1.47
CA ALA B 1073 -24.32 79.96 0.62
C ALA B 1073 -25.37 78.96 0.19
N HIS B 1074 -25.53 78.79 -1.11
CA HIS B 1074 -26.55 77.94 -1.71
C HIS B 1074 -25.88 76.72 -2.31
N PHE B 1075 -26.42 75.55 -2.00
CA PHE B 1075 -25.97 74.28 -2.53
C PHE B 1075 -27.10 73.64 -3.32
N PRO B 1076 -26.78 72.82 -4.33
CA PRO B 1076 -27.82 72.23 -5.16
C PRO B 1076 -28.48 71.04 -4.46
N ARG B 1077 -29.81 70.99 -4.53
CA ARG B 1077 -30.53 69.87 -3.92
C ARG B 1077 -30.14 68.55 -4.56
N GLU B 1078 -30.22 68.47 -5.88
CA GLU B 1078 -29.83 67.28 -6.62
C GLU B 1078 -29.31 67.74 -7.97
N GLY B 1079 -28.01 67.94 -8.06
CA GLY B 1079 -27.39 68.41 -9.27
C GLY B 1079 -26.08 69.10 -8.97
N VAL B 1080 -25.52 69.71 -10.01
CA VAL B 1080 -24.23 70.38 -9.95
C VAL B 1080 -24.39 71.78 -10.50
N PHE B 1081 -23.65 72.71 -9.92
CA PHE B 1081 -23.54 74.05 -10.48
C PHE B 1081 -22.55 74.02 -11.63
N VAL B 1082 -22.98 74.49 -12.79
CA VAL B 1082 -22.25 74.34 -14.04
C VAL B 1082 -22.23 75.68 -14.75
N SER B 1083 -21.10 76.05 -15.32
CA SER B 1083 -20.94 77.32 -16.00
C SER B 1083 -20.54 77.09 -17.45
N ASN B 1084 -21.19 77.82 -18.35
CA ASN B 1084 -20.89 77.77 -19.78
C ASN B 1084 -20.09 78.99 -20.22
N GLY B 1085 -19.23 79.48 -19.34
CA GLY B 1085 -18.39 80.62 -19.66
C GLY B 1085 -18.93 81.93 -19.11
N THR B 1086 -20.23 82.14 -19.23
CA THR B 1086 -20.86 83.40 -18.83
C THR B 1086 -21.89 83.23 -17.72
N HIS B 1087 -22.76 82.23 -17.82
CA HIS B 1087 -23.90 82.09 -16.94
C HIS B 1087 -23.82 80.77 -16.17
N TRP B 1088 -24.47 80.76 -15.00
CA TRP B 1088 -24.44 79.62 -14.09
C TRP B 1088 -25.79 78.93 -14.07
N PHE B 1089 -25.78 77.60 -14.13
CA PHE B 1089 -26.98 76.79 -14.14
C PHE B 1089 -26.81 75.63 -13.16
N VAL B 1090 -27.91 74.94 -12.91
CA VAL B 1090 -27.90 73.69 -12.16
C VAL B 1090 -28.32 72.58 -13.10
N THR B 1091 -27.54 71.49 -13.12
CA THR B 1091 -27.81 70.39 -14.03
C THR B 1091 -27.75 69.07 -13.28
N GLN B 1092 -28.63 68.15 -13.65
CA GLN B 1092 -28.55 66.80 -13.12
C GLN B 1092 -27.23 66.16 -13.53
N ARG B 1093 -26.74 65.27 -12.67
CA ARG B 1093 -25.34 64.85 -12.72
C ARG B 1093 -25.02 64.04 -13.97
N ASN B 1094 -25.94 63.17 -14.38
CA ASN B 1094 -25.67 62.19 -15.43
C ASN B 1094 -26.21 62.59 -16.80
N PHE B 1095 -26.74 63.80 -16.94
CA PHE B 1095 -27.28 64.24 -18.22
C PHE B 1095 -27.40 65.75 -18.20
N TYR B 1096 -26.84 66.41 -19.20
CA TYR B 1096 -26.81 67.87 -19.23
C TYR B 1096 -28.20 68.42 -19.53
N GLU B 1097 -28.86 68.94 -18.50
CA GLU B 1097 -30.16 69.59 -18.63
C GLU B 1097 -30.12 70.89 -17.86
N PRO B 1098 -29.44 71.91 -18.40
CA PRO B 1098 -29.23 73.14 -17.63
C PRO B 1098 -30.54 73.81 -17.24
N GLN B 1099 -30.55 74.39 -16.03
CA GLN B 1099 -31.70 75.09 -15.51
C GLN B 1099 -31.23 76.30 -14.73
N ILE B 1100 -32.10 77.32 -14.65
CA ILE B 1100 -31.77 78.52 -13.90
C ILE B 1100 -31.70 78.19 -12.42
N ILE B 1101 -30.80 78.87 -11.72
CA ILE B 1101 -30.63 78.65 -10.28
C ILE B 1101 -31.72 79.41 -9.56
N THR B 1102 -32.61 78.68 -8.89
CA THR B 1102 -33.71 79.27 -8.14
C THR B 1102 -33.69 78.72 -6.72
N THR B 1103 -34.55 79.28 -5.88
CA THR B 1103 -34.69 78.79 -4.52
C THR B 1103 -35.33 77.41 -4.48
N ASP B 1104 -35.94 76.97 -5.57
CA ASP B 1104 -36.57 75.67 -5.61
C ASP B 1104 -35.57 74.53 -5.77
N ASN B 1105 -34.46 74.78 -6.47
CA ASN B 1105 -33.46 73.76 -6.72
C ASN B 1105 -32.17 74.00 -5.94
N THR B 1106 -32.24 74.79 -4.87
CA THR B 1106 -31.08 75.04 -4.02
C THR B 1106 -31.55 75.15 -2.58
N PHE B 1107 -30.62 74.90 -1.66
CA PHE B 1107 -30.87 75.08 -0.24
C PHE B 1107 -29.71 75.84 0.38
N VAL B 1108 -30.05 76.64 1.39
CA VAL B 1108 -29.10 77.54 2.03
C VAL B 1108 -28.49 76.86 3.25
N SER B 1109 -27.22 77.12 3.50
CA SER B 1109 -26.55 76.61 4.70
C SER B 1109 -25.39 77.56 5.02
N GLY B 1110 -25.62 78.48 5.95
CA GLY B 1110 -24.57 79.33 6.45
C GLY B 1110 -24.21 80.45 5.48
N ASN B 1111 -23.21 81.23 5.89
CA ASN B 1111 -22.69 82.30 5.07
C ASN B 1111 -21.60 81.78 4.15
N CYS B 1112 -21.11 82.65 3.27
CA CYS B 1112 -20.18 82.26 2.22
C CYS B 1112 -18.74 82.63 2.54
N ASP B 1113 -18.32 82.47 3.79
CA ASP B 1113 -16.93 82.67 4.19
C ASP B 1113 -16.23 81.36 4.55
N VAL B 1114 -16.96 80.25 4.63
CA VAL B 1114 -16.38 78.99 5.08
C VAL B 1114 -16.10 78.01 3.93
N VAL B 1115 -16.82 78.12 2.83
CA VAL B 1115 -16.70 77.18 1.73
C VAL B 1115 -15.61 77.66 0.78
N ILE B 1116 -14.69 76.77 0.44
CA ILE B 1116 -13.60 77.09 -0.47
C ILE B 1116 -14.07 76.93 -1.91
N GLY B 1117 -13.94 77.99 -2.69
CA GLY B 1117 -14.35 77.97 -4.08
C GLY B 1117 -15.74 78.49 -4.35
N ILE B 1118 -16.40 79.09 -3.36
CA ILE B 1118 -17.73 79.61 -3.58
C ILE B 1118 -17.67 80.81 -4.52
N VAL B 1119 -18.61 80.86 -5.47
CA VAL B 1119 -18.65 81.91 -6.47
C VAL B 1119 -19.90 82.75 -6.26
N ASN B 1120 -19.90 83.92 -6.88
CA ASN B 1120 -20.97 84.90 -6.74
C ASN B 1120 -21.92 84.78 -7.91
N ASN B 1121 -23.22 84.77 -7.63
CA ASN B 1121 -24.21 84.72 -8.68
C ASN B 1121 -25.57 84.98 -8.08
N THR B 1122 -26.55 85.20 -8.95
CA THR B 1122 -27.90 85.48 -8.51
C THR B 1122 -28.69 84.19 -8.36
N VAL B 1123 -29.49 84.12 -7.30
CA VAL B 1123 -30.46 83.04 -7.10
C VAL B 1123 -31.84 83.67 -7.21
N TYR B 1124 -32.62 83.21 -8.17
CA TYR B 1124 -33.88 83.82 -8.53
CA TYR B 1124 -33.88 83.83 -8.51
C TYR B 1124 -35.00 83.24 -7.67
N ASP B 1125 -35.76 84.12 -7.02
CA ASP B 1125 -36.91 83.72 -6.22
C ASP B 1125 -38.16 83.82 -7.06
N PRO B 1126 -38.88 82.72 -7.32
CA PRO B 1126 -40.05 82.81 -8.22
C PRO B 1126 -41.21 83.61 -7.65
N LEU B 1127 -41.15 84.02 -6.40
CA LEU B 1127 -42.26 84.73 -5.77
C LEU B 1127 -42.12 86.25 -5.86
N GLN B 1128 -40.90 86.77 -5.88
CA GLN B 1128 -40.71 88.21 -6.01
C GLN B 1128 -41.27 88.75 -7.31
N PRO B 1129 -41.03 88.15 -8.48
CA PRO B 1129 -41.66 88.70 -9.70
C PRO B 1129 -43.17 88.64 -9.66
N GLU B 1130 -43.75 87.58 -9.10
CA GLU B 1130 -45.20 87.52 -8.99
C GLU B 1130 -45.73 88.65 -8.11
N LEU B 1131 -45.07 88.92 -6.99
CA LEU B 1131 -45.49 90.03 -6.16
C LEU B 1131 -45.35 91.36 -6.89
N ASP B 1132 -44.23 91.55 -7.60
CA ASP B 1132 -44.02 92.80 -8.30
C ASP B 1132 -45.04 92.99 -9.42
N SER B 1133 -45.54 91.89 -9.99
CA SER B 1133 -46.51 92.00 -11.08
C SER B 1133 -47.71 92.86 -10.69
N PHE B 1134 -48.16 92.77 -9.44
CA PHE B 1134 -49.26 93.60 -8.97
C PHE B 1134 -48.82 94.73 -8.05
N LYS B 1135 -47.58 94.74 -7.57
CA LYS B 1135 -47.04 95.98 -7.02
C LYS B 1135 -47.04 97.05 -8.10
N GLU B 1136 -46.77 96.65 -9.34
CA GLU B 1136 -46.92 97.57 -10.47
C GLU B 1136 -48.37 98.00 -10.60
N GLU B 1137 -49.32 97.10 -10.34
CA GLU B 1137 -50.73 97.48 -10.38
C GLU B 1137 -51.05 98.52 -9.32
N LEU B 1138 -50.51 98.35 -8.12
CA LEU B 1138 -50.68 99.35 -7.07
C LEU B 1138 -50.11 100.70 -7.49
N ASP B 1139 -48.91 100.67 -8.09
CA ASP B 1139 -48.31 101.92 -8.55
C ASP B 1139 -49.18 102.58 -9.62
N LYS B 1140 -49.70 101.78 -10.55
CA LYS B 1140 -50.60 102.33 -11.57
C LYS B 1140 -51.84 102.94 -10.94
N TYR B 1141 -52.43 102.26 -9.96
CA TYR B 1141 -53.63 102.76 -9.32
C TYR B 1141 -53.36 104.10 -8.64
N PHE B 1142 -52.24 104.20 -7.93
CA PHE B 1142 -51.95 105.38 -7.13
C PHE B 1142 -51.24 106.48 -7.91
N LYS B 1143 -50.86 106.25 -9.16
CA LYS B 1143 -50.26 107.28 -10.00
C LYS B 1143 -51.16 107.76 -11.12
N ASN B 1144 -51.87 106.86 -11.80
CA ASN B 1144 -52.75 107.23 -12.90
C ASN B 1144 -54.15 107.64 -12.45
N HIS B 1145 -54.47 107.44 -11.17
CA HIS B 1145 -55.79 107.80 -10.66
C HIS B 1145 -55.68 108.51 -9.32
N CYS C 1 51.53 -9.73 34.99
CA CYS C 1 50.43 -9.02 35.64
C CYS C 1 50.78 -8.70 37.10
N VAL C 2 50.47 -7.48 37.52
CA VAL C 2 50.73 -7.01 38.88
C VAL C 2 49.42 -6.60 39.51
N ASN C 3 49.10 -7.19 40.66
CA ASN C 3 47.96 -6.75 41.46
C ASN C 3 48.44 -5.64 42.38
N LEU C 4 47.94 -4.43 42.15
CA LEU C 4 48.46 -3.24 42.81
C LEU C 4 48.21 -3.32 44.31
N THR C 5 48.74 -2.33 45.03
CA THR C 5 48.93 -2.47 46.49
C THR C 5 47.65 -2.16 47.27
N THR C 6 47.16 -0.92 47.20
CA THR C 6 46.09 -0.49 48.10
C THR C 6 45.33 0.65 47.42
N ARG C 7 44.14 0.33 46.89
CA ARG C 7 43.27 1.32 46.28
C ARG C 7 42.25 1.83 47.30
N THR C 8 42.03 3.14 47.29
CA THR C 8 41.08 3.78 48.18
C THR C 8 39.76 3.95 47.42
N GLN C 9 38.75 3.19 47.81
CA GLN C 9 37.46 3.21 47.14
C GLN C 9 36.63 4.40 47.58
N LEU C 10 35.98 5.05 46.63
CA LEU C 10 35.07 6.15 46.89
C LEU C 10 33.78 5.95 46.11
N PRO C 11 32.66 6.45 46.60
CA PRO C 11 31.38 6.27 45.89
C PRO C 11 31.42 6.92 44.52
N PRO C 12 30.76 6.34 43.53
CA PRO C 12 30.72 6.96 42.20
C PRO C 12 29.89 8.25 42.21
N ALA C 13 30.20 9.12 41.27
CA ALA C 13 29.55 10.41 41.11
C ALA C 13 28.70 10.42 39.85
N TYR C 14 28.16 11.59 39.53
CA TYR C 14 27.36 11.78 38.33
C TYR C 14 27.49 13.22 37.87
N THR C 15 27.16 13.45 36.61
CA THR C 15 27.24 14.79 36.02
C THR C 15 26.03 14.98 35.12
N ASN C 16 26.08 16.01 34.28
CA ASN C 16 24.96 16.37 33.40
C ASN C 16 25.47 16.40 31.96
N SER C 17 24.87 15.57 31.10
CA SER C 17 25.41 15.37 29.77
C SER C 17 25.35 16.63 28.91
N PHE C 18 24.46 17.55 29.20
CA PHE C 18 24.34 18.79 28.42
C PHE C 18 24.07 18.39 26.98
N THR C 19 24.38 19.26 26.02
CA THR C 19 24.20 18.95 24.59
C THR C 19 25.49 18.37 24.01
N ARG C 20 25.93 17.26 24.58
CA ARG C 20 27.16 16.59 24.19
C ARG C 20 26.86 15.15 23.78
N GLY C 21 27.52 14.70 22.73
CA GLY C 21 27.41 13.31 22.31
C GLY C 21 26.77 13.12 20.96
N VAL C 22 26.65 14.19 20.20
CA VAL C 22 26.02 14.14 18.88
C VAL C 22 27.11 13.89 17.85
N TYR C 23 26.88 12.93 16.96
CA TYR C 23 27.86 12.54 15.97
C TYR C 23 27.18 12.41 14.61
N TYR C 24 27.99 12.50 13.57
CA TYR C 24 27.47 12.41 12.21
C TYR C 24 26.92 11.01 11.99
N PRO C 25 25.61 10.83 11.93
CA PRO C 25 25.07 9.46 11.88
C PRO C 25 25.43 8.71 10.62
N ASP C 26 25.85 9.39 9.56
CA ASP C 26 26.18 8.71 8.31
C ASP C 26 27.20 9.54 7.54
N LYS C 27 27.82 8.90 6.56
CA LYS C 27 28.83 9.54 5.72
C LYS C 27 28.19 10.09 4.45
N VAL C 28 27.26 11.02 4.65
CA VAL C 28 26.55 11.67 3.55
C VAL C 28 26.60 13.17 3.76
N PHE C 29 26.60 13.91 2.65
CA PHE C 29 26.69 15.36 2.67
C PHE C 29 25.32 15.96 2.41
N ARG C 30 24.85 16.77 3.35
CA ARG C 30 23.61 17.52 3.21
C ARG C 30 23.88 18.97 3.57
N SER C 31 23.37 19.89 2.76
CA SER C 31 23.69 21.30 2.88
C SER C 31 22.43 22.08 3.26
N SER C 32 22.51 22.81 4.39
CA SER C 32 21.47 23.73 4.80
C SER C 32 20.11 23.03 4.87
N VAL C 33 20.02 22.04 5.75
CA VAL C 33 18.81 21.26 5.93
C VAL C 33 18.63 20.91 7.41
N LEU C 34 17.44 20.42 7.72
CA LEU C 34 17.14 19.81 9.02
C LEU C 34 16.83 18.35 8.75
N HIS C 35 17.52 17.46 9.45
CA HIS C 35 17.45 16.03 9.20
C HIS C 35 17.03 15.32 10.47
N SER C 36 15.97 14.53 10.39
CA SER C 36 15.48 13.75 11.53
C SER C 36 16.06 12.35 11.43
N THR C 37 16.85 11.96 12.43
CA THR C 37 17.55 10.69 12.41
C THR C 37 17.24 9.90 13.68
N GLN C 38 16.88 8.64 13.52
CA GLN C 38 16.69 7.73 14.63
C GLN C 38 17.94 6.87 14.73
N ASP C 39 18.63 6.96 15.87
CA ASP C 39 19.89 6.24 16.02
C ASP C 39 20.24 6.20 17.50
N LEU C 40 21.28 5.45 17.83
CA LEU C 40 21.74 5.30 19.20
C LEU C 40 22.46 6.57 19.60
N PHE C 41 21.81 7.40 20.41
CA PHE C 41 22.38 8.66 20.86
C PHE C 41 22.46 8.67 22.38
N LEU C 42 23.28 9.57 22.90
CA LEU C 42 23.32 9.80 24.33
C LEU C 42 22.20 10.77 24.70
N PRO C 43 21.25 10.38 25.54
CA PRO C 43 20.15 11.28 25.87
C PRO C 43 20.67 12.59 26.45
N PHE C 44 20.08 13.69 25.98
CA PHE C 44 20.46 14.99 26.50
C PHE C 44 20.08 15.10 27.96
N PHE C 45 20.92 15.77 28.73
CA PHE C 45 20.71 15.95 30.16
C PHE C 45 20.53 14.59 30.86
N SER C 46 21.59 13.80 30.81
CA SER C 46 21.63 12.48 31.43
C SER C 46 22.69 12.46 32.53
N ASN C 47 22.81 11.30 33.18
CA ASN C 47 23.66 11.19 34.37
C ASN C 47 25.14 11.17 34.02
N VAL C 48 25.57 10.16 33.26
CA VAL C 48 26.97 10.05 32.88
C VAL C 48 27.84 9.89 34.12
N THR C 49 28.34 8.69 34.35
CA THR C 49 29.20 8.45 35.51
C THR C 49 30.57 9.08 35.31
N TRP C 50 31.16 9.50 36.42
CA TRP C 50 32.36 10.33 36.45
C TRP C 50 33.44 9.67 37.31
N PHE C 51 34.52 9.23 36.66
CA PHE C 51 35.59 8.47 37.31
C PHE C 51 36.90 9.26 37.30
N HIS C 52 37.70 9.04 38.34
CA HIS C 52 38.94 9.77 38.57
C HIS C 52 40.16 8.88 38.35
N ALA C 53 41.29 9.54 38.10
CA ALA C 53 42.61 8.93 38.08
C ALA C 53 43.62 9.85 38.76
N ILE C 54 43.24 10.38 39.91
CA ILE C 54 44.02 11.41 40.61
C ILE C 54 44.64 10.75 41.85
N HIS C 55 45.91 10.34 41.73
CA HIS C 55 46.60 9.77 42.88
C HIS C 55 46.86 10.82 43.95
N VAL C 56 47.24 12.04 43.53
CA VAL C 56 47.66 13.06 44.48
C VAL C 56 46.53 13.35 45.46
N SER C 57 46.89 13.48 46.73
CA SER C 57 45.94 13.82 47.78
C SER C 57 46.69 14.57 48.87
N GLY C 58 46.04 14.74 50.03
CA GLY C 58 46.62 15.48 51.13
C GLY C 58 47.23 14.62 52.20
N THR C 59 47.78 13.46 51.80
CA THR C 59 48.47 12.54 52.69
C THR C 59 47.48 11.79 53.61
N ASN C 60 46.21 12.16 53.55
CA ASN C 60 45.20 11.44 54.33
C ASN C 60 44.82 10.13 53.63
N GLY C 61 44.31 10.24 52.40
CA GLY C 61 44.12 9.07 51.57
C GLY C 61 44.61 9.33 50.16
N THR C 62 45.63 8.58 49.74
CA THR C 62 46.20 8.72 48.41
C THR C 62 45.81 7.51 47.57
N LYS C 63 46.35 7.42 46.36
CA LYS C 63 46.17 6.25 45.51
C LYS C 63 44.71 6.11 45.07
N ARG C 64 44.16 7.19 44.53
CA ARG C 64 42.79 7.22 44.05
C ARG C 64 42.79 7.11 42.53
N PHE C 65 42.05 6.14 42.01
CA PHE C 65 41.96 5.85 40.59
C PHE C 65 40.71 5.01 40.37
N ASP C 66 40.42 4.72 39.11
CA ASP C 66 39.20 3.97 38.79
C ASP C 66 39.38 3.27 37.45
N ASN C 67 39.50 1.95 37.47
CA ASN C 67 39.41 1.12 36.26
C ASN C 67 38.48 -0.07 36.52
N PRO C 68 37.20 0.17 36.75
CA PRO C 68 36.25 -0.93 36.86
C PRO C 68 35.92 -1.50 35.48
N VAL C 69 35.25 -2.64 35.49
CA VAL C 69 34.70 -3.25 34.28
C VAL C 69 33.26 -2.78 34.15
N LEU C 70 32.91 -2.25 32.98
CA LEU C 70 31.61 -1.65 32.76
C LEU C 70 30.90 -2.32 31.59
N PRO C 71 29.61 -2.61 31.71
CA PRO C 71 28.89 -3.20 30.58
C PRO C 71 28.85 -2.25 29.39
N PHE C 72 28.64 -2.82 28.21
CA PHE C 72 28.65 -2.08 26.96
C PHE C 72 27.26 -1.73 26.47
N ASN C 73 26.28 -2.60 26.69
CA ASN C 73 24.93 -2.41 26.18
C ASN C 73 24.97 -2.03 24.70
N ASP C 74 24.13 -1.09 24.27
CA ASP C 74 24.02 -0.77 22.86
C ASP C 74 25.13 0.14 22.36
N GLY C 75 25.80 0.86 23.26
CA GLY C 75 26.86 1.76 22.84
C GLY C 75 27.48 2.40 24.06
N VAL C 76 28.50 3.22 23.81
CA VAL C 76 29.17 3.93 24.89
C VAL C 76 29.63 5.29 24.41
N TYR C 77 29.62 6.24 25.33
CA TYR C 77 30.17 7.57 25.13
C TYR C 77 31.25 7.80 26.17
N PHE C 78 32.49 7.86 25.73
CA PHE C 78 33.63 8.11 26.58
C PHE C 78 34.08 9.55 26.38
N ALA C 79 34.42 10.22 27.46
CA ALA C 79 35.04 11.54 27.35
C ALA C 79 36.19 11.63 28.33
N SER C 80 37.21 12.39 27.97
CA SER C 80 38.41 12.48 28.77
C SER C 80 38.78 13.93 29.00
N THR C 81 39.05 14.29 30.24
CA THR C 81 39.66 15.56 30.62
C THR C 81 40.95 15.19 31.34
N GLU C 82 42.08 15.41 30.67
CA GLU C 82 43.38 14.95 31.15
C GLU C 82 44.47 15.75 30.47
N LYS C 83 45.24 16.52 31.24
CA LYS C 83 46.50 17.06 30.73
C LYS C 83 47.67 16.14 31.08
N SER C 84 47.49 14.84 30.87
CA SER C 84 48.56 13.87 31.08
C SER C 84 48.61 12.77 30.02
N ASN C 85 47.52 12.50 29.31
CA ASN C 85 47.46 11.39 28.36
C ASN C 85 47.80 10.07 29.05
N ILE C 86 47.26 9.86 30.25
CA ILE C 86 47.47 8.59 30.94
C ILE C 86 46.51 7.53 30.43
N ILE C 87 45.32 7.92 29.97
CA ILE C 87 44.43 6.97 29.31
C ILE C 87 45.05 6.62 27.96
N ARG C 88 45.27 5.33 27.71
CA ARG C 88 45.90 4.88 26.49
C ARG C 88 45.02 4.03 25.61
N GLY C 89 43.94 3.46 26.13
CA GLY C 89 43.07 2.67 25.28
C GLY C 89 42.05 1.88 26.09
N TRP C 90 41.52 0.84 25.45
CA TRP C 90 40.39 0.10 25.99
C TRP C 90 40.49 -1.36 25.62
N ILE C 91 39.68 -2.17 26.29
CA ILE C 91 39.47 -3.56 25.93
C ILE C 91 37.97 -3.81 25.87
N PHE C 92 37.54 -4.57 24.87
CA PHE C 92 36.13 -4.93 24.72
C PHE C 92 36.01 -6.43 24.50
N GLY C 93 34.92 -7.00 24.98
CA GLY C 93 34.68 -8.41 24.78
C GLY C 93 33.50 -8.88 25.60
N THR C 94 33.27 -10.20 25.53
CA THR C 94 32.17 -10.83 26.25
C THR C 94 32.63 -11.44 27.57
N THR C 95 33.59 -12.37 27.50
CA THR C 95 34.21 -12.97 28.68
C THR C 95 35.71 -12.73 28.55
N LEU C 96 36.19 -11.64 29.13
CA LEU C 96 37.55 -11.18 28.91
C LEU C 96 38.55 -11.96 29.78
N ASP C 97 38.57 -13.28 29.60
CA ASP C 97 39.62 -14.11 30.21
C ASP C 97 40.50 -14.76 29.16
N SER C 98 39.99 -15.75 28.42
CA SER C 98 40.71 -16.23 27.25
C SER C 98 39.80 -16.89 26.22
N LYS C 99 38.51 -16.93 26.48
CA LYS C 99 37.67 -17.97 25.89
C LYS C 99 37.11 -17.62 24.52
N THR C 100 36.38 -16.49 24.41
CA THR C 100 35.65 -16.21 23.17
C THR C 100 36.46 -15.38 22.19
N GLN C 101 36.75 -14.13 22.56
CA GLN C 101 37.54 -13.23 21.73
C GLN C 101 37.59 -11.90 22.46
N SER C 102 38.56 -11.06 22.09
CA SER C 102 38.69 -9.77 22.74
C SER C 102 39.34 -8.78 21.78
N LEU C 103 38.98 -7.51 21.94
CA LEU C 103 39.50 -6.43 21.12
C LEU C 103 40.27 -5.46 22.02
N LEU C 104 41.52 -5.21 21.66
CA LEU C 104 42.39 -4.29 22.36
C LEU C 104 42.63 -3.07 21.49
N ILE C 105 42.55 -1.89 22.10
CA ILE C 105 42.94 -0.63 21.47
C ILE C 105 43.94 0.03 22.40
N VAL C 106 45.09 0.43 21.87
CA VAL C 106 46.11 1.10 22.68
C VAL C 106 46.91 2.03 21.78
N ASN C 107 47.15 3.24 22.25
CA ASN C 107 47.88 4.24 21.47
C ASN C 107 49.30 4.37 22.03
N ASN C 108 50.29 4.04 21.20
CA ASN C 108 51.64 3.86 21.70
C ASN C 108 52.25 5.15 22.23
N ALA C 109 52.77 6.00 21.34
CA ALA C 109 52.75 7.45 21.51
C ALA C 109 52.77 8.13 20.14
N THR C 110 52.90 7.33 19.08
CA THR C 110 52.99 7.84 17.72
C THR C 110 52.21 7.01 16.72
N ASN C 111 51.63 5.88 17.13
CA ASN C 111 50.95 4.99 16.21
C ASN C 111 50.04 4.08 17.03
N VAL C 112 48.73 4.25 16.84
CA VAL C 112 47.74 3.50 17.61
C VAL C 112 47.56 2.13 16.99
N VAL C 113 47.39 1.14 17.87
CA VAL C 113 47.34 -0.27 17.51
C VAL C 113 46.02 -0.85 17.99
N ILE C 114 45.35 -1.55 17.09
CA ILE C 114 44.10 -2.24 17.37
C ILE C 114 44.30 -3.69 17.01
N LYS C 115 43.93 -4.60 17.91
CA LYS C 115 44.09 -6.01 17.64
C LYS C 115 42.92 -6.81 18.22
N VAL C 116 42.63 -7.94 17.58
CA VAL C 116 41.51 -8.79 17.95
C VAL C 116 42.07 -10.19 18.14
N CYS C 117 42.18 -10.63 19.39
CA CYS C 117 42.71 -11.94 19.69
C CYS C 117 42.04 -12.46 20.95
N GLU C 118 42.21 -13.77 21.19
CA GLU C 118 41.79 -14.38 22.44
C GLU C 118 42.89 -14.12 23.47
N PHE C 119 42.89 -12.88 23.97
CA PHE C 119 43.88 -12.47 24.96
C PHE C 119 43.75 -13.29 26.23
N GLN C 120 44.74 -13.16 27.09
CA GLN C 120 44.62 -13.50 28.51
C GLN C 120 44.91 -12.20 29.27
N PHE C 121 43.85 -11.43 29.49
CA PHE C 121 43.98 -10.13 30.12
C PHE C 121 44.24 -10.28 31.61
N CYS C 122 45.06 -9.38 32.15
CA CYS C 122 45.30 -9.34 33.58
C CYS C 122 44.03 -8.93 34.31
N ASN C 123 43.92 -9.35 35.57
CA ASN C 123 42.77 -8.97 36.38
C ASN C 123 42.71 -7.45 36.54
N ASP C 124 43.86 -6.79 36.63
CA ASP C 124 43.95 -5.34 36.77
C ASP C 124 44.96 -4.83 35.76
N PRO C 125 44.60 -4.81 34.47
CA PRO C 125 45.56 -4.41 33.44
C PRO C 125 46.00 -2.96 33.57
N PHE C 126 47.23 -2.70 33.16
CA PHE C 126 47.74 -1.34 33.02
C PHE C 126 48.90 -1.38 32.04
N LEU C 127 49.43 -0.20 31.69
CA LEU C 127 50.38 -0.07 30.60
C LEU C 127 51.83 -0.07 31.06
N GLY C 128 52.14 -0.82 32.11
CA GLY C 128 53.52 -0.91 32.55
C GLY C 128 54.08 0.44 32.95
N VAL C 129 55.29 0.72 32.48
CA VAL C 129 56.02 1.90 32.94
C VAL C 129 55.45 3.16 32.30
N TYR C 130 55.32 4.21 33.11
CA TYR C 130 54.93 5.52 32.60
C TYR C 130 55.74 6.64 33.28
N TYR C 131 56.83 6.32 33.96
CA TYR C 131 57.68 7.31 34.62
C TYR C 131 59.10 7.22 34.06
N HIS C 132 59.94 8.15 34.49
CA HIS C 132 61.30 8.29 33.96
C HIS C 132 62.20 7.22 34.58
N LYS C 133 63.51 7.31 34.31
CA LYS C 133 64.49 6.34 34.80
C LYS C 133 64.25 4.95 34.25
N ASN C 134 63.49 4.86 33.17
CA ASN C 134 63.09 3.61 32.52
C ASN C 134 62.90 3.90 31.04
N ASN C 135 62.09 3.10 30.34
CA ASN C 135 61.95 3.30 28.91
C ASN C 135 61.28 4.64 28.67
N LYS C 136 62.10 5.69 28.63
CA LYS C 136 61.64 7.07 28.64
C LYS C 136 60.63 7.21 29.78
N SER C 137 59.73 8.20 29.70
CA SER C 137 58.68 8.30 30.70
C SER C 137 57.55 7.32 30.37
N TRP C 138 56.89 7.54 29.23
CA TRP C 138 55.83 6.66 28.79
C TRP C 138 56.41 5.37 28.22
N MET C 139 55.74 4.25 28.49
CA MET C 139 56.04 3.00 27.82
C MET C 139 54.80 2.13 27.87
N GLU C 140 54.41 1.59 26.72
CA GLU C 140 53.15 0.87 26.58
C GLU C 140 53.46 -0.63 26.56
N SER C 141 53.51 -1.21 27.76
CA SER C 141 53.81 -2.64 27.91
C SER C 141 52.58 -3.44 27.51
N GLU C 142 52.53 -3.86 26.25
CA GLU C 142 51.41 -4.67 25.78
C GLU C 142 51.32 -6.01 26.51
N PHE C 143 52.38 -6.43 27.19
CA PHE C 143 52.37 -7.67 27.96
C PHE C 143 51.92 -7.47 29.40
N ARG C 144 51.90 -6.23 29.90
CA ARG C 144 51.35 -5.96 31.21
C ARG C 144 49.83 -5.98 31.23
N VAL C 145 49.19 -5.86 30.07
CA VAL C 145 47.74 -6.00 29.98
C VAL C 145 47.33 -7.43 29.72
N TYR C 146 48.04 -8.13 28.82
CA TYR C 146 47.72 -9.52 28.50
C TYR C 146 48.97 -10.37 28.63
N SER C 147 48.76 -11.66 28.85
CA SER C 147 49.82 -12.65 28.90
C SER C 147 49.80 -13.60 27.72
N SER C 148 48.62 -13.87 27.17
CA SER C 148 48.47 -14.72 25.99
C SER C 148 47.94 -13.90 24.83
N ALA C 149 48.43 -14.20 23.63
CA ALA C 149 48.04 -13.51 22.40
C ALA C 149 47.78 -14.52 21.29
N ASN C 150 47.02 -15.56 21.63
CA ASN C 150 46.84 -16.67 20.71
C ASN C 150 45.69 -16.42 19.75
N ASN C 151 45.83 -16.96 18.54
CA ASN C 151 44.72 -17.07 17.59
C ASN C 151 44.11 -15.71 17.27
N CYS C 152 44.91 -14.87 16.62
CA CYS C 152 44.50 -13.52 16.28
C CYS C 152 43.73 -13.49 14.97
N THR C 153 42.66 -12.69 14.96
CA THR C 153 41.77 -12.59 13.81
C THR C 153 41.92 -11.30 13.02
N PHE C 154 42.55 -10.28 13.60
CA PHE C 154 42.56 -8.96 12.99
C PHE C 154 43.61 -8.12 13.69
N GLU C 155 44.32 -7.30 12.92
CA GLU C 155 45.31 -6.39 13.44
C GLU C 155 45.34 -5.17 12.56
N TYR C 156 45.55 -3.99 13.17
CA TYR C 156 45.43 -2.74 12.44
C TYR C 156 46.24 -1.68 13.18
N VAL C 157 46.74 -0.70 12.43
CA VAL C 157 47.61 0.33 12.96
C VAL C 157 47.37 1.61 12.18
N SER C 158 47.35 2.73 12.88
CA SER C 158 47.07 4.01 12.23
C SER C 158 47.62 5.15 13.05
N GLN C 159 47.56 6.36 12.49
CA GLN C 159 48.10 7.53 13.14
C GLN C 159 47.36 7.78 14.46
N PRO C 160 48.05 8.35 15.44
CA PRO C 160 47.46 8.46 16.78
C PRO C 160 46.35 9.50 16.86
N PHE C 161 45.46 9.31 17.84
CA PHE C 161 44.43 10.28 18.16
C PHE C 161 44.47 10.78 19.60
N LEU C 162 45.17 10.07 20.49
CA LEU C 162 45.32 10.52 21.87
C LEU C 162 46.18 11.77 21.96
N MET C 163 47.22 11.87 21.14
CA MET C 163 48.30 12.84 21.33
C MET C 163 47.96 14.22 20.75
N ASP C 164 46.68 14.53 20.56
CA ASP C 164 46.27 15.86 20.14
C ASP C 164 46.40 16.89 21.25
N LEU C 165 46.72 16.47 22.47
CA LEU C 165 46.78 17.38 23.60
C LEU C 165 47.75 18.52 23.34
N GLU C 166 47.35 19.72 23.74
CA GLU C 166 48.19 20.91 23.64
C GLU C 166 48.32 21.52 25.03
N GLY C 167 49.56 21.69 25.48
CA GLY C 167 49.82 22.29 26.78
C GLY C 167 49.53 21.35 27.93
N LYS C 168 50.33 21.44 29.00
CA LYS C 168 50.16 20.65 30.21
C LYS C 168 50.10 21.61 31.39
N GLN C 169 48.90 22.13 31.66
CA GLN C 169 48.68 23.06 32.76
C GLN C 169 47.19 23.29 32.90
N GLY C 170 46.83 24.17 33.84
CA GLY C 170 45.46 24.66 33.97
C GLY C 170 44.40 23.59 34.02
N ASN C 171 44.37 22.80 35.09
CA ASN C 171 43.35 21.76 35.26
C ASN C 171 43.39 20.81 34.07
N PHE C 172 42.55 21.06 33.06
CA PHE C 172 42.53 20.26 31.85
C PHE C 172 42.42 21.19 30.66
N LYS C 173 43.07 20.80 29.55
CA LYS C 173 43.20 21.65 28.37
C LYS C 173 42.39 21.17 27.18
N ASN C 174 42.27 19.86 26.96
CA ASN C 174 41.59 19.34 25.79
C ASN C 174 40.61 18.26 26.22
N LEU C 175 39.31 18.54 26.07
CA LEU C 175 38.31 17.50 26.20
C LEU C 175 38.35 16.63 24.96
N ARG C 176 38.33 15.32 25.15
CA ARG C 176 38.41 14.36 24.05
C ARG C 176 37.23 13.43 24.14
N GLU C 177 36.37 13.43 23.13
CA GLU C 177 35.14 12.66 23.15
C GLU C 177 35.22 11.54 22.12
N PHE C 178 34.93 10.32 22.57
CA PHE C 178 34.83 9.14 21.74
C PHE C 178 33.44 8.53 21.90
N VAL C 179 32.94 7.93 20.83
CA VAL C 179 31.70 7.17 20.86
C VAL C 179 31.96 5.83 20.22
N PHE C 180 31.62 4.76 20.94
CA PHE C 180 31.87 3.39 20.52
C PHE C 180 30.53 2.72 20.24
N LYS C 181 30.42 2.09 19.07
CA LYS C 181 29.16 1.48 18.65
C LYS C 181 29.45 0.24 17.82
N ASN C 182 28.91 -0.90 18.24
CA ASN C 182 29.15 -2.17 17.56
C ASN C 182 27.85 -2.61 16.88
N ILE C 183 27.75 -2.37 15.58
CA ILE C 183 26.53 -2.66 14.82
C ILE C 183 26.91 -3.50 13.62
N ASP C 184 26.11 -4.54 13.36
CA ASP C 184 26.28 -5.46 12.25
C ASP C 184 27.76 -5.76 12.00
N GLY C 185 28.44 -6.19 13.07
CA GLY C 185 29.81 -6.63 12.96
C GLY C 185 30.81 -5.49 12.98
N TYR C 186 30.46 -4.38 12.35
CA TYR C 186 31.34 -3.23 12.29
C TYR C 186 31.43 -2.55 13.65
N PHE C 187 32.65 -2.29 14.10
CA PHE C 187 32.91 -1.51 15.30
C PHE C 187 33.26 -0.09 14.85
N LYS C 188 32.40 0.86 15.19
CA LYS C 188 32.55 2.24 14.75
C LYS C 188 32.98 3.09 15.93
N ILE C 189 34.06 3.82 15.74
CA ILE C 189 34.59 4.76 16.72
C ILE C 189 34.53 6.14 16.10
N TYR C 190 33.77 7.03 16.73
CA TYR C 190 33.71 8.45 16.38
C TYR C 190 34.48 9.23 17.43
N SER C 191 35.10 10.33 17.03
CA SER C 191 35.89 11.11 17.99
C SER C 191 35.92 12.57 17.59
N LYS C 192 36.15 13.42 18.60
CA LYS C 192 36.45 14.83 18.36
C LYS C 192 37.14 15.40 19.59
N HIS C 193 38.02 16.37 19.33
CA HIS C 193 38.91 16.93 20.34
C HIS C 193 38.69 18.43 20.38
N THR C 194 38.34 18.97 21.56
CA THR C 194 37.96 20.37 21.67
C THR C 194 38.61 21.00 22.90
N PRO C 195 39.10 22.23 22.78
CA PRO C 195 39.67 22.89 23.97
C PRO C 195 38.62 23.16 25.03
N ILE C 196 39.07 23.16 26.29
CA ILE C 196 38.20 23.35 27.44
C ILE C 196 38.83 24.39 28.35
N ASN C 197 37.99 25.05 29.15
CA ASN C 197 38.43 26.09 30.06
C ASN C 197 37.92 25.93 31.48
N LEU C 198 36.94 25.06 31.73
CA LEU C 198 36.36 24.86 33.04
C LEU C 198 36.72 23.47 33.57
N VAL C 199 36.25 23.17 34.77
CA VAL C 199 36.55 21.91 35.46
C VAL C 199 35.27 21.36 36.07
N ARG C 200 35.31 20.08 36.43
CA ARG C 200 34.31 19.33 37.17
C ARG C 200 33.11 18.93 36.30
N ASP C 201 32.98 19.42 35.08
CA ASP C 201 31.82 19.11 34.27
C ASP C 201 32.13 19.32 32.79
N LEU C 202 31.26 18.81 31.94
CA LEU C 202 31.42 18.99 30.51
C LEU C 202 31.16 20.46 30.17
N PRO C 203 31.62 20.91 29.01
CA PRO C 203 31.36 22.31 28.63
C PRO C 203 30.04 22.47 27.90
N GLN C 204 29.24 23.46 28.29
CA GLN C 204 28.08 23.83 27.51
C GLN C 204 28.49 24.09 26.07
N GLY C 205 27.75 23.53 25.14
CA GLY C 205 28.02 23.73 23.74
C GLY C 205 27.63 22.51 22.93
N PHE C 206 27.87 22.61 21.64
CA PHE C 206 27.54 21.55 20.69
C PHE C 206 28.78 21.23 19.88
N SER C 207 29.18 19.95 19.91
CA SER C 207 30.36 19.49 19.20
C SER C 207 30.01 18.16 18.52
N ALA C 208 30.06 18.15 17.20
CA ALA C 208 29.67 16.98 16.42
C ALA C 208 30.89 16.09 16.23
N LEU C 209 30.87 14.91 16.84
CA LEU C 209 31.97 13.98 16.71
C LEU C 209 32.00 13.36 15.32
N GLU C 210 33.18 13.32 14.72
CA GLU C 210 33.34 12.77 13.39
C GLU C 210 33.80 11.33 13.46
N PRO C 211 33.56 10.55 12.41
CA PRO C 211 33.96 9.13 12.45
C PRO C 211 35.46 8.98 12.30
N LEU C 212 36.08 8.26 13.24
CA LEU C 212 37.48 7.89 13.12
C LEU C 212 37.65 6.60 12.34
N VAL C 213 37.01 5.53 12.78
CA VAL C 213 37.24 4.22 12.16
C VAL C 213 35.96 3.41 12.17
N ASP C 214 35.83 2.55 11.16
CA ASP C 214 34.77 1.54 11.08
C ASP C 214 35.44 0.19 10.80
N LEU C 215 35.88 -0.45 11.87
CA LEU C 215 36.68 -1.67 11.77
C LEU C 215 35.78 -2.88 11.56
N PRO C 216 36.06 -3.74 10.59
CA PRO C 216 35.24 -4.96 10.38
C PRO C 216 35.70 -6.14 11.22
N ILE C 217 35.33 -6.16 12.50
CA ILE C 217 35.78 -7.23 13.39
C ILE C 217 34.77 -8.36 13.39
N GLY C 218 33.57 -8.10 13.89
CA GLY C 218 32.56 -9.13 14.01
C GLY C 218 32.40 -9.73 15.39
N ILE C 219 33.12 -9.22 16.40
CA ILE C 219 33.01 -9.73 17.76
C ILE C 219 31.72 -9.23 18.40
N ASN C 220 31.37 -9.81 19.54
CA ASN C 220 30.11 -9.46 20.21
C ASN C 220 30.27 -8.21 21.07
N ILE C 221 31.25 -8.19 21.96
CA ILE C 221 31.45 -7.10 22.90
C ILE C 221 30.23 -6.96 23.81
N THR C 222 30.43 -7.21 25.09
CA THR C 222 29.40 -7.00 26.10
C THR C 222 29.91 -6.26 27.33
N ARG C 223 31.22 -6.08 27.48
CA ARG C 223 31.79 -5.33 28.58
C ARG C 223 33.04 -4.64 28.08
N PHE C 224 33.69 -3.91 28.97
CA PHE C 224 34.93 -3.21 28.60
C PHE C 224 35.50 -2.55 29.84
N GLN C 225 36.72 -2.03 29.71
CA GLN C 225 37.30 -1.21 30.75
C GLN C 225 38.44 -0.41 30.17
N THR C 226 38.84 0.63 30.88
CA THR C 226 39.81 1.60 30.38
C THR C 226 41.23 1.17 30.68
N LEU C 227 42.11 1.35 29.70
CA LEU C 227 43.53 1.07 29.87
C LEU C 227 44.24 2.36 30.28
N LEU C 228 44.87 2.32 31.46
CA LEU C 228 45.43 3.52 32.07
C LEU C 228 46.92 3.33 32.28
N ALA C 229 47.71 4.28 31.80
CA ALA C 229 49.15 4.28 32.04
C ALA C 229 49.46 4.76 33.44
N LEU C 230 50.35 4.04 34.13
CA LEU C 230 50.63 4.29 35.53
C LEU C 230 52.13 4.36 35.75
N HIS C 231 52.59 5.45 36.38
CA HIS C 231 53.97 5.50 36.84
C HIS C 231 54.22 4.34 37.79
N ARG C 232 55.38 3.69 37.63
CA ARG C 232 55.77 2.61 38.54
C ARG C 232 56.74 3.18 39.57
N SER C 233 56.35 3.10 40.84
CA SER C 233 57.11 3.71 41.93
C SER C 233 57.99 2.65 42.60
N TYR C 234 59.18 2.48 42.02
CA TYR C 234 60.30 1.84 42.69
C TYR C 234 61.60 2.59 42.41
N LEU C 235 61.54 3.72 41.72
CA LEU C 235 62.69 4.61 41.57
C LEU C 235 62.33 6.09 41.72
N THR C 236 61.05 6.44 41.76
CA THR C 236 60.66 7.85 41.73
C THR C 236 61.13 8.57 43.00
N PRO C 237 61.30 9.89 42.93
CA PRO C 237 61.64 10.64 44.16
C PRO C 237 60.60 10.50 45.26
N GLY C 238 59.32 10.40 44.91
CA GLY C 238 58.26 10.41 45.90
C GLY C 238 57.65 9.05 46.20
N ASP C 239 57.80 8.58 47.44
CA ASP C 239 57.18 7.34 47.90
C ASP C 239 57.51 6.19 46.96
N SER C 240 58.79 5.87 46.87
CA SER C 240 59.29 4.86 45.93
C SER C 240 59.80 3.66 46.70
N SER C 241 58.90 2.71 46.99
CA SER C 241 59.30 1.43 47.56
C SER C 241 59.00 0.28 46.60
N SER C 242 57.74 0.05 46.24
CA SER C 242 57.40 -0.99 45.26
C SER C 242 56.28 -0.62 44.30
N GLY C 243 55.41 0.34 44.62
CA GLY C 243 54.09 0.37 44.02
C GLY C 243 53.95 1.15 42.73
N TRP C 244 52.96 2.05 42.68
CA TRP C 244 52.72 2.85 41.49
C TRP C 244 52.11 4.18 41.89
N THR C 245 52.23 5.16 41.01
CA THR C 245 51.70 6.50 41.21
C THR C 245 51.11 7.00 39.89
N ALA C 246 50.30 8.05 39.99
CA ALA C 246 49.66 8.65 38.84
C ALA C 246 49.53 10.16 39.07
N GLY C 247 49.11 10.87 38.03
CA GLY C 247 48.95 12.31 38.09
C GLY C 247 47.52 12.74 38.35
N ALA C 248 47.01 13.63 37.51
CA ALA C 248 45.64 14.13 37.63
C ALA C 248 44.93 13.92 36.31
N ALA C 249 43.75 13.31 36.36
CA ALA C 249 43.03 12.92 35.15
C ALA C 249 41.63 12.46 35.52
N ALA C 250 40.70 12.57 34.57
CA ALA C 250 39.33 12.13 34.81
C ALA C 250 38.64 11.76 33.50
N TYR C 251 37.71 10.80 33.57
CA TYR C 251 36.96 10.38 32.40
C TYR C 251 35.49 10.18 32.72
N TYR C 252 34.70 10.17 31.65
CA TYR C 252 33.25 10.27 31.69
C TYR C 252 32.73 9.08 30.92
N VAL C 253 31.78 8.33 31.47
CA VAL C 253 31.17 7.20 30.78
C VAL C 253 29.66 7.39 30.72
N GLY C 254 29.09 7.29 29.53
CA GLY C 254 27.65 7.31 29.37
C GLY C 254 27.23 6.21 28.42
N TYR C 255 25.95 5.85 28.50
CA TYR C 255 25.39 4.76 27.71
C TYR C 255 24.39 5.30 26.71
N LEU C 256 24.59 4.99 25.44
CA LEU C 256 23.67 5.40 24.38
C LEU C 256 22.40 4.57 24.43
N GLN C 257 21.32 5.16 23.95
CA GLN C 257 20.06 4.45 23.76
C GLN C 257 19.40 4.96 22.50
N PRO C 258 18.46 4.20 21.93
CA PRO C 258 17.87 4.62 20.65
C PRO C 258 16.93 5.81 20.78
N ARG C 259 17.28 6.91 20.13
CA ARG C 259 16.53 8.15 20.22
C ARG C 259 16.38 8.75 18.82
N THR C 260 15.36 9.58 18.67
CA THR C 260 15.15 10.36 17.46
C THR C 260 15.60 11.79 17.72
N PHE C 261 16.50 12.28 16.87
CA PHE C 261 17.08 13.60 16.99
C PHE C 261 16.82 14.39 15.72
N LEU C 262 16.84 15.72 15.86
CA LEU C 262 16.77 16.62 14.72
C LEU C 262 18.11 17.35 14.64
N LEU C 263 18.76 17.26 13.48
CA LEU C 263 20.09 17.78 13.27
C LEU C 263 20.06 18.90 12.23
N LYS C 264 20.93 19.88 12.42
CA LYS C 264 21.00 21.07 11.55
C LYS C 264 22.27 21.00 10.71
N TYR C 265 22.11 20.68 9.43
CA TYR C 265 23.22 20.69 8.49
C TYR C 265 23.39 22.10 7.92
N ASN C 266 24.57 22.67 8.10
CA ASN C 266 24.86 24.03 7.69
C ASN C 266 24.90 24.11 6.16
N GLU C 267 25.22 25.30 5.64
CA GLU C 267 25.52 25.42 4.22
C GLU C 267 26.67 24.50 3.82
N ASN C 268 27.59 24.26 4.74
CA ASN C 268 28.58 23.21 4.58
C ASN C 268 27.91 21.88 4.92
N GLY C 269 28.70 20.83 5.10
CA GLY C 269 28.17 19.58 5.60
C GLY C 269 28.37 19.43 7.09
N THR C 270 28.16 20.50 7.85
CA THR C 270 28.49 20.56 9.25
C THR C 270 27.23 20.57 10.11
N ILE C 271 27.23 19.75 11.16
CA ILE C 271 26.16 19.78 12.16
C ILE C 271 26.43 20.93 13.11
N THR C 272 25.44 21.80 13.29
CA THR C 272 25.56 23.00 14.11
C THR C 272 24.84 22.91 15.43
N ASP C 273 23.57 22.50 15.44
CA ASP C 273 22.82 22.30 16.66
C ASP C 273 21.76 21.23 16.42
N ALA C 274 21.31 20.61 17.51
CA ALA C 274 20.39 19.48 17.43
C ALA C 274 19.38 19.54 18.56
N VAL C 275 18.25 18.87 18.33
CA VAL C 275 17.13 18.83 19.26
C VAL C 275 16.79 17.38 19.56
N ASP C 276 16.55 17.08 20.83
CA ASP C 276 16.21 15.72 21.29
C ASP C 276 14.69 15.59 21.35
N CYS C 277 14.12 14.79 20.45
CA CYS C 277 12.68 14.77 20.26
C CYS C 277 11.91 14.10 21.38
N ALA C 278 12.57 13.71 22.48
CA ALA C 278 11.89 13.07 23.59
C ALA C 278 12.25 13.67 24.94
N LEU C 279 13.01 14.77 24.94
CA LEU C 279 13.45 15.37 26.20
C LEU C 279 12.27 15.95 26.98
N ASP C 280 11.43 16.73 26.30
CA ASP C 280 10.36 17.47 26.96
C ASP C 280 9.30 17.81 25.92
N PRO C 281 8.11 18.24 26.35
CA PRO C 281 7.06 18.56 25.37
C PRO C 281 7.48 19.59 24.33
N LEU C 282 8.23 20.61 24.74
CA LEU C 282 8.65 21.62 23.77
C LEU C 282 9.52 21.00 22.69
N SER C 283 10.33 20.01 23.05
CA SER C 283 11.18 19.36 22.05
C SER C 283 10.35 18.57 21.05
N GLU C 284 9.30 17.88 21.51
CA GLU C 284 8.42 17.21 20.55
C GLU C 284 7.71 18.21 19.67
N THR C 285 7.32 19.36 20.20
CA THR C 285 6.76 20.40 19.35
C THR C 285 7.75 20.78 18.26
N LYS C 286 9.00 21.05 18.66
CA LYS C 286 10.01 21.46 17.69
C LYS C 286 10.21 20.38 16.63
N CYS C 287 10.18 19.11 17.04
CA CYS C 287 10.44 18.03 16.09
C CYS C 287 9.26 17.81 15.15
N THR C 288 8.04 17.86 15.67
CA THR C 288 6.87 17.70 14.82
C THR C 288 6.77 18.83 13.81
N LEU C 289 7.09 20.06 14.22
CA LEU C 289 7.12 21.17 13.29
C LEU C 289 8.41 21.25 12.49
N LYS C 290 9.42 20.45 12.83
CA LYS C 290 10.69 20.41 12.11
C LYS C 290 11.31 21.80 12.02
N SER C 291 11.43 22.43 13.19
CA SER C 291 12.04 23.75 13.26
C SER C 291 12.49 23.99 14.69
N PHE C 292 13.44 24.91 14.84
CA PHE C 292 13.99 25.25 16.15
C PHE C 292 13.27 26.39 16.84
N THR C 293 12.37 27.08 16.13
CA THR C 293 11.55 28.13 16.70
C THR C 293 10.09 27.80 16.44
N VAL C 294 9.27 27.88 17.49
CA VAL C 294 7.85 27.55 17.41
C VAL C 294 7.06 28.81 17.71
N GLU C 295 6.12 29.14 16.82
CA GLU C 295 5.29 30.32 17.01
C GLU C 295 4.20 30.03 18.05
N LYS C 296 3.63 31.10 18.58
CA LYS C 296 2.56 30.99 19.55
C LYS C 296 1.40 30.18 18.98
N GLY C 297 0.91 29.23 19.75
CA GLY C 297 -0.20 28.41 19.30
C GLY C 297 -0.32 27.15 20.13
N ILE C 298 -1.19 26.26 19.65
CA ILE C 298 -1.44 24.96 20.29
C ILE C 298 -1.22 23.90 19.22
N TYR C 299 -0.31 22.97 19.50
CA TYR C 299 0.13 21.99 18.51
C TYR C 299 -0.09 20.58 19.04
N GLN C 300 -0.65 19.71 18.20
CA GLN C 300 -0.86 18.31 18.56
C GLN C 300 0.43 17.56 18.30
N THR C 301 1.14 17.18 19.36
CA THR C 301 2.46 16.59 19.25
C THR C 301 2.41 15.07 19.19
N SER C 302 1.66 14.44 20.07
CA SER C 302 1.69 12.98 20.17
C SER C 302 0.33 12.49 20.66
N ASN C 303 0.27 11.21 20.99
CA ASN C 303 -0.94 10.57 21.47
C ASN C 303 -0.65 9.88 22.79
N PHE C 304 -1.70 9.65 23.56
CA PHE C 304 -1.60 9.10 24.89
C PHE C 304 -2.58 7.92 24.99
N ARG C 305 -2.07 6.79 25.44
CA ARG C 305 -2.87 5.58 25.60
C ARG C 305 -2.59 4.99 26.97
N VAL C 306 -3.64 4.67 27.71
CA VAL C 306 -3.50 3.99 28.99
C VAL C 306 -3.18 2.53 28.71
N GLN C 307 -1.91 2.15 28.88
CA GLN C 307 -1.51 0.79 28.57
C GLN C 307 -2.16 -0.20 29.52
N PRO C 308 -2.40 -1.43 29.09
CA PRO C 308 -3.04 -2.42 29.97
C PRO C 308 -2.10 -2.87 31.07
N THR C 309 -2.63 -2.96 32.28
CA THR C 309 -1.83 -3.37 33.43
C THR C 309 -1.50 -4.85 33.37
N GLU C 310 -2.48 -5.68 33.03
CA GLU C 310 -2.29 -7.13 33.04
C GLU C 310 -3.17 -7.81 32.00
N SER C 311 -3.27 -9.13 32.06
CA SER C 311 -4.03 -9.90 31.10
C SER C 311 -4.81 -10.99 31.83
N ILE C 312 -6.06 -11.21 31.41
CA ILE C 312 -6.92 -12.20 32.05
C ILE C 312 -7.51 -13.11 30.98
N VAL C 313 -7.87 -14.32 31.41
CA VAL C 313 -8.48 -15.33 30.55
C VAL C 313 -9.60 -15.99 31.33
N ARG C 314 -10.71 -16.30 30.65
CA ARG C 314 -11.82 -17.00 31.28
C ARG C 314 -12.52 -17.89 30.25
N PHE C 315 -12.32 -19.19 30.40
CA PHE C 315 -13.04 -20.23 29.70
C PHE C 315 -14.09 -20.83 30.63
N PRO C 316 -15.01 -21.67 30.10
CA PRO C 316 -16.10 -22.15 30.96
C PRO C 316 -15.66 -23.09 32.08
N ASN C 317 -16.63 -23.59 32.83
CA ASN C 317 -16.43 -24.17 34.15
C ASN C 317 -15.59 -25.45 34.14
N ILE C 318 -15.13 -25.93 32.98
CA ILE C 318 -14.30 -27.12 32.89
C ILE C 318 -14.86 -28.22 33.79
N THR C 319 -15.87 -28.95 33.29
CA THR C 319 -16.54 -29.97 34.09
C THR C 319 -16.61 -31.33 33.43
N ASN C 320 -16.82 -31.39 32.11
CA ASN C 320 -17.04 -32.66 31.40
C ASN C 320 -15.72 -33.40 31.27
N LEU C 321 -15.25 -33.92 32.39
CA LEU C 321 -13.98 -34.64 32.43
C LEU C 321 -14.12 -36.01 31.77
N CYS C 322 -13.07 -36.42 31.06
CA CYS C 322 -13.07 -37.73 30.44
C CYS C 322 -12.96 -38.83 31.50
N PRO C 323 -13.51 -40.02 31.25
CA PRO C 323 -13.49 -41.09 32.24
C PRO C 323 -12.21 -41.92 32.20
N PHE C 324 -11.09 -41.29 32.56
CA PHE C 324 -9.83 -42.02 32.64
C PHE C 324 -9.79 -42.92 33.87
N GLY C 325 -10.58 -42.61 34.89
CA GLY C 325 -10.65 -43.48 36.05
C GLY C 325 -11.12 -44.88 35.69
N GLU C 326 -12.05 -44.98 34.74
CA GLU C 326 -12.52 -46.28 34.28
C GLU C 326 -11.45 -47.04 33.51
N VAL C 327 -10.34 -46.41 33.16
CA VAL C 327 -9.27 -47.06 32.44
C VAL C 327 -7.99 -47.17 33.25
N PHE C 328 -7.75 -46.29 34.22
CA PHE C 328 -6.58 -46.39 35.09
C PHE C 328 -6.93 -46.88 36.49
N ASN C 329 -8.21 -47.10 36.79
CA ASN C 329 -8.65 -47.58 38.09
C ASN C 329 -9.70 -48.67 37.92
N ALA C 330 -9.54 -49.49 36.89
CA ALA C 330 -10.43 -50.61 36.65
C ALA C 330 -10.00 -51.81 37.50
N THR C 331 -10.98 -52.56 37.99
CA THR C 331 -10.68 -53.68 38.89
C THR C 331 -9.81 -54.73 38.20
N ARG C 332 -10.15 -55.09 36.96
CA ARG C 332 -9.40 -56.10 36.22
C ARG C 332 -9.12 -55.60 34.81
N PHE C 333 -7.91 -55.84 34.34
CA PHE C 333 -7.49 -55.48 33.00
C PHE C 333 -7.59 -56.69 32.07
N ALA C 334 -7.51 -56.42 30.78
CA ALA C 334 -7.64 -57.46 29.77
C ALA C 334 -6.28 -58.10 29.48
N SER C 335 -6.33 -59.25 28.82
CA SER C 335 -5.11 -59.95 28.46
C SER C 335 -4.44 -59.27 27.27
N VAL C 336 -3.10 -59.28 27.27
CA VAL C 336 -2.37 -58.56 26.24
C VAL C 336 -2.72 -59.09 24.86
N TYR C 337 -2.93 -60.40 24.73
CA TYR C 337 -3.33 -60.96 23.44
C TYR C 337 -4.75 -60.57 23.05
N ALA C 338 -5.56 -60.11 24.00
CA ALA C 338 -6.93 -59.70 23.77
C ALA C 338 -7.21 -58.37 24.45
N TRP C 339 -6.31 -57.40 24.23
CA TRP C 339 -6.36 -56.13 24.92
C TRP C 339 -7.75 -55.52 24.82
N ASN C 340 -8.15 -54.81 25.88
CA ASN C 340 -9.42 -54.10 25.86
C ASN C 340 -9.23 -52.72 25.23
N ARG C 341 -10.27 -52.24 24.54
CA ARG C 341 -10.21 -50.94 23.91
C ARG C 341 -11.44 -50.14 24.28
N LYS C 342 -11.23 -48.88 24.69
CA LYS C 342 -12.30 -47.97 25.06
C LYS C 342 -12.17 -46.70 24.24
N ARG C 343 -13.28 -46.25 23.65
CA ARG C 343 -13.30 -45.05 22.85
C ARG C 343 -13.65 -43.85 23.73
N ILE C 344 -12.85 -42.80 23.64
CA ILE C 344 -13.04 -41.57 24.41
C ILE C 344 -13.28 -40.44 23.41
N SER C 345 -14.40 -39.74 23.60
CA SER C 345 -14.76 -38.65 22.70
C SER C 345 -15.74 -37.73 23.42
N ASN C 346 -15.73 -36.46 23.03
CA ASN C 346 -16.67 -35.46 23.54
C ASN C 346 -16.55 -35.32 25.06
N CYS C 347 -15.32 -35.15 25.53
CA CYS C 347 -15.06 -34.92 26.95
C CYS C 347 -13.72 -34.22 27.09
N VAL C 348 -13.49 -33.64 28.25
CA VAL C 348 -12.26 -32.90 28.54
C VAL C 348 -11.30 -33.86 29.24
N ALA C 349 -10.13 -34.06 28.64
CA ALA C 349 -9.14 -35.01 29.12
C ALA C 349 -8.09 -34.26 29.93
N ASP C 350 -8.12 -34.45 31.25
CA ASP C 350 -7.18 -33.79 32.15
C ASP C 350 -5.92 -34.64 32.26
N TYR C 351 -5.06 -34.51 31.25
CA TYR C 351 -3.83 -35.28 31.23
C TYR C 351 -2.86 -34.87 32.34
N SER C 352 -3.05 -33.69 32.93
CA SER C 352 -2.08 -33.20 33.92
C SER C 352 -1.97 -34.15 35.09
N VAL C 353 -3.10 -34.62 35.62
CA VAL C 353 -3.07 -35.50 36.78
C VAL C 353 -2.26 -36.76 36.48
N LEU C 354 -2.36 -37.27 35.25
CA LEU C 354 -1.66 -38.49 34.89
C LEU C 354 -0.15 -38.28 34.85
N TYR C 355 0.29 -37.17 34.25
CA TYR C 355 1.73 -36.95 34.09
C TYR C 355 2.39 -36.54 35.40
N ASN C 356 1.73 -35.70 36.20
CA ASN C 356 2.33 -35.17 37.42
C ASN C 356 2.18 -36.12 38.60
N SER C 357 1.46 -37.24 38.43
CA SER C 357 1.33 -38.19 39.54
C SER C 357 2.67 -38.78 39.93
N ALA C 358 3.52 -39.08 38.94
CA ALA C 358 4.83 -39.69 39.12
C ALA C 358 4.74 -41.11 39.64
N SER C 359 3.56 -41.72 39.64
CA SER C 359 3.37 -43.09 40.11
C SER C 359 3.51 -44.13 39.01
N PHE C 360 3.72 -43.70 37.77
CA PHE C 360 3.82 -44.63 36.65
C PHE C 360 5.28 -44.93 36.34
N SER C 361 5.60 -46.21 36.21
CA SER C 361 6.97 -46.62 35.94
C SER C 361 7.42 -46.30 34.52
N THR C 362 6.49 -45.99 33.63
CA THR C 362 6.84 -45.62 32.26
C THR C 362 5.76 -44.73 31.70
N PHE C 363 6.17 -43.62 31.08
CA PHE C 363 5.26 -42.62 30.51
C PHE C 363 5.95 -42.05 29.26
N LYS C 364 5.61 -42.60 28.10
CA LYS C 364 6.31 -42.26 26.86
C LYS C 364 5.31 -42.01 25.75
N CYS C 365 5.28 -40.78 25.25
CA CYS C 365 4.39 -40.40 24.16
C CYS C 365 5.18 -40.34 22.86
N TYR C 366 4.64 -40.98 21.81
CA TYR C 366 5.34 -41.07 20.55
C TYR C 366 4.90 -40.03 19.53
N GLY C 367 3.93 -39.16 19.87
CA GLY C 367 3.50 -38.16 18.92
C GLY C 367 3.21 -36.80 19.53
N VAL C 368 3.37 -36.68 20.85
CA VAL C 368 3.06 -35.44 21.56
C VAL C 368 4.02 -35.30 22.72
N SER C 369 4.42 -34.06 23.01
CA SER C 369 5.23 -33.79 24.18
C SER C 369 4.38 -34.01 25.43
N PRO C 370 4.82 -34.85 26.38
CA PRO C 370 3.94 -35.14 27.52
C PRO C 370 3.54 -33.93 28.32
N THR C 371 4.38 -32.90 28.36
CA THR C 371 4.08 -31.71 29.15
C THR C 371 2.93 -30.90 28.56
N LYS C 372 2.69 -31.00 27.25
CA LYS C 372 1.72 -30.16 26.57
C LYS C 372 0.48 -30.94 26.13
N LEU C 373 0.23 -32.10 26.70
CA LEU C 373 -0.97 -32.85 26.35
C LEU C 373 -2.23 -32.03 26.61
N ASN C 374 -2.26 -31.31 27.73
CA ASN C 374 -3.41 -30.47 28.05
C ASN C 374 -3.61 -29.35 27.04
N ASP C 375 -2.58 -29.03 26.25
CA ASP C 375 -2.64 -27.90 25.34
C ASP C 375 -3.08 -28.29 23.93
N LEU C 376 -3.46 -29.55 23.71
CA LEU C 376 -3.84 -30.02 22.38
C LEU C 376 -5.28 -30.51 22.37
N CYS C 377 -5.81 -30.65 21.15
CA CYS C 377 -7.15 -31.16 20.92
C CYS C 377 -7.10 -32.27 19.89
N PHE C 378 -7.96 -33.27 20.08
CA PHE C 378 -8.04 -34.40 19.16
C PHE C 378 -9.49 -34.79 18.97
N THR C 379 -9.79 -35.33 17.78
CA THR C 379 -11.16 -35.73 17.49
C THR C 379 -11.57 -36.93 18.35
N ASN C 380 -10.75 -37.97 18.38
CA ASN C 380 -11.07 -39.18 19.14
C ASN C 380 -9.82 -39.71 19.82
N VAL C 381 -10.03 -40.50 20.88
CA VAL C 381 -8.96 -41.18 21.57
C VAL C 381 -9.39 -42.63 21.79
N TYR C 382 -8.41 -43.52 21.83
CA TYR C 382 -8.65 -44.94 22.09
C TYR C 382 -7.68 -45.40 23.17
N ALA C 383 -8.22 -45.90 24.28
CA ALA C 383 -7.42 -46.42 25.38
C ALA C 383 -7.39 -47.94 25.24
N ASP C 384 -6.20 -48.47 24.94
CA ASP C 384 -5.97 -49.90 24.85
C ASP C 384 -5.27 -50.37 26.12
N SER C 385 -5.95 -51.20 26.90
CA SER C 385 -5.52 -51.58 28.23
C SER C 385 -5.24 -53.07 28.28
N PHE C 386 -4.19 -53.45 29.00
CA PHE C 386 -3.87 -54.85 29.27
C PHE C 386 -2.84 -54.90 30.39
N VAL C 387 -2.33 -56.10 30.67
CA VAL C 387 -1.30 -56.30 31.68
C VAL C 387 -0.21 -57.18 31.08
N ILE C 388 1.04 -56.82 31.33
CA ILE C 388 2.19 -57.54 30.82
C ILE C 388 3.23 -57.70 31.92
N ARG C 389 4.40 -58.23 31.58
CA ARG C 389 5.51 -58.33 32.50
C ARG C 389 6.46 -57.14 32.28
N GLY C 390 7.20 -56.81 33.34
CA GLY C 390 8.04 -55.62 33.30
C GLY C 390 9.03 -55.63 32.16
N ASP C 391 9.74 -56.75 31.99
CA ASP C 391 10.73 -56.83 30.92
C ASP C 391 10.10 -56.70 29.55
N GLU C 392 8.79 -56.92 29.44
CA GLU C 392 8.08 -56.79 28.16
C GLU C 392 7.58 -55.38 27.92
N VAL C 393 7.78 -54.46 28.87
CA VAL C 393 7.25 -53.10 28.71
C VAL C 393 7.84 -52.43 27.48
N ARG C 394 9.13 -52.67 27.21
CA ARG C 394 9.75 -52.07 26.04
C ARG C 394 9.11 -52.54 24.74
N GLN C 395 8.43 -53.68 24.75
CA GLN C 395 7.75 -54.16 23.55
C GLN C 395 6.54 -53.32 23.18
N ILE C 396 6.00 -52.56 24.13
CA ILE C 396 4.90 -51.63 23.83
C ILE C 396 5.56 -50.35 23.36
N ALA C 397 5.96 -50.34 22.10
CA ALA C 397 6.66 -49.22 21.49
C ALA C 397 6.89 -49.52 20.01
N PRO C 398 7.09 -48.49 19.18
CA PRO C 398 7.32 -48.72 17.76
C PRO C 398 8.74 -49.17 17.46
N GLY C 399 8.91 -49.73 16.27
CA GLY C 399 10.22 -50.10 15.77
C GLY C 399 10.68 -51.48 16.21
N GLN C 400 10.85 -51.67 17.51
CA GLN C 400 11.38 -52.91 18.04
C GLN C 400 10.49 -54.09 17.64
N THR C 401 11.03 -55.30 17.80
CA THR C 401 10.33 -56.53 17.50
C THR C 401 10.40 -57.46 18.70
N GLY C 402 9.35 -58.26 18.87
CA GLY C 402 9.30 -59.21 19.97
C GLY C 402 8.02 -60.01 19.90
N LYS C 403 7.94 -61.02 20.77
CA LYS C 403 6.77 -61.87 20.81
C LYS C 403 5.51 -61.06 21.10
N ILE C 404 5.54 -60.24 22.15
CA ILE C 404 4.38 -59.41 22.47
C ILE C 404 4.11 -58.41 21.35
N ALA C 405 5.17 -57.78 20.85
CA ALA C 405 4.99 -56.77 19.80
C ALA C 405 4.44 -57.38 18.52
N ASP C 406 4.93 -58.55 18.14
CA ASP C 406 4.61 -59.14 16.84
C ASP C 406 3.41 -60.06 16.86
N TYR C 407 2.93 -60.49 18.03
CA TYR C 407 1.83 -61.44 18.11
C TYR C 407 0.77 -61.09 19.14
N ASN C 408 0.97 -60.05 19.95
CA ASN C 408 -0.01 -59.66 20.96
C ASN C 408 -0.52 -58.24 20.76
N TYR C 409 0.37 -57.28 20.55
CA TYR C 409 -0.03 -55.88 20.40
C TYR C 409 1.09 -55.14 19.69
N LYS C 410 0.79 -54.61 18.49
CA LYS C 410 1.78 -53.91 17.69
C LYS C 410 1.31 -52.48 17.42
N LEU C 411 2.22 -51.52 17.57
CA LEU C 411 1.94 -50.13 17.28
C LEU C 411 2.63 -49.70 15.99
N PRO C 412 2.03 -48.81 15.21
CA PRO C 412 2.73 -48.33 14.01
C PRO C 412 3.92 -47.46 14.37
N ASP C 413 4.90 -47.42 13.49
CA ASP C 413 6.11 -46.64 13.73
C ASP C 413 5.88 -45.14 13.61
N ASP C 414 4.71 -44.71 13.13
CA ASP C 414 4.30 -43.31 13.17
C ASP C 414 3.24 -43.08 14.25
N PHE C 415 3.32 -43.81 15.35
CA PHE C 415 2.29 -43.76 16.38
C PHE C 415 2.19 -42.36 16.97
N THR C 416 0.97 -41.95 17.29
CA THR C 416 0.72 -40.61 17.82
C THR C 416 0.37 -40.60 19.30
N GLY C 417 0.07 -41.75 19.89
CA GLY C 417 -0.43 -41.84 21.25
C GLY C 417 0.68 -41.95 22.28
N CYS C 418 0.28 -42.35 23.49
CA CYS C 418 1.18 -42.48 24.62
C CYS C 418 1.08 -43.88 25.19
N VAL C 419 2.17 -44.33 25.82
CA VAL C 419 2.22 -45.60 26.51
C VAL C 419 2.51 -45.31 27.98
N ILE C 420 1.67 -45.86 28.86
CA ILE C 420 1.77 -45.62 30.30
C ILE C 420 1.71 -46.97 31.00
N ALA C 421 2.76 -47.30 31.74
CA ALA C 421 2.88 -48.59 32.41
C ALA C 421 3.25 -48.39 33.86
N TRP C 422 2.63 -49.17 34.74
CA TRP C 422 2.93 -49.09 36.17
C TRP C 422 2.79 -50.47 36.80
N ASN C 423 3.72 -50.81 37.69
CA ASN C 423 3.74 -52.12 38.29
C ASN C 423 2.44 -52.40 39.04
N SER C 424 1.89 -53.59 38.84
CA SER C 424 0.64 -54.01 39.45
C SER C 424 0.85 -55.19 40.39
N ASN C 425 2.01 -55.22 41.06
CA ASN C 425 2.28 -56.31 41.99
C ASN C 425 1.32 -56.30 43.17
N ASN C 426 0.86 -55.11 43.57
CA ASN C 426 -0.15 -55.03 44.62
C ASN C 426 -1.50 -55.54 44.14
N LEU C 427 -1.89 -55.19 42.91
CA LEU C 427 -3.17 -55.62 42.37
C LEU C 427 -3.12 -57.09 42.00
N ASP C 428 -2.23 -57.45 41.08
CA ASP C 428 -2.05 -58.83 40.66
C ASP C 428 -0.98 -59.49 41.52
N SER C 429 -0.70 -60.77 41.28
CA SER C 429 0.32 -61.48 42.05
C SER C 429 0.00 -61.47 43.54
N LYS C 430 -1.18 -61.99 43.92
CA LYS C 430 -1.54 -62.06 45.33
C LYS C 430 -0.82 -63.22 45.99
N VAL C 431 -0.96 -64.43 45.43
CA VAL C 431 -0.27 -65.61 45.91
C VAL C 431 0.10 -66.45 44.71
N GLY C 432 0.64 -67.65 44.93
CA GLY C 432 0.92 -68.57 43.85
C GLY C 432 -0.34 -69.26 43.35
N GLY C 433 -1.40 -68.47 43.12
CA GLY C 433 -2.63 -68.99 42.57
C GLY C 433 -3.33 -68.01 41.66
N ASN C 434 -2.63 -66.95 41.27
CA ASN C 434 -3.18 -65.88 40.44
C ASN C 434 -2.48 -65.90 39.09
N TYR C 435 -3.12 -66.52 38.11
CA TYR C 435 -2.58 -66.65 36.76
C TYR C 435 -3.68 -66.37 35.74
N ASN C 436 -4.39 -65.26 35.94
CA ASN C 436 -5.56 -64.91 35.15
C ASN C 436 -5.21 -64.23 33.82
N TYR C 437 -3.93 -64.03 33.53
CA TYR C 437 -3.52 -63.28 32.35
C TYR C 437 -2.80 -64.21 31.37
N LEU C 438 -3.03 -63.95 30.08
CA LEU C 438 -2.50 -64.78 29.01
C LEU C 438 -1.77 -63.90 28.00
N TYR C 439 -0.95 -64.55 27.18
CA TYR C 439 -0.29 -63.85 26.07
C TYR C 439 -0.04 -64.85 24.95
N ARG C 440 -0.19 -64.39 23.72
CA ARG C 440 -0.02 -65.27 22.56
C ARG C 440 1.46 -65.59 22.37
N LEU C 441 1.76 -66.88 22.16
CA LEU C 441 3.12 -67.36 21.98
C LEU C 441 3.43 -67.80 20.56
N PHE C 442 2.44 -68.30 19.83
CA PHE C 442 2.63 -68.73 18.44
C PHE C 442 1.53 -68.15 17.56
N ARG C 443 1.91 -67.78 16.34
CA ARG C 443 0.94 -67.32 15.35
C ARG C 443 1.51 -67.60 13.96
N LYS C 444 0.60 -67.65 12.98
CA LYS C 444 1.01 -67.93 11.60
C LYS C 444 1.69 -66.73 10.95
N SER C 445 1.33 -65.51 11.34
CA SER C 445 1.93 -64.31 10.76
C SER C 445 1.92 -63.20 11.79
N ASN C 446 2.80 -62.23 11.59
CA ASN C 446 2.90 -61.09 12.50
C ASN C 446 1.67 -60.22 12.39
N LEU C 447 1.22 -59.70 13.53
CA LEU C 447 0.04 -58.84 13.56
C LEU C 447 0.33 -57.50 12.89
N LYS C 448 -0.65 -57.00 12.15
CA LYS C 448 -0.61 -55.64 11.66
C LYS C 448 -0.92 -54.67 12.79
N PRO C 449 -0.57 -53.40 12.65
CA PRO C 449 -0.78 -52.44 13.74
C PRO C 449 -2.23 -52.45 14.21
N PHE C 450 -2.42 -52.50 15.52
CA PHE C 450 -3.73 -52.51 16.15
C PHE C 450 -4.60 -53.67 15.69
N GLU C 451 -3.99 -54.76 15.24
CA GLU C 451 -4.73 -55.94 14.81
C GLU C 451 -4.90 -56.88 16.00
N ARG C 452 -6.15 -57.11 16.40
CA ARG C 452 -6.46 -57.97 17.54
C ARG C 452 -6.94 -59.33 17.02
N ASP C 453 -6.36 -60.40 17.57
CA ASP C 453 -6.69 -61.76 17.15
C ASP C 453 -6.88 -62.61 18.41
N ILE C 454 -8.13 -63.00 18.67
CA ILE C 454 -8.46 -63.87 19.78
C ILE C 454 -8.73 -65.30 19.30
N SER C 455 -8.22 -65.68 18.14
CA SER C 455 -8.48 -66.99 17.57
C SER C 455 -7.94 -68.09 18.48
N THR C 456 -8.66 -69.20 18.54
CA THR C 456 -8.27 -70.37 19.31
C THR C 456 -7.79 -71.51 18.42
N GLU C 457 -7.18 -71.16 17.29
CA GLU C 457 -6.66 -72.17 16.37
C GLU C 457 -5.33 -72.72 16.87
N ILE C 458 -5.17 -74.04 16.74
CA ILE C 458 -3.94 -74.68 17.18
C ILE C 458 -2.83 -74.39 16.19
N TYR C 459 -1.71 -73.87 16.69
CA TYR C 459 -0.56 -73.59 15.82
C TYR C 459 0.08 -74.90 15.39
N GLN C 460 0.38 -75.02 14.10
CA GLN C 460 0.95 -76.22 13.51
C GLN C 460 2.37 -75.95 13.05
N ALA C 461 3.32 -76.75 13.52
CA ALA C 461 4.69 -76.70 13.07
C ALA C 461 5.18 -78.00 12.45
N GLY C 462 4.42 -79.09 12.55
CA GLY C 462 4.81 -80.35 11.99
C GLY C 462 4.40 -80.49 10.53
N SER C 463 4.64 -81.69 10.00
CA SER C 463 4.33 -81.98 8.61
C SER C 463 2.84 -82.17 8.36
N THR C 464 2.05 -82.44 9.39
CA THR C 464 0.63 -82.69 9.23
C THR C 464 -0.15 -81.87 10.25
N PRO C 465 -1.34 -81.39 9.88
CA PRO C 465 -2.19 -80.68 10.86
C PRO C 465 -2.76 -81.67 11.88
N CYS C 466 -2.50 -81.40 13.15
CA CYS C 466 -3.05 -82.25 14.21
C CYS C 466 -4.57 -82.18 14.22
N ASN C 467 -5.12 -80.98 14.06
CA ASN C 467 -6.57 -80.77 13.99
C ASN C 467 -7.26 -81.29 15.26
N GLY C 468 -6.91 -80.69 16.39
CA GLY C 468 -7.52 -81.01 17.66
C GLY C 468 -6.72 -81.94 18.55
N VAL C 469 -5.50 -82.30 18.15
CA VAL C 469 -4.64 -83.19 18.94
C VAL C 469 -3.47 -82.38 19.46
N GLU C 470 -3.24 -82.44 20.77
CA GLU C 470 -2.15 -81.73 21.42
C GLU C 470 -0.94 -82.66 21.46
N GLY C 471 0.02 -82.42 20.57
CA GLY C 471 1.21 -83.25 20.51
C GLY C 471 2.46 -82.48 20.14
N PHE C 472 3.41 -83.16 19.51
CA PHE C 472 4.67 -82.53 19.13
C PHE C 472 4.45 -81.61 17.93
N ASN C 473 5.00 -80.39 18.01
CA ASN C 473 4.88 -79.38 16.96
C ASN C 473 3.42 -79.02 16.68
N CYS C 474 2.55 -79.20 17.67
CA CYS C 474 1.14 -78.81 17.58
C CYS C 474 0.82 -78.08 18.88
N TYR C 475 1.01 -76.77 18.89
CA TYR C 475 1.01 -75.99 20.11
C TYR C 475 -0.14 -74.98 20.11
N PHE C 476 -0.66 -74.73 21.31
CA PHE C 476 -1.66 -73.68 21.48
C PHE C 476 -1.00 -72.32 21.35
N PRO C 477 -1.65 -71.34 20.70
CA PRO C 477 -1.02 -70.04 20.51
C PRO C 477 -0.90 -69.20 21.77
N LEU C 478 -1.49 -69.61 22.88
CA LEU C 478 -1.53 -68.82 24.10
C LEU C 478 -0.74 -69.50 25.22
N GLN C 479 -0.28 -68.67 26.16
CA GLN C 479 0.48 -69.13 27.32
C GLN C 479 0.15 -68.22 28.49
N SER C 480 -0.02 -68.82 29.66
CA SER C 480 -0.40 -68.09 30.85
C SER C 480 0.81 -67.41 31.49
N TYR C 481 0.54 -66.48 32.39
CA TYR C 481 1.58 -65.76 33.12
C TYR C 481 1.75 -66.36 34.50
N GLY C 482 3.01 -66.51 34.91
CA GLY C 482 3.33 -67.03 36.23
C GLY C 482 3.49 -65.94 37.27
N PHE C 483 2.44 -65.17 37.49
CA PHE C 483 2.51 -64.02 38.38
C PHE C 483 2.50 -64.47 39.84
N GLN C 484 3.54 -64.11 40.58
CA GLN C 484 3.65 -64.37 42.01
C GLN C 484 4.28 -63.17 42.70
N PRO C 485 3.92 -62.91 43.96
CA PRO C 485 4.51 -61.77 44.66
C PRO C 485 6.02 -61.87 44.81
N THR C 486 6.56 -63.08 44.99
CA THR C 486 7.99 -63.25 45.21
C THR C 486 8.80 -63.19 43.93
N ASN C 487 8.16 -63.12 42.78
CA ASN C 487 8.89 -63.07 41.51
C ASN C 487 9.67 -61.77 41.39
N GLY C 488 10.71 -61.80 40.56
CA GLY C 488 11.53 -60.63 40.36
C GLY C 488 10.76 -59.49 39.72
N VAL C 489 11.25 -58.27 39.97
CA VAL C 489 10.56 -57.08 39.49
C VAL C 489 10.41 -57.13 37.97
N GLY C 490 11.46 -57.56 37.26
CA GLY C 490 11.37 -57.69 35.82
C GLY C 490 10.35 -58.71 35.36
N TYR C 491 9.91 -59.58 36.27
CA TYR C 491 8.91 -60.60 35.96
C TYR C 491 7.56 -60.31 36.59
N GLN C 492 7.44 -59.23 37.36
CA GLN C 492 6.20 -58.91 38.05
C GLN C 492 5.18 -58.30 37.09
N PRO C 493 3.90 -58.33 37.47
CA PRO C 493 2.86 -57.77 36.58
C PRO C 493 2.91 -56.25 36.54
N TYR C 494 2.59 -55.71 35.37
CA TYR C 494 2.54 -54.28 35.12
C TYR C 494 1.31 -53.98 34.28
N ARG C 495 0.48 -53.06 34.76
CA ARG C 495 -0.67 -52.61 33.98
C ARG C 495 -0.21 -51.59 32.95
N VAL C 496 -0.63 -51.78 31.70
CA VAL C 496 -0.20 -50.95 30.58
C VAL C 496 -1.43 -50.43 29.86
N VAL C 497 -1.40 -49.14 29.53
CA VAL C 497 -2.48 -48.49 28.78
C VAL C 497 -1.84 -47.64 27.68
N VAL C 498 -2.42 -47.71 26.49
CA VAL C 498 -1.97 -46.94 25.34
C VAL C 498 -3.09 -46.01 24.92
N LEU C 499 -2.82 -44.71 24.94
CA LEU C 499 -3.78 -43.68 24.55
C LEU C 499 -3.46 -43.23 23.13
N SER C 500 -4.16 -43.78 22.16
CA SER C 500 -3.98 -43.47 20.75
C SER C 500 -4.90 -42.32 20.38
N PHE C 501 -4.34 -41.17 20.03
CA PHE C 501 -5.10 -40.00 19.63
C PHE C 501 -5.26 -39.99 18.12
N GLU C 502 -6.38 -39.44 17.65
CA GLU C 502 -6.62 -39.33 16.22
C GLU C 502 -7.41 -38.07 15.91
N LEU C 503 -6.96 -37.36 14.88
CA LEU C 503 -7.68 -36.27 14.25
C LEU C 503 -8.22 -36.73 12.91
N LEU C 504 -9.36 -36.18 12.51
CA LEU C 504 -10.03 -36.60 11.29
C LEU C 504 -10.68 -35.38 10.63
N HIS C 505 -11.34 -35.60 9.51
CA HIS C 505 -12.10 -34.56 8.82
C HIS C 505 -13.43 -34.32 9.55
N ALA C 506 -13.30 -33.94 10.82
CA ALA C 506 -14.45 -33.80 11.71
C ALA C 506 -14.07 -32.80 12.80
N PRO C 507 -15.06 -32.22 13.48
CA PRO C 507 -14.75 -31.30 14.57
C PRO C 507 -14.03 -32.01 15.71
N ALA C 508 -13.18 -31.26 16.41
CA ALA C 508 -12.42 -31.79 17.53
C ALA C 508 -13.34 -31.93 18.74
N THR C 509 -13.39 -33.13 19.33
CA THR C 509 -14.26 -33.40 20.46
C THR C 509 -13.51 -33.64 21.76
N VAL C 510 -12.23 -33.99 21.70
CA VAL C 510 -11.41 -34.26 22.89
C VAL C 510 -10.40 -33.14 23.02
N CYS C 511 -10.48 -32.41 24.13
CA CYS C 511 -9.59 -31.29 24.38
C CYS C 511 -9.16 -31.30 25.85
N GLY C 512 -8.00 -30.72 26.12
CA GLY C 512 -7.52 -30.59 27.47
C GLY C 512 -8.17 -29.43 28.20
N PRO C 513 -8.03 -29.42 29.51
CA PRO C 513 -8.64 -28.34 30.30
C PRO C 513 -8.00 -27.00 29.99
N LYS C 514 -8.80 -25.95 30.14
CA LYS C 514 -8.39 -24.58 29.85
C LYS C 514 -8.53 -23.78 31.15
N LYS C 515 -7.41 -23.56 31.83
CA LYS C 515 -7.46 -22.90 33.12
C LYS C 515 -7.76 -21.41 32.96
N SER C 516 -8.49 -20.87 33.93
CA SER C 516 -8.98 -19.50 33.90
C SER C 516 -8.47 -18.74 35.11
N THR C 517 -8.12 -17.48 34.91
CA THR C 517 -7.70 -16.62 36.00
C THR C 517 -8.89 -15.85 36.55
N ASN C 518 -8.62 -14.94 37.47
CA ASN C 518 -9.69 -14.19 38.11
C ASN C 518 -10.23 -13.12 37.16
N LEU C 519 -11.36 -12.54 37.54
CA LEU C 519 -12.01 -11.48 36.78
C LEU C 519 -11.68 -10.15 37.41
N VAL C 520 -11.18 -9.21 36.61
CA VAL C 520 -10.73 -7.91 37.08
C VAL C 520 -11.63 -6.86 36.43
N LYS C 521 -12.15 -5.94 37.24
CA LYS C 521 -13.14 -4.97 36.79
C LYS C 521 -12.66 -3.56 37.09
N ASN C 522 -12.94 -2.64 36.17
CA ASN C 522 -12.60 -1.22 36.33
C ASN C 522 -11.10 -0.99 36.22
N LYS C 523 -10.46 -1.64 35.25
CA LYS C 523 -9.02 -1.54 35.10
C LYS C 523 -8.65 -2.02 33.70
N CYS C 524 -7.98 -1.19 32.92
CA CYS C 524 -7.61 -1.59 31.56
C CYS C 524 -6.82 -2.88 31.63
N VAL C 525 -7.23 -3.85 30.80
CA VAL C 525 -6.68 -5.20 30.89
C VAL C 525 -6.90 -5.89 29.55
N ASN C 526 -6.01 -6.81 29.22
CA ASN C 526 -6.21 -7.68 28.08
C ASN C 526 -7.07 -8.87 28.49
N PHE C 527 -8.05 -9.20 27.66
CA PHE C 527 -8.97 -10.28 27.97
C PHE C 527 -9.07 -11.24 26.79
N ASN C 528 -9.24 -12.52 27.11
CA ASN C 528 -9.53 -13.56 26.13
C ASN C 528 -10.74 -14.32 26.69
N PHE C 529 -11.92 -13.81 26.40
CA PHE C 529 -13.17 -14.42 26.85
C PHE C 529 -13.56 -15.50 25.84
N ASN C 530 -13.20 -16.74 26.14
CA ASN C 530 -13.62 -17.88 25.34
C ASN C 530 -13.31 -17.67 23.86
N GLY C 531 -12.13 -17.13 23.60
CA GLY C 531 -11.66 -16.92 22.25
C GLY C 531 -11.82 -15.50 21.75
N LEU C 532 -12.68 -14.71 22.37
CA LEU C 532 -12.84 -13.31 22.00
C LEU C 532 -11.73 -12.52 22.67
N THR C 533 -10.77 -12.05 21.89
CA THR C 533 -9.58 -11.39 22.40
C THR C 533 -9.69 -9.88 22.22
N GLY C 534 -9.35 -9.14 23.26
CA GLY C 534 -9.37 -7.69 23.15
C GLY C 534 -8.69 -7.05 24.34
N THR C 535 -8.72 -5.72 24.35
CA THR C 535 -8.20 -4.92 25.45
C THR C 535 -9.24 -3.90 25.86
N GLY C 536 -9.41 -3.70 27.16
CA GLY C 536 -10.36 -2.70 27.60
C GLY C 536 -10.62 -2.81 29.09
N VAL C 537 -11.66 -2.09 29.51
CA VAL C 537 -12.10 -2.02 30.90
C VAL C 537 -13.43 -2.77 31.00
N LEU C 538 -13.52 -3.65 31.98
CA LEU C 538 -14.71 -4.46 32.21
C LEU C 538 -15.54 -3.86 33.32
N THR C 539 -16.81 -3.58 33.01
CA THR C 539 -17.72 -2.97 33.97
C THR C 539 -18.99 -3.80 34.07
N GLU C 540 -19.67 -3.70 35.20
CA GLU C 540 -20.93 -4.41 35.39
C GLU C 540 -21.98 -3.85 34.42
N SER C 541 -22.65 -4.75 33.72
CA SER C 541 -23.59 -4.36 32.67
C SER C 541 -25.02 -4.31 33.20
N ASN C 542 -25.79 -3.36 32.66
CA ASN C 542 -27.20 -3.24 32.99
C ASN C 542 -28.08 -3.80 31.86
N LYS C 543 -27.48 -4.40 30.84
CA LYS C 543 -28.23 -4.99 29.74
C LYS C 543 -28.36 -6.50 29.96
N LYS C 544 -29.48 -7.04 29.48
CA LYS C 544 -29.86 -8.43 29.75
C LYS C 544 -29.81 -9.23 28.44
N PHE C 545 -28.79 -10.06 28.31
CA PHE C 545 -28.69 -10.96 27.18
C PHE C 545 -29.80 -12.00 27.22
N LEU C 546 -30.01 -12.68 26.10
CA LEU C 546 -30.79 -13.89 26.09
C LEU C 546 -29.91 -15.06 26.51
N PRO C 547 -30.50 -16.14 27.02
CA PRO C 547 -29.67 -17.20 27.62
C PRO C 547 -28.63 -17.78 26.67
N PHE C 548 -28.88 -17.79 25.37
CA PHE C 548 -27.98 -18.46 24.43
C PHE C 548 -26.96 -17.52 23.81
N GLN C 549 -26.94 -16.24 24.17
CA GLN C 549 -26.05 -15.27 23.57
C GLN C 549 -24.81 -15.07 24.43
N GLN C 550 -23.65 -15.02 23.79
CA GLN C 550 -22.38 -14.89 24.47
C GLN C 550 -21.93 -13.45 24.59
N PHE C 551 -21.78 -12.74 23.48
CA PHE C 551 -21.31 -11.36 23.48
C PHE C 551 -22.23 -10.52 22.62
N GLY C 552 -22.08 -9.21 22.73
CA GLY C 552 -22.87 -8.26 21.97
C GLY C 552 -22.00 -7.33 21.17
N ARG C 553 -22.43 -7.03 19.95
CA ARG C 553 -21.77 -6.05 19.09
C ARG C 553 -22.73 -4.92 18.81
N ASP C 554 -22.26 -3.69 19.01
CA ASP C 554 -23.07 -2.52 18.75
C ASP C 554 -23.02 -2.15 17.27
N ILE C 555 -23.80 -1.13 16.91
CA ILE C 555 -23.76 -0.64 15.54
C ILE C 555 -22.32 -0.26 15.20
N ALA C 556 -21.94 -0.49 13.95
CA ALA C 556 -20.58 -0.39 13.44
C ALA C 556 -19.79 -1.65 13.79
N ASP C 557 -20.44 -2.69 14.32
CA ASP C 557 -19.81 -4.00 14.51
C ASP C 557 -18.58 -3.89 15.41
N THR C 558 -18.79 -3.46 16.64
CA THR C 558 -17.75 -3.39 17.65
C THR C 558 -18.24 -4.11 18.90
N THR C 559 -17.41 -4.99 19.44
CA THR C 559 -17.77 -5.69 20.67
C THR C 559 -17.99 -4.69 21.79
N ASP C 560 -19.10 -4.84 22.51
CA ASP C 560 -19.49 -3.88 23.52
C ASP C 560 -19.80 -4.57 24.84
N ALA C 561 -20.20 -5.84 24.78
CA ALA C 561 -20.53 -6.58 25.99
C ALA C 561 -20.14 -8.05 25.80
N VAL C 562 -19.83 -8.71 26.90
CA VAL C 562 -19.48 -10.13 26.89
C VAL C 562 -20.05 -10.79 28.13
N ARG C 563 -20.54 -12.02 27.97
CA ARG C 563 -21.02 -12.81 29.08
C ARG C 563 -19.86 -13.60 29.66
N ASP C 564 -19.72 -13.56 30.98
CA ASP C 564 -18.60 -14.25 31.61
C ASP C 564 -18.87 -15.75 31.54
N PRO C 565 -18.01 -16.54 30.91
CA PRO C 565 -18.33 -17.95 30.70
C PRO C 565 -18.51 -18.76 31.96
N GLN C 566 -17.98 -18.31 33.10
CA GLN C 566 -18.02 -19.10 34.33
C GLN C 566 -19.02 -18.61 35.35
N THR C 567 -19.65 -17.46 35.15
CA THR C 567 -20.69 -17.00 36.06
C THR C 567 -21.88 -16.35 35.37
N LEU C 568 -21.91 -16.32 34.04
CA LEU C 568 -23.05 -15.82 33.27
C LEU C 568 -23.31 -14.34 33.50
N GLU C 569 -22.41 -13.63 34.16
CA GLU C 569 -22.56 -12.19 34.31
C GLU C 569 -22.23 -11.49 33.00
N ILE C 570 -22.82 -10.32 32.82
CA ILE C 570 -22.68 -9.53 31.59
C ILE C 570 -21.79 -8.34 31.91
N LEU C 571 -20.72 -8.19 31.13
CA LEU C 571 -19.72 -7.16 31.36
C LEU C 571 -19.62 -6.26 30.14
N ASP C 572 -19.76 -4.96 30.35
CA ASP C 572 -19.50 -3.99 29.30
C ASP C 572 -18.00 -3.78 29.13
N ILE C 573 -17.60 -3.67 27.86
CA ILE C 573 -16.22 -3.44 27.46
C ILE C 573 -16.12 -1.98 27.06
N THR C 574 -15.22 -1.24 27.70
CA THR C 574 -15.01 0.16 27.36
C THR C 574 -13.52 0.36 27.07
N PRO C 575 -13.16 0.85 25.88
CA PRO C 575 -11.73 1.03 25.59
C PRO C 575 -11.09 1.95 26.60
N CYS C 576 -9.93 1.55 27.11
CA CYS C 576 -9.31 2.37 28.15
C CYS C 576 -8.74 3.64 27.52
N SER C 577 -8.55 4.65 28.38
CA SER C 577 -8.48 6.03 27.90
C SER C 577 -7.38 6.22 26.87
N PHE C 578 -7.71 6.98 25.83
CA PHE C 578 -6.75 7.42 24.83
C PHE C 578 -7.13 8.82 24.39
N GLY C 579 -6.16 9.56 23.88
CA GLY C 579 -6.44 10.89 23.38
C GLY C 579 -5.16 11.60 22.97
N GLY C 580 -5.33 12.59 22.12
CA GLY C 580 -4.19 13.37 21.67
C GLY C 580 -3.62 14.24 22.77
N VAL C 581 -2.38 14.67 22.57
CA VAL C 581 -1.67 15.53 23.49
C VAL C 581 -1.25 16.79 22.73
N SER C 582 -1.62 17.94 23.26
CA SER C 582 -1.36 19.22 22.60
C SER C 582 -0.51 20.10 23.50
N VAL C 583 0.46 20.79 22.90
CA VAL C 583 1.38 21.64 23.64
C VAL C 583 0.96 23.09 23.41
N ILE C 584 0.67 23.79 24.50
CA ILE C 584 0.37 25.21 24.48
C ILE C 584 1.66 25.95 24.77
N THR C 585 2.10 26.79 23.83
CA THR C 585 3.39 27.46 23.95
C THR C 585 3.23 28.93 23.56
N PRO C 586 3.69 29.86 24.40
CA PRO C 586 3.70 31.27 23.97
C PRO C 586 4.59 31.53 22.79
N GLY C 587 5.62 30.72 22.56
CA GLY C 587 6.50 30.89 21.42
C GLY C 587 7.97 30.82 21.81
N THR C 588 8.81 30.33 20.88
CA THR C 588 10.24 30.26 21.17
C THR C 588 10.82 31.65 21.43
N ASN C 589 10.43 32.63 20.62
CA ASN C 589 10.96 33.98 20.74
C ASN C 589 10.43 34.73 21.96
N THR C 590 9.67 34.08 22.83
CA THR C 590 9.08 34.77 23.97
C THR C 590 9.34 34.02 25.27
N SER C 591 9.43 32.69 25.21
CA SER C 591 9.65 31.89 26.40
C SER C 591 9.83 30.44 25.99
N ASN C 592 10.21 29.61 26.96
CA ASN C 592 10.33 28.18 26.79
C ASN C 592 9.32 27.41 27.65
N GLN C 593 8.57 28.10 28.49
CA GLN C 593 7.54 27.46 29.28
C GLN C 593 6.41 26.96 28.38
N VAL C 594 5.78 25.86 28.80
CA VAL C 594 4.72 25.24 28.02
C VAL C 594 3.68 24.65 28.95
N ALA C 595 2.50 24.38 28.40
CA ALA C 595 1.45 23.63 29.08
C ALA C 595 1.01 22.49 28.20
N VAL C 596 0.38 21.48 28.78
CA VAL C 596 0.05 20.25 28.08
C VAL C 596 -1.43 19.95 28.27
N LEU C 597 -2.12 19.64 27.18
CA LEU C 597 -3.54 19.29 27.20
C LEU C 597 -3.69 17.85 26.74
N TYR C 598 -4.30 17.03 27.57
CA TYR C 598 -4.70 15.68 27.22
C TYR C 598 -6.18 15.74 26.86
N GLN C 599 -6.48 15.51 25.58
CA GLN C 599 -7.65 16.13 24.97
C GLN C 599 -8.96 15.62 25.55
N ASP C 600 -9.10 14.30 25.70
CA ASP C 600 -10.36 13.74 26.17
C ASP C 600 -10.17 12.84 27.39
N VAL C 601 -9.13 13.09 28.19
CA VAL C 601 -8.77 12.24 29.30
C VAL C 601 -9.13 12.92 30.60
N ASN C 602 -9.72 12.17 31.52
CA ASN C 602 -9.97 12.69 32.85
C ASN C 602 -8.67 12.86 33.61
N CYS C 603 -8.61 13.89 34.45
CA CYS C 603 -7.38 14.20 35.18
C CYS C 603 -7.00 13.14 36.18
N THR C 604 -7.89 12.21 36.50
CA THR C 604 -7.54 11.11 37.40
C THR C 604 -6.66 10.07 36.74
N GLU C 605 -6.52 10.10 35.42
CA GLU C 605 -5.87 9.04 34.68
C GLU C 605 -4.45 9.37 34.25
N VAL C 606 -4.14 10.64 34.02
CA VAL C 606 -2.75 11.01 33.72
C VAL C 606 -1.83 10.75 34.91
N PRO C 607 -2.15 11.15 36.13
CA PRO C 607 -1.24 10.90 37.26
C PRO C 607 -0.99 9.43 37.52
N VAL C 608 -1.97 8.55 37.25
CA VAL C 608 -1.75 7.12 37.43
C VAL C 608 -0.99 6.50 36.27
N ALA C 609 -0.73 7.27 35.20
CA ALA C 609 0.04 6.80 34.06
C ALA C 609 1.30 7.64 33.87
N ILE C 610 1.85 8.16 34.98
CA ILE C 610 3.04 8.98 34.90
C ILE C 610 4.21 8.19 34.33
N HIS C 611 4.20 6.87 34.50
CA HIS C 611 5.27 6.01 34.01
C HIS C 611 5.07 5.57 32.57
N ALA C 612 4.31 6.33 31.78
CA ALA C 612 4.09 5.99 30.39
C ALA C 612 5.42 5.99 29.62
N ASP C 613 5.39 5.38 28.43
CA ASP C 613 6.60 5.28 27.62
C ASP C 613 7.11 6.67 27.24
N GLN C 614 6.20 7.57 26.85
CA GLN C 614 6.60 8.92 26.44
C GLN C 614 7.00 9.80 27.61
N LEU C 615 6.77 9.36 28.86
CA LEU C 615 7.00 10.19 30.04
C LEU C 615 8.33 9.80 30.67
N THR C 616 9.38 10.50 30.27
CA THR C 616 10.68 10.40 30.92
C THR C 616 10.71 11.31 32.14
N PRO C 617 11.77 11.25 32.95
CA PRO C 617 11.82 12.12 34.15
C PRO C 617 11.64 13.59 33.82
N THR C 618 12.25 14.07 32.74
CA THR C 618 12.04 15.45 32.33
C THR C 618 10.57 15.69 31.97
N TRP C 619 9.96 14.73 31.28
CA TRP C 619 8.51 14.76 31.08
C TRP C 619 7.77 14.68 32.41
N ARG C 620 8.24 13.81 33.32
CA ARG C 620 7.55 13.65 34.59
C ARG C 620 7.54 14.95 35.38
N VAL C 621 8.52 15.84 35.14
CA VAL C 621 8.51 17.15 35.78
C VAL C 621 7.26 17.92 35.38
N TYR C 622 6.95 17.95 34.08
CA TYR C 622 5.76 18.67 33.62
C TYR C 622 4.49 17.92 33.99
N SER C 623 4.50 16.59 33.90
CA SER C 623 3.28 15.82 34.13
C SER C 623 2.81 15.93 35.57
N THR C 624 3.74 16.10 36.52
CA THR C 624 3.42 16.16 37.93
C THR C 624 3.23 17.60 38.42
N GLY C 625 2.95 18.54 37.53
CA GLY C 625 2.74 19.91 37.95
C GLY C 625 1.53 20.02 38.87
N SER C 626 1.65 20.88 39.88
CA SER C 626 0.57 21.06 40.83
C SER C 626 -0.68 21.69 40.20
N ASN C 627 -0.53 22.33 39.04
CA ASN C 627 -1.66 22.97 38.36
C ASN C 627 -2.28 21.95 37.42
N VAL C 628 -3.35 21.30 37.87
CA VAL C 628 -4.11 20.36 37.06
C VAL C 628 -5.54 20.88 37.01
N PHE C 629 -6.04 21.14 35.80
CA PHE C 629 -7.33 21.78 35.61
C PHE C 629 -8.14 20.94 34.63
N GLN C 630 -9.32 20.50 35.05
CA GLN C 630 -10.18 19.67 34.23
C GLN C 630 -11.17 20.55 33.48
N THR C 631 -11.06 20.57 32.16
CA THR C 631 -11.97 21.30 31.29
C THR C 631 -12.71 20.31 30.40
N ARG C 632 -13.78 20.80 29.79
CA ARG C 632 -14.55 19.95 28.88
C ARG C 632 -13.72 19.54 27.68
N ALA C 633 -12.60 20.21 27.43
CA ALA C 633 -11.69 19.88 26.34
C ALA C 633 -10.53 19.00 26.78
N GLY C 634 -10.56 18.49 28.02
CA GLY C 634 -9.59 17.55 28.51
C GLY C 634 -8.94 18.05 29.78
N CYS C 635 -7.80 17.45 30.11
CA CYS C 635 -7.04 17.82 31.28
C CYS C 635 -5.86 18.70 30.89
N LEU C 636 -5.76 19.87 31.51
CA LEU C 636 -4.72 20.84 31.20
C LEU C 636 -3.78 20.93 32.40
N ILE C 637 -2.49 20.70 32.15
CA ILE C 637 -1.48 20.72 33.20
C ILE C 637 -0.42 21.74 32.81
N GLY C 638 -0.06 22.58 33.77
CA GLY C 638 0.90 23.64 33.52
C GLY C 638 0.29 25.01 33.29
N ALA C 639 -1.04 25.14 33.42
CA ALA C 639 -1.73 26.40 33.22
C ALA C 639 -2.56 26.70 34.46
N GLU C 640 -2.45 27.91 34.97
CA GLU C 640 -3.15 28.31 36.19
C GLU C 640 -4.52 28.89 35.84
N HIS C 641 -5.56 28.33 36.44
CA HIS C 641 -6.91 28.81 36.20
C HIS C 641 -7.12 30.15 36.88
N VAL C 642 -7.79 31.07 36.19
CA VAL C 642 -8.09 32.39 36.70
C VAL C 642 -9.59 32.64 36.54
N ASN C 643 -10.14 33.49 37.39
CA ASN C 643 -11.56 33.79 37.37
C ASN C 643 -11.91 35.03 36.55
N ASN C 644 -10.91 35.72 36.00
CA ASN C 644 -11.16 36.91 35.19
C ASN C 644 -11.05 36.54 33.71
N SER C 645 -11.94 37.11 32.91
CA SER C 645 -12.08 36.74 31.50
C SER C 645 -11.44 37.78 30.61
N TYR C 646 -10.63 37.33 29.66
CA TYR C 646 -9.98 38.17 28.67
C TYR C 646 -10.41 37.71 27.29
N GLU C 647 -9.88 38.37 26.26
CA GLU C 647 -10.07 37.89 24.90
C GLU C 647 -9.32 36.59 24.69
N CYS C 648 -9.83 35.77 23.76
CA CYS C 648 -9.22 34.48 23.50
C CYS C 648 -7.89 34.68 22.79
N ASP C 649 -6.80 34.26 23.44
CA ASP C 649 -5.47 34.37 22.86
C ASP C 649 -5.07 33.09 22.15
N ILE C 650 -5.05 31.98 22.87
CA ILE C 650 -4.80 30.66 22.32
C ILE C 650 -6.00 29.78 22.67
N PRO C 651 -6.84 29.39 21.72
CA PRO C 651 -8.03 28.60 22.07
C PRO C 651 -7.66 27.22 22.61
N ILE C 652 -8.48 26.74 23.54
CA ILE C 652 -8.41 25.38 24.04
C ILE C 652 -9.70 24.62 23.75
N GLY C 653 -10.83 25.24 24.04
CA GLY C 653 -12.12 24.67 23.70
C GLY C 653 -13.14 24.85 24.81
N ALA C 654 -14.40 24.67 24.44
CA ALA C 654 -15.51 24.81 25.39
C ALA C 654 -15.47 26.16 26.09
N GLY C 655 -15.15 27.20 25.32
CA GLY C 655 -15.10 28.54 25.86
C GLY C 655 -13.89 28.83 26.73
N ILE C 656 -12.90 27.94 26.73
CA ILE C 656 -11.70 28.10 27.55
C ILE C 656 -10.53 28.38 26.62
N CYS C 657 -9.77 29.43 26.95
CA CYS C 657 -8.60 29.84 26.18
C CYS C 657 -7.44 30.08 27.14
N ALA C 658 -6.22 29.90 26.63
CA ALA C 658 -5.01 30.06 27.42
C ALA C 658 -4.18 31.20 26.87
N SER C 659 -3.47 31.88 27.77
CA SER C 659 -2.68 33.03 27.38
C SER C 659 -1.47 33.18 28.30
N TYR C 660 -0.47 33.89 27.79
CA TYR C 660 0.78 34.16 28.47
C TYR C 660 0.78 35.61 28.94
N GLN C 661 0.69 35.83 30.25
CA GLN C 661 0.62 37.17 30.78
C GLN C 661 1.40 37.25 32.09
N THR C 662 1.93 38.45 32.36
CA THR C 662 2.58 38.74 33.64
C THR C 662 1.50 39.01 34.67
N GLN C 663 1.49 38.21 35.74
CA GLN C 663 0.41 38.31 36.73
C GLN C 663 0.39 39.68 37.40
N THR C 664 1.55 40.21 37.75
CA THR C 664 1.69 41.43 38.55
C THR C 664 1.17 41.26 39.97
N ASN C 665 0.89 40.02 40.39
CA ASN C 665 0.38 39.74 41.71
C ASN C 665 1.54 39.66 42.70
N SER C 666 1.28 39.12 43.89
CA SER C 666 2.32 39.01 44.91
C SER C 666 3.63 38.43 44.39
N PRO C 667 3.64 37.32 43.64
CA PRO C 667 4.91 36.82 43.12
C PRO C 667 5.63 37.82 42.24
N GLY C 668 4.91 38.76 41.63
CA GLY C 668 5.57 39.80 40.84
C GLY C 668 6.57 40.59 41.65
N SER C 669 6.37 40.66 42.97
CA SER C 669 7.34 41.33 43.82
C SER C 669 8.70 40.62 43.77
N ALA C 670 8.68 39.29 43.82
CA ALA C 670 9.93 38.54 43.78
C ALA C 670 10.61 38.65 42.43
N SER C 671 9.84 38.51 41.34
CA SER C 671 10.36 38.60 39.99
C SER C 671 9.47 39.51 39.16
N SER C 672 10.09 40.40 38.37
CA SER C 672 9.31 41.31 37.56
C SER C 672 8.43 40.58 36.56
N VAL C 673 8.86 39.38 36.11
CA VAL C 673 8.08 38.60 35.16
C VAL C 673 6.88 37.94 35.79
N ALA C 674 6.74 37.99 37.11
CA ALA C 674 5.59 37.41 37.82
C ALA C 674 5.42 35.93 37.49
N SER C 675 6.54 35.22 37.43
CA SER C 675 6.60 33.77 37.24
C SER C 675 6.32 33.33 35.81
N GLN C 676 5.97 34.25 34.91
CA GLN C 676 5.72 33.90 33.50
C GLN C 676 4.65 32.82 33.38
N SER C 677 3.60 32.93 34.19
CA SER C 677 2.57 31.90 34.23
C SER C 677 1.77 31.88 32.94
N ILE C 678 1.29 30.70 32.56
CA ILE C 678 0.30 30.54 31.52
C ILE C 678 -1.05 30.33 32.20
N ILE C 679 -2.03 31.15 31.85
CA ILE C 679 -3.32 31.15 32.53
C ILE C 679 -4.42 30.74 31.56
N ALA C 680 -5.32 29.89 32.03
CA ALA C 680 -6.49 29.45 31.28
C ALA C 680 -7.74 30.05 31.88
N TYR C 681 -8.65 30.51 31.02
CA TYR C 681 -9.79 31.28 31.47
C TYR C 681 -10.95 31.11 30.50
N THR C 682 -12.14 31.43 30.98
CA THR C 682 -13.32 31.50 30.12
C THR C 682 -13.25 32.79 29.30
N MET C 683 -13.27 32.66 27.99
CA MET C 683 -13.09 33.82 27.14
C MET C 683 -14.29 34.77 27.25
N SER C 684 -14.01 36.05 27.04
CA SER C 684 -15.02 37.11 27.12
C SER C 684 -15.52 37.44 25.73
N LEU C 685 -16.85 37.48 25.57
CA LEU C 685 -17.44 37.77 24.28
C LEU C 685 -17.28 39.23 23.89
N GLY C 686 -17.14 40.12 24.85
CA GLY C 686 -16.94 41.53 24.57
C GLY C 686 -17.45 42.38 25.70
N ALA C 687 -17.19 43.68 25.59
CA ALA C 687 -17.65 44.61 26.60
C ALA C 687 -19.17 44.64 26.64
N GLU C 688 -19.72 44.78 27.84
CA GLU C 688 -21.16 44.77 28.06
C GLU C 688 -21.65 46.20 28.28
N ASN C 689 -22.54 46.65 27.40
CA ASN C 689 -23.16 47.95 27.54
C ASN C 689 -24.64 47.84 27.21
N SER C 690 -25.43 48.72 27.82
CA SER C 690 -26.88 48.74 27.64
C SER C 690 -27.27 50.06 26.99
N VAL C 691 -28.08 49.98 25.95
CA VAL C 691 -28.53 51.16 25.22
C VAL C 691 -29.73 51.75 25.94
N ALA C 692 -29.70 53.05 26.19
CA ALA C 692 -30.76 53.72 26.92
C ALA C 692 -32.00 53.86 26.05
N TYR C 693 -32.70 52.76 25.81
CA TYR C 693 -33.91 52.80 25.01
C TYR C 693 -35.02 53.53 25.76
N SER C 694 -35.81 54.28 24.99
CA SER C 694 -36.99 54.94 25.52
C SER C 694 -37.79 55.48 24.35
N ASN C 695 -39.10 55.35 24.41
CA ASN C 695 -39.94 56.06 23.46
C ASN C 695 -39.72 57.55 23.63
N ASN C 696 -39.74 58.27 22.52
CA ASN C 696 -39.53 59.72 22.47
C ASN C 696 -38.14 60.12 22.96
N SER C 697 -37.16 59.24 22.74
CA SER C 697 -35.77 59.57 23.02
C SER C 697 -34.91 59.09 21.86
N ILE C 698 -34.08 59.98 21.32
CA ILE C 698 -33.22 59.65 20.19
C ILE C 698 -31.80 60.14 20.48
N ALA C 699 -30.84 59.54 19.79
CA ALA C 699 -29.44 59.92 19.89
C ALA C 699 -28.91 60.26 18.51
N ILE C 700 -28.35 61.44 18.36
CA ILE C 700 -27.87 61.89 17.05
C ILE C 700 -26.39 62.26 17.17
N PRO C 701 -25.56 61.93 16.18
CA PRO C 701 -24.14 62.28 16.28
C PRO C 701 -23.88 63.73 15.87
N THR C 702 -23.05 64.39 16.68
CA THR C 702 -22.66 65.77 16.44
C THR C 702 -21.31 65.88 15.75
N ASN C 703 -20.65 64.76 15.48
CA ASN C 703 -19.33 64.79 14.86
C ASN C 703 -19.12 63.48 14.13
N PHE C 704 -18.02 63.38 13.41
CA PHE C 704 -17.70 62.17 12.68
C PHE C 704 -16.20 61.93 12.70
N THR C 705 -15.83 60.69 12.41
CA THR C 705 -14.44 60.32 12.18
C THR C 705 -14.36 59.60 10.84
N ILE C 706 -13.24 59.77 10.16
CA ILE C 706 -13.00 59.12 8.89
C ILE C 706 -11.99 58.02 9.14
N SER C 707 -12.43 56.77 8.99
CA SER C 707 -11.62 55.61 9.32
C SER C 707 -11.15 54.93 8.05
N VAL C 708 -9.85 54.68 7.96
CA VAL C 708 -9.27 53.86 6.91
C VAL C 708 -8.94 52.51 7.51
N THR C 709 -9.48 51.45 6.92
CA THR C 709 -9.28 50.09 7.40
C THR C 709 -8.80 49.21 6.25
N THR C 710 -7.94 48.26 6.57
CA THR C 710 -7.30 47.42 5.56
C THR C 710 -7.97 46.04 5.54
N GLU C 711 -8.27 45.58 4.32
CA GLU C 711 -8.79 44.23 4.09
C GLU C 711 -7.82 43.51 3.17
N ILE C 712 -7.49 42.27 3.51
CA ILE C 712 -6.44 41.52 2.82
C ILE C 712 -7.08 40.30 2.18
N LEU C 713 -6.86 40.10 0.88
CA LEU C 713 -7.48 38.98 0.19
C LEU C 713 -6.50 38.29 -0.74
N PRO C 714 -6.22 37.00 -0.57
CA PRO C 714 -5.43 36.28 -1.55
C PRO C 714 -6.17 36.14 -2.87
N VAL C 715 -5.41 36.13 -3.96
CA VAL C 715 -6.00 35.97 -5.29
C VAL C 715 -5.30 34.89 -6.11
N SER C 716 -4.10 34.46 -5.77
CA SER C 716 -3.37 33.53 -6.62
C SER C 716 -2.54 32.59 -5.74
N MET C 717 -2.30 31.39 -6.28
CA MET C 717 -1.37 30.43 -5.70
C MET C 717 -0.06 30.48 -6.48
N THR C 718 0.83 29.56 -6.17
CA THR C 718 2.05 29.35 -6.96
C THR C 718 1.75 28.31 -8.04
N LYS C 719 1.99 28.68 -9.29
CA LYS C 719 1.76 27.75 -10.39
C LYS C 719 2.85 26.69 -10.39
N THR C 720 2.49 25.47 -10.03
CA THR C 720 3.45 24.37 -9.94
C THR C 720 3.07 23.30 -10.95
N SER C 721 4.10 22.65 -11.49
CA SER C 721 3.95 21.51 -12.38
C SER C 721 4.87 20.40 -11.92
N VAL C 722 4.46 19.17 -12.20
CA VAL C 722 5.25 17.99 -11.87
C VAL C 722 5.36 17.12 -13.12
N ASP C 723 6.59 16.76 -13.47
CA ASP C 723 6.84 15.74 -14.48
C ASP C 723 6.60 14.39 -13.82
N CYS C 724 5.42 13.81 -14.08
CA CYS C 724 5.02 12.58 -13.41
C CYS C 724 6.09 11.50 -13.56
N THR C 725 6.59 11.31 -14.78
CA THR C 725 7.56 10.25 -15.02
C THR C 725 8.86 10.51 -14.26
N MET C 726 9.34 11.75 -14.28
CA MET C 726 10.61 12.02 -13.60
C MET C 726 10.46 11.91 -12.09
N TYR C 727 9.29 12.24 -11.55
CA TYR C 727 9.05 12.06 -10.13
C TYR C 727 9.01 10.58 -9.76
N ILE C 728 8.27 9.79 -10.53
CA ILE C 728 8.03 8.41 -10.13
C ILE C 728 9.25 7.54 -10.38
N CYS C 729 9.86 7.67 -11.55
CA CYS C 729 10.86 6.73 -12.02
C CYS C 729 12.25 7.33 -12.22
N GLY C 730 12.43 8.61 -11.96
CA GLY C 730 13.73 9.21 -12.20
C GLY C 730 14.09 9.08 -13.66
N ASP C 731 15.25 8.48 -13.93
CA ASP C 731 15.70 8.22 -15.30
C ASP C 731 15.92 6.73 -15.54
N SER C 732 15.15 5.90 -14.88
CA SER C 732 15.21 4.45 -15.06
C SER C 732 14.27 4.05 -16.18
N THR C 733 14.79 3.35 -17.18
CA THR C 733 13.98 3.01 -18.34
C THR C 733 12.94 1.95 -18.01
N GLU C 734 13.32 0.93 -17.23
CA GLU C 734 12.39 -0.15 -16.96
C GLU C 734 11.33 0.25 -15.95
N CYS C 735 11.64 1.16 -15.02
CA CYS C 735 10.60 1.73 -14.20
C CYS C 735 9.58 2.47 -15.07
N SER C 736 10.05 3.21 -16.07
CA SER C 736 9.12 3.90 -16.96
C SER C 736 8.26 2.90 -17.72
N ASN C 737 8.87 1.81 -18.18
CA ASN C 737 8.11 0.78 -18.88
C ASN C 737 7.02 0.22 -17.98
N LEU C 738 7.35 -0.05 -16.71
CA LEU C 738 6.33 -0.51 -15.78
C LEU C 738 5.25 0.55 -15.60
N LEU C 739 5.64 1.82 -15.58
CA LEU C 739 4.66 2.90 -15.38
C LEU C 739 3.68 2.98 -16.54
N LEU C 740 4.12 2.66 -17.76
CA LEU C 740 3.16 2.62 -18.86
C LEU C 740 2.02 1.65 -18.58
N GLN C 741 2.24 0.63 -17.77
CA GLN C 741 1.18 -0.34 -17.49
C GLN C 741 0.03 0.27 -16.70
N TYR C 742 0.21 1.45 -16.11
CA TYR C 742 -0.83 2.09 -15.31
C TYR C 742 -1.70 3.05 -16.11
N GLY C 743 -1.39 3.26 -17.37
CA GLY C 743 -2.31 3.97 -18.27
C GLY C 743 -2.06 5.47 -18.25
N SER C 744 -3.15 6.24 -18.11
CA SER C 744 -3.12 7.68 -18.29
C SER C 744 -3.12 8.45 -16.97
N PHE C 745 -2.59 7.86 -15.90
CA PHE C 745 -2.56 8.57 -14.62
C PHE C 745 -1.71 9.83 -14.71
N CYS C 746 -0.54 9.72 -15.34
CA CYS C 746 0.34 10.88 -15.44
C CYS C 746 -0.31 11.99 -16.26
N THR C 747 -0.99 11.62 -17.35
CA THR C 747 -1.68 12.63 -18.15
C THR C 747 -2.78 13.31 -17.35
N GLN C 748 -3.53 12.54 -16.56
CA GLN C 748 -4.55 13.14 -15.70
C GLN C 748 -3.94 14.12 -14.71
N LEU C 749 -2.84 13.74 -14.08
CA LEU C 749 -2.22 14.62 -13.09
C LEU C 749 -1.74 15.91 -13.74
N ASN C 750 -1.08 15.80 -14.89
CA ASN C 750 -0.61 16.99 -15.58
C ASN C 750 -1.77 17.86 -16.02
N ARG C 751 -2.87 17.24 -16.45
CA ARG C 751 -4.04 18.02 -16.86
C ARG C 751 -4.62 18.81 -15.70
N ALA C 752 -4.75 18.17 -14.54
CA ALA C 752 -5.27 18.87 -13.37
C ALA C 752 -4.36 20.03 -12.99
N LEU C 753 -3.05 19.78 -12.98
CA LEU C 753 -2.13 20.82 -12.56
C LEU C 753 -2.13 22.00 -13.54
N THR C 754 -2.18 21.72 -14.84
CA THR C 754 -2.22 22.81 -15.80
C THR C 754 -3.54 23.58 -15.73
N GLY C 755 -4.64 22.90 -15.41
CA GLY C 755 -5.88 23.61 -15.17
C GLY C 755 -5.74 24.59 -14.02
N ILE C 756 -5.14 24.15 -12.91
CA ILE C 756 -4.95 25.05 -11.78
C ILE C 756 -4.05 26.22 -12.18
N ALA C 757 -2.98 25.93 -12.92
CA ALA C 757 -2.05 26.98 -13.32
C ALA C 757 -2.74 28.04 -14.17
N VAL C 758 -3.58 27.61 -15.11
CA VAL C 758 -4.30 28.57 -15.95
C VAL C 758 -5.28 29.36 -15.11
N GLU C 759 -5.90 28.72 -14.13
CA GLU C 759 -6.82 29.43 -13.26
C GLU C 759 -6.14 30.55 -12.49
N GLN C 760 -4.88 30.34 -12.08
CA GLN C 760 -4.25 31.40 -11.29
C GLN C 760 -4.16 32.69 -12.08
N ASP C 761 -3.73 32.60 -13.34
CA ASP C 761 -3.70 33.77 -14.22
C ASP C 761 -5.10 34.32 -14.44
N LYS C 762 -6.09 33.43 -14.60
CA LYS C 762 -7.45 33.93 -14.76
C LYS C 762 -7.90 34.75 -13.55
N ASN C 763 -7.58 34.27 -12.35
CA ASN C 763 -7.98 34.97 -11.13
C ASN C 763 -7.34 36.34 -11.07
N THR C 764 -6.04 36.41 -11.32
CA THR C 764 -5.38 37.72 -11.29
C THR C 764 -5.99 38.66 -12.31
N GLN C 765 -6.28 38.14 -13.52
CA GLN C 765 -6.87 38.97 -14.55
C GLN C 765 -8.23 39.52 -14.11
N GLU C 766 -9.08 38.66 -13.56
CA GLU C 766 -10.39 39.12 -13.14
C GLU C 766 -10.29 40.18 -12.06
N VAL C 767 -9.39 40.00 -11.09
CA VAL C 767 -9.31 40.95 -10.00
C VAL C 767 -8.79 42.30 -10.49
N PHE C 768 -7.73 42.29 -11.31
CA PHE C 768 -7.01 43.54 -11.58
C PHE C 768 -7.30 44.16 -12.94
N ALA C 769 -7.80 43.39 -13.91
CA ALA C 769 -7.98 43.89 -15.27
C ALA C 769 -9.36 44.49 -15.50
N GLN C 770 -9.97 45.05 -14.47
CA GLN C 770 -11.30 45.63 -14.64
C GLN C 770 -11.25 46.93 -15.42
N VAL C 771 -10.25 47.77 -15.17
CA VAL C 771 -10.13 49.03 -15.89
C VAL C 771 -9.67 48.76 -17.31
N LYS C 772 -10.29 49.43 -18.28
CA LYS C 772 -9.98 49.23 -19.69
C LYS C 772 -8.83 50.11 -20.17
N GLN C 773 -8.75 51.34 -19.69
CA GLN C 773 -7.70 52.28 -20.08
C GLN C 773 -6.79 52.58 -18.91
N ILE C 774 -5.50 52.76 -19.19
CA ILE C 774 -4.51 53.04 -18.15
C ILE C 774 -4.54 54.55 -17.90
N TYR C 775 -5.14 54.95 -16.79
CA TYR C 775 -5.23 56.35 -16.44
C TYR C 775 -3.98 56.79 -15.68
N LYS C 776 -3.66 58.08 -15.79
CA LYS C 776 -2.50 58.66 -15.14
C LYS C 776 -2.93 59.84 -14.29
N THR C 777 -2.36 59.94 -13.10
CA THR C 777 -2.71 61.01 -12.18
C THR C 777 -2.15 62.35 -12.69
N PRO C 778 -2.83 63.46 -12.39
CA PRO C 778 -2.34 64.75 -12.89
C PRO C 778 -0.97 65.07 -12.34
N PRO C 779 -0.15 65.79 -13.09
CA PRO C 779 1.20 66.12 -12.59
C PRO C 779 1.18 66.92 -11.30
N ILE C 780 0.24 67.87 -11.17
CA ILE C 780 0.12 68.68 -9.98
C ILE C 780 -0.85 68.01 -9.02
N LYS C 781 -0.42 67.79 -7.79
CA LYS C 781 -1.21 67.08 -6.79
C LYS C 781 -1.87 68.11 -5.87
N ASP C 782 -2.98 68.66 -6.34
CA ASP C 782 -3.78 69.62 -5.58
C ASP C 782 -5.20 69.09 -5.51
N PHE C 783 -5.52 68.34 -4.45
CA PHE C 783 -6.79 67.66 -4.32
C PHE C 783 -7.62 68.22 -3.18
N GLY C 784 -7.44 69.51 -2.87
CA GLY C 784 -8.22 70.15 -1.84
C GLY C 784 -7.79 69.86 -0.43
N GLY C 785 -6.61 69.28 -0.23
CA GLY C 785 -6.12 68.93 1.09
C GLY C 785 -5.89 67.46 1.30
N PHE C 786 -6.43 66.60 0.44
CA PHE C 786 -6.20 65.17 0.54
C PHE C 786 -4.88 64.85 -0.14
N ASN C 787 -4.06 64.02 0.51
CA ASN C 787 -2.68 63.86 0.09
C ASN C 787 -2.49 62.73 -0.94
N PHE C 788 -2.84 61.50 -0.58
CA PHE C 788 -2.71 60.34 -1.44
C PHE C 788 -1.26 59.98 -1.76
N SER C 789 -0.29 60.55 -1.03
CA SER C 789 1.10 60.27 -1.36
C SER C 789 1.49 58.84 -1.04
N GLN C 790 0.81 58.21 -0.09
CA GLN C 790 1.21 56.88 0.37
C GLN C 790 0.52 55.76 -0.38
N ILE C 791 -0.45 56.06 -1.23
CA ILE C 791 -1.07 55.05 -2.08
C ILE C 791 -0.77 55.26 -3.55
N LEU C 792 -0.32 56.44 -3.96
CA LEU C 792 0.05 56.68 -5.34
C LEU C 792 1.47 56.19 -5.60
N PRO C 793 1.80 55.87 -6.85
CA PRO C 793 3.14 55.34 -7.14
C PRO C 793 4.22 56.36 -6.80
N ASP C 794 5.38 55.85 -6.37
CA ASP C 794 6.54 56.68 -6.11
C ASP C 794 7.46 56.63 -7.32
N PRO C 795 7.60 57.70 -8.10
CA PRO C 795 8.40 57.60 -9.32
C PRO C 795 9.87 57.38 -9.07
N SER C 796 10.40 57.83 -7.92
CA SER C 796 11.83 57.71 -7.66
C SER C 796 12.28 56.26 -7.65
N LYS C 797 11.74 55.47 -6.72
CA LYS C 797 12.18 54.10 -6.57
C LYS C 797 11.78 53.27 -7.80
N PRO C 798 12.53 52.22 -8.11
CA PRO C 798 12.11 51.31 -9.19
C PRO C 798 10.84 50.56 -8.80
N SER C 799 10.22 49.97 -9.82
CA SER C 799 8.98 49.20 -9.76
C SER C 799 7.76 50.10 -9.68
N LYS C 800 7.92 51.41 -9.51
CA LYS C 800 6.80 52.35 -9.49
C LYS C 800 5.71 51.89 -8.52
N ARG C 801 6.15 51.53 -7.32
CA ARG C 801 5.27 51.05 -6.27
C ARG C 801 5.07 52.12 -5.21
N SER C 802 3.92 52.09 -4.57
CA SER C 802 3.61 53.03 -3.52
C SER C 802 4.28 52.61 -2.21
N PRO C 803 4.48 53.55 -1.29
CA PRO C 803 5.09 53.17 0.00
C PRO C 803 4.38 52.02 0.69
N ILE C 804 3.06 52.10 0.85
CA ILE C 804 2.33 51.01 1.47
C ILE C 804 2.56 49.71 0.72
N GLU C 805 2.58 49.79 -0.61
CA GLU C 805 2.81 48.59 -1.41
C GLU C 805 4.21 48.04 -1.19
N ASP C 806 5.20 48.91 -0.98
CA ASP C 806 6.54 48.45 -0.67
C ASP C 806 6.58 47.72 0.66
N LEU C 807 5.91 48.26 1.68
CA LEU C 807 5.83 47.54 2.94
C LEU C 807 5.18 46.18 2.74
N LEU C 808 4.10 46.14 1.95
CA LEU C 808 3.41 44.88 1.72
C LEU C 808 4.32 43.85 1.08
N PHE C 809 5.10 44.28 0.08
CA PHE C 809 5.96 43.33 -0.62
C PHE C 809 7.15 42.91 0.24
N ASN C 810 7.58 43.77 1.16
CA ASN C 810 8.67 43.39 2.06
C ASN C 810 8.20 42.58 3.25
N LYS C 811 6.88 42.49 3.49
CA LYS C 811 6.38 41.85 4.69
C LYS C 811 6.01 40.38 4.50
N VAL C 812 5.69 39.95 3.29
CA VAL C 812 5.36 38.54 3.04
C VAL C 812 6.64 37.83 2.63
N THR C 813 7.05 36.84 3.42
CA THR C 813 8.36 36.22 3.30
C THR C 813 8.23 34.79 2.83
N LEU C 814 9.12 34.40 1.92
CA LEU C 814 9.23 33.02 1.45
C LEU C 814 10.22 32.21 2.24
N ALA C 815 10.84 32.79 3.27
CA ALA C 815 11.74 32.02 4.12
C ALA C 815 10.98 30.97 4.89
N ASP C 816 11.66 29.90 5.26
CA ASP C 816 11.05 28.76 5.93
C ASP C 816 9.93 28.16 5.09
N ALA C 817 10.09 28.24 3.76
CA ALA C 817 9.10 27.68 2.83
C ALA C 817 9.68 26.53 2.01
N GLY C 818 10.88 26.07 2.34
CA GLY C 818 11.43 24.88 1.71
C GLY C 818 11.59 24.98 0.20
N PHE C 819 10.80 24.20 -0.53
CA PHE C 819 11.06 24.00 -1.95
C PHE C 819 10.89 25.29 -2.73
N ILE C 820 9.89 26.11 -2.39
CA ILE C 820 9.66 27.34 -3.13
C ILE C 820 10.86 28.26 -3.01
N LYS C 821 11.38 28.42 -1.79
CA LYS C 821 12.57 29.24 -1.59
C LYS C 821 13.77 28.65 -2.35
N GLN C 822 13.91 27.33 -2.34
CA GLN C 822 15.02 26.70 -3.04
C GLN C 822 14.94 26.97 -4.54
N TYR C 823 13.75 26.86 -5.12
CA TYR C 823 13.59 27.16 -6.54
C TYR C 823 13.88 28.63 -6.83
N GLY C 824 13.41 29.53 -5.98
CA GLY C 824 13.71 30.94 -6.18
C GLY C 824 15.19 31.22 -6.14
N ASP C 825 15.90 30.62 -5.17
CA ASP C 825 17.34 30.81 -5.08
C ASP C 825 18.05 30.21 -6.29
N CYS C 826 17.60 29.04 -6.74
CA CYS C 826 18.18 28.42 -7.93
C CYS C 826 18.04 29.34 -9.13
N LEU C 827 16.86 29.91 -9.33
CA LEU C 827 16.68 30.84 -10.43
C LEU C 827 17.52 32.10 -10.26
N GLY C 828 17.64 32.59 -9.03
CA GLY C 828 18.42 33.79 -8.78
C GLY C 828 19.89 33.61 -9.08
N ASP C 829 20.43 32.41 -8.83
CA ASP C 829 21.84 32.15 -9.07
C ASP C 829 22.20 32.44 -10.52
N ILE C 830 23.05 33.45 -10.74
CA ILE C 830 23.43 33.87 -12.08
C ILE C 830 24.85 33.38 -12.37
N ALA C 831 25.68 33.33 -11.34
CA ALA C 831 27.06 32.89 -11.53
C ALA C 831 27.14 31.43 -11.97
N ALA C 832 26.29 30.58 -11.41
CA ALA C 832 26.33 29.16 -11.73
C ALA C 832 26.08 28.94 -13.22
N ARG C 833 26.85 28.04 -13.81
CA ARG C 833 26.72 27.70 -15.22
C ARG C 833 26.22 26.26 -15.37
N ASP C 834 25.53 26.00 -16.48
CA ASP C 834 24.96 24.68 -16.73
C ASP C 834 24.04 24.26 -15.59
N LEU C 835 23.31 25.22 -15.05
CA LEU C 835 22.40 25.00 -13.92
C LEU C 835 20.97 25.10 -14.44
N ILE C 836 20.29 23.96 -14.55
CA ILE C 836 18.93 23.89 -15.05
C ILE C 836 18.04 23.55 -13.87
N CYS C 837 17.37 24.58 -13.32
CA CYS C 837 16.58 24.38 -12.11
C CYS C 837 15.45 23.39 -12.34
N ALA C 838 14.93 23.30 -13.57
CA ALA C 838 13.79 22.44 -13.82
C ALA C 838 14.12 20.98 -13.53
N GLN C 839 15.38 20.59 -13.67
CA GLN C 839 15.79 19.20 -13.48
C GLN C 839 16.42 18.94 -12.12
N LYS C 840 16.45 19.92 -11.23
CA LYS C 840 17.09 19.78 -9.93
C LYS C 840 16.15 19.39 -8.80
N PHE C 841 14.86 19.22 -9.07
CA PHE C 841 13.89 19.01 -7.99
C PHE C 841 12.92 17.90 -8.33
N ASN C 842 13.41 16.84 -8.96
CA ASN C 842 12.63 15.64 -9.20
C ASN C 842 11.35 15.94 -9.98
N GLY C 843 11.47 16.81 -10.99
CA GLY C 843 10.35 17.12 -11.84
C GLY C 843 9.41 18.19 -11.32
N LEU C 844 9.67 18.72 -10.13
CA LEU C 844 8.83 19.77 -9.56
C LEU C 844 9.34 21.12 -10.05
N THR C 845 8.46 21.90 -10.67
CA THR C 845 8.82 23.20 -11.20
C THR C 845 7.74 24.21 -10.81
N VAL C 846 8.16 25.47 -10.68
CA VAL C 846 7.24 26.57 -10.40
C VAL C 846 7.15 27.42 -11.65
N LEU C 847 6.00 27.45 -12.26
CA LEU C 847 5.80 28.25 -13.46
C LEU C 847 5.57 29.71 -13.08
N PRO C 848 6.02 30.65 -13.90
CA PRO C 848 5.89 32.07 -13.53
C PRO C 848 4.50 32.60 -13.87
N PRO C 849 3.99 33.55 -13.11
CA PRO C 849 2.69 34.14 -13.44
C PRO C 849 2.73 34.93 -14.74
N LEU C 850 1.57 35.01 -15.39
CA LEU C 850 1.50 35.72 -16.66
C LEU C 850 1.70 37.22 -16.46
N LEU C 851 1.08 37.79 -15.44
CA LEU C 851 1.21 39.21 -15.15
C LEU C 851 2.36 39.42 -14.17
N THR C 852 3.31 40.27 -14.56
CA THR C 852 4.40 40.61 -13.66
C THR C 852 3.91 41.50 -12.54
N ASP C 853 4.73 41.61 -11.49
CA ASP C 853 4.41 42.51 -10.39
C ASP C 853 4.29 43.94 -10.87
N GLU C 854 5.16 44.34 -11.80
CA GLU C 854 5.09 45.69 -12.35
C GLU C 854 3.75 45.92 -13.05
N MET C 855 3.24 44.91 -13.75
CA MET C 855 1.99 45.08 -14.47
C MET C 855 0.80 45.18 -13.53
N ILE C 856 0.78 44.38 -12.47
CA ILE C 856 -0.30 44.50 -11.49
C ILE C 856 -0.21 45.86 -10.81
N ALA C 857 0.99 46.33 -10.52
CA ALA C 857 1.15 47.65 -9.94
C ALA C 857 0.63 48.73 -10.89
N GLN C 858 0.88 48.56 -12.19
CA GLN C 858 0.36 49.51 -13.17
C GLN C 858 -1.16 49.50 -13.20
N TYR C 859 -1.78 48.32 -13.10
CA TYR C 859 -3.23 48.25 -13.03
C TYR C 859 -3.76 48.97 -11.80
N THR C 860 -3.12 48.76 -10.65
CA THR C 860 -3.56 49.43 -9.43
C THR C 860 -3.40 50.93 -9.54
N SER C 861 -2.30 51.38 -10.15
CA SER C 861 -2.11 52.81 -10.38
C SER C 861 -3.21 53.36 -11.27
N ALA C 862 -3.60 52.61 -12.30
CA ALA C 862 -4.67 53.05 -13.18
C ALA C 862 -5.98 53.18 -12.42
N LEU C 863 -6.29 52.20 -11.57
CA LEU C 863 -7.52 52.28 -10.79
C LEU C 863 -7.50 53.46 -9.83
N LEU C 864 -6.37 53.69 -9.16
CA LEU C 864 -6.27 54.82 -8.24
C LEU C 864 -6.43 56.14 -8.98
N ALA C 865 -5.76 56.28 -10.14
CA ALA C 865 -5.87 57.51 -10.89
C ALA C 865 -7.29 57.74 -11.38
N GLY C 866 -7.93 56.68 -11.90
CA GLY C 866 -9.31 56.82 -12.33
C GLY C 866 -10.22 57.25 -11.20
N THR C 867 -10.11 56.59 -10.05
CA THR C 867 -10.94 56.99 -8.91
C THR C 867 -10.67 58.43 -8.53
N ILE C 868 -9.41 58.78 -8.28
CA ILE C 868 -9.09 60.10 -7.76
C ILE C 868 -9.53 61.20 -8.72
N THR C 869 -9.41 60.96 -10.02
CA THR C 869 -9.67 62.01 -10.99
C THR C 869 -11.10 62.04 -11.51
N SER C 870 -11.86 60.94 -11.39
CA SER C 870 -13.16 60.86 -12.02
C SER C 870 -14.24 60.20 -11.17
N GLY C 871 -14.00 59.93 -9.90
CA GLY C 871 -15.02 59.30 -9.09
C GLY C 871 -15.33 57.90 -9.60
N TRP C 872 -16.63 57.60 -9.61
N TRP C 872 -16.63 57.59 -9.62
CA TRP C 872 -17.14 56.31 -10.05
CA TRP C 872 -17.10 56.29 -10.07
C TRP C 872 -17.53 56.30 -11.53
C TRP C 872 -17.47 56.28 -11.55
N THR C 873 -17.25 57.37 -12.27
CA THR C 873 -17.68 57.44 -13.66
C THR C 873 -16.88 56.51 -14.57
N PHE C 874 -15.62 56.24 -14.26
CA PHE C 874 -14.79 55.45 -15.17
C PHE C 874 -15.08 53.97 -15.10
N GLY C 875 -15.95 53.52 -14.19
CA GLY C 875 -16.33 52.13 -14.13
C GLY C 875 -17.67 51.87 -14.79
N ALA C 876 -18.31 52.94 -15.28
CA ALA C 876 -19.59 52.83 -15.95
C ALA C 876 -19.60 53.36 -17.37
N GLY C 877 -18.54 54.07 -17.79
CA GLY C 877 -18.47 54.61 -19.11
C GLY C 877 -17.23 55.47 -19.27
N PRO C 878 -17.32 56.57 -20.02
CA PRO C 878 -16.18 57.47 -20.14
C PRO C 878 -15.80 58.04 -18.78
N ALA C 879 -14.51 58.21 -18.56
CA ALA C 879 -14.01 58.81 -17.33
C ALA C 879 -14.31 60.30 -17.35
N LEU C 880 -15.17 60.75 -16.44
CA LEU C 880 -15.58 62.14 -16.36
C LEU C 880 -14.87 62.80 -15.19
N GLN C 881 -14.10 63.84 -15.46
CA GLN C 881 -13.36 64.49 -14.40
C GLN C 881 -14.30 65.25 -13.48
N ILE C 882 -13.96 65.25 -12.20
CA ILE C 882 -14.77 65.89 -11.15
C ILE C 882 -13.80 66.33 -10.07
N PRO C 883 -13.87 67.56 -9.56
CA PRO C 883 -13.00 67.94 -8.45
C PRO C 883 -13.22 67.02 -7.25
N PHE C 884 -12.12 66.64 -6.60
CA PHE C 884 -12.21 65.63 -5.55
C PHE C 884 -13.10 66.06 -4.39
N PRO C 885 -13.06 67.30 -3.91
CA PRO C 885 -14.04 67.70 -2.89
C PRO C 885 -15.47 67.45 -3.32
N MET C 886 -15.79 67.66 -4.60
CA MET C 886 -17.14 67.35 -5.07
C MET C 886 -17.40 65.85 -5.05
N GLN C 887 -16.37 65.03 -5.33
CA GLN C 887 -16.52 63.59 -5.14
C GLN C 887 -16.93 63.27 -3.72
N MET C 888 -16.20 63.80 -2.75
CA MET C 888 -16.52 63.50 -1.37
C MET C 888 -17.90 64.03 -0.98
N ALA C 889 -18.32 65.15 -1.56
CA ALA C 889 -19.68 65.62 -1.32
C ALA C 889 -20.70 64.64 -1.84
N TYR C 890 -20.47 64.11 -3.05
CA TYR C 890 -21.38 63.11 -3.59
C TYR C 890 -21.44 61.89 -2.69
N ARG C 891 -20.27 61.44 -2.23
CA ARG C 891 -20.20 60.23 -1.43
C ARG C 891 -20.78 60.45 -0.04
N PHE C 892 -20.78 61.70 0.43
CA PHE C 892 -21.50 62.03 1.65
C PHE C 892 -23.00 61.96 1.43
N ASN C 893 -23.47 62.49 0.29
CA ASN C 893 -24.89 62.36 -0.03
C ASN C 893 -25.30 60.90 -0.11
N GLY C 894 -24.42 60.05 -0.64
CA GLY C 894 -24.76 58.64 -0.78
C GLY C 894 -25.01 57.96 0.56
N ILE C 895 -24.33 58.41 1.61
CA ILE C 895 -24.46 57.81 2.93
C ILE C 895 -25.45 58.60 3.77
N GLY C 896 -26.16 59.53 3.13
CA GLY C 896 -27.23 60.25 3.81
C GLY C 896 -26.82 61.49 4.55
N VAL C 897 -25.66 62.07 4.24
CA VAL C 897 -25.20 63.30 4.88
C VAL C 897 -25.14 64.39 3.82
N THR C 898 -25.72 65.54 4.13
CA THR C 898 -25.87 66.61 3.15
C THR C 898 -24.50 67.11 2.67
N GLN C 899 -24.51 67.77 1.52
CA GLN C 899 -23.26 68.22 0.91
C GLN C 899 -22.52 69.20 1.81
N ASN C 900 -23.23 70.17 2.38
CA ASN C 900 -22.57 71.23 3.11
C ASN C 900 -21.67 70.69 4.21
N VAL C 901 -22.05 69.57 4.82
CA VAL C 901 -21.26 69.03 5.92
C VAL C 901 -19.82 68.85 5.50
N LEU C 902 -19.59 68.37 4.28
CA LEU C 902 -18.23 68.26 3.78
C LEU C 902 -17.59 69.63 3.61
N TYR C 903 -18.25 70.53 2.88
CA TYR C 903 -17.60 71.78 2.50
C TYR C 903 -17.29 72.63 3.72
N GLU C 904 -18.20 72.68 4.68
CA GLU C 904 -17.96 73.46 5.89
C GLU C 904 -16.96 72.79 6.83
N ASN C 905 -16.54 71.55 6.55
CA ASN C 905 -15.54 70.87 7.37
C ASN C 905 -14.37 70.37 6.55
N GLN C 906 -14.24 70.83 5.30
CA GLN C 906 -13.28 70.25 4.36
C GLN C 906 -11.92 70.02 5.03
N LYS C 907 -11.30 71.09 5.52
CA LYS C 907 -9.96 70.95 6.08
C LYS C 907 -9.92 69.85 7.12
N LEU C 908 -10.81 69.91 8.10
CA LEU C 908 -10.84 68.88 9.14
C LEU C 908 -10.91 67.51 8.50
N ILE C 909 -11.87 67.31 7.59
CA ILE C 909 -12.02 66.03 6.92
C ILE C 909 -10.70 65.63 6.29
N ALA C 910 -10.10 66.53 5.52
CA ALA C 910 -8.81 66.23 4.91
C ALA C 910 -7.83 65.79 5.98
N ASN C 911 -7.68 66.59 7.04
CA ASN C 911 -6.72 66.25 8.07
C ASN C 911 -6.97 64.86 8.62
N GLN C 912 -8.23 64.46 8.78
CA GLN C 912 -8.50 63.12 9.26
C GLN C 912 -8.02 62.09 8.24
N PHE C 913 -8.45 62.23 6.99
CA PHE C 913 -8.13 61.22 5.99
C PHE C 913 -6.64 60.98 5.92
N ASN C 914 -5.87 62.05 5.76
CA ASN C 914 -4.42 61.92 5.69
C ASN C 914 -3.91 61.14 6.89
N SER C 915 -4.30 61.56 8.10
CA SER C 915 -3.82 60.90 9.29
C SER C 915 -4.10 59.40 9.20
N ALA C 916 -5.32 59.04 8.82
CA ALA C 916 -5.68 57.63 8.77
C ALA C 916 -4.69 56.87 7.90
N ILE C 917 -4.39 57.40 6.71
CA ILE C 917 -3.47 56.70 5.81
C ILE C 917 -2.15 56.46 6.52
N GLY C 918 -1.62 57.48 7.18
CA GLY C 918 -0.38 57.28 7.91
C GLY C 918 -0.47 56.12 8.87
N LYS C 919 -1.54 56.06 9.65
CA LYS C 919 -1.67 54.99 10.63
C LYS C 919 -1.54 53.63 9.95
N ILE C 920 -2.16 53.47 8.79
CA ILE C 920 -2.10 52.18 8.11
C ILE C 920 -0.65 51.77 7.94
N GLN C 921 0.16 52.67 7.40
CA GLN C 921 1.56 52.35 7.19
C GLN C 921 2.19 51.88 8.48
N ASP C 922 1.97 52.64 9.56
CA ASP C 922 2.51 52.23 10.86
C ASP C 922 2.01 50.84 11.22
N SER C 923 0.70 50.63 11.14
CA SER C 923 0.14 49.34 11.53
C SER C 923 0.75 48.22 10.72
N LEU C 924 1.25 48.53 9.52
CA LEU C 924 1.94 47.52 8.73
C LEU C 924 3.42 47.48 9.09
N SER C 925 4.05 48.66 9.22
CA SER C 925 5.48 48.68 9.50
C SER C 925 5.78 48.11 10.88
N SER C 926 4.92 48.40 11.86
CA SER C 926 5.19 47.97 13.22
C SER C 926 4.66 46.56 13.47
N THR C 927 3.37 46.35 13.26
CA THR C 927 2.75 45.07 13.60
C THR C 927 3.24 43.97 12.68
N PRO C 928 3.83 42.90 13.20
CA PRO C 928 4.09 41.72 12.37
C PRO C 928 2.87 40.81 12.33
N SER C 929 2.87 39.90 11.35
CA SER C 929 1.75 38.99 11.13
C SER C 929 0.49 39.74 10.70
N ALA C 930 0.67 40.93 10.10
CA ALA C 930 -0.47 41.66 9.56
C ALA C 930 -0.98 41.02 8.28
N LEU C 931 -0.08 40.54 7.43
CA LEU C 931 -0.44 39.86 6.19
C LEU C 931 -0.54 38.36 6.42
N GLY C 932 -1.39 37.97 7.37
CA GLY C 932 -1.44 36.58 7.78
C GLY C 932 -2.00 35.66 6.71
N LYS C 933 -3.03 36.10 5.99
CA LYS C 933 -3.71 35.21 5.06
C LYS C 933 -2.81 34.82 3.89
N LEU C 934 -2.11 35.80 3.32
CA LEU C 934 -1.21 35.51 2.21
C LEU C 934 -0.08 34.59 2.65
N GLN C 935 0.48 34.86 3.84
CA GLN C 935 1.52 34.00 4.37
C GLN C 935 1.00 32.59 4.60
N ASP C 936 -0.25 32.46 5.04
CA ASP C 936 -0.83 31.13 5.25
C ASP C 936 -0.95 30.37 3.94
N VAL C 937 -1.35 31.07 2.88
CA VAL C 937 -1.43 30.43 1.57
C VAL C 937 -0.04 29.94 1.14
N VAL C 938 0.96 30.81 1.27
CA VAL C 938 2.32 30.43 0.88
C VAL C 938 2.79 29.24 1.71
N ASN C 939 2.52 29.27 3.01
CA ASN C 939 2.95 28.20 3.90
C ASN C 939 2.28 26.88 3.52
N GLN C 940 0.99 26.91 3.23
CA GLN C 940 0.29 25.69 2.84
C GLN C 940 0.90 25.10 1.57
N ASN C 941 1.14 25.94 0.57
CA ASN C 941 1.73 25.43 -0.66
C ASN C 941 3.11 24.85 -0.41
N ALA C 942 3.93 25.55 0.38
CA ALA C 942 5.27 25.07 0.66
C ALA C 942 5.25 23.75 1.40
N GLN C 943 4.35 23.61 2.37
CA GLN C 943 4.29 22.39 3.15
C GLN C 943 3.83 21.22 2.30
N ALA C 944 2.86 21.45 1.41
CA ALA C 944 2.44 20.38 0.52
C ALA C 944 3.58 19.96 -0.41
N LEU C 945 4.30 20.92 -0.98
CA LEU C 945 5.40 20.56 -1.86
C LEU C 945 6.50 19.82 -1.10
N ASN C 946 6.79 20.23 0.13
CA ASN C 946 7.79 19.54 0.92
C ASN C 946 7.35 18.11 1.24
N THR C 947 6.09 17.93 1.59
CA THR C 947 5.60 16.57 1.82
C THR C 947 5.67 15.74 0.54
N LEU C 948 5.55 16.37 -0.62
CA LEU C 948 5.66 15.64 -1.87
C LEU C 948 7.09 15.25 -2.18
N VAL C 949 8.05 16.16 -1.92
CA VAL C 949 9.45 15.85 -2.21
C VAL C 949 9.93 14.70 -1.34
N LYS C 950 9.83 14.87 -0.02
CA LYS C 950 9.75 13.72 0.84
C LYS C 950 8.61 12.83 0.35
N GLN C 951 8.65 11.56 0.74
CA GLN C 951 7.89 10.46 0.15
C GLN C 951 8.62 9.90 -1.07
N LEU C 952 9.72 10.50 -1.49
CA LEU C 952 10.65 9.84 -2.39
C LEU C 952 11.71 9.07 -1.62
N SER C 953 11.77 9.26 -0.31
CA SER C 953 12.66 8.51 0.57
C SER C 953 11.95 7.39 1.30
N SER C 954 10.69 7.13 0.98
CA SER C 954 9.92 6.09 1.64
C SER C 954 9.99 4.79 0.85
N ASN C 955 10.11 3.68 1.58
CA ASN C 955 10.21 2.36 0.96
C ASN C 955 8.88 1.89 0.40
N PHE C 956 7.78 2.21 1.08
CA PHE C 956 6.45 1.70 0.75
C PHE C 956 6.41 0.18 0.80
N GLY C 957 7.30 -0.44 1.56
CA GLY C 957 7.34 -1.88 1.68
C GLY C 957 8.44 -2.55 0.89
N ALA C 958 9.13 -1.82 0.01
CA ALA C 958 10.21 -2.40 -0.76
C ALA C 958 11.47 -2.47 0.10
N ILE C 959 12.53 -3.06 -0.48
CA ILE C 959 13.77 -3.22 0.27
C ILE C 959 14.58 -1.93 0.31
N SER C 960 14.32 -1.00 -0.60
CA SER C 960 15.02 0.27 -0.60
C SER C 960 14.17 1.29 -1.33
N SER C 961 14.41 2.56 -1.02
CA SER C 961 13.75 3.64 -1.73
C SER C 961 14.52 4.06 -2.97
N VAL C 962 15.81 3.72 -3.06
CA VAL C 962 16.61 4.04 -4.22
C VAL C 962 16.31 3.02 -5.30
N LEU C 963 15.74 3.50 -6.41
CA LEU C 963 15.28 2.58 -7.45
C LEU C 963 16.44 1.80 -8.03
N ASN C 964 17.59 2.45 -8.21
CA ASN C 964 18.75 1.77 -8.78
C ASN C 964 19.28 0.68 -7.84
N ASP C 965 19.26 0.93 -6.52
CA ASP C 965 19.76 -0.08 -5.60
C ASP C 965 18.93 -1.36 -5.69
N ILE C 966 17.61 -1.23 -5.75
CA ILE C 966 16.78 -2.40 -6.00
C ILE C 966 17.13 -2.99 -7.36
N LEU C 967 17.31 -2.12 -8.35
CA LEU C 967 17.52 -2.58 -9.72
C LEU C 967 18.86 -3.30 -9.87
N SER C 968 19.92 -2.76 -9.27
CA SER C 968 21.26 -3.32 -9.40
C SER C 968 21.59 -4.28 -8.26
N ARG C 969 20.58 -4.81 -7.58
CA ARG C 969 20.83 -5.73 -6.47
C ARG C 969 19.83 -6.88 -6.45
N LEU C 970 19.11 -7.12 -7.55
CA LEU C 970 18.23 -8.27 -7.67
C LEU C 970 18.01 -8.57 -9.14
N ASP C 971 17.56 -9.79 -9.40
CA ASP C 971 17.23 -10.20 -10.75
C ASP C 971 15.91 -9.56 -11.20
N PRO C 972 15.66 -9.50 -12.50
CA PRO C 972 14.48 -8.79 -13.00
C PRO C 972 13.19 -9.28 -12.36
N PRO C 973 12.91 -10.58 -12.37
CA PRO C 973 11.59 -11.03 -11.88
C PRO C 973 11.34 -10.70 -10.43
N GLU C 974 12.40 -10.60 -9.62
CA GLU C 974 12.25 -10.23 -8.22
C GLU C 974 12.24 -8.72 -8.01
N ALA C 975 12.94 -7.97 -8.86
CA ALA C 975 12.94 -6.52 -8.76
C ALA C 975 11.65 -5.90 -9.27
N GLU C 976 10.93 -6.60 -10.14
CA GLU C 976 9.70 -6.03 -10.69
C GLU C 976 8.68 -5.76 -9.61
N VAL C 977 8.51 -6.68 -8.66
CA VAL C 977 7.53 -6.48 -7.59
C VAL C 977 7.91 -5.30 -6.71
N GLN C 978 9.19 -5.18 -6.37
CA GLN C 978 9.64 -4.07 -5.55
C GLN C 978 9.44 -2.74 -6.26
N ILE C 979 9.79 -2.68 -7.54
CA ILE C 979 9.62 -1.44 -8.30
C ILE C 979 8.15 -1.11 -8.43
N ASP C 980 7.29 -2.12 -8.59
CA ASP C 980 5.87 -1.88 -8.67
C ASP C 980 5.34 -1.32 -7.36
N ARG C 981 5.86 -1.81 -6.24
CA ARG C 981 5.46 -1.28 -4.95
C ARG C 981 5.84 0.19 -4.83
N LEU C 982 7.06 0.53 -5.23
CA LEU C 982 7.47 1.94 -5.21
C LEU C 982 6.60 2.78 -6.13
N ILE C 983 6.30 2.27 -7.32
CA ILE C 983 5.47 3.02 -8.26
C ILE C 983 4.09 3.28 -7.68
N THR C 984 3.50 2.26 -7.06
CA THR C 984 2.17 2.45 -6.46
C THR C 984 2.22 3.51 -5.36
N GLY C 985 3.22 3.44 -4.48
CA GLY C 985 3.32 4.43 -3.43
C GLY C 985 3.47 5.83 -3.97
N ARG C 986 4.32 6.00 -4.99
CA ARG C 986 4.58 7.34 -5.51
C ARG C 986 3.40 7.89 -6.30
N LEU C 987 2.67 7.03 -7.03
CA LEU C 987 1.42 7.46 -7.63
C LEU C 987 0.42 7.91 -6.57
N GLN C 988 0.31 7.16 -5.47
CA GLN C 988 -0.63 7.56 -4.43
C GLN C 988 -0.23 8.92 -3.86
N SER C 989 1.06 9.13 -3.62
CA SER C 989 1.50 10.42 -3.08
C SER C 989 1.20 11.56 -4.03
N LEU C 990 1.49 11.36 -5.33
CA LEU C 990 1.23 12.42 -6.30
C LEU C 990 -0.25 12.71 -6.43
N GLN C 991 -1.08 11.68 -6.40
CA GLN C 991 -2.53 11.88 -6.49
C GLN C 991 -3.05 12.63 -5.27
N THR C 992 -2.55 12.30 -4.09
CA THR C 992 -2.94 13.03 -2.90
C THR C 992 -2.57 14.51 -3.03
N TYR C 993 -1.35 14.78 -3.50
CA TYR C 993 -0.94 16.16 -3.71
C TYR C 993 -1.91 16.88 -4.65
N VAL C 994 -2.24 16.24 -5.77
CA VAL C 994 -3.07 16.91 -6.77
C VAL C 994 -4.47 17.17 -6.23
N THR C 995 -5.04 16.22 -5.48
CA THR C 995 -6.36 16.44 -4.92
C THR C 995 -6.36 17.59 -3.92
N GLN C 996 -5.36 17.62 -3.03
CA GLN C 996 -5.27 18.73 -2.09
C GLN C 996 -5.12 20.05 -2.82
N GLN C 997 -4.32 20.06 -3.88
CA GLN C 997 -4.14 21.29 -4.66
C GLN C 997 -5.44 21.72 -5.30
N LEU C 998 -6.23 20.79 -5.82
CA LEU C 998 -7.50 21.16 -6.44
C LEU C 998 -8.45 21.79 -5.41
N ILE C 999 -8.51 21.22 -4.21
CA ILE C 999 -9.38 21.79 -3.18
C ILE C 999 -8.90 23.19 -2.78
N ARG C 1000 -7.59 23.33 -2.55
CA ARG C 1000 -7.05 24.64 -2.20
C ARG C 1000 -7.25 25.64 -3.33
N ALA C 1001 -7.21 25.18 -4.58
CA ALA C 1001 -7.44 26.07 -5.71
C ALA C 1001 -8.89 26.51 -5.77
N ALA C 1002 -9.82 25.64 -5.37
CA ALA C 1002 -11.21 26.06 -5.26
C ALA C 1002 -11.36 27.15 -4.20
N GLU C 1003 -10.66 27.03 -3.08
CA GLU C 1003 -10.79 28.03 -2.00
C GLU C 1003 -10.27 29.39 -2.45
N ILE C 1004 -9.12 29.43 -3.11
CA ILE C 1004 -8.51 30.72 -3.59
C ILE C 1004 -9.40 31.33 -4.67
N ARG C 1005 -10.02 30.52 -5.52
CA ARG C 1005 -10.93 31.06 -6.55
C ARG C 1005 -12.08 31.80 -5.87
N ALA C 1006 -12.55 31.30 -4.75
CA ALA C 1006 -13.62 31.98 -4.00
C ALA C 1006 -13.10 33.30 -3.40
N SER C 1007 -11.84 33.36 -2.98
CA SER C 1007 -11.25 34.61 -2.47
C SER C 1007 -10.99 35.58 -3.62
N ALA C 1008 -10.61 35.06 -4.78
CA ALA C 1008 -10.40 35.91 -5.96
C ALA C 1008 -11.74 36.39 -6.48
N ASN C 1009 -12.76 35.54 -6.51
CA ASN C 1009 -14.06 36.05 -6.91
C ASN C 1009 -14.54 37.13 -5.95
N LEU C 1010 -14.35 36.91 -4.65
CA LEU C 1010 -14.71 37.93 -3.68
C LEU C 1010 -13.89 39.19 -3.88
N ALA C 1011 -12.60 39.03 -4.19
CA ALA C 1011 -11.75 40.19 -4.42
C ALA C 1011 -12.20 40.97 -5.66
N ALA C 1012 -12.59 40.26 -6.72
CA ALA C 1012 -13.10 40.93 -7.91
C ALA C 1012 -14.39 41.68 -7.61
N THR C 1013 -15.28 41.06 -6.83
CA THR C 1013 -16.51 41.75 -6.45
C THR C 1013 -16.21 42.99 -5.65
N LYS C 1014 -15.26 42.91 -4.71
CA LYS C 1014 -14.89 44.09 -3.94
C LYS C 1014 -14.30 45.17 -4.83
N MET C 1015 -13.43 44.78 -5.77
CA MET C 1015 -12.86 45.73 -6.72
C MET C 1015 -13.96 46.49 -7.44
N SER C 1016 -14.95 45.75 -7.95
CA SER C 1016 -16.03 46.40 -8.69
C SER C 1016 -16.86 47.29 -7.78
N GLU C 1017 -17.31 46.75 -6.65
CA GLU C 1017 -18.35 47.36 -5.84
C GLU C 1017 -17.84 48.44 -4.90
N CYS C 1018 -16.53 48.54 -4.69
CA CYS C 1018 -16.02 49.42 -3.66
C CYS C 1018 -14.97 50.38 -4.20
N VAL C 1019 -14.25 49.98 -5.23
CA VAL C 1019 -13.28 50.86 -5.86
C VAL C 1019 -13.91 51.59 -7.05
N LEU C 1020 -14.69 50.88 -7.85
CA LEU C 1020 -15.36 51.47 -9.00
C LEU C 1020 -16.72 52.06 -8.65
N GLY C 1021 -17.11 52.05 -7.38
CA GLY C 1021 -18.38 52.61 -6.99
C GLY C 1021 -18.47 52.71 -5.49
N GLN C 1022 -19.60 53.24 -5.03
CA GLN C 1022 -19.90 53.38 -3.61
C GLN C 1022 -20.93 52.33 -3.23
N SER C 1023 -20.65 51.58 -2.17
CA SER C 1023 -21.44 50.42 -1.79
C SER C 1023 -22.39 50.77 -0.65
N LYS C 1024 -23.65 50.40 -0.80
CA LYS C 1024 -24.65 50.56 0.25
C LYS C 1024 -24.78 49.32 1.11
N ARG C 1025 -24.42 48.15 0.61
CA ARG C 1025 -24.46 46.94 1.41
C ARG C 1025 -23.44 47.03 2.52
N VAL C 1026 -23.87 46.70 3.74
CA VAL C 1026 -23.13 47.05 4.95
C VAL C 1026 -22.10 45.99 5.28
N ASP C 1027 -20.97 46.46 5.81
CA ASP C 1027 -19.87 45.60 6.26
C ASP C 1027 -19.23 44.85 5.09
N PHE C 1028 -19.68 45.12 3.87
CA PHE C 1028 -19.05 44.49 2.71
C PHE C 1028 -17.68 45.08 2.47
N CYS C 1029 -17.53 46.38 2.66
CA CYS C 1029 -16.25 47.06 2.48
C CYS C 1029 -16.05 48.01 3.66
N GLY C 1030 -15.45 47.49 4.73
CA GLY C 1030 -15.13 48.28 5.89
C GLY C 1030 -16.22 48.25 6.94
N LYS C 1031 -15.91 48.92 8.04
CA LYS C 1031 -16.84 49.09 9.15
C LYS C 1031 -17.27 50.55 9.20
N GLY C 1032 -18.57 50.78 9.15
CA GLY C 1032 -19.12 52.12 9.02
C GLY C 1032 -19.68 52.36 7.64
N TYR C 1033 -20.12 53.60 7.43
CA TYR C 1033 -20.71 53.99 6.16
C TYR C 1033 -19.60 54.19 5.14
N HIS C 1034 -19.64 53.39 4.07
CA HIS C 1034 -18.54 53.33 3.12
C HIS C 1034 -18.50 54.59 2.28
N LEU C 1035 -17.34 55.23 2.22
CA LEU C 1035 -17.12 56.37 1.33
C LEU C 1035 -16.37 55.95 0.08
N MET C 1036 -15.17 55.38 0.22
CA MET C 1036 -14.43 54.99 -0.98
C MET C 1036 -13.30 54.05 -0.63
N SER C 1037 -12.98 53.15 -1.55
CA SER C 1037 -11.92 52.17 -1.35
C SER C 1037 -10.80 52.39 -2.34
N PHE C 1038 -9.59 52.06 -1.92
CA PHE C 1038 -8.37 52.15 -2.72
C PHE C 1038 -7.68 50.80 -2.78
N PRO C 1039 -7.30 50.31 -3.95
CA PRO C 1039 -6.61 49.03 -4.02
C PRO C 1039 -5.09 49.16 -4.01
N GLN C 1040 -4.46 48.14 -3.43
CA GLN C 1040 -3.01 48.02 -3.40
C GLN C 1040 -2.66 46.56 -3.66
N SER C 1041 -1.46 46.33 -4.19
CA SER C 1041 -1.03 45.00 -4.57
C SER C 1041 -0.19 44.36 -3.47
N ALA C 1042 -0.39 43.07 -3.25
CA ALA C 1042 0.39 42.24 -2.36
C ALA C 1042 0.89 41.04 -3.16
N PRO C 1043 1.99 40.41 -2.74
CA PRO C 1043 2.66 39.46 -3.62
C PRO C 1043 1.74 38.42 -4.28
N HIS C 1044 0.72 37.93 -3.59
CA HIS C 1044 -0.27 37.06 -4.21
C HIS C 1044 -1.67 37.48 -3.80
N GLY C 1045 -1.93 38.77 -3.72
CA GLY C 1045 -3.24 39.20 -3.28
C GLY C 1045 -3.42 40.69 -3.41
N VAL C 1046 -4.48 41.17 -2.77
CA VAL C 1046 -4.90 42.56 -2.89
C VAL C 1046 -5.25 43.08 -1.50
N VAL C 1047 -4.88 44.33 -1.23
CA VAL C 1047 -5.19 45.01 0.02
C VAL C 1047 -6.10 46.18 -0.31
N PHE C 1048 -7.28 46.22 0.30
CA PHE C 1048 -8.23 47.29 0.10
C PHE C 1048 -8.17 48.23 1.31
N LEU C 1049 -7.89 49.50 1.06
CA LEU C 1049 -8.01 50.54 2.07
C LEU C 1049 -9.40 51.15 1.93
N HIS C 1050 -10.28 50.81 2.87
CA HIS C 1050 -11.65 51.30 2.88
C HIS C 1050 -11.72 52.56 3.73
N VAL C 1051 -12.22 53.64 3.15
CA VAL C 1051 -12.43 54.91 3.83
C VAL C 1051 -13.92 55.01 4.13
N THR C 1052 -14.24 55.10 5.42
CA THR C 1052 -15.61 55.01 5.91
C THR C 1052 -15.88 56.15 6.88
N TYR C 1053 -17.16 56.53 6.92
CA TYR C 1053 -17.67 57.59 7.79
C TYR C 1053 -18.25 56.95 9.05
N VAL C 1054 -17.71 57.30 10.21
CA VAL C 1054 -18.16 56.72 11.47
C VAL C 1054 -18.70 57.84 12.36
N PRO C 1055 -19.99 57.86 12.69
CA PRO C 1055 -20.49 58.93 13.56
C PRO C 1055 -19.86 58.86 14.94
N ALA C 1056 -19.72 60.03 15.56
CA ALA C 1056 -19.10 60.13 16.86
C ALA C 1056 -19.66 61.35 17.58
N GLN C 1057 -19.48 61.37 18.90
CA GLN C 1057 -19.97 62.44 19.77
C GLN C 1057 -21.50 62.55 19.67
N GLU C 1058 -22.15 61.43 19.96
CA GLU C 1058 -23.60 61.38 19.96
C GLU C 1058 -24.17 62.05 21.19
N LYS C 1059 -25.29 62.75 21.01
CA LYS C 1059 -25.97 63.42 22.10
C LYS C 1059 -27.46 63.13 22.02
N ASN C 1060 -28.12 63.23 23.18
CA ASN C 1060 -29.50 62.83 23.35
C ASN C 1060 -30.45 63.97 23.00
N PHE C 1061 -31.65 63.60 22.56
CA PHE C 1061 -32.70 64.55 22.24
C PHE C 1061 -34.05 63.89 22.50
N THR C 1062 -35.07 64.71 22.65
CA THR C 1062 -36.43 64.22 22.76
C THR C 1062 -37.08 64.26 21.39
N THR C 1063 -37.46 63.09 20.87
CA THR C 1063 -37.91 62.97 19.50
C THR C 1063 -39.42 62.84 19.43
N ALA C 1064 -39.99 63.30 18.33
CA ALA C 1064 -41.41 63.12 18.08
C ALA C 1064 -41.62 62.61 16.66
N PRO C 1065 -42.66 61.82 16.42
CA PRO C 1065 -42.91 61.33 15.05
C PRO C 1065 -43.54 62.36 14.14
N ALA C 1066 -44.39 63.24 14.68
CA ALA C 1066 -45.07 64.23 13.88
C ALA C 1066 -45.41 65.44 14.74
N ILE C 1067 -45.73 66.55 14.08
CA ILE C 1067 -46.08 67.79 14.75
C ILE C 1067 -47.49 68.17 14.34
N CYS C 1068 -48.36 68.41 15.32
CA CYS C 1068 -49.73 68.85 15.04
C CYS C 1068 -49.76 70.37 15.05
N HIS C 1069 -50.13 70.95 13.90
CA HIS C 1069 -50.24 72.40 13.76
C HIS C 1069 -51.45 72.73 12.91
N ASP C 1070 -52.29 73.65 13.41
CA ASP C 1070 -53.48 74.08 12.68
C ASP C 1070 -54.36 72.89 12.32
N GLY C 1071 -54.39 71.89 13.19
CA GLY C 1071 -55.21 70.72 12.99
C GLY C 1071 -54.65 69.71 12.00
N LYS C 1072 -53.47 69.97 11.45
CA LYS C 1072 -52.86 69.08 10.47
C LYS C 1072 -51.63 68.40 11.07
N ALA C 1073 -51.33 67.22 10.58
CA ALA C 1073 -50.17 66.45 11.03
C ALA C 1073 -49.03 66.62 10.04
N HIS C 1074 -47.87 67.02 10.54
CA HIS C 1074 -46.71 67.32 9.74
C HIS C 1074 -45.62 66.31 10.05
N PHE C 1075 -45.09 65.67 9.00
CA PHE C 1075 -43.98 64.75 9.09
C PHE C 1075 -42.77 65.33 8.38
N PRO C 1076 -41.56 64.94 8.75
CA PRO C 1076 -40.36 65.53 8.15
C PRO C 1076 -40.06 64.89 6.80
N ARG C 1077 -39.75 65.73 5.80
CA ARG C 1077 -39.44 65.21 4.47
C ARG C 1077 -38.19 64.34 4.51
N GLU C 1078 -37.17 64.80 5.22
CA GLU C 1078 -35.94 64.02 5.41
C GLU C 1078 -35.30 64.49 6.70
N GLY C 1079 -35.25 63.60 7.69
CA GLY C 1079 -34.75 63.98 8.99
C GLY C 1079 -35.68 63.57 10.10
N VAL C 1080 -35.52 64.18 11.28
CA VAL C 1080 -36.31 63.84 12.45
C VAL C 1080 -36.62 65.11 13.23
N PHE C 1081 -37.75 65.07 13.95
CA PHE C 1081 -38.16 66.15 14.84
C PHE C 1081 -37.55 65.92 16.21
N VAL C 1082 -36.58 66.75 16.56
CA VAL C 1082 -35.84 66.64 17.81
C VAL C 1082 -36.08 67.88 18.65
N SER C 1083 -35.95 67.71 19.95
CA SER C 1083 -36.15 68.77 20.92
C SER C 1083 -35.02 68.76 21.93
N ASN C 1084 -34.52 69.96 22.23
CA ASN C 1084 -33.49 70.21 23.23
C ASN C 1084 -34.10 70.73 24.53
N GLY C 1085 -35.33 70.32 24.83
CA GLY C 1085 -35.98 70.70 26.07
C GLY C 1085 -37.05 71.76 25.90
N THR C 1086 -36.77 72.77 25.08
CA THR C 1086 -37.67 73.91 24.93
C THR C 1086 -38.24 74.04 23.53
N HIS C 1087 -37.41 73.95 22.50
CA HIS C 1087 -37.83 74.19 21.13
C HIS C 1087 -37.72 72.92 20.31
N TRP C 1088 -38.25 72.96 19.09
CA TRP C 1088 -38.28 71.83 18.19
C TRP C 1088 -37.56 72.17 16.90
N PHE C 1089 -36.87 71.18 16.33
CA PHE C 1089 -36.11 71.36 15.11
C PHE C 1089 -36.19 70.11 14.25
N VAL C 1090 -35.87 70.27 12.98
CA VAL C 1090 -35.71 69.16 12.04
C VAL C 1090 -34.23 68.98 11.79
N THR C 1091 -33.75 67.75 11.91
CA THR C 1091 -32.33 67.46 11.77
C THR C 1091 -32.12 66.26 10.85
N GLN C 1092 -30.95 66.20 10.23
CA GLN C 1092 -30.59 65.02 9.47
C GLN C 1092 -30.45 63.83 10.41
N ARG C 1093 -30.62 62.63 9.85
CA ARG C 1093 -30.57 61.44 10.68
C ARG C 1093 -29.16 61.16 11.19
N ASN C 1094 -28.14 61.45 10.39
CA ASN C 1094 -26.78 61.03 10.69
C ASN C 1094 -25.87 62.16 11.13
N PHE C 1095 -26.36 63.37 11.27
CA PHE C 1095 -25.53 64.49 11.69
C PHE C 1095 -26.43 65.59 12.22
N TYR C 1096 -26.06 66.16 13.36
CA TYR C 1096 -26.90 67.13 14.05
C TYR C 1096 -26.74 68.50 13.39
N GLU C 1097 -27.75 68.90 12.61
CA GLU C 1097 -27.81 70.24 12.02
C GLU C 1097 -29.23 70.73 12.17
N PRO C 1098 -29.59 71.25 13.35
CA PRO C 1098 -30.98 71.65 13.58
C PRO C 1098 -31.43 72.76 12.65
N GLN C 1099 -32.69 72.68 12.22
CA GLN C 1099 -33.31 73.68 11.37
C GLN C 1099 -34.70 73.96 11.91
N ILE C 1100 -35.20 75.17 11.62
CA ILE C 1100 -36.54 75.55 12.05
C ILE C 1100 -37.55 74.73 11.27
N ILE C 1101 -38.53 74.17 11.98
CA ILE C 1101 -39.60 73.43 11.32
C ILE C 1101 -40.39 74.38 10.44
N THR C 1102 -40.58 74.00 9.18
CA THR C 1102 -41.25 74.86 8.21
C THR C 1102 -41.91 73.99 7.16
N THR C 1103 -42.80 74.61 6.39
CA THR C 1103 -43.51 73.87 5.35
C THR C 1103 -42.57 73.35 4.28
N ASP C 1104 -41.40 73.96 4.11
CA ASP C 1104 -40.46 73.49 3.10
C ASP C 1104 -39.92 72.12 3.45
N ASN C 1105 -39.60 71.88 4.73
CA ASN C 1105 -38.99 70.64 5.17
C ASN C 1105 -39.98 69.72 5.88
N THR C 1106 -41.27 69.93 5.69
CA THR C 1106 -42.30 69.06 6.26
C THR C 1106 -43.42 68.88 5.24
N PHE C 1107 -44.14 67.77 5.37
CA PHE C 1107 -45.29 67.51 4.53
C PHE C 1107 -46.45 67.02 5.39
N VAL C 1108 -47.66 67.35 4.96
CA VAL C 1108 -48.87 67.11 5.74
C VAL C 1108 -49.55 65.83 5.26
N SER C 1109 -50.11 65.08 6.20
CA SER C 1109 -50.90 63.90 5.88
C SER C 1109 -51.92 63.70 6.99
N GLY C 1110 -53.13 64.20 6.77
CA GLY C 1110 -54.24 63.92 7.65
C GLY C 1110 -54.24 64.76 8.92
N ASN C 1111 -55.30 64.58 9.70
CA ASN C 1111 -55.43 65.26 10.98
C ASN C 1111 -54.56 64.58 12.02
N CYS C 1112 -54.38 65.26 13.16
CA CYS C 1112 -53.46 64.80 14.19
C CYS C 1112 -54.17 64.05 15.31
N ASP C 1113 -55.17 63.25 14.98
CA ASP C 1113 -55.88 62.44 15.95
C ASP C 1113 -55.58 60.94 15.82
N VAL C 1114 -54.74 60.56 14.86
CA VAL C 1114 -54.49 59.14 14.60
C VAL C 1114 -53.07 58.73 14.94
N VAL C 1115 -52.10 59.64 14.88
CA VAL C 1115 -50.70 59.29 15.12
C VAL C 1115 -50.44 59.25 16.61
N ILE C 1116 -49.84 58.16 17.08
CA ILE C 1116 -49.54 57.99 18.50
C ILE C 1116 -48.26 58.75 18.82
N GLY C 1117 -48.33 59.61 19.83
CA GLY C 1117 -47.16 60.33 20.27
C GLY C 1117 -46.91 61.64 19.56
N ILE C 1118 -47.93 62.24 18.96
CA ILE C 1118 -47.76 63.49 18.23
C ILE C 1118 -47.64 64.65 19.22
N VAL C 1119 -46.91 65.67 18.82
CA VAL C 1119 -46.55 66.79 19.69
C VAL C 1119 -46.96 68.09 19.05
N ASN C 1120 -47.63 68.95 19.80
CA ASN C 1120 -47.98 70.28 19.33
C ASN C 1120 -46.74 71.14 19.19
N ASN C 1121 -46.70 71.94 18.14
CA ASN C 1121 -45.65 72.92 17.93
C ASN C 1121 -45.98 73.69 16.66
N THR C 1122 -45.37 74.86 16.52
CA THR C 1122 -45.66 75.73 15.39
C THR C 1122 -44.83 75.34 14.18
N VAL C 1123 -45.49 75.26 13.03
CA VAL C 1123 -44.83 75.04 11.75
C VAL C 1123 -44.85 76.37 11.02
N TYR C 1124 -43.68 76.84 10.62
CA TYR C 1124 -43.52 78.19 10.09
CA TYR C 1124 -43.55 78.20 10.09
C TYR C 1124 -43.65 78.19 8.57
N ASP C 1125 -44.46 79.10 8.05
CA ASP C 1125 -44.65 79.23 6.61
C ASP C 1125 -43.79 80.39 6.13
N PRO C 1126 -42.76 80.17 5.31
CA PRO C 1126 -41.84 81.25 4.96
C PRO C 1126 -42.44 82.30 4.04
N LEU C 1127 -43.71 82.19 3.73
CA LEU C 1127 -44.35 83.03 2.71
C LEU C 1127 -45.38 83.98 3.30
N GLN C 1128 -46.05 83.60 4.38
CA GLN C 1128 -46.97 84.53 5.03
C GLN C 1128 -46.31 85.79 5.55
N PRO C 1129 -45.15 85.75 6.21
CA PRO C 1129 -44.57 87.01 6.69
C PRO C 1129 -44.25 87.99 5.57
N GLU C 1130 -43.73 87.50 4.44
CA GLU C 1130 -43.46 88.38 3.32
C GLU C 1130 -44.75 89.00 2.81
N LEU C 1131 -45.82 88.21 2.71
CA LEU C 1131 -47.09 88.75 2.27
C LEU C 1131 -47.59 89.83 3.21
N ASP C 1132 -47.53 89.56 4.52
CA ASP C 1132 -47.99 90.55 5.49
C ASP C 1132 -47.15 91.82 5.44
N SER C 1133 -45.88 91.70 5.06
CA SER C 1133 -45.03 92.88 5.00
C SER C 1133 -45.63 93.97 4.12
N PHE C 1134 -46.30 93.59 3.03
CA PHE C 1134 -46.96 94.56 2.17
C PHE C 1134 -48.48 94.58 2.31
N LYS C 1135 -49.07 93.60 2.99
CA LYS C 1135 -50.45 93.78 3.42
C LYS C 1135 -50.54 94.95 4.38
N GLU C 1136 -49.51 95.13 5.22
CA GLU C 1136 -49.41 96.34 6.01
C GLU C 1136 -49.31 97.57 5.12
N GLU C 1137 -48.60 97.45 3.98
CA GLU C 1137 -48.54 98.56 3.05
C GLU C 1137 -49.91 98.90 2.48
N LEU C 1138 -50.69 97.87 2.15
CA LEU C 1138 -52.06 98.10 1.66
C LEU C 1138 -52.90 98.79 2.73
N ASP C 1139 -52.80 98.33 3.97
CA ASP C 1139 -53.53 98.96 5.06
C ASP C 1139 -53.12 100.41 5.22
N LYS C 1140 -51.82 100.70 5.14
CA LYS C 1140 -51.35 102.07 5.21
C LYS C 1140 -51.94 102.90 4.07
N TYR C 1141 -51.92 102.36 2.86
CA TYR C 1141 -52.44 103.07 1.71
C TYR C 1141 -53.90 103.45 1.91
N PHE C 1142 -54.71 102.50 2.37
CA PHE C 1142 -56.14 102.69 2.44
C PHE C 1142 -56.63 103.20 3.79
N LYS C 1143 -55.73 103.46 4.74
CA LYS C 1143 -56.09 104.11 6.00
C LYS C 1143 -55.51 105.50 6.16
N ASN C 1144 -54.28 105.73 5.68
CA ASN C 1144 -53.65 107.04 5.78
C ASN C 1144 -53.93 107.94 4.57
N HIS C 1145 -54.58 107.41 3.54
CA HIS C 1145 -54.89 108.19 2.35
C HIS C 1145 -56.31 107.93 1.88
N ALA D 1 71.49 -52.18 17.80
CA ALA D 1 71.11 -51.28 16.67
C ALA D 1 71.92 -49.99 16.73
N VAL D 2 71.83 -49.19 15.67
CA VAL D 2 72.55 -47.92 15.63
C VAL D 2 72.01 -47.00 16.71
N GLN D 3 72.93 -46.34 17.43
CA GLN D 3 72.56 -45.42 18.49
C GLN D 3 73.37 -44.15 18.36
N LEU D 4 72.79 -43.04 18.82
CA LEU D 4 73.47 -41.74 18.84
C LEU D 4 73.06 -41.05 20.13
N VAL D 5 73.90 -41.17 21.16
CA VAL D 5 73.61 -40.63 22.48
C VAL D 5 74.10 -39.19 22.55
N ASP D 6 73.22 -38.28 22.90
CA ASP D 6 73.54 -36.86 23.01
C ASP D 6 73.77 -36.48 24.46
N SER D 7 74.68 -35.53 24.68
CA SER D 7 74.96 -35.06 26.02
C SER D 7 75.60 -33.68 25.92
N GLY D 8 75.63 -32.99 27.05
CA GLY D 8 76.26 -31.68 27.14
C GLY D 8 75.31 -30.51 27.33
N GLY D 9 74.05 -30.76 27.67
CA GLY D 9 73.09 -29.69 27.83
C GLY D 9 73.03 -29.15 29.24
N GLY D 10 72.58 -27.91 29.34
CA GLY D 10 72.43 -27.27 30.63
C GLY D 10 72.15 -25.80 30.46
N SER D 11 71.65 -25.19 31.53
CA SER D 11 71.34 -23.77 31.53
C SER D 11 72.62 -22.96 31.65
N VAL D 12 72.85 -22.07 30.70
CA VAL D 12 74.06 -21.26 30.66
C VAL D 12 73.67 -19.80 30.54
N GLN D 13 74.52 -18.93 31.07
CA GLN D 13 74.28 -17.50 30.99
C GLN D 13 74.43 -17.00 29.57
N ALA D 14 73.60 -16.02 29.22
CA ALA D 14 73.70 -15.39 27.91
C ALA D 14 75.05 -14.69 27.77
N GLY D 15 75.60 -14.75 26.56
CA GLY D 15 76.91 -14.21 26.29
C GLY D 15 78.07 -15.13 26.63
N GLY D 16 77.80 -16.32 27.16
CA GLY D 16 78.82 -17.28 27.50
C GLY D 16 79.07 -18.25 26.36
N SER D 17 79.58 -19.43 26.72
CA SER D 17 79.88 -20.46 25.74
C SER D 17 79.86 -21.82 26.42
N LEU D 18 79.31 -22.82 25.74
CA LEU D 18 79.29 -24.19 26.22
C LEU D 18 79.62 -25.13 25.07
N ARG D 19 79.43 -26.42 25.31
CA ARG D 19 79.76 -27.44 24.31
C ARG D 19 78.93 -28.68 24.59
N LEU D 20 78.70 -29.46 23.54
CA LEU D 20 77.95 -30.69 23.67
C LEU D 20 78.40 -31.68 22.59
N SER D 21 78.05 -32.95 22.82
CA SER D 21 78.64 -34.06 22.11
C SER D 21 77.58 -35.10 21.78
N CYS D 22 77.89 -35.91 20.77
CA CYS D 22 77.05 -37.00 20.30
C CYS D 22 77.94 -38.20 20.05
N ALA D 23 77.75 -39.26 20.84
CA ALA D 23 78.48 -40.50 20.65
C ALA D 23 77.65 -41.43 19.77
N ALA D 24 78.20 -41.80 18.62
CA ALA D 24 77.51 -42.63 17.63
C ALA D 24 78.11 -44.03 17.60
N SER D 25 77.24 -45.03 17.52
CA SER D 25 77.65 -46.42 17.50
C SER D 25 76.72 -47.20 16.59
N GLY D 26 77.21 -48.34 16.09
CA GLY D 26 76.45 -49.21 15.22
C GLY D 26 76.76 -49.07 13.76
N TYR D 27 77.52 -48.04 13.37
CA TYR D 27 77.87 -47.85 11.96
C TYR D 27 79.22 -47.15 11.88
N THR D 28 79.88 -47.33 10.73
CA THR D 28 81.17 -46.69 10.52
C THR D 28 81.00 -45.19 10.31
N TYR D 29 81.95 -44.42 10.83
CA TYR D 29 81.85 -42.97 10.77
C TYR D 29 81.79 -42.45 9.33
N SER D 30 82.56 -43.06 8.43
CA SER D 30 82.67 -42.54 7.07
C SER D 30 81.46 -42.88 6.20
N ILE D 31 80.59 -43.80 6.64
CA ILE D 31 79.47 -44.20 5.80
C ILE D 31 78.44 -43.09 5.69
N CYS D 32 78.16 -42.41 6.79
CA CYS D 32 77.03 -41.49 6.88
C CYS D 32 77.50 -40.06 7.11
N THR D 33 76.77 -39.10 6.54
CA THR D 33 76.99 -37.70 6.82
C THR D 33 76.24 -37.32 8.10
N MET D 34 76.97 -36.76 9.07
CA MET D 34 76.44 -36.54 10.40
C MET D 34 76.16 -35.05 10.62
N GLY D 35 75.29 -34.79 11.59
CA GLY D 35 74.96 -33.43 11.93
C GLY D 35 74.05 -33.37 13.14
N TRP D 36 73.67 -32.14 13.48
CA TRP D 36 72.80 -31.87 14.62
C TRP D 36 71.56 -31.12 14.14
N TYR D 37 70.66 -30.84 15.08
CA TYR D 37 69.47 -30.04 14.83
C TYR D 37 69.20 -29.16 16.05
N ARG D 38 68.09 -28.43 15.98
CA ARG D 38 67.61 -27.64 17.11
C ARG D 38 66.10 -27.59 17.07
N GLN D 39 65.47 -27.77 18.22
CA GLN D 39 64.01 -27.82 18.34
C GLN D 39 63.55 -26.71 19.28
N ALA D 40 63.00 -25.64 18.73
CA ALA D 40 62.35 -24.66 19.57
C ALA D 40 61.11 -25.28 20.19
N PRO D 41 60.75 -24.91 21.43
CA PRO D 41 59.61 -25.60 22.08
C PRO D 41 58.33 -25.54 21.28
N GLY D 42 58.05 -24.42 20.62
CA GLY D 42 56.83 -24.23 19.87
C GLY D 42 56.97 -24.25 18.36
N GLU D 43 58.12 -24.65 17.83
CA GLU D 43 58.36 -24.68 16.39
C GLU D 43 59.06 -25.97 16.02
N GLY D 44 59.08 -26.26 14.72
CA GLY D 44 59.59 -27.52 14.22
C GLY D 44 61.10 -27.58 14.21
N LEU D 45 61.61 -28.78 13.92
CA LEU D 45 63.05 -29.01 13.90
C LEU D 45 63.71 -28.13 12.84
N GLU D 46 64.91 -27.64 13.16
CA GLU D 46 65.70 -26.86 12.22
C GLU D 46 67.13 -27.40 12.21
N TRP D 47 67.82 -27.16 11.10
CA TRP D 47 69.20 -27.60 10.93
C TRP D 47 70.13 -26.46 11.31
N VAL D 48 71.09 -26.75 12.19
CA VAL D 48 72.02 -25.74 12.70
C VAL D 48 73.44 -25.99 12.18
N SER D 49 73.90 -27.22 12.25
CA SER D 49 75.26 -27.55 11.82
C SER D 49 75.31 -29.01 11.40
N GLY D 50 76.29 -29.32 10.56
CA GLY D 50 76.49 -30.68 10.10
C GLY D 50 77.88 -30.90 9.56
N ILE D 51 78.39 -32.11 9.69
CA ILE D 51 79.74 -32.45 9.25
C ILE D 51 79.66 -33.44 8.11
N ASN D 52 80.48 -33.21 7.08
CA ASN D 52 80.59 -34.16 5.99
C ASN D 52 81.17 -35.49 6.50
N ALA D 53 80.79 -36.58 5.84
CA ALA D 53 81.31 -37.89 6.22
C ALA D 53 82.83 -37.88 6.25
N ASP D 54 83.45 -37.30 5.23
CA ASP D 54 84.90 -37.14 5.19
C ASP D 54 85.35 -35.83 5.83
N GLY D 55 84.51 -34.80 5.76
CA GLY D 55 84.85 -33.51 6.32
C GLY D 55 84.99 -32.44 5.25
N SER D 56 84.43 -32.70 4.07
CA SER D 56 84.57 -31.77 2.95
C SER D 56 83.80 -30.48 3.20
N ASN D 57 82.48 -30.58 3.33
CA ASN D 57 81.66 -29.39 3.47
C ASN D 57 81.63 -28.88 4.91
N THR D 58 81.16 -29.72 5.83
CA THR D 58 80.97 -29.31 7.22
C THR D 58 80.15 -28.02 7.28
N HIS D 59 79.10 -27.96 6.47
CA HIS D 59 78.33 -26.74 6.35
C HIS D 59 77.57 -26.43 7.65
N TYR D 60 77.16 -25.17 7.78
CA TYR D 60 76.51 -24.68 8.98
C TYR D 60 75.26 -23.92 8.57
N THR D 61 74.58 -23.32 9.55
CA THR D 61 73.37 -22.54 9.33
C THR D 61 73.65 -21.09 9.72
N ASP D 62 73.26 -20.17 8.85
CA ASP D 62 73.50 -18.75 9.09
C ASP D 62 72.67 -18.19 10.23
N SER D 63 71.68 -18.93 10.73
CA SER D 63 70.92 -18.46 11.89
C SER D 63 71.83 -18.27 13.09
N VAL D 64 72.74 -19.23 13.33
CA VAL D 64 73.76 -19.07 14.37
C VAL D 64 74.97 -18.32 13.87
N LYS D 65 75.03 -18.01 12.56
CA LYS D 65 76.12 -17.25 11.98
C LYS D 65 77.46 -17.94 12.22
N GLY D 66 78.45 -17.21 12.73
CA GLY D 66 79.80 -17.72 12.85
C GLY D 66 80.12 -18.32 14.21
N ARG D 67 79.08 -18.58 14.99
CA ARG D 67 79.26 -18.98 16.39
C ARG D 67 79.22 -20.51 16.53
N PHE D 68 80.21 -21.16 15.92
CA PHE D 68 80.24 -22.60 15.81
C PHE D 68 81.67 -23.12 15.75
N THR D 69 81.86 -24.33 16.28
CA THR D 69 83.06 -25.13 16.00
C THR D 69 82.63 -26.60 16.12
N ILE D 70 82.31 -27.21 14.98
CA ILE D 70 81.95 -28.63 14.94
C ILE D 70 83.21 -29.44 14.65
N SER D 71 83.32 -30.61 15.27
CA SER D 71 84.49 -31.44 15.10
C SER D 71 84.14 -32.89 15.43
N ARG D 72 84.42 -33.79 14.49
CA ARG D 72 84.13 -35.21 14.68
C ARG D 72 85.44 -35.98 14.78
N ASP D 73 85.57 -36.78 15.83
CA ASP D 73 86.73 -37.64 16.03
C ASP D 73 86.39 -39.06 15.60
N ASN D 74 87.23 -39.62 14.73
CA ASN D 74 86.97 -40.94 14.16
C ASN D 74 87.29 -42.06 15.14
N ALA D 75 88.31 -41.87 15.98
CA ALA D 75 88.69 -42.91 16.93
C ALA D 75 87.54 -43.25 17.86
N LYS D 76 86.86 -42.23 18.38
CA LYS D 76 85.68 -42.41 19.21
C LYS D 76 84.39 -42.31 18.41
N LYS D 77 84.47 -42.00 17.12
CA LYS D 77 83.28 -41.86 16.27
C LYS D 77 82.28 -40.89 16.89
N THR D 78 82.80 -39.81 17.47
CA THR D 78 82.00 -38.91 18.29
C THR D 78 82.06 -37.49 17.71
N LEU D 79 80.91 -36.83 17.70
CA LEU D 79 80.78 -35.48 17.15
C LEU D 79 80.67 -34.48 18.29
N TYR D 80 81.28 -33.31 18.10
CA TYR D 80 81.30 -32.25 19.09
C TYR D 80 80.89 -30.95 18.43
N LEU D 81 80.27 -30.07 19.21
CA LEU D 81 80.10 -28.69 18.76
C LEU D 81 79.92 -27.80 19.97
N GLN D 82 80.13 -26.49 19.76
CA GLN D 82 80.13 -25.51 20.83
C GLN D 82 79.35 -24.28 20.42
N MET D 83 78.85 -23.55 21.42
CA MET D 83 78.17 -22.28 21.21
C MET D 83 79.01 -21.16 21.81
N ASN D 84 79.02 -20.01 21.11
CA ASN D 84 79.65 -18.80 21.61
C ASN D 84 78.61 -17.70 21.67
N SER D 85 78.93 -16.65 22.42
CA SER D 85 78.08 -15.47 22.55
C SER D 85 76.61 -15.88 22.67
N LEU D 86 76.35 -16.69 23.69
CA LEU D 86 75.03 -17.27 23.88
C LEU D 86 73.97 -16.18 23.99
N LYS D 87 72.83 -16.41 23.36
CA LYS D 87 71.67 -15.54 23.47
C LYS D 87 70.44 -16.39 23.77
N PRO D 88 69.40 -15.78 24.35
CA PRO D 88 68.21 -16.59 24.70
C PRO D 88 67.61 -17.33 23.53
N GLU D 89 67.65 -16.74 22.33
CA GLU D 89 67.04 -17.38 21.17
C GLU D 89 67.63 -18.77 20.92
N ASP D 90 68.88 -18.99 21.32
CA ASP D 90 69.51 -20.29 21.14
C ASP D 90 68.90 -21.35 22.05
N THR D 91 68.12 -20.95 23.05
CA THR D 91 67.45 -21.91 23.92
C THR D 91 66.62 -22.88 23.09
N ALA D 92 66.98 -24.16 23.15
CA ALA D 92 66.23 -25.17 22.40
C ALA D 92 66.84 -26.54 22.69
N ILE D 93 66.19 -27.57 22.15
CA ILE D 93 66.65 -28.95 22.28
C ILE D 93 67.39 -29.30 20.99
N TYR D 94 68.65 -29.71 21.13
CA TYR D 94 69.50 -30.04 19.99
C TYR D 94 69.63 -31.55 19.89
N TYR D 95 69.41 -32.08 18.68
CA TYR D 95 69.45 -33.50 18.41
C TYR D 95 70.64 -33.82 17.51
N CYS D 96 70.93 -35.12 17.39
CA CYS D 96 72.04 -35.62 16.59
C CYS D 96 71.53 -36.70 15.65
N ALA D 97 72.04 -36.70 14.42
CA ALA D 97 71.59 -37.66 13.43
C ALA D 97 72.67 -37.83 12.38
N ALA D 98 72.50 -38.87 11.56
CA ALA D 98 73.42 -39.17 10.46
C ALA D 98 72.60 -39.50 9.23
N HIS D 99 72.98 -38.91 8.10
CA HIS D 99 72.26 -39.08 6.84
C HIS D 99 72.88 -40.25 6.06
N GLY D 100 72.48 -40.39 4.80
CA GLY D 100 73.02 -41.44 3.96
C GLY D 100 71.95 -42.38 3.43
N THR D 101 70.94 -42.66 4.27
CA THR D 101 69.84 -43.54 3.92
C THR D 101 68.59 -42.69 3.77
N TYR D 102 68.14 -42.51 2.53
CA TYR D 102 66.93 -41.77 2.21
C TYR D 102 65.97 -42.68 1.46
N ASP D 103 64.68 -42.53 1.75
CA ASP D 103 63.68 -43.39 1.12
C ASP D 103 63.64 -43.18 -0.38
N LYS D 104 63.53 -44.28 -1.12
CA LYS D 104 63.41 -44.26 -2.58
C LYS D 104 62.00 -44.72 -2.94
N TYR D 105 61.16 -43.76 -3.33
CA TYR D 105 59.78 -44.02 -3.69
C TYR D 105 59.57 -43.71 -5.17
N ALA D 106 59.34 -44.75 -5.96
CA ALA D 106 59.08 -44.58 -7.38
C ALA D 106 57.66 -44.06 -7.59
N PRO D 107 57.38 -43.50 -8.78
CA PRO D 107 56.02 -43.01 -9.05
C PRO D 107 54.96 -44.05 -8.74
N CYS D 108 54.13 -43.77 -7.73
CA CYS D 108 53.10 -44.69 -7.27
C CYS D 108 53.71 -46.05 -6.91
N GLY D 109 54.89 -46.00 -6.29
CA GLY D 109 55.58 -47.21 -5.89
C GLY D 109 55.42 -47.53 -4.41
N GLY D 110 56.54 -47.76 -3.72
CA GLY D 110 56.51 -48.11 -2.32
C GLY D 110 57.16 -47.07 -1.42
N PHE D 111 56.38 -46.51 -0.50
CA PHE D 111 56.91 -45.47 0.37
C PHE D 111 57.82 -46.05 1.45
N ALA D 112 57.61 -47.32 1.82
CA ALA D 112 58.43 -47.95 2.84
C ALA D 112 59.86 -48.11 2.33
N GLY D 113 60.82 -47.63 3.11
CA GLY D 113 62.22 -47.72 2.72
C GLY D 113 63.12 -47.34 3.88
N THR D 114 64.42 -47.43 3.62
CA THR D 114 65.40 -47.10 4.64
C THR D 114 65.35 -45.62 5.00
N TYR D 115 65.70 -45.32 6.25
CA TYR D 115 65.67 -43.96 6.77
C TYR D 115 66.96 -43.68 7.52
N THR D 116 67.18 -42.39 7.79
CA THR D 116 68.40 -41.95 8.45
C THR D 116 68.38 -42.35 9.92
N TYR D 117 69.49 -42.06 10.61
CA TYR D 117 69.68 -42.43 12.01
C TYR D 117 69.70 -41.17 12.86
N TRP D 118 68.87 -41.15 13.90
CA TRP D 118 68.71 -40.00 14.78
C TRP D 118 69.32 -40.28 16.13
N GLY D 119 69.30 -39.27 17.00
CA GLY D 119 69.88 -39.38 18.32
C GLY D 119 68.88 -39.27 19.44
N GLN D 120 69.27 -38.64 20.54
CA GLN D 120 68.45 -38.52 21.74
C GLN D 120 67.88 -37.11 21.92
N GLY D 121 68.73 -36.09 21.86
CA GLY D 121 68.28 -34.73 22.04
C GLY D 121 68.51 -34.22 23.45
N THR D 122 69.33 -33.17 23.57
CA THR D 122 69.65 -32.56 24.86
C THR D 122 69.21 -31.10 24.84
N GLN D 123 68.66 -30.65 25.96
CA GLN D 123 68.11 -29.30 26.05
C GLN D 123 69.19 -28.32 26.49
N VAL D 124 69.19 -27.13 25.91
CA VAL D 124 70.12 -26.07 26.25
C VAL D 124 69.30 -24.80 26.51
N THR D 125 69.52 -24.19 27.66
CA THR D 125 68.82 -22.97 28.06
C THR D 125 69.82 -21.83 28.15
N VAL D 126 69.46 -20.70 27.55
CA VAL D 126 70.26 -19.48 27.61
C VAL D 126 69.41 -18.40 28.27
N SER D 127 69.91 -17.84 29.36
CA SER D 127 69.18 -16.80 30.08
C SER D 127 70.17 -16.01 30.93
N SER D 128 69.88 -14.72 31.09
CA SER D 128 70.72 -13.83 31.87
C SER D 128 70.49 -13.95 33.38
N SER D 129 69.46 -14.67 33.80
CA SER D 129 69.17 -14.84 35.21
C SER D 129 69.85 -16.09 35.76
N GLY D 130 70.10 -16.08 37.06
CA GLY D 130 70.74 -17.20 37.72
C GLY D 130 69.78 -18.35 37.99
N GLN D 131 70.32 -19.39 38.61
CA GLN D 131 69.57 -20.59 38.94
C GLN D 131 69.72 -20.89 40.42
N ALA D 132 68.68 -21.50 40.98
CA ALA D 132 68.68 -21.86 42.40
C ALA D 132 69.63 -23.03 42.67
N ALA E 1 2.68 -87.68 24.56
CA ALA E 1 2.84 -86.33 25.17
C ALA E 1 1.74 -86.07 26.20
N VAL E 2 1.86 -84.96 26.92
CA VAL E 2 0.86 -84.61 27.91
C VAL E 2 -0.46 -84.32 27.23
N GLN E 3 -1.54 -84.88 27.76
CA GLN E 3 -2.88 -84.69 27.21
C GLN E 3 -3.85 -84.36 28.33
N LEU E 4 -4.88 -83.59 27.99
CA LEU E 4 -5.96 -83.26 28.91
C LEU E 4 -7.24 -83.17 28.10
N VAL E 5 -8.14 -84.13 28.31
CA VAL E 5 -9.38 -84.25 27.54
C VAL E 5 -10.55 -83.89 28.43
N ASP E 6 -11.42 -83.02 27.93
CA ASP E 6 -12.58 -82.53 28.67
C ASP E 6 -13.86 -83.16 28.13
N SER E 7 -14.84 -83.30 29.03
CA SER E 7 -16.12 -83.88 28.66
C SER E 7 -17.16 -83.43 29.68
N GLY E 8 -18.42 -83.75 29.39
CA GLY E 8 -19.52 -83.42 30.26
C GLY E 8 -20.32 -82.20 29.83
N GLY E 9 -19.97 -81.57 28.71
CA GLY E 9 -20.71 -80.41 28.26
C GLY E 9 -22.02 -80.78 27.60
N GLY E 10 -22.92 -79.81 27.58
CA GLY E 10 -24.22 -80.02 26.97
C GLY E 10 -25.16 -78.88 27.28
N SER E 11 -26.37 -78.99 26.74
CA SER E 11 -27.41 -77.99 26.95
C SER E 11 -28.28 -78.39 28.13
N VAL E 12 -28.43 -77.49 29.09
CA VAL E 12 -29.21 -77.73 30.29
C VAL E 12 -30.12 -76.54 30.53
N GLN E 13 -31.35 -76.80 30.97
CA GLN E 13 -32.31 -75.74 31.21
C GLN E 13 -31.85 -74.86 32.36
N ALA E 14 -32.24 -73.59 32.31
CA ALA E 14 -31.84 -72.63 33.34
C ALA E 14 -32.39 -73.07 34.70
N GLY E 15 -31.61 -72.78 35.74
CA GLY E 15 -31.97 -73.18 37.09
C GLY E 15 -31.51 -74.56 37.50
N GLY E 16 -30.85 -75.30 36.61
CA GLY E 16 -30.37 -76.62 36.89
C GLY E 16 -28.93 -76.63 37.39
N SER E 17 -28.25 -77.75 37.15
CA SER E 17 -26.88 -77.93 37.62
C SER E 17 -26.27 -79.10 36.86
N LEU E 18 -24.98 -78.99 36.53
CA LEU E 18 -24.30 -80.07 35.82
C LEU E 18 -22.83 -80.11 36.21
N ARG E 19 -22.23 -81.26 35.93
CA ARG E 19 -20.83 -81.56 36.20
C ARG E 19 -20.08 -81.76 34.90
N LEU E 20 -18.82 -81.35 34.89
CA LEU E 20 -17.91 -81.58 33.77
C LEU E 20 -16.64 -82.23 34.31
N SER E 21 -15.94 -82.95 33.43
CA SER E 21 -14.78 -83.74 33.81
C SER E 21 -13.60 -83.44 32.91
N CYS E 22 -12.40 -83.57 33.49
CA CYS E 22 -11.14 -83.39 32.79
C CYS E 22 -10.22 -84.54 33.16
N ALA E 23 -9.81 -85.33 32.17
CA ALA E 23 -8.88 -86.44 32.36
C ALA E 23 -7.51 -86.01 31.85
N ALA E 24 -6.50 -86.09 32.72
CA ALA E 24 -5.15 -85.64 32.40
C ALA E 24 -4.19 -86.83 32.42
N SER E 25 -3.21 -86.79 31.51
CA SER E 25 -2.21 -87.84 31.41
C SER E 25 -0.91 -87.24 30.90
N GLY E 26 0.19 -87.94 31.16
CA GLY E 26 1.50 -87.51 30.75
C GLY E 26 2.33 -86.85 31.83
N TYR E 27 1.74 -86.56 32.99
CA TYR E 27 2.47 -85.94 34.08
C TYR E 27 1.83 -86.34 35.40
N THR E 28 2.61 -86.24 36.47
CA THR E 28 2.11 -86.57 37.80
C THR E 28 1.18 -85.47 38.30
N TYR E 29 0.12 -85.88 39.01
CA TYR E 29 -0.90 -84.93 39.43
C TYR E 29 -0.35 -83.85 40.35
N SER E 30 0.63 -84.20 41.19
CA SER E 30 1.13 -83.27 42.18
C SER E 30 2.15 -82.27 41.63
N ILE E 31 2.61 -82.45 40.39
CA ILE E 31 3.63 -81.56 39.85
C ILE E 31 3.06 -80.18 39.57
N CYS E 32 1.88 -80.11 38.97
CA CYS E 32 1.35 -78.87 38.40
C CYS E 32 0.08 -78.45 39.13
N THR E 33 0.01 -77.18 39.50
CA THR E 33 -1.27 -76.58 39.89
C THR E 33 -2.13 -76.41 38.64
N MET E 34 -3.41 -76.76 38.75
CA MET E 34 -4.25 -76.93 37.58
C MET E 34 -5.59 -76.25 37.83
N GLY E 35 -6.43 -76.18 36.78
CA GLY E 35 -7.71 -75.52 36.93
C GLY E 35 -8.43 -75.43 35.61
N TRP E 36 -9.41 -74.52 35.56
CA TRP E 36 -10.28 -74.35 34.40
C TRP E 36 -10.30 -72.88 33.97
N TYR E 37 -10.58 -72.68 32.68
CA TYR E 37 -10.76 -71.37 32.08
C TYR E 37 -12.08 -71.37 31.31
N ARG E 38 -12.65 -70.18 31.14
CA ARG E 38 -13.89 -70.01 30.40
C ARG E 38 -13.65 -69.08 29.22
N GLN E 39 -14.24 -69.41 28.07
CA GLN E 39 -14.17 -68.58 26.87
C GLN E 39 -15.59 -68.29 26.40
N ALA E 40 -15.94 -67.01 26.36
CA ALA E 40 -17.19 -66.63 25.71
C ALA E 40 -16.99 -66.62 24.20
N PRO E 41 -18.06 -66.81 23.41
CA PRO E 41 -17.89 -66.87 21.96
C PRO E 41 -17.22 -65.64 21.36
N GLY E 42 -17.52 -64.45 21.87
CA GLY E 42 -17.03 -63.22 21.29
C GLY E 42 -16.02 -62.47 22.14
N GLU E 43 -15.50 -63.11 23.18
CA GLU E 43 -14.54 -62.47 24.08
C GLU E 43 -13.39 -63.45 24.34
N GLY E 44 -12.40 -62.96 25.09
CA GLY E 44 -11.22 -63.75 25.38
C GLY E 44 -11.43 -64.74 26.52
N LEU E 45 -10.37 -65.49 26.79
CA LEU E 45 -10.42 -66.51 27.83
C LEU E 45 -10.46 -65.88 29.21
N GLU E 46 -11.16 -66.53 30.13
CA GLU E 46 -11.30 -66.09 31.50
C GLU E 46 -11.10 -67.27 32.44
N TRP E 47 -10.69 -66.97 33.67
CA TRP E 47 -10.46 -67.98 34.70
C TRP E 47 -11.70 -68.12 35.57
N VAL E 48 -12.15 -69.36 35.75
CA VAL E 48 -13.34 -69.65 36.53
C VAL E 48 -12.99 -70.27 37.89
N SER E 49 -12.09 -71.23 37.92
CA SER E 49 -11.71 -71.89 39.17
C SER E 49 -10.36 -72.56 38.99
N GLY E 50 -9.70 -72.81 40.12
CA GLY E 50 -8.40 -73.45 40.10
C GLY E 50 -8.10 -74.22 41.36
N ILE E 51 -7.51 -75.40 41.21
CA ILE E 51 -7.13 -76.27 42.32
C ILE E 51 -5.61 -76.42 42.31
N ASN E 52 -5.01 -76.29 43.49
CA ASN E 52 -3.58 -76.48 43.63
C ASN E 52 -3.22 -77.95 43.49
N ALA E 53 -1.93 -78.21 43.26
CA ALA E 53 -1.47 -79.58 43.12
C ALA E 53 -1.81 -80.40 44.35
N ASP E 54 -1.58 -79.84 45.54
CA ASP E 54 -1.99 -80.51 46.77
C ASP E 54 -3.46 -80.22 47.08
N GLY E 55 -3.92 -79.00 46.79
CA GLY E 55 -5.29 -78.61 47.03
C GLY E 55 -5.42 -77.56 48.11
N SER E 56 -4.31 -76.91 48.46
CA SER E 56 -4.31 -75.94 49.55
C SER E 56 -5.22 -74.76 49.28
N ASN E 57 -4.89 -73.97 48.26
CA ASN E 57 -5.66 -72.75 48.00
C ASN E 57 -7.04 -73.07 47.45
N THR E 58 -7.12 -73.96 46.46
CA THR E 58 -8.36 -74.30 45.77
C THR E 58 -9.23 -73.06 45.58
N HIS E 59 -8.62 -72.01 45.04
CA HIS E 59 -9.29 -70.74 44.87
C HIS E 59 -10.29 -70.79 43.72
N TYR E 60 -11.22 -69.83 43.71
CA TYR E 60 -12.25 -69.74 42.69
C TYR E 60 -12.38 -68.29 42.25
N THR E 61 -13.26 -68.06 41.28
CA THR E 61 -13.56 -66.73 40.78
C THR E 61 -14.95 -66.29 41.24
N ASP E 62 -15.07 -65.01 41.59
CA ASP E 62 -16.31 -64.48 42.14
C ASP E 62 -17.36 -64.18 41.07
N SER E 63 -17.02 -64.34 39.78
CA SER E 63 -18.01 -64.15 38.73
C SER E 63 -19.15 -65.15 38.88
N VAL E 64 -18.83 -66.41 39.20
CA VAL E 64 -19.85 -67.41 39.48
C VAL E 64 -20.24 -67.44 40.95
N LYS E 65 -19.56 -66.68 41.80
CA LYS E 65 -19.86 -66.59 43.23
C LYS E 65 -19.70 -67.98 43.82
N GLY E 66 -20.69 -68.52 44.55
CA GLY E 66 -20.55 -69.79 45.21
C GLY E 66 -21.06 -70.97 44.40
N ARG E 67 -21.32 -70.74 43.11
CA ARG E 67 -21.86 -71.78 42.24
C ARG E 67 -20.72 -72.60 41.61
N PHE E 68 -20.03 -73.35 42.48
CA PHE E 68 -18.90 -74.15 42.04
C PHE E 68 -18.71 -75.33 42.99
N THR E 69 -18.07 -76.38 42.47
CA THR E 69 -17.55 -77.45 43.32
C THR E 69 -16.47 -78.17 42.50
N ILE E 70 -15.21 -77.96 42.87
CA ILE E 70 -14.07 -78.53 42.16
C ILE E 70 -13.45 -79.62 43.02
N SER E 71 -13.25 -80.80 42.45
CA SER E 71 -12.70 -81.92 43.19
C SER E 71 -11.83 -82.78 42.27
N ARG E 72 -10.67 -83.17 42.79
CA ARG E 72 -9.71 -83.96 42.03
C ARG E 72 -9.56 -85.34 42.64
N ASP E 73 -9.46 -86.36 41.78
CA ASP E 73 -9.19 -87.73 42.18
C ASP E 73 -7.80 -88.10 41.70
N ASN E 74 -6.93 -88.48 42.64
CA ASN E 74 -5.55 -88.77 42.31
C ASN E 74 -5.40 -90.13 41.64
N ALA E 75 -6.19 -91.11 42.05
CA ALA E 75 -6.10 -92.44 41.46
C ALA E 75 -6.33 -92.40 39.96
N LYS E 76 -7.34 -91.64 39.51
CA LYS E 76 -7.59 -91.44 38.10
C LYS E 76 -6.96 -90.17 37.55
N LYS E 77 -6.35 -89.35 38.41
CA LYS E 77 -5.74 -88.09 37.98
C LYS E 77 -6.73 -87.23 37.22
N THR E 78 -7.97 -87.18 37.71
CA THR E 78 -9.07 -86.56 36.97
C THR E 78 -9.77 -85.52 37.83
N LEU E 79 -10.15 -84.41 37.21
CA LEU E 79 -10.84 -83.33 37.89
C LEU E 79 -12.32 -83.30 37.49
N TYR E 80 -13.16 -82.87 38.43
CA TYR E 80 -14.58 -82.70 38.20
C TYR E 80 -15.01 -81.34 38.74
N LEU E 81 -15.78 -80.60 37.94
CA LEU E 81 -16.30 -79.31 38.35
C LEU E 81 -17.81 -79.30 38.17
N GLN E 82 -18.52 -79.01 39.26
CA GLN E 82 -19.97 -78.86 39.26
C GLN E 82 -20.32 -77.39 39.32
N MET E 83 -21.35 -76.99 38.57
CA MET E 83 -21.86 -75.64 38.63
C MET E 83 -23.36 -75.69 38.85
N ASN E 84 -23.87 -74.74 39.64
CA ASN E 84 -25.25 -74.76 40.10
C ASN E 84 -25.94 -73.46 39.72
N SER E 85 -27.28 -73.51 39.78
CA SER E 85 -28.12 -72.36 39.47
C SER E 85 -27.78 -71.79 38.08
N LEU E 86 -28.02 -72.61 37.06
CA LEU E 86 -27.74 -72.26 35.68
C LEU E 86 -28.32 -70.89 35.34
N LYS E 87 -27.46 -70.03 34.78
CA LYS E 87 -27.87 -68.73 34.28
C LYS E 87 -27.49 -68.60 32.81
N PRO E 88 -28.27 -67.85 32.02
CA PRO E 88 -28.02 -67.84 30.57
C PRO E 88 -26.61 -67.40 30.18
N GLU E 89 -26.00 -66.48 30.93
CA GLU E 89 -24.68 -65.98 30.57
C GLU E 89 -23.58 -67.02 30.72
N ASP E 90 -23.87 -68.15 31.37
CA ASP E 90 -22.88 -69.21 31.53
C ASP E 90 -22.56 -69.91 30.22
N THR E 91 -23.34 -69.68 29.15
CA THR E 91 -23.07 -70.28 27.86
C THR E 91 -21.65 -69.94 27.40
N ALA E 92 -20.79 -70.95 27.32
CA ALA E 92 -19.39 -70.71 26.98
C ALA E 92 -18.62 -72.01 26.84
N ILE E 93 -17.37 -71.94 26.42
CA ILE E 93 -16.51 -73.12 26.25
C ILE E 93 -15.56 -73.17 27.44
N TYR E 94 -15.56 -74.29 28.15
CA TYR E 94 -14.72 -74.49 29.32
C TYR E 94 -13.51 -75.32 28.93
N TYR E 95 -12.33 -74.85 29.32
CA TYR E 95 -11.06 -75.51 29.03
C TYR E 95 -10.40 -75.93 30.33
N CYS E 96 -9.72 -77.06 30.31
CA CYS E 96 -9.00 -77.58 31.47
C CYS E 96 -7.50 -77.44 31.23
N ALA E 97 -6.82 -76.69 32.10
CA ALA E 97 -5.43 -76.36 31.88
C ALA E 97 -4.62 -76.53 33.16
N ALA E 98 -3.46 -77.17 33.03
CA ALA E 98 -2.52 -77.35 34.12
C ALA E 98 -1.27 -76.54 33.83
N HIS E 99 -0.84 -75.76 34.81
CA HIS E 99 0.30 -74.85 34.66
C HIS E 99 1.37 -75.20 35.69
N GLY E 100 2.50 -75.70 35.21
CA GLY E 100 3.65 -75.94 36.07
C GLY E 100 4.95 -75.46 35.46
N THR E 101 4.91 -75.11 34.17
CA THR E 101 6.10 -74.69 33.43
C THR E 101 5.82 -73.30 32.84
N TYR E 102 6.52 -72.29 33.37
CA TYR E 102 6.42 -70.93 32.88
C TYR E 102 7.69 -70.54 32.14
N ASP E 103 7.53 -69.89 30.99
CA ASP E 103 8.67 -69.37 30.26
C ASP E 103 9.41 -68.36 31.10
N LYS E 104 10.74 -68.51 31.18
CA LYS E 104 11.59 -67.60 31.94
C LYS E 104 12.36 -66.74 30.96
N TYR E 105 12.25 -65.42 31.12
CA TYR E 105 12.87 -64.46 30.21
C TYR E 105 13.74 -63.50 31.00
N ALA E 106 14.97 -63.31 30.55
CA ALA E 106 15.90 -62.35 31.11
C ALA E 106 15.92 -61.09 30.27
N PRO E 107 16.38 -59.96 30.84
CA PRO E 107 16.43 -58.71 30.07
C PRO E 107 17.12 -58.89 28.73
N CYS E 108 16.37 -58.72 27.64
CA CYS E 108 16.89 -58.90 26.28
C CYS E 108 17.49 -60.30 26.10
N GLY E 109 16.71 -61.29 26.53
CA GLY E 109 17.10 -62.68 26.40
C GLY E 109 16.35 -63.41 25.31
N GLY E 110 15.90 -64.62 25.61
CA GLY E 110 15.16 -65.42 24.65
C GLY E 110 13.74 -65.73 25.07
N PHE E 111 12.77 -65.21 24.32
CA PHE E 111 11.37 -65.43 24.67
C PHE E 111 10.97 -66.89 24.44
N ALA E 112 11.43 -67.49 23.36
CA ALA E 112 11.06 -68.86 23.04
C ALA E 112 11.44 -69.79 24.18
N GLY E 113 10.47 -70.55 24.68
CA GLY E 113 10.74 -71.44 25.78
C GLY E 113 9.54 -72.32 26.08
N THR E 114 9.59 -72.98 27.23
CA THR E 114 8.55 -73.90 27.63
C THR E 114 7.27 -73.14 27.99
N TYR E 115 6.15 -73.84 27.92
CA TYR E 115 4.81 -73.30 28.19
C TYR E 115 4.04 -74.28 29.06
N THR E 116 2.81 -73.88 29.42
CA THR E 116 1.98 -74.69 30.30
C THR E 116 1.22 -75.74 29.49
N TYR E 117 0.32 -76.45 30.16
CA TYR E 117 -0.47 -77.53 29.54
C TYR E 117 -1.95 -77.19 29.66
N TRP E 118 -2.66 -77.31 28.55
CA TRP E 118 -4.06 -76.95 28.43
C TRP E 118 -4.90 -78.21 28.18
N GLY E 119 -6.19 -78.02 27.95
CA GLY E 119 -7.09 -79.14 27.71
C GLY E 119 -7.67 -79.18 26.31
N GLN E 120 -8.87 -79.76 26.20
CA GLN E 120 -9.56 -79.93 24.92
C GLN E 120 -10.56 -78.81 24.67
N GLY E 121 -11.46 -78.56 25.61
CA GLY E 121 -12.46 -77.53 25.46
C GLY E 121 -13.83 -78.10 25.15
N THR E 122 -14.76 -77.98 26.10
CA THR E 122 -16.12 -78.48 25.94
C THR E 122 -17.10 -77.33 26.10
N GLN E 123 -18.08 -77.28 25.20
CA GLN E 123 -19.04 -76.19 25.16
C GLN E 123 -20.23 -76.52 26.06
N VAL E 124 -20.70 -75.52 26.80
CA VAL E 124 -21.87 -75.64 27.66
C VAL E 124 -22.84 -74.53 27.28
N THR E 125 -24.10 -74.90 27.04
CA THR E 125 -25.14 -73.97 26.64
C THR E 125 -26.21 -73.90 27.73
N VAL E 126 -26.59 -72.68 28.10
CA VAL E 126 -27.61 -72.44 29.12
C VAL E 126 -28.71 -71.60 28.51
N SER E 127 -29.95 -72.08 28.62
CA SER E 127 -31.10 -71.36 28.11
C SER E 127 -32.36 -71.93 28.75
N SER E 128 -33.41 -71.11 28.77
CA SER E 128 -34.69 -71.52 29.32
C SER E 128 -35.58 -72.24 28.32
N SER E 129 -35.18 -72.29 27.05
CA SER E 129 -35.95 -72.96 26.02
C SER E 129 -35.49 -74.41 25.88
N GLY E 130 -36.38 -75.24 25.33
CA GLY E 130 -36.08 -76.64 25.12
C GLY E 130 -35.27 -76.87 23.86
N GLN E 131 -35.01 -78.16 23.60
CA GLN E 131 -34.24 -78.56 22.43
C GLN E 131 -35.03 -79.61 21.65
N ALA E 132 -34.82 -79.62 20.33
CA ALA E 132 -35.50 -80.56 19.46
C ALA E 132 -34.97 -81.97 19.65
N GLN F 1 25.62 -23.61 -1.70
CA GLN F 1 24.72 -22.79 -0.82
C GLN F 1 23.77 -23.69 -0.04
N VAL F 2 23.55 -24.90 -0.54
CA VAL F 2 22.58 -25.83 0.03
C VAL F 2 23.24 -27.20 0.18
N GLN F 3 22.67 -28.00 1.07
CA GLN F 3 23.10 -29.39 1.26
C GLN F 3 21.92 -30.24 1.68
N LEU F 4 21.87 -31.45 1.13
CA LEU F 4 20.94 -32.49 1.56
C LEU F 4 21.75 -33.67 2.06
N VAL F 5 21.40 -34.18 3.24
CA VAL F 5 22.16 -35.23 3.91
C VAL F 5 21.24 -36.43 4.13
N GLU F 6 21.59 -37.57 3.54
CA GLU F 6 20.79 -38.78 3.65
C GLU F 6 21.43 -39.76 4.63
N SER F 7 20.58 -40.54 5.30
CA SER F 7 21.06 -41.57 6.22
C SER F 7 19.93 -42.55 6.48
N GLY F 8 20.29 -43.68 7.08
CA GLY F 8 19.33 -44.65 7.56
C GLY F 8 19.11 -45.88 6.69
N GLY F 9 19.87 -46.03 5.61
CA GLY F 9 19.70 -47.16 4.73
C GLY F 9 20.54 -48.36 5.14
N GLY F 10 20.41 -49.43 4.35
CA GLY F 10 21.11 -50.67 4.66
C GLY F 10 20.49 -51.89 4.00
N SER F 11 20.29 -52.95 4.77
CA SER F 11 19.72 -54.18 4.25
C SER F 11 18.87 -54.85 5.33
N VAL F 12 17.79 -55.50 4.89
CA VAL F 12 16.89 -56.16 5.82
C VAL F 12 16.21 -57.33 5.10
N GLN F 13 15.74 -58.30 5.86
CA GLN F 13 15.01 -59.43 5.30
C GLN F 13 13.68 -58.95 4.72
N PRO F 14 13.13 -59.68 3.76
CA PRO F 14 11.81 -59.31 3.24
C PRO F 14 10.78 -59.29 4.36
N GLY F 15 9.88 -58.31 4.29
CA GLY F 15 8.87 -58.14 5.31
C GLY F 15 9.31 -57.37 6.54
N GLY F 16 10.52 -56.79 6.51
CA GLY F 16 11.03 -56.02 7.63
C GLY F 16 10.60 -54.58 7.58
N SER F 17 11.41 -53.71 8.19
CA SER F 17 11.09 -52.29 8.23
C SER F 17 12.38 -51.48 8.36
N LEU F 18 12.28 -50.22 7.95
CA LEU F 18 13.40 -49.28 7.96
C LEU F 18 12.88 -47.87 8.06
N ARG F 19 13.79 -46.90 8.06
CA ARG F 19 13.41 -45.49 8.07
C ARG F 19 14.58 -44.68 7.56
N LEU F 20 14.38 -43.97 6.45
CA LEU F 20 15.42 -43.19 5.80
C LEU F 20 15.17 -41.71 6.07
N SER F 21 16.19 -41.02 6.56
CA SER F 21 16.07 -39.62 6.93
C SER F 21 16.91 -38.75 5.99
N CYS F 22 16.32 -37.65 5.52
CA CYS F 22 17.01 -36.68 4.70
C CYS F 22 16.87 -35.31 5.36
N VAL F 23 18.01 -34.69 5.64
CA VAL F 23 18.09 -33.38 6.28
C VAL F 23 18.38 -32.34 5.21
N VAL F 24 17.73 -31.19 5.33
CA VAL F 24 17.82 -30.10 4.36
C VAL F 24 18.52 -28.93 5.03
N SER F 25 19.31 -28.19 4.25
CA SER F 25 19.93 -26.98 4.78
C SER F 25 20.22 -26.02 3.63
N GLY F 26 19.65 -24.82 3.67
CA GLY F 26 20.03 -23.78 2.73
C GLY F 26 18.90 -23.18 1.93
N TYR F 27 17.65 -23.46 2.32
CA TYR F 27 16.48 -22.90 1.66
C TYR F 27 15.84 -21.82 2.50
N THR F 28 15.45 -20.72 1.84
CA THR F 28 14.51 -19.78 2.41
C THR F 28 13.11 -20.39 2.52
N SER F 29 12.90 -21.57 1.93
CA SER F 29 11.68 -22.34 2.06
C SER F 29 10.51 -21.71 1.32
N SER F 30 9.56 -21.15 2.06
CA SER F 30 8.29 -20.69 1.49
C SER F 30 7.47 -21.87 0.97
N SER F 31 7.97 -22.55 -0.05
CA SER F 31 7.24 -23.63 -0.71
C SER F 31 8.15 -24.84 -0.92
N ARG F 32 8.84 -25.26 0.13
CA ARG F 32 9.70 -26.43 0.03
C ARG F 32 8.90 -27.65 -0.40
N TYR F 33 9.53 -28.51 -1.18
CA TYR F 33 8.99 -29.80 -1.57
C TYR F 33 10.11 -30.82 -1.49
N MET F 34 10.04 -31.71 -0.50
CA MET F 34 11.03 -32.75 -0.31
C MET F 34 10.43 -34.07 -0.75
N GLY F 35 11.14 -34.79 -1.61
CA GLY F 35 10.65 -36.06 -2.12
C GLY F 35 11.75 -37.09 -2.14
N TRP F 36 11.32 -38.35 -2.21
CA TRP F 36 12.20 -39.49 -2.41
C TRP F 36 11.91 -40.13 -3.76
N PHE F 37 13.00 -40.35 -4.51
CA PHE F 37 13.00 -41.06 -5.78
C PHE F 37 13.83 -42.33 -5.64
N ARG F 38 13.44 -43.34 -6.41
CA ARG F 38 14.06 -44.67 -6.36
C ARG F 38 14.77 -44.94 -7.68
N GLN F 39 16.02 -45.41 -7.60
CA GLN F 39 16.82 -45.76 -8.76
C GLN F 39 17.08 -47.26 -8.69
N VAL F 40 16.45 -48.00 -9.60
CA VAL F 40 16.70 -49.43 -9.76
C VAL F 40 17.84 -49.58 -10.74
N PRO F 41 18.93 -50.28 -10.40
CA PRO F 41 20.04 -50.40 -11.35
C PRO F 41 19.57 -50.95 -12.68
N GLY F 42 20.08 -50.36 -13.76
CA GLY F 42 19.63 -50.68 -15.10
C GLY F 42 18.39 -49.95 -15.54
N LYS F 43 17.89 -49.02 -14.73
CA LYS F 43 16.70 -48.23 -15.07
C LYS F 43 16.99 -46.78 -14.71
N GLY F 44 15.95 -45.96 -14.77
CA GLY F 44 16.02 -44.56 -14.43
C GLY F 44 15.42 -44.27 -13.07
N LEU F 45 15.18 -42.98 -12.82
CA LEU F 45 14.58 -42.56 -11.56
C LEU F 45 13.07 -42.79 -11.58
N GLU F 46 12.53 -43.15 -10.42
CA GLU F 46 11.10 -43.35 -10.24
C GLU F 46 10.66 -42.60 -8.99
N TRP F 47 9.43 -42.07 -9.04
CA TRP F 47 8.87 -41.40 -7.89
C TRP F 47 8.64 -42.39 -6.75
N VAL F 48 8.96 -41.97 -5.53
CA VAL F 48 8.60 -42.75 -4.35
C VAL F 48 7.58 -41.94 -3.56
N SER F 49 7.96 -40.73 -3.13
CA SER F 49 7.06 -39.94 -2.31
C SER F 49 7.46 -38.47 -2.36
N GLY F 50 6.58 -37.61 -1.86
CA GLY F 50 6.86 -36.20 -1.78
C GLY F 50 5.93 -35.50 -0.81
N ILE F 51 6.44 -34.44 -0.18
CA ILE F 51 5.68 -33.68 0.81
C ILE F 51 6.17 -32.24 0.83
N LYS F 52 5.26 -31.32 1.15
CA LYS F 52 5.56 -29.90 1.22
C LYS F 52 5.91 -29.50 2.64
N ARG F 53 6.16 -28.20 2.82
CA ARG F 53 6.25 -27.61 4.14
C ARG F 53 4.83 -27.34 4.64
N ASP F 54 4.19 -28.39 5.16
CA ASP F 54 2.86 -28.38 5.75
C ASP F 54 1.72 -28.49 4.73
N GLY F 55 2.01 -28.53 3.43
CA GLY F 55 0.94 -28.54 2.44
C GLY F 55 0.13 -29.83 2.45
N THR F 56 0.80 -30.97 2.42
CA THR F 56 0.16 -32.27 2.69
C THR F 56 -0.89 -32.65 1.65
N ASN F 57 -0.61 -32.41 0.37
CA ASN F 57 -1.23 -33.22 -0.69
C ASN F 57 -0.19 -34.20 -1.24
N THR F 58 0.24 -35.09 -0.34
CA THR F 58 1.32 -36.04 -0.54
C THR F 58 1.13 -36.85 -1.82
N TYR F 59 2.23 -37.43 -2.29
CA TYR F 59 2.21 -38.32 -3.45
C TYR F 59 2.80 -39.68 -3.08
N TYR F 60 2.21 -40.73 -3.65
CA TYR F 60 2.73 -42.09 -3.57
C TYR F 60 2.43 -42.79 -4.88
N ALA F 61 3.42 -43.49 -5.42
CA ALA F 61 3.24 -44.17 -6.69
C ALA F 61 2.12 -45.21 -6.59
N ASP F 62 1.79 -45.79 -7.74
CA ASP F 62 0.66 -46.72 -7.79
C ASP F 62 0.97 -48.02 -7.06
N SER F 63 2.16 -48.58 -7.27
CA SER F 63 2.52 -49.86 -6.68
C SER F 63 3.11 -49.72 -5.29
N VAL F 64 3.22 -48.50 -4.75
CA VAL F 64 3.90 -48.25 -3.49
C VAL F 64 2.92 -47.90 -2.37
N LYS F 65 1.62 -48.02 -2.62
CA LYS F 65 0.63 -47.62 -1.62
C LYS F 65 0.73 -48.47 -0.37
N GLY F 66 0.52 -47.83 0.79
CA GLY F 66 0.39 -48.54 2.04
C GLY F 66 1.70 -48.81 2.74
N ARG F 67 2.65 -49.40 2.02
CA ARG F 67 3.90 -49.83 2.63
C ARG F 67 4.68 -48.66 3.21
N PHE F 68 4.72 -47.55 2.49
CA PHE F 68 5.60 -46.45 2.82
C PHE F 68 4.82 -45.28 3.43
N THR F 69 5.47 -44.60 4.38
CA THR F 69 4.86 -43.46 5.05
C THR F 69 5.85 -42.31 5.06
N ILE F 70 5.36 -41.08 4.92
CA ILE F 70 6.20 -39.90 4.82
C ILE F 70 5.92 -38.99 6.01
N SER F 71 6.97 -38.45 6.60
CA SER F 71 6.84 -37.59 7.76
C SER F 71 7.84 -36.44 7.65
N GLN F 72 7.58 -35.37 8.38
CA GLN F 72 8.37 -34.16 8.26
C GLN F 72 8.53 -33.52 9.63
N ASP F 73 9.59 -32.72 9.76
CA ASP F 73 9.85 -31.96 10.99
C ASP F 73 10.52 -30.65 10.56
N ASN F 74 9.71 -29.58 10.52
CA ASN F 74 10.23 -28.28 10.11
C ASN F 74 11.19 -27.70 11.13
N ALA F 75 11.00 -28.03 12.41
CA ALA F 75 11.91 -27.51 13.43
C ALA F 75 13.34 -27.98 13.18
N LYS F 76 13.50 -29.27 12.86
CA LYS F 76 14.80 -29.81 12.52
C LYS F 76 15.11 -29.70 11.03
N ASN F 77 14.14 -29.28 10.22
CA ASN F 77 14.32 -29.18 8.77
C ASN F 77 14.68 -30.54 8.18
N THR F 78 13.92 -31.56 8.58
CA THR F 78 14.20 -32.93 8.19
C THR F 78 12.93 -33.58 7.66
N VAL F 79 13.11 -34.62 6.85
CA VAL F 79 11.99 -35.42 6.37
C VAL F 79 12.40 -36.88 6.48
N TYR F 80 11.43 -37.74 6.75
CA TYR F 80 11.69 -39.16 6.96
C TYR F 80 10.73 -40.00 6.15
N LEU F 81 11.22 -41.15 5.71
CA LEU F 81 10.43 -42.14 4.98
C LEU F 81 10.46 -43.43 5.78
N GLN F 82 9.31 -43.78 6.37
CA GLN F 82 9.14 -45.06 7.03
C GLN F 82 8.88 -46.14 6.00
N MET F 83 9.64 -47.23 6.12
CA MET F 83 9.65 -48.34 5.18
C MET F 83 9.06 -49.55 5.89
N ASN F 84 8.01 -50.14 5.32
CA ASN F 84 7.41 -51.33 5.89
C ASN F 84 7.11 -52.32 4.79
N SER F 85 7.10 -53.61 5.13
CA SER F 85 6.78 -54.68 4.20
C SER F 85 7.65 -54.60 2.95
N LEU F 86 8.96 -54.70 3.17
CA LEU F 86 9.92 -54.58 2.09
C LEU F 86 9.86 -55.78 1.16
N LYS F 87 9.18 -55.62 0.03
CA LYS F 87 9.09 -56.65 -0.99
C LYS F 87 10.32 -56.52 -1.92
N PRO F 88 10.84 -57.64 -2.45
CA PRO F 88 12.22 -57.62 -2.96
C PRO F 88 12.56 -56.49 -3.91
N GLU F 89 11.64 -56.08 -4.80
CA GLU F 89 12.00 -55.05 -5.77
C GLU F 89 12.37 -53.74 -5.09
N ASP F 90 12.02 -53.56 -3.82
CA ASP F 90 12.39 -52.38 -3.09
C ASP F 90 13.88 -52.29 -2.80
N THR F 91 14.67 -53.22 -3.32
CA THR F 91 16.14 -53.13 -3.26
C THR F 91 16.59 -52.16 -4.34
N ALA F 92 17.05 -50.98 -3.94
CA ALA F 92 17.39 -49.95 -4.90
C ALA F 92 18.11 -48.80 -4.19
N MET F 93 18.43 -47.76 -4.95
CA MET F 93 19.15 -46.59 -4.46
C MET F 93 18.16 -45.46 -4.27
N TYR F 94 17.93 -45.06 -3.02
CA TYR F 94 16.97 -44.02 -2.70
C TYR F 94 17.68 -42.68 -2.55
N TYR F 95 17.09 -41.65 -3.17
CA TYR F 95 17.65 -40.31 -3.24
C TYR F 95 16.59 -39.32 -2.81
N CYS F 96 16.96 -38.32 -2.00
CA CYS F 96 16.03 -37.28 -1.61
C CYS F 96 16.34 -36.01 -2.40
N ALA F 97 15.31 -35.44 -3.01
CA ALA F 97 15.41 -34.23 -3.80
C ALA F 97 14.55 -33.14 -3.17
N ALA F 98 14.96 -31.90 -3.39
CA ALA F 98 14.26 -30.75 -2.85
C ALA F 98 14.01 -29.73 -3.96
N GLY F 99 12.82 -29.13 -3.90
CA GLY F 99 12.41 -28.13 -4.86
C GLY F 99 11.18 -27.37 -4.38
N SER F 100 10.30 -27.01 -5.30
CA SER F 100 9.08 -26.27 -4.95
C SER F 100 7.92 -26.80 -5.78
N TRP F 101 6.83 -27.15 -5.11
CA TRP F 101 5.61 -27.60 -5.78
C TRP F 101 4.55 -26.51 -5.60
N TYR F 102 4.44 -25.65 -6.61
CA TYR F 102 3.42 -24.62 -6.60
C TYR F 102 2.11 -25.16 -7.19
N ASN F 103 1.01 -24.80 -6.55
CA ASN F 103 -0.31 -25.14 -7.09
C ASN F 103 -0.48 -24.62 -8.51
N GLN F 104 -0.19 -23.33 -8.71
CA GLN F 104 -0.52 -22.68 -9.97
C GLN F 104 0.45 -23.04 -11.08
N TRP F 105 1.74 -23.19 -10.77
CA TRP F 105 2.77 -23.32 -11.79
C TRP F 105 3.14 -24.77 -12.04
N GLY F 106 3.59 -25.47 -11.03
CA GLY F 106 4.08 -26.83 -11.17
C GLY F 106 5.22 -27.06 -10.20
N TYR F 107 6.05 -28.05 -10.50
CA TYR F 107 7.14 -28.44 -9.62
C TYR F 107 8.47 -28.45 -10.36
N SER F 108 9.54 -28.18 -9.61
CA SER F 108 10.90 -28.38 -10.05
C SER F 108 11.67 -29.08 -8.95
N MET F 109 12.60 -29.94 -9.33
CA MET F 109 13.45 -30.66 -8.40
C MET F 109 14.83 -30.02 -8.46
N ASP F 110 15.00 -28.98 -7.65
CA ASP F 110 16.17 -28.12 -7.78
C ASP F 110 17.45 -28.84 -7.37
N TYR F 111 17.43 -29.54 -6.25
CA TYR F 111 18.64 -30.09 -5.66
C TYR F 111 18.46 -31.55 -5.31
N TRP F 112 19.56 -32.30 -5.36
CA TRP F 112 19.57 -33.72 -5.01
C TRP F 112 20.65 -33.98 -3.97
N GLY F 113 20.46 -35.06 -3.21
CA GLY F 113 21.34 -35.40 -2.12
C GLY F 113 22.32 -36.51 -2.47
N LYS F 114 23.05 -36.96 -1.43
CA LYS F 114 24.06 -37.99 -1.63
C LYS F 114 23.46 -39.37 -1.83
N GLY F 115 22.34 -39.66 -1.17
CA GLY F 115 21.61 -40.90 -1.40
C GLY F 115 22.08 -42.04 -0.50
N THR F 116 21.25 -43.07 -0.42
CA THR F 116 21.59 -44.26 0.35
C THR F 116 20.90 -45.45 -0.27
N GLN F 117 21.45 -46.65 -0.01
CA GLN F 117 20.99 -47.87 -0.67
C GLN F 117 20.18 -48.72 0.30
N VAL F 118 19.22 -49.47 -0.25
CA VAL F 118 18.36 -50.36 0.52
C VAL F 118 18.36 -51.71 -0.17
N THR F 119 18.54 -52.77 0.62
CA THR F 119 18.67 -54.13 0.10
C THR F 119 17.65 -55.04 0.77
N VAL F 120 16.63 -55.44 0.01
CA VAL F 120 15.67 -56.45 0.44
C VAL F 120 16.22 -57.79 0.00
N SER F 121 16.91 -58.48 0.90
CA SER F 121 17.55 -59.75 0.58
C SER F 121 17.48 -60.68 1.78
N SER F 122 17.64 -61.98 1.51
CA SER F 122 17.57 -62.98 2.56
C SER F 122 18.87 -63.09 3.35
N SER F 123 19.97 -62.53 2.85
CA SER F 123 21.27 -62.65 3.50
C SER F 123 21.91 -61.29 3.75
N GLY F 124 21.14 -60.21 3.70
CA GLY F 124 21.68 -58.90 3.92
C GLY F 124 22.40 -58.34 2.70
N GLN F 125 23.09 -57.24 2.91
CA GLN F 125 23.85 -56.58 1.86
C GLN F 125 24.87 -57.55 1.25
N GLN G 1 21.51 -58.56 25.57
CA GLN G 1 22.36 -57.41 25.13
C GLN G 1 22.72 -56.52 26.32
N VAL G 2 21.93 -56.59 27.38
CA VAL G 2 22.09 -55.74 28.55
C VAL G 2 22.11 -56.62 29.80
N GLN G 3 22.70 -56.07 30.86
CA GLN G 3 22.79 -56.79 32.13
C GLN G 3 23.05 -55.78 33.24
N LEU G 4 22.11 -55.67 34.18
CA LEU G 4 22.24 -54.78 35.32
C LEU G 4 22.63 -55.61 36.54
N VAL G 5 23.71 -55.21 37.21
CA VAL G 5 24.26 -55.96 38.33
C VAL G 5 24.19 -55.09 39.57
N GLU G 6 23.47 -55.56 40.58
CA GLU G 6 23.37 -54.84 41.85
C GLU G 6 24.37 -55.38 42.86
N SER G 7 24.59 -54.61 43.92
CA SER G 7 25.45 -55.04 45.02
C SER G 7 25.30 -54.06 46.17
N GLY G 8 25.73 -54.49 47.36
CA GLY G 8 25.79 -53.62 48.52
C GLY G 8 24.64 -53.76 49.50
N GLY G 9 23.73 -54.70 49.30
CA GLY G 9 22.62 -54.87 50.21
C GLY G 9 23.03 -55.56 51.50
N GLY G 10 22.10 -55.57 52.45
CA GLY G 10 22.36 -56.21 53.73
C GLY G 10 21.39 -55.70 54.79
N SER G 11 21.87 -55.67 56.03
CA SER G 11 21.08 -55.22 57.16
C SER G 11 21.89 -54.25 58.00
N VAL G 12 21.18 -53.36 58.69
CA VAL G 12 21.79 -52.34 59.53
C VAL G 12 20.83 -51.96 60.65
N GLN G 13 21.39 -51.45 61.74
CA GLN G 13 20.59 -50.98 62.85
C GLN G 13 19.84 -49.71 62.46
N PRO G 14 18.74 -49.40 63.16
CA PRO G 14 18.02 -48.15 62.87
C PRO G 14 18.94 -46.95 63.07
N GLY G 15 18.80 -45.97 62.17
CA GLY G 15 19.64 -44.80 62.22
C GLY G 15 21.03 -44.98 61.66
N GLY G 16 21.30 -46.11 61.02
CA GLY G 16 22.61 -46.39 60.46
C GLY G 16 22.77 -45.84 59.06
N SER G 17 23.74 -46.41 58.34
CA SER G 17 24.04 -45.99 56.98
C SER G 17 24.26 -47.21 56.10
N LEU G 18 23.99 -47.05 54.80
CA LEU G 18 24.19 -48.11 53.84
C LEU G 18 24.50 -47.50 52.47
N ARG G 19 24.88 -48.35 51.53
CA ARG G 19 25.25 -47.90 50.20
C ARG G 19 25.03 -49.04 49.21
N LEU G 20 24.25 -48.78 48.17
CA LEU G 20 23.92 -49.77 47.15
C LEU G 20 24.47 -49.32 45.81
N SER G 21 25.18 -50.22 45.14
CA SER G 21 25.80 -49.94 43.84
C SER G 21 25.11 -50.72 42.74
N CYS G 22 24.99 -50.09 41.57
CA CYS G 22 24.41 -50.74 40.40
C CYS G 22 25.33 -50.50 39.21
N VAL G 23 25.56 -51.54 38.43
CA VAL G 23 26.44 -51.49 37.28
C VAL G 23 25.62 -51.80 36.03
N VAL G 24 25.73 -50.93 35.03
CA VAL G 24 25.04 -51.08 33.75
C VAL G 24 26.05 -51.57 32.72
N SER G 25 25.57 -52.37 31.77
CA SER G 25 26.45 -52.91 30.73
C SER G 25 25.58 -53.29 29.54
N GLY G 26 25.82 -52.65 28.39
CA GLY G 26 25.12 -52.99 27.16
C GLY G 26 24.25 -51.87 26.64
N TYR G 27 24.55 -50.63 27.00
CA TYR G 27 23.79 -49.47 26.60
C TYR G 27 24.63 -48.56 25.72
N THR G 28 24.09 -48.17 24.57
CA THR G 28 24.70 -47.13 23.76
C THR G 28 24.58 -45.76 24.41
N SER G 29 23.79 -45.65 25.48
CA SER G 29 23.70 -44.45 26.31
C SER G 29 22.99 -43.30 25.60
N SER G 30 23.73 -42.24 25.26
CA SER G 30 23.14 -41.00 24.78
C SER G 30 22.40 -40.29 25.90
N SER G 31 21.29 -40.87 26.36
CA SER G 31 20.42 -40.25 27.37
C SER G 31 20.03 -41.27 28.44
N ARG G 32 21.01 -41.97 29.00
CA ARG G 32 20.72 -42.94 30.05
C ARG G 32 20.00 -42.28 31.21
N TYR G 33 19.01 -43.00 31.75
CA TYR G 33 18.37 -42.63 33.01
C TYR G 33 18.32 -43.86 33.89
N MET G 34 18.93 -43.76 35.08
CA MET G 34 18.98 -44.85 36.04
C MET G 34 18.08 -44.52 37.22
N GLY G 35 17.27 -45.49 37.61
CA GLY G 35 16.32 -45.29 38.69
C GLY G 35 16.38 -46.43 39.70
N TRP G 36 16.35 -46.03 40.96
CA TRP G 36 16.28 -46.97 42.09
C TRP G 36 14.86 -46.97 42.63
N PHE G 37 14.32 -48.17 42.82
CA PHE G 37 12.98 -48.37 43.36
C PHE G 37 13.06 -49.30 44.56
N ARG G 38 12.04 -49.24 45.42
CA ARG G 38 11.96 -50.10 46.59
C ARG G 38 10.60 -50.78 46.64
N GLN G 39 10.61 -52.06 47.02
CA GLN G 39 9.41 -52.87 47.19
C GLN G 39 9.37 -53.35 48.63
N VAL G 40 8.44 -52.81 49.41
CA VAL G 40 8.13 -53.39 50.72
C VAL G 40 7.26 -54.63 50.50
N PRO G 41 7.49 -55.74 51.23
CA PRO G 41 6.67 -56.93 51.01
C PRO G 41 5.18 -56.66 51.14
N GLY G 42 4.43 -56.83 50.06
CA GLY G 42 3.00 -56.68 50.06
C GLY G 42 2.43 -55.48 49.33
N LYS G 43 3.10 -55.00 48.28
CA LYS G 43 2.59 -53.87 47.50
C LYS G 43 3.42 -53.77 46.22
N GLY G 44 3.13 -52.75 45.42
CA GLY G 44 3.77 -52.56 44.14
C GLY G 44 5.17 -51.98 44.24
N LEU G 45 5.50 -51.04 43.35
CA LEU G 45 6.79 -50.39 43.34
C LEU G 45 6.64 -48.90 43.68
N GLU G 46 7.58 -48.40 44.47
CA GLU G 46 7.61 -46.99 44.86
C GLU G 46 8.93 -46.38 44.43
N TRP G 47 8.86 -45.21 43.80
CA TRP G 47 10.07 -44.51 43.37
C TRP G 47 10.95 -44.20 44.57
N VAL G 48 12.24 -44.50 44.45
CA VAL G 48 13.23 -44.10 45.44
C VAL G 48 14.08 -42.95 44.93
N SER G 49 14.61 -43.07 43.71
CA SER G 49 15.40 -42.00 43.12
C SER G 49 15.57 -42.27 41.63
N GLY G 50 16.04 -41.25 40.90
CA GLY G 50 16.31 -41.39 39.49
C GLY G 50 17.10 -40.23 38.94
N ILE G 51 18.06 -40.51 38.05
CA ILE G 51 18.96 -39.49 37.51
C ILE G 51 19.21 -39.80 36.04
N LYS G 52 19.67 -38.78 35.31
CA LYS G 52 20.10 -38.92 33.93
C LYS G 52 21.59 -38.65 33.84
N ARG G 53 22.24 -39.29 32.86
CA ARG G 53 23.69 -39.18 32.71
C ARG G 53 24.04 -37.75 32.35
N ASP G 54 24.67 -37.03 33.29
CA ASP G 54 25.13 -35.66 33.14
C ASP G 54 24.01 -34.64 33.01
N GLY G 55 22.74 -35.08 32.97
CA GLY G 55 21.63 -34.15 32.91
C GLY G 55 21.18 -33.73 34.29
N THR G 56 21.49 -34.55 35.29
CA THR G 56 21.16 -34.26 36.69
C THR G 56 19.69 -33.93 36.86
N ASN G 57 18.84 -34.70 36.18
CA ASN G 57 17.40 -34.64 36.42
C ASN G 57 17.08 -35.52 37.63
N THR G 58 17.73 -35.25 38.75
CA THR G 58 17.65 -36.12 39.91
C THR G 58 16.24 -36.08 40.52
N TYR G 59 15.79 -37.24 40.99
CA TYR G 59 14.49 -37.37 41.64
C TYR G 59 14.68 -37.94 43.03
N TYR G 60 13.93 -37.40 43.99
CA TYR G 60 13.90 -37.91 45.35
C TYR G 60 12.45 -38.01 45.80
N ALA G 61 12.11 -39.11 46.46
CA ALA G 61 10.77 -39.27 46.99
C ALA G 61 10.55 -38.28 48.13
N ASP G 62 9.28 -38.01 48.43
CA ASP G 62 8.94 -37.04 49.47
C ASP G 62 9.49 -37.47 50.82
N SER G 63 9.35 -38.76 51.14
CA SER G 63 9.80 -39.25 52.45
C SER G 63 11.32 -39.36 52.52
N VAL G 64 11.97 -39.71 51.40
CA VAL G 64 13.41 -39.96 51.42
C VAL G 64 14.25 -38.69 51.35
N LYS G 65 13.62 -37.51 51.38
CA LYS G 65 14.37 -36.26 51.34
C LYS G 65 15.39 -36.24 52.47
N GLY G 66 16.65 -36.22 52.10
CA GLY G 66 17.75 -36.24 53.07
C GLY G 66 18.25 -37.64 53.40
N ARG G 67 17.32 -38.58 53.57
CA ARG G 67 17.71 -39.96 53.91
C ARG G 67 18.54 -40.57 52.78
N PHE G 68 18.12 -40.35 51.53
CA PHE G 68 18.77 -40.93 50.37
C PHE G 68 19.54 -39.86 49.61
N THR G 69 20.81 -40.16 49.29
CA THR G 69 21.60 -39.36 48.38
C THR G 69 22.18 -40.30 47.32
N ILE G 70 22.42 -39.76 46.13
CA ILE G 70 22.76 -40.60 44.98
C ILE G 70 23.79 -39.88 44.12
N SER G 71 24.64 -40.69 43.47
CA SER G 71 25.70 -40.18 42.62
C SER G 71 25.99 -41.20 41.54
N GLN G 72 26.72 -40.77 40.51
CA GLN G 72 27.00 -41.61 39.36
C GLN G 72 28.46 -41.46 38.95
N ASP G 73 28.99 -42.50 38.31
CA ASP G 73 30.33 -42.50 37.74
C ASP G 73 30.21 -43.10 36.33
N ASN G 74 30.27 -42.23 35.32
CA ASN G 74 30.09 -42.70 33.94
C ASN G 74 31.28 -43.51 33.47
N ALA G 75 32.50 -43.15 33.88
CA ALA G 75 33.68 -43.89 33.44
C ALA G 75 33.61 -45.34 33.86
N LYS G 76 33.16 -45.60 35.10
CA LYS G 76 32.95 -46.95 35.59
C LYS G 76 31.50 -47.40 35.41
N ASN G 77 30.74 -46.71 34.56
CA ASN G 77 29.34 -47.03 34.25
C ASN G 77 28.62 -47.62 35.46
N THR G 78 28.72 -46.91 36.58
CA THR G 78 28.14 -47.36 37.84
C THR G 78 27.39 -46.22 38.50
N VAL G 79 26.43 -46.58 39.35
CA VAL G 79 25.62 -45.62 40.08
C VAL G 79 25.55 -46.05 41.54
N TYR G 80 25.81 -45.12 42.44
CA TYR G 80 25.84 -45.39 43.87
C TYR G 80 24.71 -44.64 44.55
N LEU G 81 24.01 -45.33 45.45
CA LEU G 81 22.90 -44.75 46.22
C LEU G 81 23.23 -44.98 47.69
N GLN G 82 23.67 -43.93 48.37
CA GLN G 82 23.96 -44.00 49.79
C GLN G 82 22.77 -43.51 50.59
N MET G 83 22.63 -44.06 51.79
CA MET G 83 21.54 -43.74 52.69
C MET G 83 22.09 -43.56 54.10
N ASN G 84 21.60 -42.53 54.78
CA ASN G 84 22.01 -42.22 56.14
C ASN G 84 20.78 -42.13 57.03
N SER G 85 20.96 -42.51 58.30
CA SER G 85 19.87 -42.50 59.27
C SER G 85 18.72 -43.38 58.79
N LEU G 86 19.00 -44.68 58.68
CA LEU G 86 18.03 -45.63 58.16
C LEU G 86 16.92 -45.87 59.19
N LYS G 87 15.72 -45.37 58.89
CA LYS G 87 14.58 -45.65 59.73
C LYS G 87 14.08 -47.08 59.51
N PRO G 88 13.34 -47.64 60.46
CA PRO G 88 12.79 -48.99 60.26
C PRO G 88 11.85 -49.09 59.07
N GLU G 89 11.30 -47.97 58.61
CA GLU G 89 10.32 -48.00 57.52
C GLU G 89 10.95 -48.50 56.23
N ASP G 90 12.20 -48.13 55.97
CA ASP G 90 12.84 -48.36 54.68
C ASP G 90 13.32 -49.80 54.50
N THR G 91 12.88 -50.74 55.33
CA THR G 91 13.20 -52.16 55.12
C THR G 91 12.44 -52.67 53.91
N ALA G 92 13.15 -53.07 52.87
CA ALA G 92 12.49 -53.46 51.63
C ALA G 92 13.55 -53.97 50.65
N MET G 93 13.08 -54.50 49.52
CA MET G 93 13.96 -54.93 48.45
C MET G 93 14.18 -53.78 47.48
N TYR G 94 15.44 -53.45 47.25
CA TYR G 94 15.81 -52.33 46.39
C TYR G 94 16.28 -52.85 45.04
N TYR G 95 15.78 -52.23 43.97
CA TYR G 95 16.11 -52.64 42.61
C TYR G 95 16.58 -51.43 41.81
N CYS G 96 17.57 -51.66 40.95
CA CYS G 96 18.11 -50.64 40.06
C CYS G 96 17.72 -50.99 38.63
N ALA G 97 17.23 -49.99 37.90
CA ALA G 97 16.75 -50.18 36.54
C ALA G 97 17.23 -49.03 35.67
N ALA G 98 17.22 -49.25 34.36
CA ALA G 98 17.74 -48.28 33.40
C ALA G 98 16.76 -48.08 32.26
N GLY G 99 16.85 -46.90 31.65
CA GLY G 99 15.99 -46.55 30.53
C GLY G 99 16.42 -45.25 29.89
N SER G 100 15.51 -44.58 29.19
CA SER G 100 15.81 -43.31 28.53
C SER G 100 14.81 -42.26 29.01
N TRP G 101 15.33 -41.17 29.57
CA TRP G 101 14.50 -40.03 29.98
C TRP G 101 14.78 -38.88 29.01
N TYR G 102 14.02 -38.86 27.92
CA TYR G 102 14.09 -37.77 26.96
C TYR G 102 13.16 -36.65 27.45
N ASN G 103 13.73 -35.47 27.70
CA ASN G 103 12.97 -34.40 28.34
C ASN G 103 11.76 -34.01 27.51
N GLN G 104 11.95 -33.86 26.19
CA GLN G 104 10.85 -33.51 25.31
C GLN G 104 9.87 -34.68 25.11
N TRP G 105 10.20 -35.87 25.59
CA TRP G 105 9.55 -37.09 25.13
C TRP G 105 8.89 -37.89 26.25
N GLY G 106 9.38 -37.80 27.48
CA GLY G 106 8.92 -38.63 28.58
C GLY G 106 10.01 -39.58 29.06
N TYR G 107 9.61 -40.47 29.96
CA TYR G 107 10.52 -41.43 30.55
C TYR G 107 10.07 -42.86 30.26
N SER G 108 11.06 -43.74 30.10
CA SER G 108 10.81 -45.16 29.92
C SER G 108 11.81 -45.95 30.76
N MET G 109 11.42 -47.17 31.10
CA MET G 109 12.24 -48.05 31.93
C MET G 109 12.36 -49.38 31.18
N ASP G 110 13.38 -49.48 30.32
CA ASP G 110 13.49 -50.63 29.43
C ASP G 110 13.77 -51.92 30.19
N TYR G 111 14.70 -51.88 31.14
CA TYR G 111 15.17 -53.10 31.81
C TYR G 111 15.24 -52.86 33.32
N TRP G 112 15.20 -53.96 34.06
CA TRP G 112 15.24 -53.93 35.51
C TRP G 112 16.36 -54.84 36.01
N GLY G 113 16.88 -54.51 37.20
CA GLY G 113 17.99 -55.23 37.77
C GLY G 113 17.58 -56.47 38.53
N LYS G 114 18.59 -57.17 39.05
CA LYS G 114 18.36 -58.40 39.80
C LYS G 114 17.69 -58.12 41.14
N GLY G 115 18.15 -57.08 41.83
CA GLY G 115 17.55 -56.70 43.10
C GLY G 115 18.38 -57.15 44.29
N THR G 116 18.25 -56.40 45.39
CA THR G 116 18.89 -56.75 46.66
C THR G 116 17.91 -56.41 47.77
N GLN G 117 18.34 -56.61 49.02
CA GLN G 117 17.50 -56.36 50.18
C GLN G 117 18.22 -55.43 51.15
N VAL G 118 17.45 -54.55 51.79
CA VAL G 118 17.93 -53.67 52.85
C VAL G 118 17.02 -53.88 54.05
N THR G 119 17.59 -54.32 55.17
CA THR G 119 16.84 -54.67 56.36
C THR G 119 17.26 -53.78 57.52
N VAL G 120 16.36 -52.93 57.99
CA VAL G 120 16.58 -52.09 59.16
C VAL G 120 15.92 -52.80 60.34
N SER G 121 16.74 -53.38 61.22
CA SER G 121 16.24 -54.14 62.35
C SER G 121 17.25 -54.09 63.48
N SER G 122 16.80 -54.45 64.68
CA SER G 122 17.63 -54.43 65.86
C SER G 122 18.53 -55.66 65.99
N SER G 123 18.30 -56.71 65.19
CA SER G 123 19.09 -57.93 65.28
C SER G 123 19.60 -58.39 63.92
N GLY G 124 19.73 -57.47 62.97
CA GLY G 124 20.23 -57.81 61.66
C GLY G 124 19.19 -58.47 60.78
N GLN G 125 19.66 -58.95 59.63
CA GLN G 125 18.80 -59.63 58.67
C GLN G 125 18.13 -60.85 59.30
N GLN H 1 51.95 -48.04 -10.17
CA GLN H 1 50.79 -48.29 -11.07
C GLN H 1 51.07 -47.79 -12.48
N VAL H 2 51.64 -46.59 -12.58
CA VAL H 2 51.88 -45.96 -13.87
C VAL H 2 53.38 -45.77 -14.05
N GLN H 3 53.82 -45.90 -15.30
CA GLN H 3 55.22 -45.76 -15.64
C GLN H 3 55.35 -44.91 -16.91
N LEU H 4 56.34 -44.03 -16.90
CA LEU H 4 56.72 -43.25 -18.07
C LEU H 4 58.12 -43.67 -18.51
N VAL H 5 58.28 -43.98 -19.79
CA VAL H 5 59.55 -44.44 -20.33
C VAL H 5 59.93 -43.54 -21.50
N GLU H 6 61.09 -42.91 -21.41
CA GLU H 6 61.55 -42.00 -22.45
C GLU H 6 62.49 -42.72 -23.42
N SER H 7 62.87 -42.00 -24.47
CA SER H 7 63.82 -42.49 -25.45
C SER H 7 64.12 -41.38 -26.44
N GLY H 8 65.26 -41.50 -27.12
CA GLY H 8 65.63 -40.58 -28.18
C GLY H 8 66.68 -39.56 -27.83
N GLY H 9 67.27 -39.63 -26.65
CA GLY H 9 68.28 -38.66 -26.27
C GLY H 9 69.62 -38.92 -26.92
N GLY H 10 70.50 -37.93 -26.82
CA GLY H 10 71.84 -38.05 -27.35
C GLY H 10 72.49 -36.69 -27.51
N SER H 11 73.42 -36.61 -28.46
CA SER H 11 74.14 -35.38 -28.75
C SER H 11 74.04 -35.10 -30.24
N VAL H 12 74.16 -33.83 -30.59
CA VAL H 12 74.07 -33.41 -32.00
C VAL H 12 74.79 -32.07 -32.13
N GLN H 13 75.29 -31.80 -33.33
CA GLN H 13 75.95 -30.53 -33.60
C GLN H 13 74.93 -29.39 -33.52
N PRO H 14 75.38 -28.18 -33.21
CA PRO H 14 74.46 -27.04 -33.23
C PRO H 14 73.80 -26.89 -34.60
N GLY H 15 72.52 -26.55 -34.58
CA GLY H 15 71.76 -26.46 -35.81
C GLY H 15 71.25 -27.79 -36.34
N GLY H 16 71.31 -28.84 -35.54
CA GLY H 16 70.87 -30.16 -35.96
C GLY H 16 69.41 -30.43 -35.61
N SER H 17 69.10 -31.71 -35.42
CA SER H 17 67.74 -32.13 -35.13
C SER H 17 67.78 -33.37 -34.25
N LEU H 18 66.68 -33.59 -33.52
CA LEU H 18 66.55 -34.72 -32.62
C LEU H 18 65.07 -35.05 -32.45
N ARG H 19 64.80 -36.13 -31.74
CA ARG H 19 63.43 -36.65 -31.61
C ARG H 19 63.32 -37.39 -30.29
N LEU H 20 62.65 -36.78 -29.32
CA LEU H 20 62.50 -37.37 -28.00
C LEU H 20 61.07 -37.89 -27.86
N SER H 21 60.92 -39.19 -27.67
CA SER H 21 59.62 -39.81 -27.52
C SER H 21 59.51 -40.40 -26.13
N CYS H 22 58.27 -40.56 -25.66
CA CYS H 22 58.09 -41.28 -24.41
C CYS H 22 56.67 -41.85 -24.34
N VAL H 23 56.58 -43.00 -23.66
CA VAL H 23 55.37 -43.80 -23.57
C VAL H 23 54.90 -43.81 -22.13
N VAL H 24 53.58 -43.71 -21.95
CA VAL H 24 52.95 -43.84 -20.65
C VAL H 24 52.26 -45.19 -20.59
N SER H 25 52.16 -45.73 -19.38
CA SER H 25 51.46 -47.01 -19.19
C SER H 25 50.97 -47.08 -17.76
N GLY H 26 49.65 -46.99 -17.58
CA GLY H 26 49.06 -47.13 -16.27
C GLY H 26 48.13 -45.98 -15.90
N TYR H 27 47.74 -45.18 -16.89
CA TYR H 27 46.86 -44.04 -16.68
C TYR H 27 45.55 -44.29 -17.41
N THR H 28 44.43 -44.09 -16.72
CA THR H 28 43.12 -44.44 -17.25
C THR H 28 42.59 -43.43 -18.27
N SER H 29 43.45 -42.57 -18.81
CA SER H 29 43.09 -41.68 -19.91
C SER H 29 42.19 -40.54 -19.45
N SER H 30 41.00 -40.42 -20.05
CA SER H 30 40.09 -39.31 -19.83
C SER H 30 40.68 -38.02 -20.38
N SER H 31 41.60 -37.41 -19.64
CA SER H 31 42.16 -36.11 -20.01
C SER H 31 43.67 -36.09 -19.83
N ARG H 32 44.35 -37.09 -20.36
CA ARG H 32 45.81 -37.11 -20.28
C ARG H 32 46.39 -35.78 -20.73
N TYR H 33 47.33 -35.26 -19.96
CA TYR H 33 48.22 -34.20 -20.41
C TYR H 33 49.64 -34.67 -20.24
N MET H 34 50.38 -34.73 -21.34
CA MET H 34 51.77 -35.13 -21.32
C MET H 34 52.62 -33.94 -21.71
N GLY H 35 53.61 -33.62 -20.89
CA GLY H 35 54.38 -32.41 -21.06
C GLY H 35 55.86 -32.65 -20.91
N TRP H 36 56.62 -32.09 -21.83
CA TRP H 36 58.06 -32.18 -21.85
C TRP H 36 58.65 -31.02 -21.07
N PHE H 37 59.57 -31.32 -20.17
CA PHE H 37 60.29 -30.34 -19.38
C PHE H 37 61.78 -30.50 -19.58
N ARG H 38 62.52 -29.41 -19.42
CA ARG H 38 63.97 -29.41 -19.46
C ARG H 38 64.52 -28.98 -18.12
N GLN H 39 65.70 -29.50 -17.77
CA GLN H 39 66.43 -29.10 -16.58
C GLN H 39 67.81 -28.66 -17.04
N VAL H 40 68.12 -27.39 -16.82
CA VAL H 40 69.46 -26.86 -17.08
C VAL H 40 70.24 -27.00 -15.77
N PRO H 41 71.35 -27.75 -15.74
CA PRO H 41 72.09 -27.91 -14.48
C PRO H 41 72.35 -26.58 -13.80
N GLY H 42 71.90 -26.45 -12.55
CA GLY H 42 71.97 -25.20 -11.84
C GLY H 42 70.73 -24.35 -11.94
N LYS H 43 69.58 -24.94 -12.22
CA LYS H 43 68.33 -24.19 -12.34
C LYS H 43 67.18 -25.18 -12.21
N GLY H 44 65.99 -24.64 -11.93
CA GLY H 44 64.80 -25.45 -11.86
C GLY H 44 64.27 -25.81 -13.23
N LEU H 45 63.20 -26.60 -13.23
CA LEU H 45 62.60 -27.04 -14.48
C LEU H 45 62.05 -25.85 -15.26
N GLU H 46 62.08 -25.98 -16.58
CA GLU H 46 61.48 -25.00 -17.48
C GLU H 46 60.57 -25.74 -18.44
N TRP H 47 59.31 -25.30 -18.51
CA TRP H 47 58.34 -25.85 -19.44
C TRP H 47 58.94 -25.90 -20.85
N VAL H 48 59.03 -27.11 -21.41
CA VAL H 48 59.40 -27.23 -22.81
C VAL H 48 58.15 -27.21 -23.69
N SER H 49 57.23 -28.14 -23.44
CA SER H 49 56.02 -28.21 -24.24
C SER H 49 55.01 -29.08 -23.50
N GLY H 50 53.81 -29.18 -24.06
CA GLY H 50 52.80 -30.06 -23.51
C GLY H 50 51.65 -30.23 -24.48
N ILE H 51 50.85 -31.27 -24.23
CA ILE H 51 49.71 -31.55 -25.09
C ILE H 51 48.76 -32.50 -24.37
N LYS H 52 47.47 -32.30 -24.60
CA LYS H 52 46.41 -33.15 -24.09
C LYS H 52 45.94 -34.09 -25.21
N ARG H 53 45.38 -35.23 -24.81
CA ARG H 53 44.93 -36.20 -25.80
C ARG H 53 43.72 -35.65 -26.53
N ASP H 54 43.93 -35.21 -27.77
CA ASP H 54 42.84 -34.78 -28.65
C ASP H 54 42.27 -33.44 -28.21
N GLY H 55 42.70 -32.93 -27.05
CA GLY H 55 42.31 -31.61 -26.64
C GLY H 55 43.13 -30.51 -27.25
N THR H 56 44.35 -30.83 -27.66
CA THR H 56 45.20 -29.94 -28.43
C THR H 56 45.28 -28.56 -27.78
N ASN H 57 45.49 -28.56 -26.47
CA ASN H 57 45.86 -27.34 -25.75
C ASN H 57 47.39 -27.27 -25.61
N THR H 58 48.03 -27.28 -26.77
CA THR H 58 49.48 -27.39 -26.82
C THR H 58 50.15 -26.14 -26.27
N TYR H 59 51.32 -26.32 -25.66
CA TYR H 59 52.11 -25.23 -25.14
C TYR H 59 53.52 -25.33 -25.73
N TYR H 60 54.07 -24.17 -26.08
CA TYR H 60 55.46 -24.06 -26.50
C TYR H 60 56.09 -22.89 -25.77
N ALA H 61 57.23 -23.13 -25.14
CA ALA H 61 57.92 -22.05 -24.45
C ALA H 61 58.24 -20.92 -25.42
N ASP H 62 58.29 -19.70 -24.90
CA ASP H 62 58.38 -18.53 -25.76
C ASP H 62 59.63 -18.57 -26.63
N SER H 63 60.78 -18.90 -26.03
CA SER H 63 62.04 -18.80 -26.76
C SER H 63 62.17 -19.88 -27.82
N VAL H 64 61.34 -20.92 -27.77
CA VAL H 64 61.52 -22.09 -28.62
C VAL H 64 60.44 -22.18 -29.69
N LYS H 65 59.77 -21.07 -30.01
CA LYS H 65 58.74 -21.08 -31.03
C LYS H 65 59.30 -21.55 -32.36
N GLY H 66 58.83 -22.68 -32.84
CA GLY H 66 59.28 -23.25 -34.10
C GLY H 66 60.31 -24.34 -33.96
N ARG H 67 61.22 -24.20 -32.99
CA ARG H 67 62.27 -25.20 -32.81
C ARG H 67 61.68 -26.56 -32.47
N PHE H 68 60.69 -26.59 -31.59
CA PHE H 68 60.04 -27.83 -31.21
C PHE H 68 58.80 -28.08 -32.07
N THR H 69 58.33 -29.33 -32.02
CA THR H 69 57.06 -29.71 -32.63
C THR H 69 56.56 -30.95 -31.93
N ILE H 70 55.45 -30.85 -31.23
CA ILE H 70 54.94 -31.96 -30.43
C ILE H 70 53.89 -32.70 -31.23
N SER H 71 53.75 -34.00 -30.93
CA SER H 71 52.77 -34.84 -31.61
C SER H 71 52.43 -35.99 -30.68
N GLN H 72 51.34 -36.68 -31.01
CA GLN H 72 50.87 -37.81 -30.21
C GLN H 72 50.64 -39.02 -31.07
N ASP H 73 50.49 -40.16 -30.39
CA ASP H 73 50.00 -41.40 -31.01
C ASP H 73 49.21 -42.10 -29.91
N ASN H 74 47.90 -41.89 -29.92
CA ASN H 74 47.05 -42.37 -28.84
C ASN H 74 46.96 -43.89 -28.85
N ALA H 75 46.95 -44.51 -30.03
CA ALA H 75 46.89 -45.97 -30.09
C ALA H 75 48.10 -46.59 -29.39
N LYS H 76 49.27 -46.03 -29.61
CA LYS H 76 50.49 -46.49 -28.96
C LYS H 76 50.72 -45.83 -27.61
N ASN H 77 49.85 -44.91 -27.20
CA ASN H 77 49.97 -44.22 -25.92
C ASN H 77 51.34 -43.55 -25.79
N THR H 78 51.72 -42.81 -26.83
CA THR H 78 53.06 -42.24 -26.89
C THR H 78 52.99 -40.77 -27.29
N VAL H 79 53.99 -40.00 -26.87
CA VAL H 79 54.11 -38.60 -27.25
C VAL H 79 55.49 -38.34 -27.79
N TYR H 80 55.54 -37.58 -28.88
CA TYR H 80 56.75 -37.32 -29.66
C TYR H 80 57.08 -35.84 -29.59
N LEU H 81 58.36 -35.52 -29.55
CA LEU H 81 58.85 -34.15 -29.56
C LEU H 81 59.97 -34.07 -30.59
N GLN H 82 59.64 -33.56 -31.78
CA GLN H 82 60.62 -33.26 -32.80
C GLN H 82 61.32 -31.95 -32.47
N MET H 83 62.62 -31.90 -32.72
CA MET H 83 63.41 -30.69 -32.54
C MET H 83 64.28 -30.49 -33.77
N ASN H 84 64.35 -29.25 -34.23
CA ASN H 84 65.13 -28.89 -35.40
C ASN H 84 65.94 -27.63 -35.11
N SER H 85 67.16 -27.59 -35.63
CA SER H 85 68.04 -26.44 -35.48
C SER H 85 68.38 -26.19 -34.00
N LEU H 86 68.93 -27.22 -33.37
CA LEU H 86 69.34 -27.13 -31.98
C LEU H 86 70.43 -26.07 -31.79
N LYS H 87 70.10 -24.97 -31.12
CA LYS H 87 71.12 -24.01 -30.74
C LYS H 87 71.86 -24.52 -29.50
N PRO H 88 73.06 -23.98 -29.24
CA PRO H 88 73.84 -24.48 -28.10
C PRO H 88 73.10 -24.39 -26.78
N GLU H 89 72.19 -23.43 -26.63
CA GLU H 89 71.49 -23.27 -25.36
C GLU H 89 70.63 -24.48 -25.02
N ASP H 90 70.15 -25.19 -26.04
CA ASP H 90 69.18 -26.25 -25.85
C ASP H 90 69.72 -27.43 -25.04
N THR H 91 71.02 -27.55 -24.86
CA THR H 91 71.58 -28.65 -24.08
C THR H 91 70.97 -28.66 -22.69
N ALA H 92 70.40 -29.80 -22.30
CA ALA H 92 69.73 -29.90 -21.00
C ALA H 92 69.27 -31.33 -20.80
N MET H 93 68.79 -31.62 -19.58
CA MET H 93 68.39 -32.97 -19.20
C MET H 93 66.87 -32.99 -19.27
N TYR H 94 66.30 -33.79 -20.16
CA TYR H 94 64.90 -33.69 -20.55
C TYR H 94 64.05 -34.80 -19.93
N TYR H 95 62.81 -34.45 -19.58
CA TYR H 95 61.86 -35.34 -18.94
C TYR H 95 60.49 -35.13 -19.60
N CYS H 96 59.59 -36.11 -19.39
CA CYS H 96 58.19 -35.91 -19.74
C CYS H 96 57.33 -36.38 -18.58
N ALA H 97 56.31 -35.59 -18.26
CA ALA H 97 55.44 -35.84 -17.13
C ALA H 97 54.00 -36.01 -17.58
N ALA H 98 53.25 -36.81 -16.83
CA ALA H 98 51.86 -37.10 -17.10
C ALA H 98 50.98 -36.52 -16.01
N GLY H 99 49.84 -35.95 -16.41
CA GLY H 99 48.91 -35.36 -15.47
C GLY H 99 47.52 -35.25 -16.04
N SER H 100 46.82 -34.16 -15.73
CA SER H 100 45.47 -33.95 -16.23
C SER H 100 45.10 -32.48 -16.19
N TRP H 101 44.93 -31.87 -17.37
CA TRP H 101 44.55 -30.47 -17.46
C TRP H 101 43.05 -30.32 -17.72
N TYR H 102 42.23 -30.56 -16.71
CA TYR H 102 40.82 -30.23 -16.83
C TYR H 102 40.67 -28.74 -17.04
N ASN H 103 39.88 -28.36 -18.04
CA ASN H 103 39.78 -26.95 -18.39
C ASN H 103 39.19 -26.12 -17.27
N GLN H 104 38.26 -26.69 -16.50
CA GLN H 104 37.57 -25.94 -15.47
C GLN H 104 38.35 -25.82 -14.17
N TRP H 105 39.35 -26.67 -13.96
CA TRP H 105 40.01 -26.77 -12.66
C TRP H 105 41.49 -26.44 -12.69
N GLY H 106 42.25 -27.00 -13.62
CA GLY H 106 43.66 -26.72 -13.74
C GLY H 106 44.48 -27.97 -13.96
N TYR H 107 45.79 -27.76 -14.07
CA TYR H 107 46.73 -28.80 -14.45
C TYR H 107 47.56 -29.24 -13.26
N SER H 108 47.80 -30.55 -13.18
CA SER H 108 48.66 -31.14 -12.17
C SER H 108 49.49 -32.25 -12.79
N MET H 109 50.81 -32.11 -12.71
CA MET H 109 51.74 -33.07 -13.29
C MET H 109 51.93 -34.19 -12.27
N ASP H 110 51.02 -35.16 -12.31
CA ASP H 110 50.97 -36.18 -11.27
C ASP H 110 52.25 -37.02 -11.25
N TYR H 111 52.73 -37.47 -12.41
CA TYR H 111 53.80 -38.43 -12.49
C TYR H 111 54.91 -37.92 -13.38
N TRP H 112 56.14 -38.32 -13.05
CA TRP H 112 57.33 -37.94 -13.80
C TRP H 112 58.08 -39.19 -14.21
N GLY H 113 58.89 -39.07 -15.26
CA GLY H 113 59.60 -40.18 -15.84
C GLY H 113 61.08 -40.20 -15.46
N LYS H 114 61.81 -41.11 -16.13
CA LYS H 114 63.23 -41.29 -15.85
C LYS H 114 64.05 -40.18 -16.48
N GLY H 115 64.04 -40.09 -17.80
CA GLY H 115 64.66 -38.98 -18.48
C GLY H 115 65.68 -39.35 -19.54
N THR H 116 65.96 -38.42 -20.45
CA THR H 116 67.03 -38.54 -21.42
C THR H 116 67.81 -37.23 -21.41
N GLN H 117 68.87 -37.13 -22.20
CA GLN H 117 69.71 -35.94 -22.17
C GLN H 117 69.94 -35.46 -23.60
N VAL H 118 70.04 -34.14 -23.75
CA VAL H 118 70.28 -33.53 -25.05
C VAL H 118 71.53 -32.68 -24.96
N THR H 119 72.53 -32.99 -25.79
CA THR H 119 73.82 -32.31 -25.77
C THR H 119 74.05 -31.63 -27.12
N VAL H 120 73.99 -30.30 -27.12
CA VAL H 120 74.35 -29.50 -28.28
C VAL H 120 75.81 -29.09 -28.11
N SER H 121 76.70 -29.73 -28.87
CA SER H 121 78.12 -29.48 -28.75
C SER H 121 78.80 -29.79 -30.07
N SER H 122 80.02 -29.29 -30.22
CA SER H 122 80.78 -29.47 -31.45
C SER H 122 81.55 -30.78 -31.50
N SER H 123 81.61 -31.53 -30.40
CA SER H 123 82.34 -32.79 -30.35
C SER H 123 81.50 -33.91 -29.74
N GLY H 124 80.18 -33.78 -29.74
CA GLY H 124 79.33 -34.81 -29.20
C GLY H 124 79.27 -34.79 -27.68
N GLN H 125 78.68 -35.84 -27.13
CA GLN H 125 78.55 -35.99 -25.69
C GLN H 125 79.93 -35.99 -25.02
#